data_6I9G
#
_entry.id   6I9G
#
_cell.length_a   231.272
_cell.length_b   242.149
_cell.length_c   271.557
_cell.angle_alpha   90.00
_cell.angle_beta   90.00
_cell.angle_gamma   90.00
#
_symmetry.space_group_name_H-M   'I 2 2 2'
#
loop_
_entity.id
_entity.type
_entity.pdbx_description
1 polymer Linocin-M18
2 non-polymer 'SULFATE ION'
3 non-polymer GLYCEROL
4 water water
#
_entity_poly.entity_id   1
_entity_poly.type   'polypeptide(L)'
_entity_poly.pdbx_seq_one_letter_code
;MNNLYRELAPVTDAAWHEIETEAIRTFKRHIAGRRVVDVSEPSGPVTAAVSTGHLRDISPPGDGVVAHLRESKPLVRLRV
PFTVTRSAIDDVERGSQDSDWDPVKAAAKKLAFVEDRAIFEGYPAAQIDGIRQCTSNPVLQLPDDARDITDVIAQALSEL
RLAGVDGPYSVLLSAEVYTKVSETTEHGYPIREHLNRLVDGDIIWAPAIDGAFVLSTRGGDFDLRLGTDVSIGYLSHDAE
TVQLYLEETLTFLCYTSEASVALTP
;
_entity_poly.pdbx_strand_id   A,B,C,D,E,F,G,H,I,J,K,L,M,N,O
#
# COMPACT_ATOMS: atom_id res chain seq x y z
N MET A 1 -2.93 -60.11 -71.53
CA MET A 1 -4.19 -59.35 -71.78
C MET A 1 -5.44 -60.06 -71.31
N ASN A 2 -6.47 -59.26 -71.05
CA ASN A 2 -7.82 -59.76 -70.85
C ASN A 2 -8.67 -59.48 -72.08
N ASN A 3 -9.95 -59.84 -72.00
CA ASN A 3 -10.85 -59.72 -73.12
C ASN A 3 -11.01 -58.30 -73.68
N LEU A 4 -10.57 -57.29 -72.94
CA LEU A 4 -10.73 -55.91 -73.42
C LEU A 4 -9.72 -55.54 -74.53
N TYR A 5 -8.55 -56.19 -74.53
CA TYR A 5 -7.52 -56.00 -75.56
C TYR A 5 -7.09 -54.54 -75.66
N ARG A 6 -7.08 -53.85 -74.53
CA ARG A 6 -6.76 -52.43 -74.54
C ARG A 6 -5.37 -52.19 -75.13
N GLU A 7 -4.47 -53.14 -74.91
CA GLU A 7 -3.08 -53.02 -75.33
C GLU A 7 -2.92 -53.05 -76.83
N LEU A 8 -3.94 -53.52 -77.54
CA LEU A 8 -3.87 -53.51 -78.98
C LEU A 8 -4.33 -52.18 -79.59
N ALA A 9 -4.90 -51.31 -78.76
CA ALA A 9 -5.40 -50.02 -79.26
C ALA A 9 -4.28 -49.01 -79.46
N PRO A 10 -4.30 -48.27 -80.60
CA PRO A 10 -3.35 -47.16 -80.72
C PRO A 10 -3.85 -45.98 -79.87
N VAL A 11 -3.73 -46.16 -78.56
CA VAL A 11 -4.20 -45.21 -77.59
C VAL A 11 -3.12 -45.14 -76.51
N THR A 12 -2.64 -43.92 -76.23
CA THR A 12 -1.59 -43.71 -75.24
C THR A 12 -2.16 -43.83 -73.84
N ASP A 13 -1.31 -44.09 -72.84
CA ASP A 13 -1.75 -44.12 -71.46
C ASP A 13 -2.46 -42.84 -71.09
N ALA A 14 -1.89 -41.72 -71.52
CA ALA A 14 -2.46 -40.41 -71.27
C ALA A 14 -3.87 -40.28 -71.90
N ALA A 15 -4.03 -40.69 -73.15
CA ALA A 15 -5.36 -40.72 -73.75
C ALA A 15 -6.32 -41.67 -73.01
N TRP A 16 -5.83 -42.84 -72.59
CA TRP A 16 -6.66 -43.80 -71.85
C TRP A 16 -7.23 -43.19 -70.60
N HIS A 17 -6.39 -42.51 -69.84
CA HIS A 17 -6.79 -41.90 -68.59
C HIS A 17 -7.90 -40.87 -68.81
N GLU A 18 -7.74 -40.03 -69.83
CA GLU A 18 -8.77 -39.07 -70.18
C GLU A 18 -10.06 -39.75 -70.59
N ILE A 19 -9.94 -40.85 -71.32
CA ILE A 19 -11.10 -41.56 -71.80
C ILE A 19 -11.88 -42.19 -70.65
N GLU A 20 -11.16 -42.87 -69.75
CA GLU A 20 -11.75 -43.42 -68.53
C GLU A 20 -12.42 -42.35 -67.66
N THR A 21 -11.68 -41.31 -67.31
CA THR A 21 -12.18 -40.22 -66.48
C THR A 21 -13.50 -39.67 -67.02
N GLU A 22 -13.53 -39.45 -68.32
CA GLU A 22 -14.72 -38.92 -68.96
C GLU A 22 -15.87 -39.92 -68.91
N ALA A 23 -15.60 -41.20 -69.18
CA ALA A 23 -16.66 -42.21 -69.20
C ALA A 23 -17.27 -42.30 -67.82
N ILE A 24 -16.44 -42.39 -66.79
CA ILE A 24 -16.90 -42.56 -65.42
C ILE A 24 -17.72 -41.37 -64.94
N ARG A 25 -17.23 -40.16 -65.13
CA ARG A 25 -17.97 -39.00 -64.63
C ARG A 25 -19.29 -38.73 -65.39
N THR A 26 -19.29 -38.95 -66.70
CA THR A 26 -20.52 -38.82 -67.49
C THR A 26 -21.52 -39.89 -67.07
N PHE A 27 -21.05 -41.09 -66.81
CA PHE A 27 -21.91 -42.17 -66.39
C PHE A 27 -22.57 -41.89 -65.05
N LYS A 28 -21.82 -41.34 -64.13
CA LYS A 28 -22.33 -41.06 -62.83
C LYS A 28 -23.31 -39.92 -62.80
N ARG A 29 -23.19 -39.00 -63.73
CA ARG A 29 -24.07 -37.88 -63.82
C ARG A 29 -25.43 -38.29 -64.37
N HIS A 30 -25.49 -39.33 -65.18
CA HIS A 30 -26.77 -39.80 -65.73
C HIS A 30 -27.49 -40.87 -64.93
N ILE A 31 -26.73 -41.68 -64.20
CA ILE A 31 -27.27 -42.89 -63.58
C ILE A 31 -28.03 -42.57 -62.28
N ALA A 32 -29.18 -43.23 -62.07
CA ALA A 32 -29.99 -43.05 -60.86
C ALA A 32 -30.17 -44.32 -60.03
N GLY A 33 -30.44 -45.43 -60.73
CA GLY A 33 -30.69 -46.70 -60.06
C GLY A 33 -29.66 -47.02 -58.99
N ARG A 34 -28.39 -46.83 -59.34
CA ARG A 34 -27.30 -47.18 -58.42
C ARG A 34 -27.32 -46.38 -57.12
N ARG A 35 -28.03 -45.27 -57.16
CA ARG A 35 -28.14 -44.41 -56.00
C ARG A 35 -29.18 -44.91 -55.02
N VAL A 36 -30.02 -45.87 -55.42
CA VAL A 36 -31.09 -46.33 -54.53
C VAL A 36 -31.21 -47.86 -54.40
N VAL A 37 -30.73 -48.61 -55.38
CA VAL A 37 -30.77 -50.08 -55.27
C VAL A 37 -29.49 -50.60 -54.61
N ASP A 38 -29.49 -51.86 -54.17
CA ASP A 38 -28.25 -52.50 -53.70
C ASP A 38 -27.40 -52.89 -54.92
N VAL A 39 -26.16 -52.43 -54.94
CA VAL A 39 -25.25 -52.71 -56.03
C VAL A 39 -24.16 -53.61 -55.47
N SER A 40 -24.06 -54.83 -55.99
CA SER A 40 -23.12 -55.81 -55.47
C SER A 40 -21.68 -55.50 -55.94
N GLU A 41 -20.68 -56.07 -55.25
CA GLU A 41 -19.29 -56.08 -55.74
C GLU A 41 -19.24 -56.94 -57.00
N PRO A 42 -18.55 -56.49 -58.05
CA PRO A 42 -18.39 -57.35 -59.25
C PRO A 42 -17.82 -58.74 -58.89
N SER A 43 -18.47 -59.81 -59.35
CA SER A 43 -18.07 -61.19 -59.03
C SER A 43 -17.16 -61.84 -60.08
N GLY A 44 -16.89 -61.13 -61.18
CA GLY A 44 -15.92 -61.60 -62.18
C GLY A 44 -16.58 -62.11 -63.44
N PRO A 45 -15.79 -62.33 -64.51
CA PRO A 45 -16.34 -62.64 -65.83
C PRO A 45 -16.95 -64.04 -65.97
N VAL A 46 -16.65 -64.94 -65.04
CA VAL A 46 -17.23 -66.29 -65.11
C VAL A 46 -18.74 -66.28 -64.80
N THR A 47 -19.19 -65.36 -63.94
CA THR A 47 -20.57 -65.36 -63.44
C THR A 47 -21.58 -65.25 -64.60
N ALA A 48 -22.54 -66.18 -64.65
CA ALA A 48 -23.47 -66.20 -65.78
C ALA A 48 -24.91 -66.12 -65.36
N ALA A 49 -25.19 -66.41 -64.09
CA ALA A 49 -26.57 -66.43 -63.59
C ALA A 49 -26.66 -66.08 -62.12
N VAL A 50 -27.85 -65.67 -61.70
CA VAL A 50 -28.12 -65.44 -60.27
C VAL A 50 -29.19 -66.44 -59.82
N SER A 51 -28.86 -67.24 -58.82
CA SER A 51 -29.83 -68.20 -58.33
C SER A 51 -31.02 -67.47 -57.69
N THR A 52 -32.23 -67.94 -58.00
CA THR A 52 -33.42 -67.37 -57.38
C THR A 52 -33.95 -68.24 -56.25
N GLY A 53 -33.36 -69.40 -56.06
CA GLY A 53 -33.81 -70.32 -55.04
C GLY A 53 -35.00 -71.20 -55.34
N HIS A 54 -35.72 -70.95 -56.41
CA HIS A 54 -36.90 -71.72 -56.76
C HIS A 54 -36.69 -72.95 -57.60
N LEU A 55 -37.70 -73.78 -57.66
CA LEU A 55 -37.68 -75.01 -58.42
C LEU A 55 -38.73 -75.03 -59.47
N ARG A 56 -38.40 -75.50 -60.66
CA ARG A 56 -39.40 -75.61 -61.73
C ARG A 56 -39.64 -77.08 -62.05
N ASP A 57 -40.91 -77.51 -62.04
CA ASP A 57 -41.30 -78.89 -62.43
C ASP A 57 -40.89 -79.19 -63.84
N ILE A 58 -40.30 -80.37 -64.04
CA ILE A 58 -39.98 -80.89 -65.35
C ILE A 58 -40.39 -82.34 -65.36
N SER A 59 -40.52 -82.94 -66.53
CA SER A 59 -40.96 -84.33 -66.59
C SER A 59 -39.89 -85.25 -66.04
N PRO A 60 -40.30 -86.30 -65.34
CA PRO A 60 -39.37 -87.14 -64.58
C PRO A 60 -38.48 -87.95 -65.48
N PRO A 61 -37.32 -88.38 -64.97
CA PRO A 61 -36.44 -89.20 -65.78
C PRO A 61 -36.85 -90.68 -65.78
N GLY A 62 -37.80 -91.06 -64.94
CA GLY A 62 -38.23 -92.46 -64.82
C GLY A 62 -39.21 -92.56 -63.66
N ASP A 63 -39.85 -93.71 -63.50
CA ASP A 63 -40.86 -93.85 -62.43
C ASP A 63 -40.25 -93.81 -61.03
N GLY A 64 -40.99 -93.22 -60.10
CA GLY A 64 -40.51 -93.09 -58.73
C GLY A 64 -39.46 -92.01 -58.54
N VAL A 65 -39.25 -91.17 -59.56
CA VAL A 65 -38.31 -90.05 -59.46
C VAL A 65 -38.96 -88.71 -59.75
N VAL A 66 -38.81 -87.78 -58.81
CA VAL A 66 -39.30 -86.43 -58.99
C VAL A 66 -38.15 -85.50 -59.39
N ALA A 67 -38.30 -84.78 -60.49
CA ALA A 67 -37.23 -83.86 -60.91
C ALA A 67 -37.70 -82.41 -60.96
N HIS A 68 -36.78 -81.51 -60.63
CA HIS A 68 -37.00 -80.07 -60.71
C HIS A 68 -35.77 -79.36 -61.23
N LEU A 69 -35.94 -78.46 -62.20
CA LEU A 69 -34.86 -77.55 -62.57
C LEU A 69 -34.70 -76.40 -61.56
N ARG A 70 -33.45 -76.05 -61.25
CA ARG A 70 -33.15 -74.93 -60.39
C ARG A 70 -33.22 -73.68 -61.23
N GLU A 71 -33.97 -72.68 -60.78
CA GLU A 71 -34.15 -71.45 -61.57
C GLU A 71 -33.10 -70.42 -61.22
N SER A 72 -32.77 -69.60 -62.20
CA SER A 72 -31.83 -68.53 -62.06
C SER A 72 -32.13 -67.45 -63.08
N LYS A 73 -31.67 -66.23 -62.81
CA LYS A 73 -31.76 -65.15 -63.79
C LYS A 73 -30.41 -64.99 -64.44
N PRO A 74 -30.36 -65.02 -65.78
CA PRO A 74 -29.10 -64.83 -66.50
C PRO A 74 -28.62 -63.39 -66.40
N LEU A 75 -27.32 -63.18 -66.29
CA LEU A 75 -26.76 -61.83 -66.45
C LEU A 75 -26.73 -61.49 -67.91
N VAL A 76 -26.90 -60.21 -68.23
CA VAL A 76 -26.76 -59.75 -69.59
C VAL A 76 -25.47 -58.92 -69.74
N ARG A 77 -24.82 -59.04 -70.87
CA ARG A 77 -23.72 -58.13 -71.16
C ARG A 77 -24.29 -57.01 -72.00
N LEU A 78 -24.04 -55.77 -71.58
CA LEU A 78 -24.45 -54.61 -72.34
C LEU A 78 -23.20 -53.94 -72.86
N ARG A 79 -23.08 -53.88 -74.18
CA ARG A 79 -21.94 -53.25 -74.83
C ARG A 79 -22.36 -52.09 -75.75
N VAL A 80 -21.74 -50.93 -75.56
CA VAL A 80 -21.99 -49.79 -76.41
C VAL A 80 -20.71 -49.37 -77.14
N PRO A 81 -20.60 -49.72 -78.43
CA PRO A 81 -19.45 -49.34 -79.23
C PRO A 81 -19.44 -47.83 -79.48
N PHE A 82 -18.27 -47.24 -79.55
CA PHE A 82 -18.12 -45.84 -79.95
C PHE A 82 -16.78 -45.63 -80.63
N THR A 83 -16.71 -44.60 -81.46
CA THR A 83 -15.52 -44.35 -82.24
C THR A 83 -14.94 -42.99 -81.94
N VAL A 84 -13.64 -42.94 -81.66
CA VAL A 84 -12.97 -41.67 -81.42
C VAL A 84 -11.94 -41.45 -82.51
N THR A 85 -11.59 -40.19 -82.80
CA THR A 85 -10.60 -39.92 -83.85
C THR A 85 -9.21 -40.06 -83.29
N ARG A 86 -8.27 -40.44 -84.14
CA ARG A 86 -6.89 -40.61 -83.72
C ARG A 86 -6.19 -39.27 -83.46
N SER A 87 -6.66 -38.17 -84.07
CA SER A 87 -6.12 -36.87 -83.67
C SER A 87 -6.58 -36.50 -82.25
N ALA A 88 -7.85 -36.77 -81.91
CA ALA A 88 -8.26 -36.60 -80.52
C ALA A 88 -7.35 -37.42 -79.58
N ILE A 89 -7.06 -38.67 -79.93
CA ILE A 89 -6.16 -39.49 -79.10
C ILE A 89 -4.76 -38.90 -79.02
N ASP A 90 -4.16 -38.66 -80.18
CA ASP A 90 -2.77 -38.28 -80.27
C ASP A 90 -2.50 -36.90 -79.72
N ASP A 91 -3.48 -36.00 -79.81
CA ASP A 91 -3.31 -34.63 -79.32
C ASP A 91 -3.06 -34.58 -77.80
N VAL A 92 -3.51 -35.61 -77.10
CA VAL A 92 -3.41 -35.64 -75.64
C VAL A 92 -1.95 -35.54 -75.18
N GLU A 93 -1.08 -36.39 -75.72
CA GLU A 93 0.33 -36.36 -75.37
C GLU A 93 0.99 -35.01 -75.73
N ARG A 94 0.46 -34.34 -76.75
CA ARG A 94 0.97 -33.03 -77.14
C ARG A 94 0.44 -31.90 -76.25
N GLY A 95 -0.41 -32.26 -75.30
CA GLY A 95 -0.94 -31.34 -74.30
C GLY A 95 -2.34 -30.81 -74.56
N SER A 96 -3.08 -31.44 -75.46
CA SER A 96 -4.45 -31.00 -75.73
C SER A 96 -5.39 -31.29 -74.56
N GLN A 97 -6.28 -30.34 -74.28
CA GLN A 97 -7.25 -30.48 -73.21
C GLN A 97 -8.68 -30.41 -73.73
N ASP A 98 -8.85 -30.24 -75.02
CA ASP A 98 -10.18 -30.23 -75.59
C ASP A 98 -10.35 -31.31 -76.66
N SER A 99 -9.66 -32.44 -76.48
CA SER A 99 -9.81 -33.57 -77.41
C SER A 99 -11.27 -33.97 -77.43
N ASP A 100 -11.75 -34.30 -78.61
CA ASP A 100 -13.16 -34.57 -78.76
C ASP A 100 -13.56 -35.93 -78.15
N TRP A 101 -14.04 -35.93 -76.91
CA TRP A 101 -14.59 -37.14 -76.30
C TRP A 101 -16.12 -37.24 -76.30
N ASP A 102 -16.79 -36.49 -77.19
CA ASP A 102 -18.24 -36.61 -77.36
C ASP A 102 -18.73 -38.06 -77.58
N PRO A 103 -18.05 -38.83 -78.44
CA PRO A 103 -18.43 -40.24 -78.59
C PRO A 103 -18.36 -41.03 -77.28
N VAL A 104 -17.37 -40.76 -76.44
CA VAL A 104 -17.30 -41.43 -75.14
C VAL A 104 -18.50 -41.03 -74.28
N LYS A 105 -18.80 -39.74 -74.30
CA LYS A 105 -19.90 -39.23 -73.52
C LYS A 105 -21.26 -39.73 -74.01
N ALA A 106 -21.42 -39.82 -75.34
CA ALA A 106 -22.66 -40.36 -75.92
C ALA A 106 -22.86 -41.83 -75.51
N ALA A 107 -21.78 -42.61 -75.58
CA ALA A 107 -21.80 -44.00 -75.15
C ALA A 107 -22.12 -44.15 -73.65
N ALA A 108 -21.50 -43.30 -72.81
CA ALA A 108 -21.76 -43.39 -71.37
C ALA A 108 -23.20 -43.07 -71.04
N LYS A 109 -23.77 -42.11 -71.77
CA LYS A 109 -25.18 -41.76 -71.62
C LYS A 109 -26.11 -42.94 -72.03
N LYS A 110 -25.86 -43.52 -73.21
CA LYS A 110 -26.63 -44.69 -73.62
C LYS A 110 -26.56 -45.83 -72.59
N LEU A 111 -25.36 -46.15 -72.10
CA LEU A 111 -25.20 -47.23 -71.14
C LEU A 111 -25.94 -46.92 -69.84
N ALA A 112 -25.82 -45.69 -69.35
CA ALA A 112 -26.57 -45.33 -68.16
C ALA A 112 -28.08 -45.41 -68.37
N PHE A 113 -28.58 -44.91 -69.50
CA PHE A 113 -30.02 -44.93 -69.77
C PHE A 113 -30.51 -46.36 -69.90
N VAL A 114 -29.75 -47.17 -70.62
CA VAL A 114 -30.10 -48.58 -70.79
C VAL A 114 -30.10 -49.28 -69.42
N GLU A 115 -29.10 -49.01 -68.57
CA GLU A 115 -29.09 -49.60 -67.24
C GLU A 115 -30.34 -49.18 -66.42
N ASP A 116 -30.66 -47.89 -66.41
CA ASP A 116 -31.80 -47.37 -65.62
C ASP A 116 -33.16 -47.83 -66.16
N ARG A 117 -33.32 -47.86 -67.48
CA ARG A 117 -34.57 -48.33 -68.07
C ARG A 117 -34.81 -49.81 -67.79
N ALA A 118 -33.74 -50.60 -67.79
CA ALA A 118 -33.84 -52.01 -67.39
C ALA A 118 -34.34 -52.13 -65.93
N ILE A 119 -33.64 -51.47 -65.01
CA ILE A 119 -34.00 -51.50 -63.59
C ILE A 119 -35.45 -51.03 -63.37
N PHE A 120 -35.84 -49.96 -64.04
CA PHE A 120 -37.11 -49.31 -63.73
C PHE A 120 -38.25 -49.73 -64.61
N GLU A 121 -37.96 -49.90 -65.90
CA GLU A 121 -39.00 -50.18 -66.88
C GLU A 121 -38.91 -51.59 -67.46
N GLY A 122 -37.87 -52.34 -67.07
CA GLY A 122 -37.74 -53.73 -67.51
C GLY A 122 -37.02 -53.88 -68.84
N TYR A 123 -36.44 -55.06 -69.05
CA TYR A 123 -35.83 -55.42 -70.32
C TYR A 123 -36.16 -56.89 -70.58
N PRO A 124 -37.35 -57.15 -71.18
CA PRO A 124 -37.92 -58.47 -71.39
C PRO A 124 -36.97 -59.50 -72.02
N ALA A 125 -36.28 -59.15 -73.11
CA ALA A 125 -35.35 -60.08 -73.77
C ALA A 125 -34.19 -60.55 -72.86
N ALA A 126 -33.80 -59.71 -71.91
CA ALA A 126 -32.81 -60.07 -70.90
C ALA A 126 -33.46 -60.67 -69.66
N GLN A 127 -34.78 -60.84 -69.69
CA GLN A 127 -35.53 -61.42 -68.55
C GLN A 127 -35.49 -60.54 -67.29
N ILE A 128 -35.36 -59.24 -67.47
CA ILE A 128 -35.41 -58.32 -66.37
C ILE A 128 -36.81 -57.75 -66.29
N ASP A 129 -37.47 -58.03 -65.16
CA ASP A 129 -38.65 -57.31 -64.73
C ASP A 129 -38.16 -56.10 -63.96
N GLY A 130 -38.56 -54.93 -64.42
CA GLY A 130 -38.14 -53.71 -63.76
C GLY A 130 -39.06 -53.37 -62.61
N ILE A 131 -38.80 -52.27 -61.94
CA ILE A 131 -39.62 -51.91 -60.81
C ILE A 131 -41.10 -51.66 -61.20
N ARG A 132 -41.34 -51.05 -62.37
N ARG A 132 -41.33 -51.12 -62.38
CA ARG A 132 -42.71 -50.78 -62.80
CA ARG A 132 -42.65 -50.84 -62.86
C ARG A 132 -43.50 -52.06 -62.94
C ARG A 132 -43.45 -52.10 -62.85
N GLN A 133 -42.87 -53.14 -63.42
CA GLN A 133 -43.55 -54.43 -63.54
C GLN A 133 -43.72 -55.09 -62.18
N CYS A 134 -42.71 -54.97 -61.31
CA CYS A 134 -42.66 -55.66 -60.04
C CYS A 134 -43.69 -55.09 -59.08
N THR A 135 -43.91 -53.77 -59.12
CA THR A 135 -44.68 -53.08 -58.07
C THR A 135 -46.10 -53.58 -57.94
N SER A 136 -46.61 -53.65 -56.72
CA SER A 136 -47.98 -54.10 -56.49
C SER A 136 -48.85 -53.08 -55.75
N ASN A 137 -48.25 -51.96 -55.34
CA ASN A 137 -49.00 -50.83 -54.76
C ASN A 137 -49.72 -50.09 -55.88
N PRO A 138 -50.84 -49.42 -55.54
CA PRO A 138 -51.56 -48.59 -56.53
C PRO A 138 -50.64 -47.59 -57.23
N VAL A 139 -50.75 -47.54 -58.55
CA VAL A 139 -50.02 -46.58 -59.37
C VAL A 139 -50.72 -45.22 -59.31
N LEU A 140 -49.92 -44.16 -59.29
CA LEU A 140 -50.49 -42.83 -59.16
C LEU A 140 -50.12 -41.99 -60.36
N GLN A 141 -50.98 -41.03 -60.66
CA GLN A 141 -50.81 -40.17 -61.80
C GLN A 141 -50.17 -38.87 -61.34
N LEU A 142 -49.07 -38.48 -61.99
CA LEU A 142 -48.48 -37.16 -61.75
C LEU A 142 -49.45 -36.06 -62.21
N PRO A 143 -49.65 -35.04 -61.38
CA PRO A 143 -50.69 -34.07 -61.66
C PRO A 143 -50.27 -33.10 -62.76
N ASP A 144 -51.26 -32.46 -63.38
CA ASP A 144 -51.01 -31.43 -64.40
C ASP A 144 -50.25 -30.23 -63.87
N ASP A 145 -50.65 -29.77 -62.69
CA ASP A 145 -50.08 -28.63 -62.04
C ASP A 145 -48.98 -29.12 -61.10
N ALA A 146 -47.75 -28.65 -61.35
CA ALA A 146 -46.58 -29.09 -60.63
C ALA A 146 -46.72 -28.86 -59.14
N ARG A 147 -47.53 -27.86 -58.80
CA ARG A 147 -47.81 -27.50 -57.42
C ARG A 147 -48.45 -28.64 -56.61
N ASP A 148 -49.08 -29.59 -57.28
CA ASP A 148 -49.71 -30.70 -56.57
C ASP A 148 -48.83 -31.93 -56.48
N ILE A 149 -47.56 -31.81 -56.89
CA ILE A 149 -46.65 -32.95 -56.87
C ILE A 149 -46.51 -33.47 -55.45
N THR A 150 -46.39 -32.54 -54.50
CA THR A 150 -46.17 -32.93 -53.11
C THR A 150 -47.32 -33.79 -52.57
N ASP A 151 -48.53 -33.59 -53.09
CA ASP A 151 -49.67 -34.44 -52.77
C ASP A 151 -49.45 -35.89 -53.14
N VAL A 152 -49.09 -36.16 -54.41
CA VAL A 152 -48.96 -37.57 -54.81
C VAL A 152 -47.75 -38.22 -54.15
N ILE A 153 -46.68 -37.45 -53.92
CA ILE A 153 -45.55 -37.97 -53.18
C ILE A 153 -45.97 -38.34 -51.77
N ALA A 154 -46.78 -37.49 -51.14
CA ALA A 154 -47.37 -37.83 -49.84
C ALA A 154 -48.22 -39.11 -49.86
N GLN A 155 -49.07 -39.25 -50.86
CA GLN A 155 -49.87 -40.48 -50.98
C GLN A 155 -49.00 -41.70 -51.19
N ALA A 156 -47.93 -41.51 -51.97
CA ALA A 156 -47.04 -42.62 -52.30
C ALA A 156 -46.37 -43.16 -51.03
N LEU A 157 -45.89 -42.21 -50.22
CA LEU A 157 -45.30 -42.51 -48.93
C LEU A 157 -46.29 -43.30 -48.09
N SER A 158 -47.54 -42.90 -48.12
CA SER A 158 -48.53 -43.54 -47.28
C SER A 158 -48.79 -44.97 -47.74
N GLU A 159 -48.76 -45.18 -49.05
CA GLU A 159 -48.92 -46.51 -49.62
C GLU A 159 -47.83 -47.44 -49.11
N LEU A 160 -46.59 -46.94 -49.07
CA LEU A 160 -45.48 -47.73 -48.57
C LEU A 160 -45.62 -48.08 -47.07
N ARG A 161 -45.93 -47.09 -46.25
CA ARG A 161 -46.12 -47.32 -44.83
C ARG A 161 -47.26 -48.30 -44.58
N LEU A 162 -48.38 -48.09 -45.27
CA LEU A 162 -49.55 -48.93 -45.09
C LEU A 162 -49.27 -50.38 -45.53
N ALA A 163 -48.33 -50.52 -46.47
CA ALA A 163 -47.88 -51.85 -46.92
C ALA A 163 -46.83 -52.47 -45.98
N GLY A 164 -46.61 -51.84 -44.83
CA GLY A 164 -45.67 -52.34 -43.84
C GLY A 164 -44.19 -52.18 -44.21
N VAL A 165 -43.88 -51.28 -45.14
CA VAL A 165 -42.52 -51.12 -45.63
C VAL A 165 -41.79 -50.00 -44.89
N ASP A 166 -40.74 -50.34 -44.15
CA ASP A 166 -39.94 -49.34 -43.43
C ASP A 166 -39.04 -48.55 -44.39
N GLY A 167 -38.60 -47.36 -43.98
CA GLY A 167 -37.78 -46.47 -44.82
C GLY A 167 -36.30 -46.73 -44.61
N PRO A 168 -35.44 -45.77 -44.96
CA PRO A 168 -35.84 -44.46 -45.48
C PRO A 168 -36.33 -44.57 -46.91
N TYR A 169 -37.01 -43.52 -47.38
CA TYR A 169 -37.67 -43.51 -48.67
C TYR A 169 -37.01 -42.47 -49.58
N SER A 170 -36.82 -42.84 -50.84
CA SER A 170 -36.28 -41.92 -51.82
C SER A 170 -37.25 -41.77 -52.97
N VAL A 171 -37.04 -40.71 -53.73
CA VAL A 171 -37.90 -40.36 -54.84
C VAL A 171 -37.01 -40.19 -56.04
N LEU A 172 -37.40 -40.82 -57.15
CA LEU A 172 -36.68 -40.66 -58.39
C LEU A 172 -37.55 -39.88 -59.34
N LEU A 173 -37.02 -38.78 -59.87
CA LEU A 173 -37.78 -37.92 -60.77
C LEU A 173 -37.17 -37.87 -62.16
N SER A 174 -38.02 -37.98 -63.17
CA SER A 174 -37.64 -37.78 -64.57
C SER A 174 -37.02 -36.40 -64.72
N ALA A 175 -36.26 -36.19 -65.78
CA ALA A 175 -35.66 -34.87 -66.05
C ALA A 175 -36.70 -33.74 -65.99
N GLU A 176 -37.83 -33.95 -66.62
CA GLU A 176 -38.82 -32.90 -66.69
C GLU A 176 -39.44 -32.61 -65.32
N VAL A 177 -39.87 -33.66 -64.61
CA VAL A 177 -40.48 -33.46 -63.31
C VAL A 177 -39.48 -32.86 -62.31
N TYR A 178 -38.25 -33.34 -62.35
CA TYR A 178 -37.22 -32.87 -61.44
C TYR A 178 -37.01 -31.35 -61.63
N THR A 179 -36.84 -30.95 -62.90
CA THR A 179 -36.73 -29.55 -63.27
C THR A 179 -37.93 -28.74 -62.78
N LYS A 180 -39.14 -29.25 -63.03
CA LYS A 180 -40.33 -28.56 -62.54
C LYS A 180 -40.36 -28.43 -61.02
N VAL A 181 -40.05 -29.51 -60.31
CA VAL A 181 -39.96 -29.49 -58.86
C VAL A 181 -38.97 -28.46 -58.36
N SER A 182 -37.80 -28.39 -59.00
CA SER A 182 -36.76 -27.49 -58.51
C SER A 182 -37.05 -25.99 -58.75
N GLU A 183 -37.88 -25.66 -59.72
CA GLU A 183 -38.22 -24.25 -60.00
C GLU A 183 -39.58 -23.77 -59.47
N THR A 184 -40.50 -24.69 -59.22
CA THR A 184 -41.90 -24.34 -58.99
C THR A 184 -42.11 -23.74 -57.60
N THR A 185 -42.84 -22.64 -57.55
CA THR A 185 -43.24 -22.05 -56.28
C THR A 185 -44.77 -22.15 -56.18
N GLU A 186 -45.26 -22.23 -54.96
CA GLU A 186 -46.67 -22.10 -54.69
C GLU A 186 -46.86 -20.91 -53.76
N HIS A 187 -47.51 -19.88 -54.29
CA HIS A 187 -47.61 -18.57 -53.65
C HIS A 187 -46.23 -18.06 -53.20
N GLY A 188 -45.24 -18.23 -54.06
CA GLY A 188 -43.87 -17.86 -53.69
C GLY A 188 -43.03 -18.92 -52.97
N TYR A 189 -43.68 -19.84 -52.25
CA TYR A 189 -42.96 -20.85 -51.50
C TYR A 189 -42.45 -22.00 -52.40
N PRO A 190 -41.12 -22.21 -52.45
CA PRO A 190 -40.58 -23.24 -53.36
C PRO A 190 -40.98 -24.65 -52.93
N ILE A 191 -41.63 -25.36 -53.83
CA ILE A 191 -42.17 -26.66 -53.50
C ILE A 191 -41.04 -27.67 -53.26
N ARG A 192 -39.85 -27.39 -53.78
CA ARG A 192 -38.66 -28.20 -53.49
C ARG A 192 -38.35 -28.25 -52.00
N GLU A 193 -38.52 -27.12 -51.31
CA GLU A 193 -38.29 -27.04 -49.86
C GLU A 193 -39.25 -27.96 -49.14
N HIS A 194 -40.51 -27.92 -49.54
CA HIS A 194 -41.53 -28.73 -48.93
C HIS A 194 -41.17 -30.19 -49.14
N LEU A 195 -40.86 -30.52 -50.39
CA LEU A 195 -40.66 -31.89 -50.79
C LEU A 195 -39.39 -32.53 -50.17
N ASN A 196 -38.29 -31.78 -50.17
CA ASN A 196 -37.03 -32.23 -49.58
C ASN A 196 -37.13 -32.63 -48.13
N ARG A 197 -37.92 -31.89 -47.36
CA ARG A 197 -38.05 -32.15 -45.93
C ARG A 197 -39.06 -33.28 -45.65
N LEU A 198 -39.96 -33.51 -46.58
CA LEU A 198 -40.93 -34.58 -46.52
C LEU A 198 -40.32 -35.99 -46.64
N VAL A 199 -39.19 -36.07 -47.34
CA VAL A 199 -38.53 -37.33 -47.68
C VAL A 199 -37.26 -37.44 -46.87
N ASP A 200 -37.20 -38.43 -46.01
CA ASP A 200 -36.01 -38.62 -45.18
C ASP A 200 -34.78 -39.09 -45.97
N GLY A 201 -35.01 -39.68 -47.15
CA GLY A 201 -33.94 -40.06 -48.07
C GLY A 201 -33.58 -38.94 -49.03
N ASP A 202 -33.50 -39.26 -50.32
CA ASP A 202 -33.10 -38.28 -51.34
C ASP A 202 -34.10 -38.11 -52.47
N ILE A 203 -33.99 -36.98 -53.19
CA ILE A 203 -34.78 -36.72 -54.39
C ILE A 203 -33.76 -36.78 -55.51
N ILE A 204 -33.92 -37.74 -56.41
CA ILE A 204 -32.83 -38.07 -57.33
C ILE A 204 -33.18 -37.74 -58.77
N TRP A 205 -32.21 -37.07 -59.42
CA TRP A 205 -32.14 -36.90 -60.87
C TRP A 205 -32.17 -38.25 -61.60
N ALA A 206 -33.27 -38.51 -62.33
CA ALA A 206 -33.45 -39.79 -63.04
C ALA A 206 -33.84 -39.54 -64.50
N PRO A 207 -32.90 -39.03 -65.30
CA PRO A 207 -33.22 -38.59 -66.66
C PRO A 207 -33.60 -39.72 -67.59
N ALA A 208 -33.27 -40.95 -67.25
CA ALA A 208 -33.60 -42.11 -68.09
C ALA A 208 -35.08 -42.52 -68.08
N ILE A 209 -35.82 -42.16 -67.02
CA ILE A 209 -37.20 -42.63 -66.82
C ILE A 209 -38.24 -41.58 -67.16
N ASP A 210 -39.50 -42.01 -67.28
CA ASP A 210 -40.63 -41.08 -67.32
C ASP A 210 -41.42 -41.18 -66.02
N GLY A 211 -41.98 -40.06 -65.60
CA GLY A 211 -42.67 -40.02 -64.32
C GLY A 211 -41.73 -40.10 -63.14
N ALA A 212 -42.14 -40.86 -62.13
CA ALA A 212 -41.44 -40.87 -60.86
C ALA A 212 -41.57 -42.22 -60.19
N PHE A 213 -40.66 -42.51 -59.27
CA PHE A 213 -40.78 -43.65 -58.38
C PHE A 213 -40.52 -43.19 -56.96
N VAL A 214 -41.27 -43.76 -56.02
CA VAL A 214 -40.98 -43.57 -54.62
C VAL A 214 -40.73 -44.96 -54.07
N LEU A 215 -39.58 -45.17 -53.45
CA LEU A 215 -39.25 -46.48 -52.92
C LEU A 215 -38.47 -46.44 -51.61
N SER A 216 -38.48 -47.58 -50.92
CA SER A 216 -37.67 -47.74 -49.72
C SER A 216 -36.22 -48.09 -50.07
N THR A 217 -35.27 -47.48 -49.38
CA THR A 217 -33.88 -47.90 -49.55
C THR A 217 -33.41 -48.65 -48.30
N ARG A 218 -34.33 -49.35 -47.64
CA ARG A 218 -33.97 -50.16 -46.50
C ARG A 218 -32.95 -51.26 -46.84
N GLY A 219 -32.86 -51.67 -48.10
CA GLY A 219 -31.95 -52.73 -48.49
C GLY A 219 -32.66 -54.07 -48.60
N GLY A 220 -32.20 -54.90 -49.54
CA GLY A 220 -32.72 -56.26 -49.72
C GLY A 220 -33.97 -56.39 -50.57
N ASP A 221 -34.42 -55.28 -51.17
CA ASP A 221 -35.58 -55.32 -52.04
C ASP A 221 -35.17 -55.25 -53.51
N PHE A 222 -34.10 -54.51 -53.78
CA PHE A 222 -33.64 -54.25 -55.15
C PHE A 222 -32.19 -54.61 -55.34
N ASP A 223 -31.96 -55.61 -56.18
CA ASP A 223 -30.68 -56.26 -56.32
C ASP A 223 -30.11 -56.04 -57.73
N LEU A 224 -29.13 -55.15 -57.83
CA LEU A 224 -28.36 -54.99 -59.06
C LEU A 224 -27.06 -55.79 -58.91
N ARG A 225 -27.00 -56.95 -59.58
CA ARG A 225 -25.82 -57.82 -59.51
C ARG A 225 -24.84 -57.55 -60.62
N LEU A 226 -23.63 -57.19 -60.23
CA LEU A 226 -22.56 -56.96 -61.17
C LEU A 226 -21.69 -58.21 -61.33
N GLY A 227 -21.62 -58.70 -62.56
CA GLY A 227 -20.61 -59.66 -62.94
C GLY A 227 -19.34 -58.86 -63.14
N THR A 228 -19.39 -57.92 -64.08
CA THR A 228 -18.29 -56.97 -64.28
C THR A 228 -18.86 -55.56 -64.52
N ASP A 229 -18.22 -54.60 -63.88
CA ASP A 229 -18.68 -53.22 -63.85
C ASP A 229 -18.20 -52.52 -65.11
N VAL A 230 -18.62 -51.27 -65.29
CA VAL A 230 -18.38 -50.56 -66.53
C VAL A 230 -16.93 -50.62 -66.94
N SER A 231 -16.69 -51.03 -68.18
CA SER A 231 -15.34 -51.22 -68.66
C SER A 231 -15.23 -50.67 -70.07
N ILE A 232 -14.03 -50.22 -70.43
CA ILE A 232 -13.76 -49.74 -71.77
C ILE A 232 -12.83 -50.72 -72.47
N GLY A 233 -13.21 -51.13 -73.67
CA GLY A 233 -12.45 -52.12 -74.42
C GLY A 233 -12.17 -51.72 -75.86
N TYR A 234 -11.31 -52.47 -76.54
CA TYR A 234 -10.87 -52.15 -77.90
C TYR A 234 -11.49 -53.10 -78.91
N LEU A 235 -11.93 -52.57 -80.06
CA LEU A 235 -12.48 -53.42 -81.11
C LEU A 235 -11.59 -53.46 -82.34
N SER A 236 -11.34 -52.31 -82.93
CA SER A 236 -10.58 -52.21 -84.17
C SER A 236 -10.08 -50.78 -84.34
N HIS A 237 -9.20 -50.60 -85.31
CA HIS A 237 -8.80 -49.24 -85.70
C HIS A 237 -8.46 -49.19 -87.17
N ASP A 238 -8.48 -47.99 -87.72
CA ASP A 238 -7.96 -47.75 -89.05
C ASP A 238 -7.02 -46.54 -88.98
N ALA A 239 -6.72 -45.91 -90.10
CA ALA A 239 -5.75 -44.80 -90.13
C ALA A 239 -6.23 -43.61 -89.32
N GLU A 240 -7.54 -43.40 -89.28
CA GLU A 240 -8.05 -42.19 -88.69
C GLU A 240 -8.85 -42.30 -87.41
N THR A 241 -9.40 -43.48 -87.16
CA THR A 241 -10.33 -43.65 -86.06
C THR A 241 -10.00 -44.91 -85.29
N VAL A 242 -10.45 -44.95 -84.04
CA VAL A 242 -10.34 -46.14 -83.22
C VAL A 242 -11.72 -46.49 -82.73
N GLN A 243 -12.15 -47.74 -82.93
CA GLN A 243 -13.42 -48.18 -82.36
C GLN A 243 -13.22 -48.87 -81.00
N LEU A 244 -13.83 -48.28 -79.97
CA LEU A 244 -13.83 -48.85 -78.63
C LEU A 244 -15.25 -49.19 -78.21
N TYR A 245 -15.44 -49.67 -76.99
CA TYR A 245 -16.78 -49.81 -76.42
C TYR A 245 -16.74 -49.64 -74.89
N LEU A 246 -17.89 -49.27 -74.34
CA LEU A 246 -18.17 -49.39 -72.92
C LEU A 246 -18.98 -50.65 -72.73
N GLU A 247 -18.67 -51.40 -71.68
CA GLU A 247 -19.49 -52.58 -71.37
C GLU A 247 -19.60 -52.91 -69.89
N GLU A 248 -20.60 -53.72 -69.58
CA GLU A 248 -20.77 -54.23 -68.25
C GLU A 248 -21.65 -55.46 -68.35
N THR A 249 -21.46 -56.35 -67.39
CA THR A 249 -22.27 -57.54 -67.31
C THR A 249 -22.98 -57.57 -65.99
N LEU A 250 -24.30 -57.57 -66.04
CA LEU A 250 -25.09 -57.49 -64.82
C LEU A 250 -26.47 -58.06 -65.00
N THR A 251 -27.26 -58.03 -63.93
CA THR A 251 -28.70 -58.14 -64.04
C THR A 251 -29.35 -57.44 -62.87
N PHE A 252 -30.65 -57.24 -62.95
CA PHE A 252 -31.39 -56.67 -61.86
C PHE A 252 -32.53 -57.58 -61.43
N LEU A 253 -32.69 -57.75 -60.12
CA LEU A 253 -33.80 -58.51 -59.57
C LEU A 253 -34.59 -57.66 -58.56
N CYS A 254 -35.92 -57.73 -58.60
CA CYS A 254 -36.76 -57.07 -57.62
C CYS A 254 -37.43 -58.12 -56.70
N TYR A 255 -37.17 -58.05 -55.39
CA TYR A 255 -37.66 -59.09 -54.49
C TYR A 255 -38.93 -58.73 -53.74
N THR A 256 -39.35 -57.46 -53.82
CA THR A 256 -40.46 -56.99 -53.00
C THR A 256 -41.39 -56.08 -53.78
N SER A 257 -42.54 -56.62 -54.15
CA SER A 257 -43.46 -55.86 -55.00
C SER A 257 -43.99 -54.60 -54.29
N GLU A 258 -44.06 -54.64 -52.96
CA GLU A 258 -44.67 -53.52 -52.21
C GLU A 258 -43.68 -52.46 -51.71
N ALA A 259 -42.42 -52.55 -52.13
CA ALA A 259 -41.37 -51.60 -51.68
C ALA A 259 -41.24 -50.38 -52.59
N SER A 260 -42.11 -50.29 -53.61
CA SER A 260 -42.04 -49.19 -54.55
C SER A 260 -43.44 -48.74 -54.92
N VAL A 261 -43.51 -47.48 -55.32
CA VAL A 261 -44.72 -46.89 -55.87
C VAL A 261 -44.31 -46.23 -57.16
N ALA A 262 -45.02 -46.55 -58.23
CA ALA A 262 -44.73 -45.95 -59.54
C ALA A 262 -45.69 -44.79 -59.78
N LEU A 263 -45.18 -43.74 -60.39
CA LEU A 263 -46.02 -42.59 -60.73
C LEU A 263 -45.89 -42.34 -62.23
N THR A 264 -47.03 -42.33 -62.93
CA THR A 264 -47.01 -42.21 -64.40
C THR A 264 -47.00 -40.76 -64.81
N PRO A 265 -46.31 -40.43 -65.91
CA PRO A 265 -46.15 -39.02 -66.28
C PRO A 265 -47.46 -38.44 -66.78
N MET B 1 45.34 18.74 40.46
CA MET B 1 45.32 20.11 39.91
C MET B 1 46.72 20.59 39.57
N ASN B 2 46.80 21.44 38.56
CA ASN B 2 48.02 22.19 38.28
C ASN B 2 47.81 23.66 38.65
N ASN B 3 48.79 24.50 38.32
CA ASN B 3 48.82 25.90 38.77
C ASN B 3 47.62 26.75 38.35
N LEU B 4 46.89 26.30 37.33
CA LEU B 4 45.76 27.08 36.83
C LEU B 4 44.56 27.04 37.79
N TYR B 5 44.48 25.99 38.60
CA TYR B 5 43.40 25.79 39.57
C TYR B 5 42.01 25.93 38.96
N ARG B 6 41.87 25.53 37.71
CA ARG B 6 40.59 25.62 37.02
C ARG B 6 39.48 24.92 37.83
N GLU B 7 39.83 23.81 38.45
CA GLU B 7 38.90 22.94 39.15
C GLU B 7 38.28 23.66 40.34
N LEU B 8 38.87 24.77 40.74
CA LEU B 8 38.32 25.54 41.84
C LEU B 8 37.32 26.65 41.43
N ALA B 9 37.16 26.89 40.13
CA ALA B 9 36.33 27.98 39.65
C ALA B 9 34.89 27.50 39.55
N PRO B 10 33.91 28.39 39.87
CA PRO B 10 32.52 28.04 39.61
C PRO B 10 32.22 28.26 38.12
N VAL B 11 32.82 27.40 37.31
CA VAL B 11 32.67 27.43 35.86
C VAL B 11 32.43 25.99 35.46
N THR B 12 31.35 25.74 34.74
CA THR B 12 31.01 24.40 34.29
C THR B 12 31.90 23.99 33.11
N ASP B 13 31.95 22.69 32.81
CA ASP B 13 32.72 22.20 31.68
C ASP B 13 32.26 22.88 30.39
N ALA B 14 30.94 22.98 30.22
CA ALA B 14 30.38 23.59 29.02
C ALA B 14 30.83 25.05 28.90
N ALA B 15 30.83 25.78 30.01
CA ALA B 15 31.29 27.18 30.00
C ALA B 15 32.79 27.26 29.65
N TRP B 16 33.60 26.36 30.22
CA TRP B 16 35.05 26.35 29.97
C TRP B 16 35.34 26.19 28.49
N HIS B 17 34.67 25.24 27.86
CA HIS B 17 34.83 24.96 26.44
C HIS B 17 34.55 26.23 25.66
N GLU B 18 33.53 26.97 26.05
CA GLU B 18 33.18 28.20 25.34
C GLU B 18 34.24 29.28 25.50
N ILE B 19 34.74 29.40 26.72
CA ILE B 19 35.74 30.39 27.04
C ILE B 19 37.03 30.05 26.31
N GLU B 20 37.42 28.77 26.33
CA GLU B 20 38.60 28.29 25.62
C GLU B 20 38.50 28.58 24.13
N THR B 21 37.39 28.14 23.55
CA THR B 21 37.11 28.31 22.13
C THR B 21 37.22 29.77 21.75
N GLU B 22 36.61 30.66 22.52
CA GLU B 22 36.65 32.09 22.18
C GLU B 22 38.07 32.70 22.30
N ALA B 23 38.77 32.38 23.37
CA ALA B 23 40.12 32.87 23.61
C ALA B 23 41.00 32.51 22.45
N ILE B 24 40.97 31.23 22.07
CA ILE B 24 41.86 30.73 21.04
C ILE B 24 41.59 31.35 19.67
N ARG B 25 40.32 31.46 19.27
CA ARG B 25 40.05 32.01 17.94
C ARG B 25 40.30 33.51 17.86
N THR B 26 39.99 34.24 18.93
CA THR B 26 40.28 35.67 19.00
C THR B 26 41.78 35.92 18.95
N PHE B 27 42.52 35.20 19.80
CA PHE B 27 43.96 35.30 19.84
C PHE B 27 44.50 35.09 18.42
N LYS B 28 44.00 34.05 17.78
CA LYS B 28 44.44 33.71 16.45
C LYS B 28 44.10 34.82 15.41
N ARG B 29 42.95 35.45 15.58
CA ARG B 29 42.53 36.48 14.66
C ARG B 29 43.48 37.69 14.76
N HIS B 30 44.12 37.85 15.92
CA HIS B 30 44.95 39.01 16.18
C HIS B 30 46.44 38.80 15.92
N ILE B 31 46.90 37.56 16.09
CA ILE B 31 48.33 37.29 16.13
C ILE B 31 48.97 37.22 14.73
N ALA B 32 50.17 37.81 14.58
CA ALA B 32 50.86 37.89 13.28
C ALA B 32 52.19 37.17 13.33
N GLY B 33 52.94 37.42 14.40
CA GLY B 33 54.24 36.81 14.60
C GLY B 33 54.29 35.31 14.34
N ARG B 34 53.42 34.56 15.01
CA ARG B 34 53.41 33.09 14.88
C ARG B 34 53.23 32.59 13.45
N ARG B 35 52.75 33.46 12.57
CA ARG B 35 52.58 33.09 11.18
C ARG B 35 53.88 33.16 10.38
N VAL B 36 54.89 33.85 10.92
CA VAL B 36 56.16 34.00 10.22
C VAL B 36 57.37 33.44 10.95
N VAL B 37 57.34 33.39 12.29
CA VAL B 37 58.51 32.94 13.06
C VAL B 37 58.41 31.44 13.34
N ASP B 38 59.51 30.84 13.78
CA ASP B 38 59.50 29.46 14.23
C ASP B 38 58.93 29.45 15.62
N VAL B 39 57.89 28.63 15.80
CA VAL B 39 57.23 28.49 17.10
C VAL B 39 57.51 27.09 17.58
N SER B 40 58.17 26.98 18.73
CA SER B 40 58.56 25.68 19.24
C SER B 40 57.38 24.97 19.89
N GLU B 41 57.53 23.67 20.14
CA GLU B 41 56.57 22.96 20.96
C GLU B 41 56.79 23.42 22.39
N PRO B 42 55.69 23.65 23.15
CA PRO B 42 55.75 23.98 24.58
C PRO B 42 56.63 22.98 25.31
N SER B 43 57.61 23.46 26.07
CA SER B 43 58.52 22.56 26.76
C SER B 43 58.13 22.29 28.21
N GLY B 44 57.06 22.93 28.69
CA GLY B 44 56.55 22.66 30.03
C GLY B 44 56.88 23.77 31.02
N PRO B 45 56.25 23.75 32.19
CA PRO B 45 56.35 24.82 33.19
C PRO B 45 57.73 25.00 33.84
N VAL B 46 58.58 23.98 33.76
CA VAL B 46 59.89 24.07 34.42
C VAL B 46 60.85 25.00 33.66
N THR B 47 60.71 25.04 32.33
CA THR B 47 61.67 25.79 31.51
C THR B 47 61.73 27.26 31.91
N ALA B 48 62.94 27.77 32.14
CA ALA B 48 63.07 29.14 32.62
C ALA B 48 63.92 29.98 31.69
N ALA B 49 64.75 29.33 30.88
CA ALA B 49 65.68 30.05 30.03
C ALA B 49 65.97 29.28 28.74
N VAL B 50 66.47 30.01 27.73
CA VAL B 50 66.92 29.43 26.47
C VAL B 50 68.42 29.63 26.41
N SER B 51 69.18 28.56 26.21
CA SER B 51 70.61 28.70 26.03
C SER B 51 70.88 29.46 24.73
N THR B 52 71.81 30.42 24.74
CA THR B 52 72.21 31.08 23.49
C THR B 52 73.50 30.47 22.99
N GLY B 53 74.12 29.61 23.80
CA GLY B 53 75.39 29.00 23.47
C GLY B 53 76.63 29.87 23.71
N HIS B 54 76.45 31.15 24.02
CA HIS B 54 77.59 32.04 24.28
C HIS B 54 78.12 31.95 25.70
N LEU B 55 79.35 32.44 25.88
CA LEU B 55 80.07 32.44 27.12
C LEU B 55 80.34 33.88 27.50
N ARG B 56 80.26 34.18 28.79
CA ARG B 56 80.61 35.49 29.28
C ARG B 56 81.75 35.34 30.26
N ASP B 57 82.81 36.11 30.03
CA ASP B 57 83.94 36.23 30.95
C ASP B 57 83.49 36.63 32.33
N ILE B 58 83.94 35.91 33.35
CA ILE B 58 83.72 36.30 34.74
C ILE B 58 85.05 36.16 35.47
N SER B 59 85.20 36.80 36.64
CA SER B 59 86.49 36.73 37.32
C SER B 59 86.75 35.30 37.86
N PRO B 60 88.02 34.87 37.84
CA PRO B 60 88.39 33.48 38.12
C PRO B 60 88.13 33.07 39.57
N PRO B 61 87.92 31.78 39.82
CA PRO B 61 87.70 31.33 41.18
C PRO B 61 89.03 31.16 41.92
N GLY B 62 90.13 31.41 41.22
CA GLY B 62 91.46 31.19 41.76
C GLY B 62 92.50 31.16 40.67
N ASP B 63 93.77 31.05 41.06
CA ASP B 63 94.87 31.09 40.11
C ASP B 63 94.86 29.92 39.13
N GLY B 64 95.17 30.23 37.87
CA GLY B 64 95.29 29.25 36.80
C GLY B 64 93.98 28.62 36.38
N VAL B 65 92.85 29.21 36.78
CA VAL B 65 91.56 28.72 36.34
C VAL B 65 90.87 29.81 35.52
N VAL B 66 90.41 29.47 34.33
CA VAL B 66 89.62 30.37 33.47
C VAL B 66 88.15 30.00 33.65
N ALA B 67 87.30 31.02 33.83
CA ALA B 67 85.87 30.78 34.05
C ALA B 67 84.98 31.61 33.12
N HIS B 68 83.90 31.00 32.64
CA HIS B 68 82.89 31.71 31.82
C HIS B 68 81.50 31.32 32.28
N LEU B 69 80.58 32.29 32.36
CA LEU B 69 79.21 31.94 32.62
C LEU B 69 78.53 31.57 31.33
N ARG B 70 77.67 30.56 31.37
CA ARG B 70 76.86 30.19 30.22
C ARG B 70 75.71 31.19 30.11
N GLU B 71 75.61 31.87 28.97
CA GLU B 71 74.53 32.85 28.72
C GLU B 71 73.23 32.19 28.29
N SER B 72 72.13 32.77 28.75
CA SER B 72 70.80 32.30 28.36
C SER B 72 69.82 33.47 28.31
N LYS B 73 68.70 33.30 27.61
CA LYS B 73 67.66 34.32 27.66
C LYS B 73 66.54 33.79 28.53
N PRO B 74 66.12 34.59 29.54
CA PRO B 74 65.04 34.19 30.43
C PRO B 74 63.69 34.22 29.73
N LEU B 75 62.82 33.29 30.09
CA LEU B 75 61.46 33.28 29.57
C LEU B 75 60.67 34.26 30.39
N VAL B 76 59.65 34.87 29.79
CA VAL B 76 58.79 35.77 30.55
C VAL B 76 57.39 35.17 30.60
N ARG B 77 56.77 35.21 31.79
CA ARG B 77 55.36 34.88 31.92
C ARG B 77 54.51 36.14 31.74
N LEU B 78 53.59 36.08 30.77
CA LEU B 78 52.69 37.19 30.51
C LEU B 78 51.30 36.76 30.94
N ARG B 79 50.72 37.52 31.87
CA ARG B 79 49.41 37.20 32.40
C ARG B 79 48.44 38.36 32.20
N VAL B 80 47.27 38.05 31.68
CA VAL B 80 46.22 39.04 31.46
C VAL B 80 44.96 38.62 32.21
N PRO B 81 44.73 39.21 33.41
CA PRO B 81 43.52 38.87 34.18
C PRO B 81 42.29 39.47 33.51
N PHE B 82 41.17 38.77 33.63
CA PHE B 82 39.89 39.26 33.17
C PHE B 82 38.78 38.71 34.06
N THR B 83 37.64 39.41 34.07
CA THR B 83 36.50 39.04 34.89
C THR B 83 35.28 38.80 34.04
N VAL B 84 34.62 37.68 34.29
CA VAL B 84 33.36 37.37 33.62
C VAL B 84 32.22 37.28 34.64
N THR B 85 31.00 37.48 34.18
CA THR B 85 29.86 37.41 35.08
C THR B 85 29.44 35.97 35.29
N ARG B 86 28.88 35.68 36.46
CA ARG B 86 28.44 34.31 36.75
C ARG B 86 27.16 33.96 36.03
N SER B 87 26.36 34.96 35.68
CA SER B 87 25.25 34.71 34.78
C SER B 87 25.75 34.32 33.38
N ALA B 88 26.80 34.95 32.86
CA ALA B 88 27.34 34.51 31.56
C ALA B 88 27.73 33.02 31.66
N ILE B 89 28.42 32.65 32.75
CA ILE B 89 28.86 31.27 32.97
C ILE B 89 27.67 30.31 33.11
N ASP B 90 26.75 30.61 34.02
CA ASP B 90 25.66 29.69 34.32
C ASP B 90 24.69 29.47 33.17
N ASP B 91 24.57 30.48 32.31
CA ASP B 91 23.62 30.41 31.20
C ASP B 91 24.02 29.38 30.14
N VAL B 92 25.30 29.05 30.06
CA VAL B 92 25.78 28.12 29.03
C VAL B 92 25.09 26.75 29.16
N GLU B 93 25.10 26.19 30.35
CA GLU B 93 24.46 24.92 30.60
C GLU B 93 22.94 24.98 30.33
N ARG B 94 22.34 26.17 30.38
CA ARG B 94 20.92 26.32 30.10
C ARG B 94 20.58 26.51 28.61
N GLY B 95 21.58 26.47 27.75
CA GLY B 95 21.39 26.62 26.31
C GLY B 95 21.82 27.95 25.70
N SER B 96 22.35 28.86 26.51
CA SER B 96 22.72 30.18 26.01
C SER B 96 23.89 30.12 25.03
N GLN B 97 23.74 30.83 23.91
CA GLN B 97 24.78 30.90 22.89
C GLN B 97 25.32 32.31 22.75
N ASP B 98 24.92 33.21 23.63
CA ASP B 98 25.40 34.57 23.54
C ASP B 98 25.90 35.07 24.89
N SER B 99 26.48 34.19 25.70
CA SER B 99 27.03 34.63 27.00
C SER B 99 28.12 35.65 26.75
N ASP B 100 28.21 36.62 27.63
CA ASP B 100 29.11 37.73 27.38
C ASP B 100 30.59 37.38 27.58
N TRP B 101 31.30 37.08 26.49
CA TRP B 101 32.75 36.82 26.58
C TRP B 101 33.60 37.95 26.06
N ASP B 102 33.04 39.15 25.98
CA ASP B 102 33.82 40.37 25.73
C ASP B 102 35.08 40.44 26.59
N PRO B 103 34.98 40.14 27.91
CA PRO B 103 36.20 40.20 28.75
C PRO B 103 37.27 39.21 28.30
N VAL B 104 36.84 38.01 27.90
CA VAL B 104 37.74 37.00 27.33
C VAL B 104 38.39 37.56 26.06
N LYS B 105 37.58 38.15 25.20
CA LYS B 105 38.06 38.64 23.93
C LYS B 105 39.03 39.81 24.10
N ALA B 106 38.73 40.68 25.06
CA ALA B 106 39.59 41.82 25.30
C ALA B 106 40.93 41.32 25.85
N ALA B 107 40.89 40.28 26.67
CA ALA B 107 42.11 39.68 27.21
C ALA B 107 42.97 39.06 26.11
N ALA B 108 42.34 38.39 25.16
CA ALA B 108 43.08 37.70 24.11
C ALA B 108 43.74 38.68 23.19
N LYS B 109 43.02 39.75 22.85
CA LYS B 109 43.58 40.82 22.03
C LYS B 109 44.79 41.45 22.74
N LYS B 110 44.64 41.70 24.05
CA LYS B 110 45.71 42.27 24.86
C LYS B 110 46.97 41.39 24.81
N LEU B 111 46.81 40.10 25.07
CA LEU B 111 47.94 39.18 25.05
C LEU B 111 48.60 39.10 23.67
N ALA B 112 47.77 39.03 22.62
CA ALA B 112 48.23 38.95 21.25
C ALA B 112 49.08 40.17 20.93
N PHE B 113 48.58 41.35 21.31
CA PHE B 113 49.28 42.60 21.06
C PHE B 113 50.62 42.67 21.79
N VAL B 114 50.63 42.25 23.05
CA VAL B 114 51.86 42.17 23.82
C VAL B 114 52.87 41.20 23.17
N GLU B 115 52.40 40.03 22.76
CA GLU B 115 53.29 39.04 22.13
C GLU B 115 53.90 39.60 20.82
N ASP B 116 53.07 40.17 19.94
CA ASP B 116 53.56 40.70 18.67
C ASP B 116 54.48 41.93 18.85
N ARG B 117 54.16 42.77 19.83
CA ARG B 117 54.97 43.94 20.09
C ARG B 117 56.33 43.54 20.65
N ALA B 118 56.35 42.53 21.51
CA ALA B 118 57.60 41.96 21.93
C ALA B 118 58.39 41.44 20.71
N ILE B 119 57.74 40.68 19.83
CA ILE B 119 58.46 40.08 18.70
C ILE B 119 59.04 41.14 17.75
N PHE B 120 58.24 42.14 17.41
CA PHE B 120 58.63 43.08 16.38
C PHE B 120 59.26 44.32 16.94
N GLU B 121 58.81 44.73 18.12
CA GLU B 121 59.29 45.98 18.66
C GLU B 121 60.09 45.88 19.95
N GLY B 122 60.21 44.68 20.48
CA GLY B 122 61.07 44.47 21.62
C GLY B 122 60.36 44.67 22.94
N TYR B 123 60.89 44.04 23.98
CA TYR B 123 60.38 44.19 25.35
C TYR B 123 61.57 44.19 26.30
N PRO B 124 62.18 45.39 26.50
CA PRO B 124 63.46 45.52 27.23
C PRO B 124 63.45 44.90 28.62
N ALA B 125 62.39 45.14 29.42
CA ALA B 125 62.32 44.58 30.78
C ALA B 125 62.31 43.03 30.78
N ALA B 126 61.89 42.42 29.68
CA ALA B 126 61.93 40.96 29.57
C ALA B 126 63.16 40.51 28.79
N GLN B 127 64.04 41.46 28.49
CA GLN B 127 65.28 41.18 27.74
C GLN B 127 65.03 40.64 26.34
N ILE B 128 63.91 41.04 25.74
CA ILE B 128 63.61 40.64 24.39
C ILE B 128 63.99 41.77 23.43
N ASP B 129 64.94 41.52 22.53
CA ASP B 129 65.16 42.44 21.40
C ASP B 129 64.22 42.05 20.29
N GLY B 130 63.47 43.01 19.79
CA GLY B 130 62.56 42.71 18.70
C GLY B 130 63.28 42.74 17.36
N ILE B 131 62.54 42.35 16.32
CA ILE B 131 63.04 42.34 14.97
C ILE B 131 63.48 43.75 14.58
N ARG B 132 62.73 44.75 15.03
CA ARG B 132 63.09 46.14 14.82
C ARG B 132 64.49 46.50 15.32
N GLN B 133 64.83 46.04 16.53
CA GLN B 133 66.17 46.28 17.06
C GLN B 133 67.20 45.40 16.36
N CYS B 134 66.81 44.17 16.07
CA CYS B 134 67.71 43.18 15.49
C CYS B 134 68.19 43.52 14.05
N THR B 135 67.31 44.11 13.24
CA THR B 135 67.56 44.27 11.79
C THR B 135 68.81 45.08 11.48
N SER B 136 69.52 44.69 10.43
CA SER B 136 70.68 45.44 9.99
C SER B 136 70.50 45.94 8.56
N ASN B 137 69.36 45.65 7.96
CA ASN B 137 69.10 46.21 6.63
C ASN B 137 68.66 47.66 6.73
N PRO B 138 68.97 48.48 5.72
CA PRO B 138 68.46 49.86 5.69
C PRO B 138 66.95 49.90 5.98
N VAL B 139 66.56 50.75 6.92
CA VAL B 139 65.16 50.94 7.24
C VAL B 139 64.48 51.82 6.17
N LEU B 140 63.28 51.43 5.75
CA LEU B 140 62.57 52.17 4.72
C LEU B 140 61.33 52.84 5.25
N GLN B 141 60.92 53.90 4.57
CA GLN B 141 59.83 54.71 5.01
C GLN B 141 58.63 54.35 4.15
N LEU B 142 57.51 54.02 4.79
CA LEU B 142 56.27 53.85 4.07
C LEU B 142 55.85 55.18 3.44
N PRO B 143 55.47 55.16 2.16
CA PRO B 143 55.22 56.37 1.38
C PRO B 143 53.90 57.01 1.80
N ASP B 144 53.74 58.30 1.50
CA ASP B 144 52.49 59.00 1.77
C ASP B 144 51.35 58.47 0.93
N ASP B 145 51.64 58.19 -0.34
CA ASP B 145 50.64 57.70 -1.25
C ASP B 145 50.67 56.19 -1.26
N ALA B 146 49.53 55.57 -0.95
CA ALA B 146 49.43 54.11 -0.83
C ALA B 146 49.80 53.42 -2.14
N ARG B 147 49.53 54.10 -3.24
CA ARG B 147 49.89 53.63 -4.58
C ARG B 147 51.39 53.37 -4.75
N ASP B 148 52.22 53.93 -3.88
CA ASP B 148 53.67 53.66 -3.93
C ASP B 148 54.12 52.53 -3.00
N ILE B 149 53.20 51.87 -2.30
CA ILE B 149 53.63 50.83 -1.36
C ILE B 149 54.38 49.70 -2.07
N THR B 150 53.98 49.35 -3.29
CA THR B 150 54.67 48.27 -3.99
C THR B 150 56.13 48.60 -4.26
N ASP B 151 56.45 49.88 -4.43
CA ASP B 151 57.84 50.32 -4.58
C ASP B 151 58.72 49.99 -3.36
N VAL B 152 58.29 50.37 -2.15
CA VAL B 152 59.12 50.07 -0.97
C VAL B 152 59.22 48.59 -0.66
N ILE B 153 58.14 47.84 -0.86
CA ILE B 153 58.18 46.40 -0.73
C ILE B 153 59.21 45.81 -1.69
N ALA B 154 59.18 46.23 -2.95
CA ALA B 154 60.17 45.79 -3.91
C ALA B 154 61.58 46.13 -3.47
N GLN B 155 61.77 47.34 -2.93
CA GLN B 155 63.07 47.70 -2.41
C GLN B 155 63.47 46.81 -1.24
N ALA B 156 62.48 46.47 -0.42
CA ALA B 156 62.73 45.64 0.74
C ALA B 156 63.19 44.24 0.30
N LEU B 157 62.49 43.68 -0.70
CA LEU B 157 62.86 42.36 -1.24
C LEU B 157 64.29 42.37 -1.76
N SER B 158 64.62 43.44 -2.46
CA SER B 158 65.94 43.63 -3.00
C SER B 158 66.99 43.71 -1.91
N GLU B 159 66.72 44.42 -0.81
CA GLU B 159 67.67 44.44 0.29
C GLU B 159 67.94 43.03 0.85
N LEU B 160 66.88 42.24 0.99
CA LEU B 160 67.00 40.86 1.45
C LEU B 160 67.85 40.01 0.50
N ARG B 161 67.59 40.09 -0.79
CA ARG B 161 68.33 39.27 -1.74
C ARG B 161 69.81 39.66 -1.74
N LEU B 162 70.08 40.96 -1.70
CA LEU B 162 71.46 41.44 -1.78
C LEU B 162 72.24 41.03 -0.53
N ALA B 163 71.52 40.78 0.56
CA ALA B 163 72.13 40.35 1.81
C ALA B 163 72.35 38.83 1.82
N GLY B 164 71.98 38.18 0.71
CA GLY B 164 72.22 36.75 0.53
C GLY B 164 71.21 35.89 1.26
N VAL B 165 70.03 36.44 1.51
CA VAL B 165 69.02 35.72 2.27
C VAL B 165 67.95 35.15 1.35
N ASP B 166 67.86 33.82 1.31
CA ASP B 166 66.85 33.11 0.52
C ASP B 166 65.44 33.24 1.10
N GLY B 167 64.43 33.07 0.25
CA GLY B 167 63.02 33.16 0.65
C GLY B 167 62.46 31.84 1.17
N PRO B 168 61.14 31.68 1.14
CA PRO B 168 60.22 32.68 0.65
C PRO B 168 60.12 33.90 1.57
N TYR B 169 59.51 34.97 1.07
CA TYR B 169 59.45 36.22 1.81
C TYR B 169 58.01 36.50 2.15
N SER B 170 57.76 36.99 3.36
CA SER B 170 56.44 37.47 3.73
C SER B 170 56.50 38.94 4.12
N VAL B 171 55.35 39.61 3.97
CA VAL B 171 55.17 40.98 4.39
C VAL B 171 54.13 41.08 5.52
N LEU B 172 54.50 41.80 6.59
CA LEU B 172 53.59 42.06 7.68
C LEU B 172 53.11 43.49 7.62
N LEU B 173 51.80 43.69 7.63
CA LEU B 173 51.24 45.04 7.50
C LEU B 173 50.40 45.41 8.71
N SER B 174 50.61 46.63 9.21
CA SER B 174 49.77 47.17 10.27
C SER B 174 48.32 47.19 9.79
N ALA B 175 47.39 47.27 10.72
CA ALA B 175 45.96 47.36 10.37
C ALA B 175 45.67 48.49 9.35
N GLU B 176 46.23 49.67 9.59
CA GLU B 176 46.04 50.77 8.67
C GLU B 176 46.62 50.46 7.27
N VAL B 177 47.86 49.98 7.22
CA VAL B 177 48.50 49.79 5.92
C VAL B 177 47.83 48.64 5.15
N TYR B 178 47.44 47.59 5.88
CA TYR B 178 46.77 46.44 5.29
C TYR B 178 45.47 46.85 4.62
N THR B 179 44.64 47.57 5.36
CA THR B 179 43.39 48.08 4.83
C THR B 179 43.58 48.96 3.59
N LYS B 180 44.58 49.84 3.63
CA LYS B 180 44.87 50.68 2.47
C LYS B 180 45.28 49.86 1.25
N VAL B 181 46.21 48.94 1.48
CA VAL B 181 46.65 48.02 0.44
C VAL B 181 45.47 47.23 -0.15
N SER B 182 44.53 46.81 0.69
CA SER B 182 43.48 45.95 0.17
C SER B 182 42.43 46.70 -0.64
N GLU B 183 42.35 48.02 -0.44
CA GLU B 183 41.36 48.85 -1.13
C GLU B 183 41.92 49.71 -2.27
N THR B 184 43.21 50.03 -2.23
CA THR B 184 43.77 51.02 -3.14
C THR B 184 43.91 50.51 -4.56
N THR B 185 43.48 51.33 -5.51
CA THR B 185 43.73 51.08 -6.92
C THR B 185 44.58 52.19 -7.51
N GLU B 186 45.37 51.86 -8.52
CA GLU B 186 46.16 52.85 -9.25
C GLU B 186 45.65 52.79 -10.68
N HIS B 187 45.04 53.89 -11.12
CA HIS B 187 44.31 53.93 -12.38
C HIS B 187 43.36 52.74 -12.52
N GLY B 188 42.72 52.34 -11.42
CA GLY B 188 41.76 51.25 -11.44
C GLY B 188 42.30 49.88 -11.08
N TYR B 189 43.61 49.70 -11.21
CA TYR B 189 44.19 48.39 -10.99
C TYR B 189 44.48 48.24 -9.52
N PRO B 190 43.89 47.23 -8.87
CA PRO B 190 44.11 47.04 -7.42
C PRO B 190 45.56 46.71 -7.11
N ILE B 191 46.20 47.53 -6.27
CA ILE B 191 47.60 47.29 -5.93
C ILE B 191 47.79 45.98 -5.17
N ARG B 192 46.75 45.50 -4.51
CA ARG B 192 46.79 44.19 -3.85
C ARG B 192 47.12 43.04 -4.84
N GLU B 193 46.60 43.09 -6.08
CA GLU B 193 46.93 42.07 -7.08
C GLU B 193 48.42 42.12 -7.42
N HIS B 194 48.93 43.35 -7.57
CA HIS B 194 50.32 43.55 -7.94
C HIS B 194 51.18 43.04 -6.80
N LEU B 195 50.86 43.51 -5.60
CA LEU B 195 51.63 43.19 -4.43
C LEU B 195 51.59 41.68 -4.09
N ASN B 196 50.43 41.04 -4.22
CA ASN B 196 50.31 39.64 -3.88
C ASN B 196 51.14 38.73 -4.74
N ARG B 197 51.27 39.08 -6.02
CA ARG B 197 52.05 38.29 -6.97
C ARG B 197 53.56 38.57 -6.81
N LEU B 198 53.87 39.75 -6.31
CA LEU B 198 55.24 40.13 -6.01
C LEU B 198 55.89 39.32 -4.89
N VAL B 199 55.10 38.72 -4.02
CA VAL B 199 55.65 38.08 -2.85
C VAL B 199 55.29 36.62 -2.95
N ASP B 200 56.30 35.76 -2.95
CA ASP B 200 56.07 34.32 -2.97
C ASP B 200 55.44 33.80 -1.64
N GLY B 201 55.63 34.54 -0.55
CA GLY B 201 55.02 34.18 0.74
C GLY B 201 53.67 34.83 0.92
N ASP B 202 53.37 35.26 2.13
CA ASP B 202 52.07 35.87 2.42
C ASP B 202 52.15 37.36 2.76
N ILE B 203 51.00 38.03 2.62
CA ILE B 203 50.84 39.37 3.12
C ILE B 203 49.93 39.26 4.33
N ILE B 204 50.47 39.61 5.49
CA ILE B 204 49.85 39.24 6.74
C ILE B 204 49.26 40.41 7.52
N TRP B 205 48.05 40.20 8.00
CA TRP B 205 47.34 41.11 8.90
C TRP B 205 48.08 41.17 10.24
N ALA B 206 48.63 42.34 10.56
CA ALA B 206 49.42 42.52 11.77
C ALA B 206 48.93 43.73 12.59
N PRO B 207 47.77 43.61 13.25
CA PRO B 207 47.17 44.79 13.88
C PRO B 207 47.95 45.30 15.08
N ALA B 208 48.86 44.49 15.64
CA ALA B 208 49.65 44.91 16.80
C ALA B 208 50.77 45.95 16.50
N ILE B 209 51.23 46.01 15.25
CA ILE B 209 52.41 46.80 14.91
C ILE B 209 52.05 48.08 14.18
N ASP B 210 52.98 49.05 14.12
CA ASP B 210 52.86 50.16 13.16
C ASP B 210 53.83 49.94 12.02
N GLY B 211 53.52 50.48 10.84
CA GLY B 211 54.41 50.29 9.70
C GLY B 211 54.30 48.89 9.13
N ALA B 212 55.45 48.30 8.77
CA ALA B 212 55.48 47.03 8.06
C ALA B 212 56.81 46.31 8.23
N PHE B 213 56.81 45.01 7.98
CA PHE B 213 58.04 44.22 7.91
C PHE B 213 58.03 43.33 6.70
N VAL B 214 59.22 43.11 6.15
CA VAL B 214 59.43 42.15 5.08
C VAL B 214 60.55 41.24 5.60
N LEU B 215 60.27 39.95 5.74
CA LEU B 215 61.26 39.01 6.27
C LEU B 215 61.25 37.70 5.51
N SER B 216 62.32 36.91 5.64
CA SER B 216 62.36 35.58 5.07
C SER B 216 61.73 34.61 6.05
N THR B 217 60.97 33.68 5.51
CA THR B 217 60.41 32.65 6.36
C THR B 217 61.10 31.33 6.05
N ARG B 218 62.35 31.41 5.60
CA ARG B 218 63.13 30.20 5.33
C ARG B 218 63.29 29.34 6.58
N GLY B 219 63.17 29.92 7.77
CA GLY B 219 63.31 29.14 9.02
C GLY B 219 64.70 29.27 9.62
N GLY B 220 64.80 29.20 10.95
CA GLY B 220 66.09 29.28 11.65
C GLY B 220 66.56 30.70 12.01
N ASP B 221 65.76 31.72 11.70
CA ASP B 221 66.12 33.14 11.95
C ASP B 221 65.36 33.77 13.13
N PHE B 222 64.10 33.36 13.32
CA PHE B 222 63.23 34.03 14.27
C PHE B 222 62.65 32.97 15.17
N ASP B 223 62.98 33.05 16.45
CA ASP B 223 62.69 31.96 17.36
C ASP B 223 61.74 32.35 18.48
N LEU B 224 60.50 31.89 18.40
CA LEU B 224 59.56 32.09 19.51
C LEU B 224 59.52 30.80 20.31
N ARG B 225 60.19 30.78 21.45
CA ARG B 225 60.24 29.59 22.32
C ARG B 225 59.16 29.57 23.33
N LEU B 226 58.32 28.54 23.28
CA LEU B 226 57.23 28.44 24.25
C LEU B 226 57.62 27.53 25.39
N GLY B 227 57.47 28.05 26.61
CA GLY B 227 57.55 27.23 27.82
C GLY B 227 56.17 26.64 27.99
N THR B 228 55.17 27.49 28.26
CA THR B 228 53.77 27.04 28.20
C THR B 228 52.96 27.99 27.33
N ASP B 229 52.12 27.41 26.47
CA ASP B 229 51.31 28.16 25.49
C ASP B 229 50.09 28.81 26.15
N VAL B 230 49.34 29.62 25.38
CA VAL B 230 48.19 30.34 25.91
C VAL B 230 47.31 29.43 26.78
N SER B 231 47.08 29.82 28.02
CA SER B 231 46.30 29.01 28.94
C SER B 231 45.32 29.86 29.71
N ILE B 232 44.26 29.25 30.22
CA ILE B 232 43.32 29.96 31.06
C ILE B 232 43.32 29.37 32.47
N GLY B 233 43.45 30.24 33.47
CA GLY B 233 43.50 29.81 34.84
C GLY B 233 42.59 30.65 35.70
N TYR B 234 42.48 30.29 36.97
CA TYR B 234 41.49 30.89 37.84
C TYR B 234 42.17 31.65 38.99
N LEU B 235 41.64 32.82 39.34
CA LEU B 235 42.15 33.59 40.48
C LEU B 235 41.22 33.57 41.69
N SER B 236 40.00 34.06 41.51
CA SER B 236 39.04 34.22 42.61
C SER B 236 37.64 34.38 42.07
N HIS B 237 36.67 34.40 42.97
CA HIS B 237 35.29 34.66 42.58
C HIS B 237 34.50 35.22 43.73
N ASP B 238 33.47 36.02 43.43
CA ASP B 238 32.49 36.41 44.44
C ASP B 238 31.08 35.90 44.05
N ALA B 239 30.03 36.46 44.66
CA ALA B 239 28.69 35.95 44.40
C ALA B 239 28.31 36.14 42.95
N GLU B 240 28.97 37.06 42.26
CA GLU B 240 28.48 37.50 40.96
C GLU B 240 29.41 37.41 39.78
N THR B 241 30.70 37.31 40.05
CA THR B 241 31.70 37.32 39.01
C THR B 241 32.79 36.30 39.33
N VAL B 242 33.53 35.93 38.27
CA VAL B 242 34.71 35.09 38.41
C VAL B 242 35.87 35.81 37.78
N GLN B 243 37.01 35.83 38.47
CA GLN B 243 38.21 36.37 37.89
C GLN B 243 39.14 35.26 37.42
N LEU B 244 39.41 35.28 36.12
CA LEU B 244 40.31 34.34 35.48
C LEU B 244 41.46 35.12 34.85
N TYR B 245 42.31 34.44 34.08
CA TYR B 245 43.35 35.10 33.32
C TYR B 245 43.78 34.23 32.16
N LEU B 246 44.34 34.90 31.16
CA LEU B 246 45.07 34.27 30.08
C LEU B 246 46.54 34.42 30.38
N GLU B 247 47.30 33.36 30.22
CA GLU B 247 48.73 33.50 30.37
C GLU B 247 49.50 32.59 29.43
N GLU B 248 50.73 33.00 29.17
CA GLU B 248 51.71 32.16 28.50
C GLU B 248 53.10 32.45 29.03
N THR B 249 53.99 31.47 28.92
CA THR B 249 55.40 31.66 29.29
C THR B 249 56.30 31.38 28.08
N LEU B 250 57.06 32.40 27.67
CA LEU B 250 57.81 32.31 26.43
C LEU B 250 58.92 33.34 26.33
N THR B 251 59.67 33.25 25.25
CA THR B 251 60.56 34.32 24.88
C THR B 251 60.79 34.30 23.38
N PHE B 252 61.49 35.32 22.91
CA PHE B 252 61.69 35.48 21.51
C PHE B 252 63.13 35.82 21.25
N LEU B 253 63.74 35.09 20.33
CA LEU B 253 65.11 35.39 19.94
C LEU B 253 65.22 35.63 18.43
N CYS B 254 65.98 36.66 18.07
CA CYS B 254 66.26 36.92 16.66
C CYS B 254 67.71 36.56 16.39
N TYR B 255 67.94 35.62 15.48
CA TYR B 255 69.28 35.13 15.23
C TYR B 255 69.97 35.75 14.04
N THR B 256 69.23 36.47 13.20
CA THR B 256 69.79 36.93 11.93
C THR B 256 69.37 38.35 11.62
N SER B 257 70.32 39.27 11.75
CA SER B 257 70.00 40.66 11.61
C SER B 257 69.57 41.01 10.17
N GLU B 258 70.11 40.29 9.19
CA GLU B 258 69.86 40.61 7.79
C GLU B 258 68.67 39.89 7.18
N ALA B 259 67.96 39.09 7.97
CA ALA B 259 66.80 38.35 7.47
C ALA B 259 65.51 39.17 7.47
N SER B 260 65.58 40.43 7.91
CA SER B 260 64.38 41.29 7.91
C SER B 260 64.63 42.70 7.40
N VAL B 261 63.56 43.33 6.91
CA VAL B 261 63.55 44.76 6.61
C VAL B 261 62.38 45.38 7.37
N ALA B 262 62.66 46.43 8.14
CA ALA B 262 61.63 47.19 8.86
C ALA B 262 61.21 48.41 8.04
N LEU B 263 59.91 48.69 7.99
CA LEU B 263 59.40 49.86 7.25
C LEU B 263 58.63 50.71 8.23
N THR B 264 59.03 51.96 8.37
CA THR B 264 58.43 52.82 9.39
C THR B 264 57.20 53.53 8.86
N PRO B 265 56.22 53.76 9.75
CA PRO B 265 54.89 54.29 9.36
C PRO B 265 54.96 55.70 8.82
N MET C 1 92.99 12.24 3.84
CA MET C 1 92.61 13.65 3.55
C MET C 1 92.74 13.96 2.08
N ASN C 2 91.93 14.90 1.60
CA ASN C 2 92.10 15.50 0.29
C ASN C 2 92.72 16.91 0.42
N ASN C 3 92.91 17.62 -0.69
CA ASN C 3 93.56 18.94 -0.64
C ASN C 3 92.88 19.99 0.25
N LEU C 4 91.63 19.78 0.64
CA LEU C 4 90.91 20.76 1.46
C LEU C 4 91.40 20.81 2.90
N TYR C 5 91.93 19.67 3.37
CA TYR C 5 92.49 19.52 4.73
C TYR C 5 91.51 19.92 5.81
N ARG C 6 90.23 19.64 5.58
CA ARG C 6 89.20 20.01 6.53
C ARG C 6 89.49 19.41 7.90
N GLU C 7 90.07 18.22 7.91
CA GLU C 7 90.33 17.48 9.15
C GLU C 7 91.32 18.18 10.06
N LEU C 8 92.08 19.11 9.51
CA LEU C 8 93.06 19.85 10.30
C LEU C 8 92.50 21.10 10.96
N ALA C 9 91.34 21.59 10.52
CA ALA C 9 90.74 22.78 11.13
C ALA C 9 90.07 22.49 12.49
N PRO C 10 90.28 23.39 13.48
CA PRO C 10 89.52 23.27 14.74
C PRO C 10 88.09 23.74 14.51
N VAL C 11 87.32 22.92 13.82
CA VAL C 11 85.95 23.22 13.45
C VAL C 11 85.17 21.92 13.64
N THR C 12 84.13 21.95 14.47
CA THR C 12 83.38 20.74 14.82
C THR C 12 82.45 20.34 13.70
N ASP C 13 81.99 19.09 13.70
CA ASP C 13 81.01 18.65 12.69
C ASP C 13 79.79 19.54 12.60
N ALA C 14 79.25 19.87 13.77
CA ALA C 14 78.16 20.85 13.90
C ALA C 14 78.50 22.20 13.21
N ALA C 15 79.67 22.76 13.49
CA ALA C 15 80.07 24.00 12.85
C ALA C 15 80.23 23.87 11.33
N TRP C 16 80.85 22.78 10.87
CA TRP C 16 81.06 22.55 9.43
C TRP C 16 79.74 22.58 8.69
N HIS C 17 78.76 21.86 9.24
CA HIS C 17 77.44 21.77 8.64
C HIS C 17 76.84 23.16 8.51
N GLU C 18 76.98 23.99 9.54
CA GLU C 18 76.44 25.36 9.48
C GLU C 18 77.14 26.22 8.46
N ILE C 19 78.46 26.14 8.42
CA ILE C 19 79.23 26.88 7.45
C ILE C 19 78.86 26.46 6.02
N GLU C 20 78.73 25.16 5.79
CA GLU C 20 78.39 24.66 4.46
C GLU C 20 77.00 25.13 4.05
N THR C 21 76.02 25.01 4.95
CA THR C 21 74.66 25.37 4.67
C THR C 21 74.61 26.83 4.29
N GLU C 22 75.30 27.66 5.08
CA GLU C 22 75.35 29.08 4.81
C GLU C 22 76.03 29.43 3.47
N ALA C 23 77.18 28.82 3.21
CA ALA C 23 77.91 29.05 1.97
C ALA C 23 76.99 28.77 0.77
N ILE C 24 76.31 27.63 0.82
CA ILE C 24 75.55 27.16 -0.31
C ILE C 24 74.32 27.99 -0.58
N ARG C 25 73.54 28.30 0.44
CA ARG C 25 72.30 29.02 0.19
C ARG C 25 72.60 30.47 -0.21
N THR C 26 73.69 31.01 0.34
CA THR C 26 74.07 32.36 -0.02
C THR C 26 74.56 32.38 -1.47
N PHE C 27 75.45 31.44 -1.81
CA PHE C 27 75.92 31.28 -3.20
C PHE C 27 74.73 31.25 -4.15
N LYS C 28 73.76 30.39 -3.80
CA LYS C 28 72.60 30.17 -4.60
C LYS C 28 71.78 31.47 -4.73
N ARG C 29 71.78 32.29 -3.70
CA ARG C 29 70.93 33.46 -3.70
C ARG C 29 71.45 34.52 -4.66
N HIS C 30 72.76 34.53 -4.85
CA HIS C 30 73.40 35.50 -5.73
C HIS C 30 73.56 35.05 -7.20
N ILE C 31 73.68 33.74 -7.40
CA ILE C 31 74.10 33.16 -8.68
C ILE C 31 72.99 33.17 -9.75
N ALA C 32 73.31 33.56 -10.96
CA ALA C 32 72.29 33.57 -12.00
C ALA C 32 72.67 32.66 -13.16
N GLY C 33 73.93 32.79 -13.62
CA GLY C 33 74.45 31.98 -14.71
C GLY C 33 74.00 30.53 -14.70
N ARG C 34 74.17 29.86 -13.57
CA ARG C 34 73.87 28.43 -13.48
C ARG C 34 72.42 28.13 -13.78
N ARG C 35 71.60 29.17 -13.81
CA ARG C 35 70.18 28.97 -13.99
C ARG C 35 69.84 28.93 -15.46
N VAL C 36 70.76 29.34 -16.31
CA VAL C 36 70.50 29.40 -17.74
C VAL C 36 71.50 28.63 -18.62
N VAL C 37 72.74 28.51 -18.15
CA VAL C 37 73.75 27.83 -18.93
C VAL C 37 73.75 26.33 -18.57
N ASP C 38 74.36 25.52 -19.42
CA ASP C 38 74.53 24.11 -19.09
C ASP C 38 75.65 23.95 -18.09
N VAL C 39 75.34 23.36 -16.94
CA VAL C 39 76.32 23.18 -15.89
C VAL C 39 76.65 21.70 -15.85
N SER C 40 77.89 21.34 -16.17
CA SER C 40 78.32 19.93 -16.20
C SER C 40 78.48 19.31 -14.81
N GLU C 41 78.52 17.97 -14.77
CA GLU C 41 78.89 17.26 -13.56
C GLU C 41 80.37 17.50 -13.31
N PRO C 42 80.75 17.79 -12.05
CA PRO C 42 82.16 17.94 -11.72
C PRO C 42 82.95 16.69 -12.18
N SER C 43 84.03 16.92 -12.91
CA SER C 43 84.84 15.85 -13.48
C SER C 43 86.03 15.49 -12.60
N GLY C 44 86.23 16.23 -11.50
CA GLY C 44 87.24 15.88 -10.51
C GLY C 44 88.49 16.75 -10.61
N PRO C 45 89.42 16.57 -9.67
CA PRO C 45 90.58 17.48 -9.51
C PRO C 45 91.66 17.43 -10.62
N VAL C 46 91.67 16.36 -11.40
CA VAL C 46 92.74 16.18 -12.39
C VAL C 46 92.52 17.04 -13.62
N THR C 47 91.24 17.27 -13.98
CA THR C 47 90.85 18.00 -15.20
C THR C 47 91.52 19.36 -15.23
N ALA C 48 92.24 19.65 -16.31
CA ALA C 48 92.96 20.93 -16.46
C ALA C 48 92.53 21.76 -17.68
N ALA C 49 91.88 21.13 -18.66
CA ALA C 49 91.51 21.82 -19.88
C ALA C 49 90.27 21.20 -20.50
N VAL C 50 89.55 21.99 -21.30
CA VAL C 50 88.44 21.47 -22.07
C VAL C 50 88.80 21.54 -23.55
N SER C 51 88.79 20.40 -24.23
CA SER C 51 89.14 20.36 -25.65
C SER C 51 88.12 21.15 -26.48
N THR C 52 88.60 21.99 -27.40
CA THR C 52 87.71 22.78 -28.24
C THR C 52 87.53 22.08 -29.58
N GLY C 53 88.32 21.05 -29.83
CA GLY C 53 88.25 20.35 -31.08
C GLY C 53 89.00 20.96 -32.22
N HIS C 54 89.62 22.11 -32.05
CA HIS C 54 90.33 22.76 -33.12
C HIS C 54 91.79 22.53 -33.16
N LEU C 55 92.40 22.91 -34.26
CA LEU C 55 93.82 22.76 -34.49
C LEU C 55 94.51 24.09 -34.71
N ARG C 56 95.74 24.20 -34.24
CA ARG C 56 96.52 25.43 -34.35
C ARG C 56 97.74 25.05 -35.18
N ASP C 57 98.00 25.78 -36.25
CA ASP C 57 99.23 25.54 -37.03
C ASP C 57 100.46 25.81 -36.19
N ILE C 58 101.42 24.91 -36.28
CA ILE C 58 102.73 25.12 -35.65
C ILE C 58 103.78 24.76 -36.69
N SER C 59 105.02 25.21 -36.54
CA SER C 59 105.97 24.85 -37.56
C SER C 59 106.34 23.34 -37.47
N PRO C 60 106.62 22.70 -38.62
CA PRO C 60 106.76 21.26 -38.73
C PRO C 60 108.03 20.75 -38.07
N PRO C 61 108.11 19.43 -37.74
CA PRO C 61 109.31 18.93 -37.09
C PRO C 61 110.37 18.48 -38.09
N GLY C 62 110.07 18.54 -39.39
CA GLY C 62 110.97 18.07 -40.44
C GLY C 62 110.25 18.12 -41.77
N ASP C 63 110.96 17.89 -42.87
CA ASP C 63 110.34 17.97 -44.20
C ASP C 63 109.30 16.89 -44.39
N GLY C 64 108.20 17.25 -45.04
CA GLY C 64 107.14 16.30 -45.35
C GLY C 64 106.28 15.83 -44.19
N VAL C 65 106.41 16.53 -43.05
CA VAL C 65 105.57 16.31 -41.89
C VAL C 65 104.77 17.58 -41.62
N VAL C 66 103.49 17.43 -41.36
CA VAL C 66 102.63 18.57 -41.06
C VAL C 66 102.16 18.42 -39.62
N ALA C 67 102.26 19.48 -38.83
CA ALA C 67 101.93 19.37 -37.42
C ALA C 67 100.92 20.41 -36.97
N HIS C 68 99.99 20.02 -36.13
CA HIS C 68 99.09 20.97 -35.48
C HIS C 68 99.03 20.69 -33.99
N LEU C 69 98.96 21.74 -33.18
CA LEU C 69 98.66 21.58 -31.76
C LEU C 69 97.17 21.48 -31.57
N ARG C 70 96.77 20.63 -30.63
CA ARG C 70 95.37 20.51 -30.29
C ARG C 70 95.01 21.67 -29.36
N GLU C 71 93.96 22.41 -29.69
CA GLU C 71 93.54 23.54 -28.84
C GLU C 71 92.64 23.12 -27.68
N SER C 72 92.78 23.80 -26.55
CA SER C 72 91.86 23.60 -25.44
C SER C 72 91.74 24.86 -24.62
N LYS C 73 90.67 24.97 -23.84
CA LYS C 73 90.51 26.03 -22.84
C LYS C 73 90.94 25.55 -21.47
N PRO C 74 91.87 26.28 -20.83
CA PRO C 74 92.28 25.93 -19.48
C PRO C 74 91.18 26.19 -18.47
N LEU C 75 91.03 25.31 -17.49
CA LEU C 75 90.19 25.56 -16.30
C LEU C 75 90.91 26.55 -15.40
N VAL C 76 90.16 27.35 -14.65
CA VAL C 76 90.74 28.27 -13.68
C VAL C 76 90.29 27.87 -12.29
N ARG C 77 91.20 27.94 -11.32
CA ARG C 77 90.83 27.78 -9.92
C ARG C 77 90.57 29.14 -9.28
N LEU C 78 89.40 29.27 -8.69
CA LEU C 78 89.04 30.49 -7.98
C LEU C 78 88.93 30.18 -6.50
N ARG C 79 89.66 30.94 -5.69
CA ARG C 79 89.69 30.71 -4.26
C ARG C 79 89.44 32.03 -3.54
N VAL C 80 88.47 32.03 -2.62
CA VAL C 80 88.15 33.21 -1.83
C VAL C 80 88.44 32.90 -0.38
N PRO C 81 89.58 33.38 0.14
CA PRO C 81 89.85 33.18 1.57
C PRO C 81 88.87 33.95 2.47
N PHE C 82 88.51 33.36 3.60
CA PHE C 82 87.77 34.09 4.64
C PHE C 82 88.19 33.60 6.03
N THR C 83 87.96 34.43 7.04
CA THR C 83 88.30 34.10 8.43
C THR C 83 87.08 34.12 9.35
N VAL C 84 86.93 33.09 10.17
CA VAL C 84 85.85 33.08 11.16
C VAL C 84 86.44 32.99 12.56
N THR C 85 85.71 33.45 13.57
CA THR C 85 86.21 33.38 14.93
C THR C 85 85.97 32.01 15.50
N ARG C 86 86.86 31.62 16.41
CA ARG C 86 86.72 30.35 17.12
C ARG C 86 85.55 30.33 18.11
N SER C 87 85.12 31.49 18.63
CA SER C 87 83.89 31.49 19.40
C SER C 87 82.64 31.24 18.54
N ALA C 88 82.58 31.81 17.32
CA ALA C 88 81.49 31.42 16.40
C ALA C 88 81.47 29.89 16.20
N ILE C 89 82.63 29.34 15.89
CA ILE C 89 82.77 27.89 15.74
C ILE C 89 82.39 27.12 17.00
N ASP C 90 82.97 27.49 18.14
CA ASP C 90 82.75 26.69 19.35
C ASP C 90 81.35 26.83 19.92
N ASP C 91 80.72 27.99 19.68
CA ASP C 91 79.39 28.29 20.21
C ASP C 91 78.32 27.33 19.67
N VAL C 92 78.55 26.80 18.48
CA VAL C 92 77.57 25.94 17.81
C VAL C 92 77.23 24.72 18.66
N GLU C 93 78.23 24.00 19.14
CA GLU C 93 78.02 22.82 19.96
C GLU C 93 77.26 23.11 21.28
N ARG C 94 77.41 24.34 21.79
CA ARG C 94 76.69 24.80 22.97
C ARG C 94 75.28 25.29 22.68
N GLY C 95 74.89 25.27 21.41
CA GLY C 95 73.52 25.51 21.02
C GLY C 95 73.25 26.85 20.37
N SER C 96 74.32 27.58 20.04
CA SER C 96 74.20 28.89 19.39
C SER C 96 73.57 28.80 18.01
N GLN C 97 72.65 29.71 17.73
CA GLN C 97 72.00 29.72 16.43
C GLN C 97 72.29 31.02 15.66
N ASP C 98 73.26 31.78 16.14
CA ASP C 98 73.53 33.08 15.56
C ASP C 98 75.03 33.35 15.51
N SER C 99 75.83 32.30 15.33
CA SER C 99 77.29 32.48 15.17
C SER C 99 77.59 33.38 13.97
N ASP C 100 78.64 34.17 14.06
CA ASP C 100 78.90 35.14 13.03
C ASP C 100 79.49 34.49 11.77
N TRP C 101 78.65 34.14 10.81
CA TRP C 101 79.13 33.64 9.52
C TRP C 101 79.12 34.71 8.42
N ASP C 102 79.05 35.98 8.78
CA ASP C 102 79.27 37.06 7.78
C ASP C 102 80.47 36.86 6.84
N PRO C 103 81.65 36.46 7.40
CA PRO C 103 82.80 36.16 6.54
C PRO C 103 82.49 35.09 5.48
N VAL C 104 81.69 34.08 5.86
CA VAL C 104 81.27 33.04 4.93
C VAL C 104 80.36 33.65 3.85
N LYS C 105 79.36 34.42 4.28
CA LYS C 105 78.46 35.05 3.32
C LYS C 105 79.18 36.04 2.40
N ALA C 106 80.19 36.73 2.91
CA ALA C 106 80.89 37.70 2.08
C ALA C 106 81.71 36.97 1.04
N ALA C 107 82.30 35.85 1.45
CA ALA C 107 83.06 35.00 0.53
C ALA C 107 82.17 34.44 -0.59
N ALA C 108 80.97 34.01 -0.23
CA ALA C 108 80.08 33.37 -1.19
C ALA C 108 79.60 34.39 -2.21
N LYS C 109 79.38 35.62 -1.75
CA LYS C 109 78.94 36.68 -2.64
C LYS C 109 80.05 36.98 -3.64
N LYS C 110 81.29 37.01 -3.15
CA LYS C 110 82.42 37.27 -4.03
C LYS C 110 82.54 36.22 -5.11
N LEU C 111 82.47 34.96 -4.70
CA LEU C 111 82.65 33.87 -5.65
C LEU C 111 81.54 33.86 -6.70
N ALA C 112 80.30 34.04 -6.24
CA ALA C 112 79.14 34.10 -7.10
C ALA C 112 79.30 35.20 -8.14
N PHE C 113 79.68 36.38 -7.68
CA PHE C 113 79.87 37.53 -8.56
C PHE C 113 80.98 37.31 -9.57
N VAL C 114 82.09 36.75 -9.10
CA VAL C 114 83.23 36.45 -9.97
C VAL C 114 82.80 35.44 -11.05
N GLU C 115 82.06 34.41 -10.65
CA GLU C 115 81.62 33.39 -11.61
C GLU C 115 80.67 33.98 -12.68
N ASP C 116 79.64 34.71 -12.24
CA ASP C 116 78.69 35.34 -13.15
C ASP C 116 79.34 36.37 -14.03
N ARG C 117 80.30 37.13 -13.48
CA ARG C 117 81.00 38.10 -14.30
C ARG C 117 81.87 37.44 -15.36
N ALA C 118 82.51 36.33 -14.98
CA ALA C 118 83.21 35.50 -15.96
C ALA C 118 82.25 35.07 -17.09
N ILE C 119 81.09 34.53 -16.73
CA ILE C 119 80.17 33.99 -17.74
C ILE C 119 79.63 35.07 -18.68
N PHE C 120 79.14 36.17 -18.12
CA PHE C 120 78.48 37.16 -18.95
C PHE C 120 79.42 38.23 -19.47
N GLU C 121 80.47 38.54 -18.73
CA GLU C 121 81.34 39.66 -19.12
C GLU C 121 82.82 39.31 -19.38
N GLY C 122 83.15 38.04 -19.21
CA GLY C 122 84.46 37.56 -19.63
C GLY C 122 85.49 37.67 -18.53
N TYR C 123 86.55 36.89 -18.64
CA TYR C 123 87.65 36.95 -17.72
C TYR C 123 88.92 36.65 -18.52
N PRO C 124 89.50 37.71 -19.13
CA PRO C 124 90.60 37.57 -20.10
C PRO C 124 91.80 36.77 -19.59
N ALA C 125 92.26 37.05 -18.38
CA ALA C 125 93.40 36.33 -17.83
C ALA C 125 93.19 34.82 -17.71
N ALA C 126 91.94 34.38 -17.63
CA ALA C 126 91.62 32.96 -17.53
C ALA C 126 91.14 32.43 -18.88
N GLN C 127 91.36 33.26 -19.90
CA GLN C 127 91.00 32.97 -21.29
C GLN C 127 89.50 32.71 -21.48
N ILE C 128 88.67 33.35 -20.67
CA ILE C 128 87.23 33.17 -20.78
C ILE C 128 86.59 34.35 -21.49
N ASP C 129 86.03 34.08 -22.67
CA ASP C 129 85.19 35.06 -23.37
C ASP C 129 83.78 34.88 -22.83
N GLY C 130 83.23 35.94 -22.30
CA GLY C 130 81.87 35.87 -21.78
C GLY C 130 80.85 36.06 -22.87
N ILE C 131 79.58 35.96 -22.47
CA ILE C 131 78.49 36.06 -23.41
C ILE C 131 78.49 37.43 -24.11
N ARG C 132 78.84 38.47 -23.38
CA ARG C 132 78.93 39.82 -23.93
C ARG C 132 79.93 39.87 -25.08
N GLN C 133 81.06 39.17 -24.97
CA GLN C 133 82.05 39.16 -26.05
C GLN C 133 81.59 38.24 -27.17
N CYS C 134 80.96 37.13 -26.82
CA CYS C 134 80.62 36.09 -27.77
C CYS C 134 79.43 36.53 -28.66
N THR C 135 78.44 37.24 -28.10
CA THR C 135 77.23 37.62 -28.87
C THR C 135 77.50 38.33 -30.21
N SER C 136 76.74 37.94 -31.23
CA SER C 136 76.80 38.57 -32.54
C SER C 136 75.48 39.25 -32.93
N ASN C 137 74.46 39.18 -32.09
CA ASN C 137 73.23 39.87 -32.39
C ASN C 137 73.36 41.36 -32.02
N PRO C 138 72.58 42.24 -32.69
CA PRO C 138 72.61 43.66 -32.33
C PRO C 138 72.41 43.87 -30.84
N VAL C 139 73.31 44.64 -30.24
CA VAL C 139 73.19 45.02 -28.84
C VAL C 139 72.13 46.10 -28.68
N LEU C 140 71.30 45.99 -27.64
CA LEU C 140 70.20 46.94 -27.38
C LEU C 140 70.42 47.76 -26.12
N GLN C 141 69.91 48.98 -26.13
CA GLN C 141 70.08 49.87 -25.00
C GLN C 141 68.81 49.80 -24.13
N LEU C 142 69.00 49.50 -22.84
CA LEU C 142 67.91 49.56 -21.85
C LEU C 142 67.39 50.99 -21.77
N PRO C 143 66.07 51.20 -21.84
CA PRO C 143 65.48 52.54 -21.99
C PRO C 143 65.53 53.35 -20.68
N ASP C 144 65.42 54.68 -20.78
CA ASP C 144 65.45 55.53 -19.60
C ASP C 144 64.21 55.31 -18.75
N ASP C 145 63.08 55.09 -19.42
CA ASP C 145 61.81 54.88 -18.77
C ASP C 145 61.58 53.37 -18.60
N ALA C 146 61.46 52.93 -17.33
CA ALA C 146 61.25 51.50 -16.99
C ALA C 146 60.00 50.92 -17.68
N ARG C 147 59.01 51.76 -17.91
CA ARG C 147 57.80 51.35 -18.62
C ARG C 147 58.09 50.83 -20.05
N ASP C 148 59.25 51.14 -20.61
CA ASP C 148 59.57 50.70 -21.97
C ASP C 148 60.40 49.43 -22.00
N ILE C 149 60.71 48.85 -20.85
CA ILE C 149 61.55 47.65 -20.84
C ILE C 149 60.95 46.54 -21.70
N THR C 150 59.63 46.40 -21.68
CA THR C 150 58.95 45.34 -22.45
C THR C 150 59.26 45.45 -23.94
N ASP C 151 59.46 46.67 -24.42
CA ASP C 151 59.77 46.89 -25.82
C ASP C 151 61.11 46.29 -26.19
N VAL C 152 62.14 46.53 -25.38
CA VAL C 152 63.47 46.01 -25.77
C VAL C 152 63.57 44.48 -25.64
N ILE C 153 62.95 43.92 -24.59
CA ILE C 153 62.90 42.46 -24.43
C ILE C 153 62.21 41.83 -25.64
N ALA C 154 61.10 42.44 -26.06
CA ALA C 154 60.40 42.05 -27.25
C ALA C 154 61.26 42.14 -28.50
N GLN C 155 62.00 43.24 -28.67
CA GLN C 155 62.95 43.34 -29.78
C GLN C 155 64.04 42.27 -29.69
N ALA C 156 64.52 42.03 -28.46
CA ALA C 156 65.54 41.01 -28.21
C ALA C 156 65.06 39.62 -28.63
N LEU C 157 63.86 39.24 -28.23
CA LEU C 157 63.28 37.97 -28.62
C LEU C 157 63.18 37.83 -30.15
N SER C 158 62.71 38.88 -30.82
CA SER C 158 62.63 38.89 -32.28
C SER C 158 64.02 38.71 -32.92
N GLU C 159 65.04 39.33 -32.33
CA GLU C 159 66.41 39.08 -32.80
C GLU C 159 66.78 37.60 -32.71
N LEU C 160 66.42 36.94 -31.61
CA LEU C 160 66.74 35.52 -31.47
C LEU C 160 66.00 34.67 -32.50
N ARG C 161 64.70 34.93 -32.66
CA ARG C 161 63.91 34.19 -33.61
C ARG C 161 64.44 34.34 -35.05
N LEU C 162 64.79 35.58 -35.43
CA LEU C 162 65.23 35.85 -36.80
C LEU C 162 66.59 35.21 -37.06
N ALA C 163 67.36 35.01 -35.99
CA ALA C 163 68.63 34.31 -36.06
C ALA C 163 68.51 32.78 -36.11
N GLY C 164 67.28 32.28 -36.12
CA GLY C 164 67.04 30.84 -36.25
C GLY C 164 67.26 30.07 -34.97
N VAL C 165 67.18 30.77 -33.83
CA VAL C 165 67.45 30.15 -32.55
C VAL C 165 66.16 29.82 -31.83
N ASP C 166 65.93 28.54 -31.59
CA ASP C 166 64.74 28.11 -30.87
C ASP C 166 64.87 28.40 -29.36
N GLY C 167 63.73 28.50 -28.67
CA GLY C 167 63.73 28.68 -27.22
C GLY C 167 63.80 27.38 -26.40
N PRO C 168 63.29 27.39 -25.15
CA PRO C 168 62.69 28.57 -24.54
C PRO C 168 63.70 29.67 -24.25
N TYR C 169 63.19 30.88 -24.02
CA TYR C 169 64.02 32.06 -23.81
C TYR C 169 63.92 32.55 -22.38
N SER C 170 65.04 32.99 -21.83
CA SER C 170 65.09 33.53 -20.48
C SER C 170 65.73 34.90 -20.51
N VAL C 171 65.40 35.70 -19.49
CA VAL C 171 65.89 37.06 -19.36
C VAL C 171 66.62 37.19 -18.04
N LEU C 172 67.83 37.72 -18.08
CA LEU C 172 68.59 37.97 -16.87
C LEU C 172 68.67 39.46 -16.63
N LEU C 173 68.31 39.91 -15.43
CA LEU C 173 68.27 41.35 -15.11
C LEU C 173 69.17 41.70 -13.94
N SER C 174 69.90 42.81 -14.07
CA SER C 174 70.68 43.37 -12.98
C SER C 174 69.78 43.61 -11.77
N ALA C 175 70.34 43.65 -10.57
CA ALA C 175 69.56 44.04 -9.38
C ALA C 175 68.69 45.28 -9.62
N GLU C 176 69.22 46.30 -10.28
CA GLU C 176 68.48 47.54 -10.48
C GLU C 176 67.27 47.38 -11.40
N VAL C 177 67.50 46.82 -12.58
CA VAL C 177 66.47 46.63 -13.57
C VAL C 177 65.42 45.64 -13.07
N TYR C 178 65.87 44.57 -12.43
CA TYR C 178 64.98 43.60 -11.83
C TYR C 178 64.04 44.29 -10.84
N THR C 179 64.60 45.09 -9.94
CA THR C 179 63.78 45.81 -8.96
C THR C 179 62.83 46.77 -9.67
N LYS C 180 63.33 47.47 -10.67
CA LYS C 180 62.45 48.37 -11.42
C LYS C 180 61.31 47.64 -12.11
N VAL C 181 61.63 46.52 -12.74
CA VAL C 181 60.63 45.71 -13.45
C VAL C 181 59.59 45.21 -12.46
N SER C 182 60.01 44.83 -11.27
CA SER C 182 59.07 44.24 -10.32
C SER C 182 58.12 45.27 -9.69
N GLU C 183 58.51 46.54 -9.67
CA GLU C 183 57.68 47.61 -9.07
C GLU C 183 56.87 48.46 -10.07
N THR C 184 57.34 48.54 -11.31
CA THR C 184 56.87 49.57 -12.21
C THR C 184 55.50 49.22 -12.76
N THR C 185 54.61 50.19 -12.72
CA THR C 185 53.31 50.04 -13.36
C THR C 185 53.24 51.03 -14.53
N GLU C 186 52.46 50.71 -15.55
CA GLU C 186 52.17 51.67 -16.61
C GLU C 186 50.66 51.86 -16.63
N HIS C 187 50.21 53.08 -16.30
CA HIS C 187 48.80 53.36 -16.11
C HIS C 187 48.14 52.34 -15.19
N GLY C 188 48.87 51.94 -14.15
CA GLY C 188 48.37 51.01 -13.14
C GLY C 188 48.70 49.54 -13.40
N TYR C 189 48.87 49.16 -14.66
CA TYR C 189 49.13 47.77 -14.99
C TYR C 189 50.61 47.42 -14.76
N PRO C 190 50.91 46.49 -13.85
CA PRO C 190 52.29 46.12 -13.51
C PRO C 190 53.07 45.55 -14.69
N ILE C 191 54.18 46.18 -15.08
CA ILE C 191 54.89 45.71 -16.25
C ILE C 191 55.46 44.30 -16.05
N ARG C 192 55.56 43.85 -14.79
CA ARG C 192 56.01 42.48 -14.54
C ARG C 192 55.04 41.44 -15.07
N GLU C 193 53.73 41.70 -15.00
CA GLU C 193 52.76 40.74 -15.55
C GLU C 193 52.91 40.62 -17.06
N HIS C 194 53.12 41.75 -17.72
CA HIS C 194 53.30 41.78 -19.16
C HIS C 194 54.56 41.00 -19.50
N LEU C 195 55.65 41.34 -18.83
CA LEU C 195 56.94 40.77 -19.11
C LEU C 195 57.01 39.27 -18.81
N ASN C 196 56.41 38.83 -17.71
CA ASN C 196 56.45 37.40 -17.38
C ASN C 196 55.75 36.51 -18.38
N ARG C 197 54.65 36.98 -18.95
CA ARG C 197 53.87 36.15 -19.85
C ARG C 197 54.44 36.19 -21.26
N LEU C 198 55.28 37.18 -21.52
CA LEU C 198 55.95 37.34 -22.80
C LEU C 198 57.08 36.33 -23.00
N VAL C 199 57.70 35.93 -21.91
CA VAL C 199 58.91 35.09 -21.92
C VAL C 199 58.51 33.71 -21.46
N ASP C 200 58.71 32.71 -22.33
CA ASP C 200 58.36 31.33 -21.97
C ASP C 200 59.28 30.73 -20.90
N GLY C 201 60.49 31.27 -20.75
CA GLY C 201 61.42 30.82 -19.72
C GLY C 201 61.25 31.64 -18.45
N ASP C 202 62.36 32.01 -17.83
CA ASP C 202 62.32 32.75 -16.57
C ASP C 202 62.86 34.16 -16.65
N ILE C 203 62.45 35.02 -15.71
CA ILE C 203 63.05 36.33 -15.52
C ILE C 203 63.93 36.23 -14.30
N ILE C 204 65.22 36.37 -14.49
CA ILE C 204 66.18 35.95 -13.49
C ILE C 204 66.92 37.12 -12.82
N TRP C 205 66.90 37.07 -11.48
CA TRP C 205 67.66 37.94 -10.61
C TRP C 205 69.14 37.75 -10.87
N ALA C 206 69.80 38.75 -11.46
CA ALA C 206 71.22 38.67 -11.75
C ALA C 206 72.04 39.82 -11.17
N PRO C 207 72.22 39.85 -9.83
CA PRO C 207 72.86 41.00 -9.17
C PRO C 207 74.32 41.25 -9.57
N ALA C 208 74.97 40.24 -10.13
CA ALA C 208 76.38 40.39 -10.54
C ALA C 208 76.59 41.22 -11.83
N ILE C 209 75.56 41.36 -12.67
CA ILE C 209 75.73 42.01 -14.00
C ILE C 209 75.14 43.42 -14.05
N ASP C 210 75.52 44.21 -15.05
CA ASP C 210 74.85 45.47 -15.41
C ASP C 210 73.99 45.25 -16.64
N GLY C 211 72.90 45.99 -16.75
CA GLY C 211 71.97 45.76 -17.84
C GLY C 211 71.24 44.41 -17.75
N ALA C 212 71.17 43.73 -18.89
CA ALA C 212 70.35 42.54 -19.00
C ALA C 212 70.82 41.67 -20.15
N PHE C 213 70.39 40.41 -20.14
CA PHE C 213 70.63 39.49 -21.27
C PHE C 213 69.34 38.76 -21.57
N VAL C 214 69.12 38.50 -22.84
CA VAL C 214 68.02 37.63 -23.24
C VAL C 214 68.68 36.51 -24.02
N LEU C 215 68.43 35.26 -23.64
CA LEU C 215 69.07 34.16 -24.34
C LEU C 215 68.25 32.89 -24.36
N SER C 216 68.68 31.95 -25.19
CA SER C 216 67.93 30.72 -25.32
C SER C 216 68.47 29.72 -24.31
N THR C 217 67.59 28.94 -23.69
CA THR C 217 68.07 27.87 -22.83
C THR C 217 67.81 26.50 -23.45
N ARG C 218 67.84 26.43 -24.78
CA ARG C 218 67.57 25.20 -25.49
C ARG C 218 68.64 24.15 -25.17
N GLY C 219 69.82 24.60 -24.75
CA GLY C 219 70.89 23.70 -24.38
C GLY C 219 71.88 23.61 -25.51
N GLY C 220 73.15 23.44 -25.16
CA GLY C 220 74.21 23.26 -26.15
C GLY C 220 74.93 24.53 -26.57
N ASP C 221 74.50 25.68 -26.05
CA ASP C 221 75.14 26.93 -26.45
C ASP C 221 76.11 27.48 -25.41
N PHE C 222 75.81 27.26 -24.13
CA PHE C 222 76.58 27.88 -23.06
C PHE C 222 77.09 26.81 -22.13
N ASP C 223 78.41 26.64 -22.09
CA ASP C 223 79.02 25.52 -21.39
C ASP C 223 79.80 25.95 -20.14
N LEU C 224 79.21 25.69 -18.97
CA LEU C 224 79.96 25.91 -17.74
C LEU C 224 80.51 24.58 -17.31
N ARG C 225 81.80 24.36 -17.54
CA ARG C 225 82.48 23.09 -17.17
C ARG C 225 83.06 23.10 -15.80
N LEU C 226 82.52 22.25 -14.93
CA LEU C 226 83.06 22.14 -13.59
C LEU C 226 84.12 21.05 -13.50
N GLY C 227 85.30 21.44 -13.04
CA GLY C 227 86.29 20.47 -12.59
C GLY C 227 85.89 20.05 -11.18
N THR C 228 85.93 21.00 -10.25
CA THR C 228 85.37 20.77 -8.92
C THR C 228 84.45 21.93 -8.55
N ASP C 229 83.33 21.59 -7.93
CA ASP C 229 82.29 22.55 -7.59
C ASP C 229 82.65 23.28 -6.30
N VAL C 230 81.83 24.25 -5.90
CA VAL C 230 82.12 25.05 -4.72
C VAL C 230 82.50 24.19 -3.50
N SER C 231 83.64 24.46 -2.89
CA SER C 231 84.13 23.67 -1.75
C SER C 231 84.72 24.59 -0.70
N ILE C 232 84.75 24.13 0.54
CA ILE C 232 85.34 24.90 1.62
C ILE C 232 86.55 24.16 2.16
N GLY C 233 87.71 24.79 2.10
CA GLY C 233 88.96 24.19 2.56
C GLY C 233 89.56 24.96 3.71
N TYR C 234 90.61 24.40 4.29
CA TYR C 234 91.23 24.97 5.48
C TYR C 234 92.63 25.47 5.17
N LEU C 235 92.98 26.66 5.68
CA LEU C 235 94.35 27.19 5.55
C LEU C 235 95.18 27.10 6.86
N SER C 236 94.66 27.71 7.92
CA SER C 236 95.42 27.93 9.16
C SER C 236 94.48 28.39 10.25
N HIS C 237 94.99 28.42 11.47
CA HIS C 237 94.25 28.93 12.61
C HIS C 237 95.22 29.37 13.69
N ASP C 238 94.79 30.32 14.50
CA ASP C 238 95.51 30.67 15.72
C ASP C 238 94.54 30.52 16.91
N ALA C 239 94.84 31.16 18.03
CA ALA C 239 94.03 31.04 19.25
C ALA C 239 92.63 31.56 19.06
N GLU C 240 92.47 32.54 18.17
CA GLU C 240 91.25 33.34 18.06
C GLU C 240 90.42 32.99 16.82
N THR C 241 91.10 32.74 15.70
CA THR C 241 90.42 32.68 14.43
C THR C 241 90.82 31.45 13.61
N VAL C 242 90.02 31.13 12.60
CA VAL C 242 90.32 30.08 11.66
C VAL C 242 90.20 30.66 10.27
N GLN C 243 91.25 30.47 9.47
CA GLN C 243 91.18 30.89 8.09
C GLN C 243 90.86 29.75 7.13
N LEU C 244 89.76 29.94 6.39
CA LEU C 244 89.21 28.97 5.48
C LEU C 244 89.15 29.60 4.10
N TYR C 245 88.63 28.87 3.12
CA TYR C 245 88.37 29.45 1.80
C TYR C 245 87.23 28.71 1.11
N LEU C 246 86.57 29.42 0.19
CA LEU C 246 85.67 28.83 -0.81
C LEU C 246 86.48 28.72 -2.08
N GLU C 247 86.24 27.67 -2.84
CA GLU C 247 87.07 27.36 -3.98
C GLU C 247 86.26 26.60 -5.01
N GLU C 248 86.57 26.79 -6.28
CA GLU C 248 86.02 25.95 -7.36
C GLU C 248 86.95 26.05 -8.55
N THR C 249 86.97 25.00 -9.36
CA THR C 249 87.79 24.98 -10.57
C THR C 249 86.88 24.69 -11.75
N LEU C 250 86.85 25.60 -12.70
CA LEU C 250 85.89 25.51 -13.77
C LEU C 250 86.38 26.31 -14.96
N THR C 251 85.62 26.30 -16.04
CA THR C 251 85.72 27.34 -17.05
C THR C 251 84.39 27.50 -17.75
N PHE C 252 84.31 28.50 -18.61
CA PHE C 252 83.08 28.73 -19.31
C PHE C 252 83.36 28.90 -20.78
N LEU C 253 82.51 28.27 -21.60
CA LEU C 253 82.62 28.34 -23.08
C LEU C 253 81.30 28.73 -23.72
N CYS C 254 81.35 29.62 -24.71
CA CYS C 254 80.15 30.02 -25.44
C CYS C 254 80.26 29.50 -26.89
N TYR C 255 79.31 28.69 -27.33
CA TYR C 255 79.42 28.02 -28.64
C TYR C 255 78.61 28.68 -29.77
N THR C 256 77.78 29.65 -29.44
CA THR C 256 76.77 30.15 -30.36
C THR C 256 76.61 31.64 -30.17
N SER C 257 77.20 32.39 -31.07
CA SER C 257 77.23 33.82 -30.92
C SER C 257 75.81 34.40 -31.05
N GLU C 258 74.96 33.70 -31.80
CA GLU C 258 73.62 34.21 -32.08
C GLU C 258 72.56 33.77 -31.05
N ALA C 259 72.97 33.05 -30.01
CA ALA C 259 71.98 32.54 -29.07
C ALA C 259 71.67 33.49 -27.90
N SER C 260 72.32 34.66 -27.90
CA SER C 260 72.15 35.66 -26.83
C SER C 260 71.97 37.06 -27.38
N VAL C 261 71.30 37.89 -26.58
CA VAL C 261 71.21 39.30 -26.85
C VAL C 261 71.59 40.05 -25.58
N ALA C 262 72.59 40.93 -25.74
CA ALA C 262 73.10 41.79 -24.68
C ALA C 262 72.32 43.10 -24.64
N LEU C 263 71.97 43.55 -23.44
CA LEU C 263 71.30 44.86 -23.25
C LEU C 263 72.14 45.71 -22.30
N THR C 264 72.59 46.85 -22.77
CA THR C 264 73.46 47.70 -21.95
C THR C 264 72.64 48.61 -21.06
N PRO C 265 73.16 48.90 -19.85
CA PRO C 265 72.51 49.82 -18.93
C PRO C 265 72.51 51.23 -19.50
N MET D 1 72.83 3.58 -52.05
CA MET D 1 72.70 5.05 -52.04
C MET D 1 71.42 5.52 -52.73
N ASN D 2 70.87 6.62 -52.23
CA ASN D 2 69.80 7.34 -52.92
C ASN D 2 70.34 8.62 -53.57
N ASN D 3 69.44 9.42 -54.17
CA ASN D 3 69.83 10.60 -54.95
C ASN D 3 70.62 11.65 -54.19
N LEU D 4 70.59 11.57 -52.87
CA LEU D 4 71.31 12.51 -52.02
C LEU D 4 72.81 12.28 -52.06
N TYR D 5 73.22 11.05 -52.32
CA TYR D 5 74.63 10.65 -52.32
C TYR D 5 75.41 11.10 -51.09
N ARG D 6 74.75 11.15 -49.94
CA ARG D 6 75.35 11.60 -48.69
C ARG D 6 76.67 10.84 -48.45
N GLU D 7 76.66 9.55 -48.76
CA GLU D 7 77.79 8.64 -48.54
C GLU D 7 79.09 9.05 -49.27
N LEU D 8 79.00 9.88 -50.31
CA LEU D 8 80.20 10.30 -51.05
C LEU D 8 80.81 11.59 -50.48
N ALA D 9 80.09 12.24 -49.56
CA ALA D 9 80.54 13.48 -48.93
C ALA D 9 81.61 13.19 -47.88
N PRO D 10 82.70 13.97 -47.86
CA PRO D 10 83.65 13.80 -46.75
C PRO D 10 83.11 14.48 -45.46
N VAL D 11 82.07 13.87 -44.90
CA VAL D 11 81.39 14.40 -43.74
C VAL D 11 81.19 13.20 -42.85
N THR D 12 81.66 13.29 -41.61
CA THR D 12 81.53 12.19 -40.64
C THR D 12 80.12 12.07 -40.12
N ASP D 13 79.79 10.92 -39.54
CA ASP D 13 78.46 10.69 -38.97
C ASP D 13 78.12 11.76 -37.95
N ALA D 14 79.10 12.07 -37.10
CA ALA D 14 78.95 13.11 -36.09
C ALA D 14 78.60 14.47 -36.71
N ALA D 15 79.31 14.86 -37.77
CA ALA D 15 79.05 16.11 -38.45
C ALA D 15 77.68 16.09 -39.12
N TRP D 16 77.35 14.98 -39.78
CA TRP D 16 76.01 14.81 -40.34
C TRP D 16 74.93 15.02 -39.29
N HIS D 17 75.13 14.45 -38.11
CA HIS D 17 74.15 14.58 -37.05
C HIS D 17 73.97 16.06 -36.67
N GLU D 18 75.08 16.78 -36.58
CA GLU D 18 75.02 18.19 -36.22
C GLU D 18 74.34 19.03 -37.30
N ILE D 19 74.65 18.72 -38.56
CA ILE D 19 74.14 19.49 -39.68
C ILE D 19 72.64 19.31 -39.75
N GLU D 20 72.18 18.08 -39.54
CA GLU D 20 70.75 17.77 -39.58
C GLU D 20 70.00 18.50 -38.47
N THR D 21 70.47 18.32 -37.23
CA THR D 21 69.91 18.95 -36.05
C THR D 21 69.75 20.46 -36.28
N GLU D 22 70.80 21.09 -36.81
CA GLU D 22 70.76 22.52 -37.04
C GLU D 22 69.75 22.90 -38.12
N ALA D 23 69.77 22.15 -39.22
CA ALA D 23 68.89 22.43 -40.35
C ALA D 23 67.46 22.33 -39.89
N ILE D 24 67.11 21.25 -39.19
CA ILE D 24 65.74 21.01 -38.80
C ILE D 24 65.23 22.09 -37.82
N ARG D 25 66.04 22.39 -36.80
CA ARG D 25 65.57 23.28 -35.75
C ARG D 25 65.51 24.71 -36.24
N THR D 26 66.47 25.08 -37.10
CA THR D 26 66.43 26.39 -37.74
C THR D 26 65.20 26.51 -38.64
N PHE D 27 65.01 25.50 -39.50
CA PHE D 27 63.81 25.40 -40.33
C PHE D 27 62.53 25.59 -39.51
N LYS D 28 62.38 24.80 -38.46
CA LYS D 28 61.20 24.86 -37.64
C LYS D 28 61.02 26.25 -36.99
N ARG D 29 62.12 26.95 -36.70
CA ARG D 29 62.02 28.26 -36.06
C ARG D 29 61.43 29.34 -37.00
N HIS D 30 61.67 29.19 -38.29
CA HIS D 30 61.19 30.14 -39.27
C HIS D 30 59.86 29.81 -39.93
N ILE D 31 59.52 28.53 -40.00
CA ILE D 31 58.37 28.11 -40.78
C ILE D 31 57.03 28.40 -40.04
N ALA D 32 56.06 28.88 -40.79
CA ALA D 32 54.77 29.23 -40.23
C ALA D 32 53.63 28.46 -40.87
N GLY D 33 53.70 28.30 -42.20
CA GLY D 33 52.63 27.62 -42.94
C GLY D 33 52.28 26.26 -42.34
N ARG D 34 53.31 25.44 -42.10
CA ARG D 34 53.08 24.07 -41.63
C ARG D 34 52.35 24.00 -40.29
N ARG D 35 52.34 25.12 -39.57
CA ARG D 35 51.63 25.17 -38.31
C ARG D 35 50.10 25.35 -38.47
N VAL D 36 49.65 25.73 -39.66
CA VAL D 36 48.22 25.97 -39.87
C VAL D 36 47.58 25.16 -41.01
N VAL D 37 48.38 24.79 -42.00
CA VAL D 37 47.85 24.02 -43.14
C VAL D 37 47.92 22.51 -42.86
N ASP D 38 47.21 21.72 -43.67
CA ASP D 38 47.32 20.27 -43.61
C ASP D 38 48.60 19.88 -44.32
N VAL D 39 49.46 19.17 -43.60
CA VAL D 39 50.74 18.69 -44.15
C VAL D 39 50.65 17.18 -44.27
N SER D 40 50.75 16.68 -45.51
CA SER D 40 50.58 15.26 -45.80
C SER D 40 51.81 14.46 -45.43
N GLU D 41 51.67 13.15 -45.34
CA GLU D 41 52.80 12.25 -45.20
C GLU D 41 53.55 12.26 -46.52
N PRO D 42 54.89 12.35 -46.49
CA PRO D 42 55.62 12.35 -47.77
C PRO D 42 55.28 11.09 -48.57
N SER D 43 54.95 11.25 -49.85
CA SER D 43 54.59 10.09 -50.67
C SER D 43 55.75 9.48 -51.44
N GLY D 44 56.93 10.07 -51.37
CA GLY D 44 58.12 9.49 -51.99
C GLY D 44 58.54 10.18 -53.28
N PRO D 45 59.73 9.82 -53.79
CA PRO D 45 60.33 10.56 -54.91
C PRO D 45 59.64 10.35 -56.27
N VAL D 46 58.76 9.35 -56.36
CA VAL D 46 58.06 9.11 -57.61
C VAL D 46 56.95 10.13 -57.89
N THR D 47 56.29 10.63 -56.85
CA THR D 47 55.13 11.55 -57.01
C THR D 47 55.53 12.79 -57.79
N ALA D 48 54.76 13.10 -58.83
CA ALA D 48 55.06 14.24 -59.69
C ALA D 48 53.92 15.24 -59.75
N ALA D 49 52.71 14.80 -59.40
CA ALA D 49 51.51 15.62 -59.57
C ALA D 49 50.45 15.27 -58.53
N VAL D 50 49.54 16.21 -58.28
CA VAL D 50 48.39 15.98 -57.41
C VAL D 50 47.12 16.16 -58.25
N SER D 51 46.31 15.12 -58.30
CA SER D 51 45.05 15.17 -59.02
C SER D 51 44.14 16.24 -58.42
N THR D 52 43.53 17.07 -59.25
CA THR D 52 42.58 18.03 -58.73
C THR D 52 41.16 17.55 -58.91
N GLY D 53 41.00 16.40 -59.57
CA GLY D 53 39.68 15.86 -59.88
C GLY D 53 38.99 16.45 -61.10
N HIS D 54 39.54 17.51 -61.69
CA HIS D 54 38.85 18.24 -62.76
C HIS D 54 39.14 17.69 -64.16
N LEU D 55 38.34 18.11 -65.14
CA LEU D 55 38.47 17.67 -66.52
C LEU D 55 38.78 18.88 -67.39
N ARG D 56 39.68 18.75 -68.36
CA ARG D 56 39.88 19.79 -69.36
C ARG D 56 39.42 19.29 -70.72
N ASP D 57 38.53 20.04 -71.38
CA ASP D 57 38.17 19.79 -72.79
C ASP D 57 39.39 19.80 -73.67
N ILE D 58 39.45 18.79 -74.53
CA ILE D 58 40.45 18.73 -75.61
C ILE D 58 39.74 18.28 -76.89
N SER D 59 40.35 18.54 -78.04
CA SER D 59 39.70 18.15 -79.29
C SER D 59 39.62 16.61 -79.40
N PRO D 60 38.50 16.10 -79.92
CA PRO D 60 38.28 14.65 -79.88
C PRO D 60 39.22 13.88 -80.80
N PRO D 61 39.42 12.56 -80.52
CA PRO D 61 40.28 11.72 -81.35
C PRO D 61 39.58 11.23 -82.63
N GLY D 62 38.32 11.59 -82.83
CA GLY D 62 37.54 11.18 -83.99
C GLY D 62 36.07 11.47 -83.74
N ASP D 63 35.23 11.21 -84.73
CA ASP D 63 33.80 11.47 -84.56
C ASP D 63 33.17 10.56 -83.52
N GLY D 64 32.21 11.12 -82.78
CA GLY D 64 31.43 10.38 -81.80
C GLY D 64 32.17 9.99 -80.54
N VAL D 65 33.35 10.55 -80.35
CA VAL D 65 34.12 10.36 -79.14
C VAL D 65 34.35 11.70 -78.45
N VAL D 66 34.18 11.73 -77.15
CA VAL D 66 34.32 12.95 -76.36
C VAL D 66 35.51 12.72 -75.46
N ALA D 67 36.48 13.63 -75.53
CA ALA D 67 37.72 13.50 -74.80
C ALA D 67 37.96 14.63 -73.78
N HIS D 68 38.52 14.26 -72.63
CA HIS D 68 38.88 15.23 -71.60
C HIS D 68 40.21 14.83 -70.97
N LEU D 69 41.10 15.80 -70.79
CA LEU D 69 42.34 15.54 -70.05
C LEU D 69 42.10 15.65 -68.56
N ARG D 70 42.73 14.78 -67.79
CA ARG D 70 42.69 14.87 -66.33
C ARG D 70 43.63 15.98 -65.82
N GLU D 71 43.09 16.91 -65.03
CA GLU D 71 43.92 17.99 -64.46
C GLU D 71 44.63 17.56 -63.19
N SER D 72 45.87 18.02 -63.03
CA SER D 72 46.63 17.81 -61.83
C SER D 72 47.54 19.02 -61.60
N LYS D 73 48.02 19.18 -60.36
CA LYS D 73 49.00 20.20 -60.03
C LYS D 73 50.36 19.51 -59.94
N PRO D 74 51.37 20.06 -60.65
CA PRO D 74 52.73 19.47 -60.58
C PRO D 74 53.38 19.79 -59.25
N LEU D 75 54.20 18.88 -58.73
CA LEU D 75 55.02 19.16 -57.57
C LEU D 75 56.22 19.95 -58.03
N VAL D 76 56.78 20.79 -57.16
CA VAL D 76 58.03 21.50 -57.44
C VAL D 76 59.12 21.01 -56.50
N ARG D 77 60.32 20.88 -57.06
CA ARG D 77 61.50 20.64 -56.27
C ARG D 77 62.23 21.96 -56.00
N LEU D 78 62.41 22.24 -54.70
CA LEU D 78 63.11 23.42 -54.22
C LEU D 78 64.43 22.98 -53.61
N ARG D 79 65.51 23.50 -54.19
CA ARG D 79 66.84 23.14 -53.76
C ARG D 79 67.66 24.38 -53.41
N VAL D 80 68.25 24.36 -52.21
CA VAL D 80 69.04 25.47 -51.70
C VAL D 80 70.46 24.98 -51.41
N PRO D 81 71.40 25.24 -52.34
CA PRO D 81 72.78 24.81 -52.16
C PRO D 81 73.44 25.64 -51.07
N PHE D 82 74.35 25.02 -50.32
CA PHE D 82 75.18 25.74 -49.33
C PHE D 82 76.55 25.06 -49.19
N THR D 83 77.52 25.82 -48.69
CA THR D 83 78.88 25.32 -48.61
C THR D 83 79.39 25.42 -47.17
N VAL D 84 80.01 24.35 -46.68
CA VAL D 84 80.59 24.36 -45.33
C VAL D 84 82.08 24.10 -45.44
N THR D 85 82.85 24.56 -44.46
CA THR D 85 84.29 24.35 -44.47
C THR D 85 84.56 22.96 -43.94
N ARG D 86 85.62 22.34 -44.42
CA ARG D 86 85.94 20.98 -44.01
C ARG D 86 86.53 21.00 -42.60
N SER D 87 87.04 22.14 -42.17
CA SER D 87 87.48 22.21 -40.78
C SER D 87 86.27 22.26 -39.85
N ALA D 88 85.18 22.95 -40.23
CA ALA D 88 83.94 22.84 -39.45
C ALA D 88 83.53 21.37 -39.31
N ILE D 89 83.58 20.64 -40.43
CA ILE D 89 83.20 19.25 -40.45
C ILE D 89 84.10 18.40 -39.57
N ASP D 90 85.40 18.52 -39.78
CA ASP D 90 86.34 17.61 -39.15
C ASP D 90 86.48 17.86 -37.67
N ASP D 91 86.31 19.11 -37.23
CA ASP D 91 86.42 19.48 -35.81
C ASP D 91 85.41 18.76 -34.95
N VAL D 92 84.27 18.40 -35.53
CA VAL D 92 83.21 17.77 -34.78
C VAL D 92 83.68 16.52 -34.03
N GLU D 93 84.36 15.63 -34.75
CA GLU D 93 84.82 14.39 -34.17
C GLU D 93 85.88 14.66 -33.11
N ARG D 94 86.56 15.79 -33.21
CA ARG D 94 87.58 16.18 -32.24
C ARG D 94 87.02 16.81 -30.96
N GLY D 95 85.69 16.93 -30.89
CA GLY D 95 85.00 17.44 -29.70
C GLY D 95 84.51 18.88 -29.82
N SER D 96 84.62 19.46 -31.01
CA SER D 96 84.18 20.82 -31.24
C SER D 96 82.69 20.98 -31.14
N GLN D 97 82.26 22.05 -30.49
CA GLN D 97 80.86 22.37 -30.31
C GLN D 97 80.43 23.70 -30.93
N ASP D 98 81.35 24.36 -31.62
CA ASP D 98 81.08 25.65 -32.24
C ASP D 98 81.50 25.64 -33.72
N SER D 99 81.39 24.48 -34.37
CA SER D 99 81.66 24.45 -35.81
C SER D 99 80.70 25.40 -36.54
N ASP D 100 81.21 26.05 -37.56
CA ASP D 100 80.44 27.06 -38.25
C ASP D 100 79.32 26.48 -39.11
N TRP D 101 78.10 26.37 -38.58
CA TRP D 101 76.98 25.95 -39.40
C TRP D 101 76.11 27.09 -39.91
N ASP D 102 76.65 28.30 -39.90
CA ASP D 102 75.96 29.47 -40.48
C ASP D 102 75.40 29.23 -41.90
N PRO D 103 76.23 28.62 -42.79
CA PRO D 103 75.69 28.32 -44.11
C PRO D 103 74.47 27.34 -44.08
N VAL D 104 74.44 26.41 -43.11
CA VAL D 104 73.29 25.52 -42.96
C VAL D 104 72.09 26.35 -42.54
N LYS D 105 72.27 27.24 -41.57
CA LYS D 105 71.17 28.05 -41.08
C LYS D 105 70.65 29.00 -42.13
N ALA D 106 71.55 29.56 -42.94
CA ALA D 106 71.16 30.47 -44.02
C ALA D 106 70.32 29.73 -45.05
N ALA D 107 70.72 28.48 -45.36
CA ALA D 107 69.95 27.64 -46.27
C ALA D 107 68.58 27.29 -45.73
N ALA D 108 68.50 26.94 -44.43
CA ALA D 108 67.22 26.57 -43.84
C ALA D 108 66.24 27.73 -43.82
N LYS D 109 66.75 28.94 -43.51
CA LYS D 109 65.95 30.15 -43.51
C LYS D 109 65.44 30.42 -44.92
N LYS D 110 66.36 30.32 -45.88
CA LYS D 110 66.00 30.54 -47.27
C LYS D 110 64.90 29.57 -47.72
N LEU D 111 65.04 28.30 -47.38
CA LEU D 111 64.02 27.31 -47.74
C LEU D 111 62.65 27.59 -47.07
N ALA D 112 62.63 27.81 -45.75
CA ALA D 112 61.40 28.15 -45.03
C ALA D 112 60.70 29.37 -45.65
N PHE D 113 61.47 30.42 -45.90
CA PHE D 113 60.94 31.61 -46.54
C PHE D 113 60.35 31.32 -47.91
N VAL D 114 61.03 30.48 -48.69
CA VAL D 114 60.52 30.16 -50.00
C VAL D 114 59.24 29.33 -49.88
N GLU D 115 59.22 28.40 -48.94
CA GLU D 115 58.02 27.57 -48.74
C GLU D 115 56.80 28.39 -48.32
N ASP D 116 56.97 29.19 -47.26
CA ASP D 116 55.91 30.03 -46.71
C ASP D 116 55.42 31.07 -47.68
N ARG D 117 56.34 31.67 -48.44
CA ARG D 117 55.93 32.65 -49.44
C ARG D 117 55.12 32.01 -50.54
N ALA D 118 55.49 30.79 -50.93
CA ALA D 118 54.70 30.04 -51.89
C ALA D 118 53.29 29.80 -51.34
N ILE D 119 53.19 29.25 -50.12
CA ILE D 119 51.90 29.02 -49.47
C ILE D 119 51.03 30.28 -49.37
N PHE D 120 51.58 31.38 -48.90
CA PHE D 120 50.75 32.55 -48.59
C PHE D 120 50.67 33.56 -49.70
N GLU D 121 51.78 33.74 -50.42
CA GLU D 121 51.84 34.73 -51.49
C GLU D 121 51.89 34.16 -52.92
N GLY D 122 51.97 32.83 -53.05
CA GLY D 122 51.91 32.16 -54.35
C GLY D 122 53.27 32.07 -55.00
N TYR D 123 53.39 31.19 -55.99
CA TYR D 123 54.63 31.00 -56.77
C TYR D 123 54.21 30.63 -58.21
N PRO D 124 54.05 31.64 -59.09
CA PRO D 124 53.40 31.42 -60.39
C PRO D 124 54.14 30.44 -61.31
N ALA D 125 55.47 30.53 -61.38
CA ALA D 125 56.27 29.56 -62.14
C ALA D 125 56.06 28.09 -61.74
N ALA D 126 55.69 27.83 -60.49
CA ALA D 126 55.44 26.46 -59.98
C ALA D 126 53.94 26.11 -60.02
N GLN D 127 53.15 27.03 -60.58
CA GLN D 127 51.70 26.91 -60.67
C GLN D 127 51.01 26.83 -59.30
N ILE D 128 51.55 27.53 -58.32
CA ILE D 128 50.99 27.57 -56.98
C ILE D 128 50.29 28.90 -56.74
N ASP D 129 48.97 28.86 -56.56
CA ASP D 129 48.24 30.02 -56.05
C ASP D 129 48.26 29.95 -54.53
N GLY D 130 48.79 31.00 -53.90
CA GLY D 130 48.82 31.07 -52.45
C GLY D 130 47.48 31.51 -51.88
N ILE D 131 47.39 31.50 -50.55
CA ILE D 131 46.16 31.89 -49.87
C ILE D 131 45.75 33.30 -50.24
N ARG D 132 46.74 34.18 -50.41
CA ARG D 132 46.52 35.56 -50.85
C ARG D 132 45.76 35.63 -52.17
N GLN D 133 46.13 34.82 -53.16
CA GLN D 133 45.37 34.82 -54.42
C GLN D 133 44.04 34.08 -54.22
N CYS D 134 44.03 33.04 -53.39
CA CYS D 134 42.89 32.17 -53.21
C CYS D 134 41.70 32.85 -52.53
N THR D 135 41.99 33.68 -51.51
CA THR D 135 40.94 34.21 -50.62
C THR D 135 39.86 34.99 -51.37
N SER D 136 38.61 34.83 -50.95
CA SER D 136 37.51 35.59 -51.51
C SER D 136 36.84 36.52 -50.48
N ASN D 137 37.29 36.50 -49.23
CA ASN D 137 36.77 37.44 -48.23
C ASN D 137 37.39 38.82 -48.42
N PRO D 138 36.65 39.89 -48.04
CA PRO D 138 37.24 41.24 -48.08
C PRO D 138 38.62 41.31 -47.41
N VAL D 139 39.60 41.83 -48.14
CA VAL D 139 40.94 42.07 -47.61
C VAL D 139 40.91 43.30 -46.69
N LEU D 140 41.57 43.19 -45.54
CA LEU D 140 41.55 44.25 -44.52
C LEU D 140 42.93 44.90 -44.38
N GLN D 141 42.93 46.13 -43.90
CA GLN D 141 44.15 46.92 -43.80
C GLN D 141 44.65 46.91 -42.34
N LEU D 142 45.89 46.51 -42.11
CA LEU D 142 46.48 46.64 -40.77
C LEU D 142 46.61 48.12 -40.37
N PRO D 143 46.18 48.48 -39.15
CA PRO D 143 46.17 49.89 -38.75
C PRO D 143 47.58 50.47 -38.51
N ASP D 144 47.73 51.79 -38.62
CA ASP D 144 49.02 52.42 -38.30
C ASP D 144 49.31 52.28 -36.80
N ASP D 145 48.26 52.41 -36.02
CA ASP D 145 48.35 52.30 -34.58
C ASP D 145 48.19 50.83 -34.15
N ALA D 146 49.25 50.24 -33.60
CA ALA D 146 49.20 48.83 -33.18
C ALA D 146 48.09 48.56 -32.18
N ARG D 147 47.66 49.59 -31.46
CA ARG D 147 46.62 49.42 -30.45
C ARG D 147 45.29 49.05 -31.10
N ASP D 148 45.18 49.26 -32.41
CA ASP D 148 43.95 48.93 -33.13
C ASP D 148 43.97 47.57 -33.82
N ILE D 149 45.03 46.79 -33.61
CA ILE D 149 45.14 45.49 -34.29
C ILE D 149 44.00 44.58 -33.90
N THR D 150 43.62 44.57 -32.62
CA THR D 150 42.50 43.72 -32.20
C THR D 150 41.20 44.04 -32.94
N ASP D 151 41.01 45.28 -33.38
CA ASP D 151 39.81 45.62 -34.15
C ASP D 151 39.75 44.88 -35.48
N VAL D 152 40.84 44.94 -36.25
CA VAL D 152 40.87 44.28 -37.56
C VAL D 152 40.84 42.75 -37.45
N ILE D 153 41.56 42.20 -36.48
CA ILE D 153 41.49 40.76 -36.22
C ILE D 153 40.03 40.34 -35.92
N ALA D 154 39.32 41.16 -35.15
CA ALA D 154 37.95 40.86 -34.79
C ALA D 154 37.05 40.93 -36.02
N GLN D 155 37.25 41.92 -36.87
CA GLN D 155 36.52 41.98 -38.13
C GLN D 155 36.85 40.78 -39.00
N ALA D 156 38.11 40.35 -38.99
CA ALA D 156 38.49 39.21 -39.80
C ALA D 156 37.74 37.95 -39.36
N LEU D 157 37.64 37.76 -38.04
CA LEU D 157 36.97 36.59 -37.46
C LEU D 157 35.51 36.60 -37.87
N SER D 158 34.91 37.78 -37.78
CA SER D 158 33.54 37.96 -38.18
C SER D 158 33.34 37.67 -39.68
N GLU D 159 34.31 38.03 -40.52
CA GLU D 159 34.22 37.68 -41.93
C GLU D 159 34.18 36.16 -42.13
N LEU D 160 35.02 35.44 -41.37
CA LEU D 160 35.09 34.01 -41.48
C LEU D 160 33.78 33.38 -41.04
N ARG D 161 33.26 33.86 -39.92
CA ARG D 161 32.02 33.31 -39.37
C ARG D 161 30.85 33.54 -40.31
N LEU D 162 30.71 34.77 -40.81
CA LEU D 162 29.63 35.11 -41.72
C LEU D 162 29.70 34.32 -43.02
N ALA D 163 30.90 33.91 -43.40
CA ALA D 163 31.10 33.05 -44.57
C ALA D 163 30.78 31.57 -44.29
N GLY D 164 30.33 31.28 -43.07
CA GLY D 164 29.90 29.94 -42.68
C GLY D 164 31.04 28.98 -42.40
N VAL D 165 32.21 29.51 -42.06
CA VAL D 165 33.38 28.68 -41.87
C VAL D 165 33.65 28.47 -40.41
N ASP D 166 33.60 27.22 -39.95
CA ASP D 166 33.90 26.88 -38.55
C ASP D 166 35.39 27.00 -38.22
N GLY D 167 35.70 27.18 -36.94
CA GLY D 167 37.10 27.25 -36.47
C GLY D 167 37.71 25.88 -36.16
N PRO D 168 38.73 25.84 -35.31
CA PRO D 168 39.27 27.03 -34.66
C PRO D 168 39.99 27.97 -35.64
N TYR D 169 40.27 29.18 -35.18
CA TYR D 169 40.88 30.18 -36.04
C TYR D 169 42.25 30.53 -35.54
N SER D 170 43.21 30.68 -36.45
CA SER D 170 44.56 31.07 -36.10
C SER D 170 44.95 32.33 -36.83
N VAL D 171 45.88 33.07 -36.25
CA VAL D 171 46.32 34.34 -36.83
C VAL D 171 47.80 34.24 -37.10
N LEU D 172 48.20 34.50 -38.34
CA LEU D 172 49.63 34.55 -38.66
C LEU D 172 50.11 35.99 -38.75
N LEU D 173 51.19 36.31 -38.05
CA LEU D 173 51.71 37.69 -38.08
C LEU D 173 53.13 37.79 -38.62
N SER D 174 53.37 38.79 -39.48
CA SER D 174 54.73 39.11 -39.93
C SER D 174 55.61 39.40 -38.72
N ALA D 175 56.93 39.27 -38.90
CA ALA D 175 57.86 39.54 -37.80
C ALA D 175 57.57 40.90 -37.14
N GLU D 176 57.26 41.89 -37.98
CA GLU D 176 57.08 43.25 -37.51
C GLU D 176 55.83 43.36 -36.66
N VAL D 177 54.73 42.84 -37.18
CA VAL D 177 53.45 42.91 -36.48
C VAL D 177 53.48 42.07 -35.20
N TYR D 178 54.07 40.87 -35.28
CA TYR D 178 54.19 40.03 -34.12
C TYR D 178 54.93 40.75 -32.99
N THR D 179 56.05 41.37 -33.33
CA THR D 179 56.83 42.10 -32.33
C THR D 179 56.01 43.26 -31.78
N LYS D 180 55.31 43.99 -32.65
CA LYS D 180 54.44 45.06 -32.19
C LYS D 180 53.34 44.55 -31.25
N VAL D 181 52.69 43.47 -31.65
CA VAL D 181 51.60 42.92 -30.86
C VAL D 181 52.11 42.48 -29.49
N SER D 182 53.32 41.92 -29.45
CA SER D 182 53.82 41.34 -28.22
C SER D 182 54.25 42.42 -27.20
N GLU D 183 54.63 43.59 -27.69
CA GLU D 183 55.12 44.67 -26.82
C GLU D 183 54.10 45.77 -26.51
N THR D 184 53.08 45.94 -27.34
CA THR D 184 52.23 47.13 -27.27
C THR D 184 51.19 47.06 -26.15
N THR D 185 50.98 48.20 -25.49
CA THR D 185 49.97 48.31 -24.47
C THR D 185 49.01 49.43 -24.85
N GLU D 186 47.74 49.29 -24.43
CA GLU D 186 46.77 50.37 -24.53
C GLU D 186 46.40 50.76 -23.12
N HIS D 187 46.77 51.98 -22.73
CA HIS D 187 46.60 52.48 -21.38
C HIS D 187 47.16 51.49 -20.37
N GLY D 188 48.30 50.89 -20.71
CA GLY D 188 48.98 49.95 -19.83
C GLY D 188 48.62 48.49 -20.05
N TYR D 189 47.43 48.20 -20.61
CA TYR D 189 46.99 46.80 -20.78
C TYR D 189 47.58 46.21 -22.06
N PRO D 190 48.32 45.09 -21.95
CA PRO D 190 49.01 44.50 -23.10
C PRO D 190 48.02 43.99 -24.14
N ILE D 191 48.13 44.49 -25.37
CA ILE D 191 47.15 44.08 -26.37
C ILE D 191 47.30 42.60 -26.71
N ARG D 192 48.46 42.02 -26.39
CA ARG D 192 48.64 40.59 -26.58
C ARG D 192 47.67 39.78 -25.70
N GLU D 193 47.40 40.26 -24.48
CA GLU D 193 46.49 39.53 -23.59
C GLU D 193 45.07 39.50 -24.16
N HIS D 194 44.65 40.63 -24.73
CA HIS D 194 43.35 40.74 -25.39
C HIS D 194 43.31 39.79 -26.61
N LEU D 195 44.26 39.96 -27.51
CA LEU D 195 44.33 39.20 -28.74
C LEU D 195 44.47 37.70 -28.54
N ASN D 196 45.30 37.27 -27.59
CA ASN D 196 45.42 35.83 -27.34
C ASN D 196 44.14 35.16 -26.87
N ARG D 197 43.34 35.85 -26.06
CA ARG D 197 42.10 35.25 -25.59
C ARG D 197 40.98 35.38 -26.63
N LEU D 198 41.17 36.27 -27.60
CA LEU D 198 40.20 36.48 -28.66
C LEU D 198 40.20 35.34 -29.68
N VAL D 199 41.34 34.69 -29.80
CA VAL D 199 41.57 33.67 -30.82
C VAL D 199 41.66 32.31 -30.11
N ASP D 200 40.76 31.39 -30.48
CA ASP D 200 40.79 30.04 -29.89
C ASP D 200 41.99 29.19 -30.37
N GLY D 201 42.54 29.50 -31.54
CA GLY D 201 43.75 28.85 -32.09
C GLY D 201 45.01 29.55 -31.62
N ASP D 202 46.03 29.65 -32.47
CA ASP D 202 47.30 30.30 -32.05
C ASP D 202 47.59 31.63 -32.75
N ILE D 203 48.51 32.42 -32.16
CA ILE D 203 49.05 33.58 -32.84
C ILE D 203 50.46 33.20 -33.26
N ILE D 204 50.66 33.13 -34.56
CA ILE D 204 51.85 32.50 -35.12
C ILE D 204 52.86 33.49 -35.71
N TRP D 205 54.11 33.27 -35.31
CA TRP D 205 55.30 33.89 -35.81
C TRP D 205 55.44 33.52 -37.28
N ALA D 206 55.34 34.50 -38.16
CA ALA D 206 55.41 34.22 -39.59
C ALA D 206 56.38 35.21 -40.24
N PRO D 207 57.68 35.09 -39.94
CA PRO D 207 58.65 36.09 -40.41
C PRO D 207 58.78 36.15 -41.94
N ALA D 208 58.24 35.16 -42.63
CA ALA D 208 58.37 35.11 -44.10
C ALA D 208 57.41 36.05 -44.86
N ILE D 209 56.32 36.44 -44.21
CA ILE D 209 55.24 37.16 -44.88
C ILE D 209 55.22 38.63 -44.46
N ASP D 210 54.49 39.47 -45.21
CA ASP D 210 54.17 40.83 -44.75
C ASP D 210 52.69 40.88 -44.39
N GLY D 211 52.31 41.73 -43.46
CA GLY D 211 50.91 41.75 -43.06
C GLY D 211 50.55 40.57 -42.18
N ALA D 212 49.36 40.03 -42.40
CA ALA D 212 48.81 39.00 -41.54
C ALA D 212 47.74 38.17 -42.24
N PHE D 213 47.43 37.02 -41.65
CA PHE D 213 46.34 36.20 -42.16
C PHE D 213 45.60 35.70 -40.97
N VAL D 214 44.28 35.64 -41.10
CA VAL D 214 43.47 34.95 -40.11
C VAL D 214 42.80 33.84 -40.89
N LEU D 215 43.03 32.60 -40.49
CA LEU D 215 42.41 31.49 -41.24
C LEU D 215 41.85 30.40 -40.33
N SER D 216 40.96 29.57 -40.88
CA SER D 216 40.45 28.43 -40.14
C SER D 216 41.41 27.25 -40.24
N THR D 217 41.59 26.53 -39.14
CA THR D 217 42.38 25.31 -39.18
C THR D 217 41.45 24.11 -38.96
N ARG D 218 40.23 24.21 -39.46
CA ARG D 218 39.30 23.10 -39.34
C ARG D 218 39.79 21.89 -40.11
N GLY D 219 40.70 22.08 -41.07
CA GLY D 219 41.24 20.99 -41.91
C GLY D 219 40.53 20.87 -43.24
N GLY D 220 41.25 20.44 -44.28
CA GLY D 220 40.66 20.24 -45.61
C GLY D 220 40.54 21.45 -46.51
N ASP D 221 41.10 22.58 -46.09
CA ASP D 221 41.03 23.81 -46.88
C ASP D 221 42.37 24.12 -47.54
N PHE D 222 43.45 23.79 -46.84
CA PHE D 222 44.78 24.19 -47.26
C PHE D 222 45.66 22.94 -47.27
N ASP D 223 46.18 22.61 -48.43
CA ASP D 223 46.81 21.32 -48.66
C ASP D 223 48.27 21.46 -49.10
N LEU D 224 49.19 21.23 -48.16
CA LEU D 224 50.60 21.15 -48.49
C LEU D 224 50.91 19.68 -48.71
N ARG D 225 51.08 19.27 -49.98
CA ARG D 225 51.44 17.89 -50.34
C ARG D 225 52.92 17.66 -50.46
N LEU D 226 53.45 16.80 -49.59
CA LEU D 226 54.86 16.50 -49.62
C LEU D 226 55.12 15.27 -50.45
N GLY D 227 55.99 15.43 -51.45
CA GLY D 227 56.56 14.32 -52.17
C GLY D 227 57.67 13.81 -51.29
N THR D 228 58.69 14.63 -51.09
CA THR D 228 59.74 14.33 -50.14
C THR D 228 59.99 15.54 -49.22
N ASP D 229 60.21 15.28 -47.94
CA ASP D 229 60.31 16.35 -46.96
C ASP D 229 61.73 16.89 -46.96
N VAL D 230 61.97 17.98 -46.22
CA VAL D 230 63.28 18.61 -46.14
C VAL D 230 64.43 17.58 -46.02
N SER D 231 65.39 17.64 -46.96
CA SER D 231 66.51 16.70 -46.98
C SER D 231 67.82 17.40 -47.26
N ILE D 232 68.90 16.80 -46.79
CA ILE D 232 70.25 17.28 -47.03
C ILE D 232 71.03 16.32 -47.92
N GLY D 233 71.52 16.82 -49.05
CA GLY D 233 72.24 15.99 -49.98
C GLY D 233 73.59 16.57 -50.32
N TYR D 234 74.37 15.79 -51.07
CA TYR D 234 75.75 16.12 -51.36
C TYR D 234 75.94 16.46 -52.84
N LEU D 235 76.71 17.52 -53.13
CA LEU D 235 77.05 17.86 -54.52
C LEU D 235 78.52 17.61 -54.88
N SER D 236 79.44 18.31 -54.25
CA SER D 236 80.84 18.22 -54.61
C SER D 236 81.69 18.62 -53.42
N HIS D 237 82.99 18.38 -53.50
CA HIS D 237 83.91 18.92 -52.51
C HIS D 237 85.27 19.26 -53.13
N ASP D 238 86.01 20.19 -52.52
CA ASP D 238 87.43 20.32 -52.82
C ASP D 238 88.23 20.09 -51.54
N ALA D 239 89.49 20.54 -51.52
CA ALA D 239 90.36 20.29 -50.35
C ALA D 239 89.83 20.97 -49.10
N GLU D 240 89.13 22.09 -49.27
CA GLU D 240 88.76 22.95 -48.13
C GLU D 240 87.28 23.02 -47.77
N THR D 241 86.41 22.74 -48.74
CA THR D 241 84.98 22.91 -48.52
C THR D 241 84.15 21.76 -49.08
N VAL D 242 82.94 21.65 -48.58
CA VAL D 242 81.98 20.69 -49.12
C VAL D 242 80.75 21.47 -49.53
N GLN D 243 80.29 21.28 -50.78
CA GLN D 243 79.00 21.81 -51.20
C GLN D 243 77.89 20.77 -50.99
N LEU D 244 76.95 21.12 -50.11
CA LEU D 244 75.72 20.36 -49.85
C LEU D 244 74.49 21.17 -50.33
N TYR D 245 73.29 20.64 -50.08
CA TYR D 245 72.05 21.41 -50.31
C TYR D 245 70.95 20.90 -49.36
N LEU D 246 69.98 21.79 -49.12
CA LEU D 246 68.67 21.42 -48.59
C LEU D 246 67.69 21.30 -49.73
N GLU D 247 66.80 20.31 -49.68
CA GLU D 247 65.74 20.22 -50.67
C GLU D 247 64.46 19.56 -50.15
N GLU D 248 63.36 19.87 -50.83
CA GLU D 248 62.09 19.18 -50.66
C GLU D 248 61.35 19.27 -52.01
N THR D 249 60.43 18.34 -52.21
CA THR D 249 59.60 18.35 -53.40
C THR D 249 58.19 18.31 -52.89
N LEU D 250 57.40 19.32 -53.27
CA LEU D 250 56.06 19.52 -52.72
C LEU D 250 55.19 20.39 -53.62
N THR D 251 53.93 20.55 -53.23
CA THR D 251 53.10 21.61 -53.77
C THR D 251 52.09 22.03 -52.73
N PHE D 252 51.42 23.14 -53.02
CA PHE D 252 50.38 23.63 -52.13
C PHE D 252 49.11 23.89 -52.91
N LEU D 253 47.99 23.39 -52.38
CA LEU D 253 46.66 23.62 -52.94
C LEU D 253 45.74 24.27 -51.93
N CYS D 254 45.01 25.28 -52.38
CA CYS D 254 44.02 25.95 -51.55
C CYS D 254 42.66 25.60 -52.12
N TYR D 255 41.85 24.95 -51.30
CA TYR D 255 40.55 24.43 -51.70
C TYR D 255 39.39 25.34 -51.36
N THR D 256 39.59 26.27 -50.44
CA THR D 256 38.45 27.06 -49.96
C THR D 256 38.80 28.53 -49.87
N SER D 257 38.21 29.29 -50.78
CA SER D 257 38.53 30.69 -50.90
C SER D 257 38.06 31.47 -49.68
N GLU D 258 36.99 31.03 -49.05
CA GLU D 258 36.45 31.78 -47.92
C GLU D 258 37.00 31.35 -46.55
N ALA D 259 37.93 30.40 -46.51
CA ALA D 259 38.47 29.94 -45.22
C ALA D 259 39.60 30.82 -44.69
N SER D 260 39.99 31.85 -45.44
CA SER D 260 41.02 32.76 -44.97
C SER D 260 40.63 34.22 -45.12
N VAL D 261 41.27 35.08 -44.33
CA VAL D 261 41.22 36.54 -44.53
C VAL D 261 42.64 37.07 -44.57
N ALA D 262 42.93 37.86 -45.59
CA ALA D 262 44.22 38.51 -45.70
C ALA D 262 44.19 39.92 -45.12
N LEU D 263 45.26 40.33 -44.47
CA LEU D 263 45.37 41.69 -43.97
C LEU D 263 46.66 42.23 -44.53
N THR D 264 46.57 43.34 -45.26
CA THR D 264 47.75 43.92 -45.89
C THR D 264 48.50 44.85 -44.93
N PRO D 265 49.84 44.92 -45.06
CA PRO D 265 50.69 45.73 -44.18
C PRO D 265 50.41 47.23 -44.32
N MET E 1 12.82 3.94 -50.37
CA MET E 1 12.91 5.41 -50.50
C MET E 1 11.94 6.12 -49.58
N ASN E 2 12.36 7.26 -49.06
CA ASN E 2 11.45 8.16 -48.33
C ASN E 2 11.15 9.41 -49.17
N ASN E 3 10.46 10.38 -48.58
CA ASN E 3 10.02 11.56 -49.31
C ASN E 3 11.17 12.38 -49.88
N LEU E 4 12.38 12.13 -49.42
CA LEU E 4 13.52 12.89 -49.91
C LEU E 4 13.97 12.46 -51.30
N TYR E 5 13.72 11.20 -51.67
CA TYR E 5 14.10 10.67 -53.00
C TYR E 5 15.55 10.89 -53.38
N ARG E 6 16.44 10.79 -52.40
CA ARG E 6 17.86 10.94 -52.64
C ARG E 6 18.34 9.97 -53.71
N GLU E 7 17.78 8.76 -53.68
CA GLU E 7 18.16 7.66 -54.56
C GLU E 7 17.97 7.98 -56.04
N LEU E 8 17.14 8.98 -56.35
CA LEU E 8 16.90 9.35 -57.74
C LEU E 8 17.85 10.40 -58.29
N ALA E 9 18.65 11.01 -57.43
CA ALA E 9 19.52 12.10 -57.86
C ALA E 9 20.81 11.55 -58.45
N PRO E 10 21.29 12.14 -59.55
CA PRO E 10 22.60 11.70 -60.04
C PRO E 10 23.71 12.27 -59.18
N VAL E 11 23.84 11.72 -57.98
CA VAL E 11 24.79 12.22 -57.00
C VAL E 11 25.39 10.98 -56.38
N THR E 12 26.72 10.91 -56.37
CA THR E 12 27.43 9.77 -55.82
C THR E 12 27.40 9.77 -54.28
N ASP E 13 27.69 8.63 -53.68
CA ASP E 13 27.76 8.52 -52.21
C ASP E 13 28.76 9.51 -51.68
N ALA E 14 29.89 9.61 -52.38
CA ALA E 14 30.96 10.51 -51.99
C ALA E 14 30.50 11.97 -52.05
N ALA E 15 29.87 12.38 -53.15
CA ALA E 15 29.29 13.71 -53.23
C ALA E 15 28.23 13.96 -52.14
N TRP E 16 27.37 12.99 -51.85
CA TRP E 16 26.39 13.16 -50.76
C TRP E 16 27.10 13.46 -49.45
N HIS E 17 28.18 12.74 -49.16
CA HIS E 17 28.90 12.93 -47.92
C HIS E 17 29.45 14.35 -47.86
N GLU E 18 29.95 14.87 -48.97
CA GLU E 18 30.50 16.22 -48.96
C GLU E 18 29.39 17.26 -48.80
N ILE E 19 28.26 17.01 -49.45
CA ILE E 19 27.16 17.94 -49.41
C ILE E 19 26.57 18.01 -48.00
N GLU E 20 26.36 16.85 -47.38
CA GLU E 20 25.88 16.76 -46.00
C GLU E 20 26.83 17.45 -45.03
N THR E 21 28.12 17.08 -45.10
CA THR E 21 29.13 17.66 -44.23
C THR E 21 29.10 19.20 -44.29
N GLU E 22 28.95 19.74 -45.48
CA GLU E 22 28.96 21.18 -45.65
C GLU E 22 27.68 21.81 -45.10
N ALA E 23 26.54 21.22 -45.40
CA ALA E 23 25.26 21.75 -44.92
C ALA E 23 25.30 21.82 -43.40
N ILE E 24 25.79 20.77 -42.77
CA ILE E 24 25.75 20.69 -41.33
C ILE E 24 26.68 21.69 -40.65
N ARG E 25 27.93 21.78 -41.10
CA ARG E 25 28.90 22.67 -40.44
C ARG E 25 28.56 24.13 -40.69
N THR E 26 28.08 24.43 -41.89
CA THR E 26 27.63 25.77 -42.23
C THR E 26 26.42 26.16 -41.37
N PHE E 27 25.39 25.30 -41.35
CA PHE E 27 24.21 25.50 -40.50
C PHE E 27 24.63 25.79 -39.06
N LYS E 28 25.49 24.92 -38.53
CA LYS E 28 25.97 25.02 -37.16
C LYS E 28 26.73 26.33 -36.91
N ARG E 29 27.47 26.82 -37.90
CA ARG E 29 28.23 28.03 -37.69
C ARG E 29 27.31 29.26 -37.60
N HIS E 30 26.13 29.19 -38.21
CA HIS E 30 25.19 30.32 -38.16
C HIS E 30 24.13 30.29 -37.06
N ILE E 31 23.74 29.09 -36.64
CA ILE E 31 22.60 28.93 -35.74
C ILE E 31 22.94 29.31 -34.29
N ALA E 32 22.02 30.00 -33.63
CA ALA E 32 22.21 30.39 -32.21
C ALA E 32 21.15 29.79 -31.28
N GLY E 33 19.89 29.84 -31.70
CA GLY E 33 18.80 29.35 -30.88
C GLY E 33 19.05 28.00 -30.25
N ARG E 34 19.52 27.05 -31.06
CA ARG E 34 19.73 25.68 -30.60
C ARG E 34 20.75 25.59 -29.49
N ARG E 35 21.55 26.63 -29.35
CA ARG E 35 22.55 26.63 -28.30
C ARG E 35 21.98 27.00 -26.94
N VAL E 36 20.72 27.49 -26.90
CA VAL E 36 20.10 27.98 -25.66
C VAL E 36 18.67 27.47 -25.36
N VAL E 37 17.90 27.17 -26.39
CA VAL E 37 16.55 26.66 -26.17
C VAL E 37 16.64 25.11 -26.07
N ASP E 38 15.61 24.45 -25.55
CA ASP E 38 15.57 22.99 -25.56
C ASP E 38 15.22 22.49 -26.96
N VAL E 39 16.07 21.64 -27.52
CA VAL E 39 15.82 21.08 -28.83
C VAL E 39 15.36 19.64 -28.68
N SER E 40 14.15 19.32 -29.10
CA SER E 40 13.63 17.96 -28.92
C SER E 40 14.26 16.95 -29.90
N GLU E 41 14.17 15.67 -29.55
CA GLU E 41 14.50 14.58 -30.46
C GLU E 41 13.43 14.59 -31.56
N PRO E 42 13.84 14.51 -32.83
CA PRO E 42 12.85 14.50 -33.90
C PRO E 42 11.84 13.35 -33.73
N SER E 43 10.55 13.65 -33.85
CA SER E 43 9.52 12.65 -33.59
C SER E 43 9.04 11.96 -34.87
N GLY E 44 9.62 12.32 -36.01
CA GLY E 44 9.23 11.72 -37.28
C GLY E 44 8.27 12.54 -38.13
N PRO E 45 8.06 12.09 -39.38
CA PRO E 45 7.30 12.83 -40.39
C PRO E 45 5.81 12.89 -40.14
N VAL E 46 5.26 12.00 -39.32
CA VAL E 46 3.82 12.02 -39.03
C VAL E 46 3.40 13.23 -38.18
N THR E 47 4.28 13.67 -37.28
CA THR E 47 3.96 14.76 -36.34
C THR E 47 3.49 16.03 -37.05
N ALA E 48 2.33 16.54 -36.68
CA ALA E 48 1.80 17.71 -37.34
C ALA E 48 1.50 18.89 -36.39
N ALA E 49 1.53 18.64 -35.08
CA ALA E 49 1.14 19.65 -34.11
C ALA E 49 1.71 19.30 -32.76
N VAL E 50 1.96 20.33 -31.96
CA VAL E 50 2.30 20.17 -30.54
C VAL E 50 1.12 20.59 -29.66
N SER E 51 0.65 19.66 -28.83
CA SER E 51 -0.44 19.95 -27.91
C SER E 51 -0.01 21.03 -26.92
N THR E 52 -0.87 22.03 -26.70
CA THR E 52 -0.54 23.06 -25.72
C THR E 52 -1.20 22.78 -24.37
N GLY E 53 -2.05 21.77 -24.32
CA GLY E 53 -2.81 21.46 -23.11
C GLY E 53 -4.03 22.34 -22.87
N HIS E 54 -4.19 23.42 -23.63
CA HIS E 54 -5.30 24.35 -23.40
C HIS E 54 -6.59 23.91 -24.10
N LEU E 55 -7.72 24.42 -23.60
CA LEU E 55 -9.04 24.21 -24.18
C LEU E 55 -9.51 25.48 -24.82
N ARG E 56 -10.28 25.38 -25.89
CA ARG E 56 -10.85 26.54 -26.56
C ARG E 56 -12.36 26.33 -26.64
N ASP E 57 -13.13 27.33 -26.22
CA ASP E 57 -14.60 27.23 -26.30
C ASP E 57 -15.08 27.13 -27.74
N ILE E 58 -16.06 26.26 -27.96
CA ILE E 58 -16.78 26.21 -29.24
C ILE E 58 -18.28 26.02 -28.95
N SER E 59 -19.15 26.31 -29.91
CA SER E 59 -20.57 26.16 -29.58
C SER E 59 -20.93 24.68 -29.45
N PRO E 60 -21.81 24.34 -28.48
CA PRO E 60 -22.15 22.96 -28.11
C PRO E 60 -22.86 22.22 -29.23
N PRO E 61 -22.78 20.87 -29.23
CA PRO E 61 -23.48 20.09 -30.23
C PRO E 61 -24.95 19.92 -29.91
N GLY E 62 -25.36 20.34 -28.71
CA GLY E 62 -26.75 20.19 -28.27
C GLY E 62 -26.91 20.62 -26.82
N ASP E 63 -28.15 20.69 -26.36
CA ASP E 63 -28.46 21.13 -25.01
C ASP E 63 -27.85 20.18 -23.99
N GLY E 64 -27.26 20.75 -22.95
CA GLY E 64 -26.74 19.95 -21.87
C GLY E 64 -25.37 19.37 -22.13
N VAL E 65 -24.69 19.89 -23.16
CA VAL E 65 -23.34 19.44 -23.49
C VAL E 65 -22.41 20.63 -23.61
N VAL E 66 -21.25 20.49 -22.99
CA VAL E 66 -20.24 21.52 -23.05
C VAL E 66 -19.07 20.98 -23.86
N ALA E 67 -18.72 21.69 -24.92
CA ALA E 67 -17.65 21.23 -25.79
C ALA E 67 -16.48 22.20 -25.86
N HIS E 68 -15.27 21.66 -25.79
CA HIS E 68 -14.08 22.44 -26.03
C HIS E 68 -13.23 21.75 -27.07
N LEU E 69 -12.61 22.53 -27.96
CA LEU E 69 -11.56 22.01 -28.81
C LEU E 69 -10.24 21.94 -28.05
N ARG E 70 -9.46 20.91 -28.34
CA ARG E 70 -8.13 20.84 -27.81
C ARG E 70 -7.23 21.73 -28.67
N GLU E 71 -6.49 22.62 -28.03
CA GLU E 71 -5.65 23.55 -28.75
C GLU E 71 -4.25 22.96 -28.98
N SER E 72 -3.65 23.28 -30.11
CA SER E 72 -2.28 22.84 -30.37
C SER E 72 -1.60 23.83 -31.31
N LYS E 73 -0.27 23.76 -31.40
CA LYS E 73 0.49 24.53 -32.40
C LYS E 73 0.92 23.66 -33.57
N PRO E 74 0.63 24.12 -34.79
CA PRO E 74 1.01 23.39 -36.00
C PRO E 74 2.51 23.44 -36.23
N LEU E 75 3.08 22.35 -36.74
CA LEU E 75 4.45 22.36 -37.20
C LEU E 75 4.54 23.05 -38.56
N VAL E 76 5.68 23.68 -38.83
CA VAL E 76 5.92 24.24 -40.14
C VAL E 76 7.04 23.51 -40.85
N ARG E 77 6.87 23.28 -42.13
CA ARG E 77 7.95 22.70 -42.93
C ARG E 77 8.65 23.82 -43.64
N LEU E 78 9.95 23.97 -43.40
CA LEU E 78 10.74 25.00 -44.09
C LEU E 78 11.63 24.32 -45.09
N ARG E 79 11.52 24.74 -46.34
CA ARG E 79 12.29 24.12 -47.39
C ARG E 79 13.05 25.17 -48.16
N VAL E 80 14.35 24.96 -48.31
CA VAL E 80 15.24 25.85 -49.06
C VAL E 80 15.85 25.11 -50.27
N PRO E 81 15.28 25.33 -51.46
CA PRO E 81 15.80 24.76 -52.70
C PRO E 81 17.18 25.36 -53.02
N PHE E 82 18.07 24.53 -53.56
CA PHE E 82 19.35 24.99 -54.07
C PHE E 82 19.79 24.13 -55.24
N THR E 83 20.69 24.67 -56.07
CA THR E 83 21.11 24.01 -57.30
C THR E 83 22.61 23.87 -57.35
N VAL E 84 23.10 22.65 -57.56
CA VAL E 84 24.54 22.41 -57.73
C VAL E 84 24.86 21.93 -59.13
N THR E 85 26.08 22.19 -59.59
CA THR E 85 26.48 21.75 -60.93
C THR E 85 26.88 20.28 -60.87
N ARG E 86 26.68 19.60 -61.99
CA ARG E 86 26.96 18.21 -62.06
C ARG E 86 28.47 17.95 -62.14
N SER E 87 29.22 18.96 -62.61
CA SER E 87 30.68 18.84 -62.56
C SER E 87 31.18 18.87 -61.09
N ALA E 88 30.59 19.73 -60.26
CA ALA E 88 30.93 19.69 -58.84
C ALA E 88 30.68 18.31 -58.24
N ILE E 89 29.50 17.73 -58.48
CA ILE E 89 29.19 16.37 -58.01
C ILE E 89 30.18 15.31 -58.52
N ASP E 90 30.35 15.24 -59.84
CA ASP E 90 31.15 14.17 -60.45
C ASP E 90 32.62 14.29 -60.16
N ASP E 91 33.11 15.51 -59.93
CA ASP E 91 34.51 15.73 -59.63
C ASP E 91 34.92 15.09 -58.29
N VAL E 92 33.96 14.92 -57.38
CA VAL E 92 34.26 14.40 -56.04
C VAL E 92 34.94 13.03 -56.14
N GLU E 93 34.33 12.13 -56.93
CA GLU E 93 34.84 10.80 -57.13
C GLU E 93 36.20 10.79 -57.82
N ARG E 94 36.46 11.79 -58.67
CA ARG E 94 37.76 11.93 -59.32
C ARG E 94 38.83 12.49 -58.39
N GLY E 95 38.41 12.90 -57.19
CA GLY E 95 39.33 13.38 -56.16
C GLY E 95 39.36 14.89 -55.95
N SER E 96 38.37 15.59 -56.46
CA SER E 96 38.26 17.03 -56.26
C SER E 96 38.01 17.37 -54.80
N GLN E 97 38.71 18.38 -54.28
CA GLN E 97 38.47 18.85 -52.91
C GLN E 97 37.89 20.26 -52.87
N ASP E 98 37.64 20.84 -54.03
CA ASP E 98 37.17 22.21 -54.12
C ASP E 98 35.94 22.33 -54.99
N SER E 99 35.10 21.29 -55.00
CA SER E 99 33.83 21.34 -55.74
C SER E 99 33.03 22.50 -55.20
N ASP E 100 32.35 23.23 -56.09
CA ASP E 100 31.59 24.40 -55.67
C ASP E 100 30.36 24.07 -54.83
N TRP E 101 30.48 24.09 -53.51
CA TRP E 101 29.30 23.90 -52.66
C TRP E 101 28.66 25.19 -52.14
N ASP E 102 29.09 26.34 -52.66
CA ASP E 102 28.46 27.62 -52.34
C ASP E 102 26.92 27.61 -52.27
N PRO E 103 26.23 26.96 -53.24
CA PRO E 103 24.77 26.92 -53.09
C PRO E 103 24.28 26.18 -51.84
N VAL E 104 24.98 25.13 -51.43
CA VAL E 104 24.66 24.42 -50.18
C VAL E 104 24.82 25.38 -49.01
N LYS E 105 25.94 26.09 -48.99
CA LYS E 105 26.26 26.99 -47.91
C LYS E 105 25.27 28.14 -47.80
N ALA E 106 24.90 28.67 -48.96
CA ALA E 106 23.89 29.72 -49.05
C ALA E 106 22.54 29.21 -48.56
N ALA E 107 22.15 28.01 -48.97
CA ALA E 107 20.90 27.39 -48.49
C ALA E 107 20.94 27.15 -46.99
N ALA E 108 22.10 26.73 -46.47
CA ALA E 108 22.25 26.48 -45.05
C ALA E 108 22.14 27.75 -44.24
N LYS E 109 22.75 28.82 -44.72
CA LYS E 109 22.64 30.12 -44.04
C LYS E 109 21.19 30.59 -44.05
N LYS E 110 20.50 30.42 -45.19
CA LYS E 110 19.13 30.90 -45.32
C LYS E 110 18.25 30.17 -44.30
N LEU E 111 18.44 28.85 -44.20
CA LEU E 111 17.64 28.06 -43.30
C LEU E 111 17.96 28.43 -41.84
N ALA E 112 19.24 28.57 -41.49
CA ALA E 112 19.58 28.94 -40.12
C ALA E 112 18.96 30.29 -39.75
N PHE E 113 19.01 31.23 -40.68
CA PHE E 113 18.48 32.56 -40.41
C PHE E 113 16.98 32.51 -40.22
N VAL E 114 16.31 31.70 -41.01
CA VAL E 114 14.87 31.57 -40.90
C VAL E 114 14.49 30.95 -39.54
N GLU E 115 15.22 29.91 -39.14
CA GLU E 115 14.98 29.25 -37.88
C GLU E 115 15.22 30.21 -36.71
N ASP E 116 16.37 30.87 -36.68
CA ASP E 116 16.68 31.78 -35.59
C ASP E 116 15.75 32.98 -35.55
N ARG E 117 15.31 33.42 -36.73
CA ARG E 117 14.42 34.56 -36.74
C ARG E 117 13.03 34.17 -36.26
N ALA E 118 12.57 32.97 -36.61
CA ALA E 118 11.31 32.45 -36.10
C ALA E 118 11.37 32.42 -34.57
N ILE E 119 12.42 31.80 -34.04
CA ILE E 119 12.58 31.59 -32.60
C ILE E 119 12.63 32.93 -31.88
N PHE E 120 13.42 33.87 -32.40
CA PHE E 120 13.61 35.12 -31.68
C PHE E 120 12.65 36.24 -32.07
N GLU E 121 12.22 36.28 -33.32
CA GLU E 121 11.45 37.41 -33.78
C GLU E 121 10.04 37.06 -34.22
N GLY E 122 9.68 35.79 -34.14
CA GLY E 122 8.35 35.38 -34.55
C GLY E 122 8.28 35.06 -36.03
N TYR E 123 7.35 34.18 -36.37
CA TYR E 123 6.98 33.88 -37.76
C TYR E 123 5.44 33.77 -37.76
N PRO E 124 4.73 34.92 -37.87
CA PRO E 124 3.29 34.99 -37.66
C PRO E 124 2.48 34.01 -38.53
N ALA E 125 2.79 33.92 -39.82
CA ALA E 125 2.07 33.01 -40.71
C ALA E 125 2.18 31.51 -40.30
N ALA E 126 3.26 31.18 -39.61
CA ALA E 126 3.47 29.83 -39.11
C ALA E 126 2.98 29.73 -37.67
N GLN E 127 2.39 30.83 -37.18
CA GLN E 127 1.84 30.89 -35.83
C GLN E 127 2.94 30.75 -34.76
N ILE E 128 4.16 31.19 -35.08
CA ILE E 128 5.20 31.18 -34.07
C ILE E 128 5.34 32.58 -33.48
N ASP E 129 5.11 32.68 -32.17
CA ASP E 129 5.52 33.84 -31.39
C ASP E 129 6.96 33.67 -30.95
N GLY E 130 7.77 34.67 -31.27
CA GLY E 130 9.16 34.64 -30.88
C GLY E 130 9.37 35.09 -29.45
N ILE E 131 10.63 35.03 -29.04
CA ILE E 131 10.98 35.42 -27.70
C ILE E 131 10.73 36.91 -27.55
N ARG E 132 10.98 37.66 -28.61
CA ARG E 132 10.64 39.07 -28.67
C ARG E 132 9.17 39.35 -28.32
N GLN E 133 8.25 38.52 -28.82
CA GLN E 133 6.84 38.71 -28.54
C GLN E 133 6.47 38.18 -27.17
N CYS E 134 7.05 37.03 -26.81
CA CYS E 134 6.74 36.35 -25.57
C CYS E 134 7.23 37.15 -24.33
N THR E 135 8.38 37.80 -24.41
CA THR E 135 8.99 38.42 -23.22
C THR E 135 8.09 39.41 -22.50
N SER E 136 8.09 39.33 -21.17
CA SER E 136 7.33 40.28 -20.36
C SER E 136 8.22 41.22 -19.53
N ASN E 137 9.54 41.03 -19.58
CA ASN E 137 10.45 41.92 -18.87
C ASN E 137 10.65 43.22 -19.64
N PRO E 138 10.99 44.32 -18.92
CA PRO E 138 11.28 45.59 -19.59
C PRO E 138 12.31 45.44 -20.69
N VAL E 139 12.03 45.98 -21.87
CA VAL E 139 12.96 45.95 -22.98
C VAL E 139 14.05 47.01 -22.77
N LEU E 140 15.29 46.67 -23.08
CA LEU E 140 16.39 47.57 -22.85
C LEU E 140 17.02 48.01 -24.17
N GLN E 141 17.56 49.20 -24.18
CA GLN E 141 18.13 49.74 -25.40
C GLN E 141 19.63 49.56 -25.32
N LEU E 142 20.20 48.92 -26.34
CA LEU E 142 21.65 48.83 -26.47
C LEU E 142 22.26 50.23 -26.63
N PRO E 143 23.33 50.53 -25.90
CA PRO E 143 23.88 51.89 -25.85
C PRO E 143 24.65 52.29 -27.12
N ASP E 144 24.81 53.58 -27.36
CA ASP E 144 25.60 54.06 -28.50
C ASP E 144 27.09 53.76 -28.36
N ASP E 145 27.61 53.98 -27.15
CA ASP E 145 28.99 53.61 -26.83
C ASP E 145 29.06 52.15 -26.40
N ALA E 146 29.78 51.37 -27.20
CA ALA E 146 30.01 49.95 -26.93
C ALA E 146 30.54 49.71 -25.54
N ARG E 147 31.27 50.67 -24.99
CA ARG E 147 31.83 50.55 -23.65
C ARG E 147 30.76 50.41 -22.56
N ASP E 148 29.53 50.83 -22.83
CA ASP E 148 28.44 50.68 -21.85
C ASP E 148 27.61 49.39 -21.97
N ILE E 149 28.00 48.49 -22.88
CA ILE E 149 27.24 47.27 -23.09
C ILE E 149 27.10 46.47 -21.79
N THR E 150 28.17 46.41 -21.00
CA THR E 150 28.14 45.64 -19.76
C THR E 150 27.09 46.19 -18.79
N ASP E 151 26.82 47.50 -18.84
CA ASP E 151 25.75 48.10 -18.05
C ASP E 151 24.39 47.50 -18.37
N VAL E 152 24.01 47.45 -19.66
CA VAL E 152 22.69 46.93 -20.03
C VAL E 152 22.57 45.41 -19.77
N ILE E 153 23.62 44.65 -20.06
CA ILE E 153 23.63 43.22 -19.73
C ILE E 153 23.41 43.01 -18.21
N ALA E 154 24.11 43.80 -17.39
CA ALA E 154 23.94 43.72 -15.93
C ALA E 154 22.50 44.00 -15.53
N GLN E 155 21.89 44.97 -16.20
CA GLN E 155 20.51 45.33 -15.90
C GLN E 155 19.55 44.24 -16.34
N ALA E 156 19.79 43.67 -17.52
CA ALA E 156 19.02 42.51 -18.00
C ALA E 156 19.07 41.35 -16.99
N LEU E 157 20.28 41.07 -16.48
CA LEU E 157 20.49 40.00 -15.49
C LEU E 157 19.66 40.19 -14.21
N SER E 158 19.72 41.41 -13.68
CA SER E 158 18.93 41.75 -12.51
C SER E 158 17.43 41.63 -12.79
N GLU E 159 17.00 42.00 -14.00
CA GLU E 159 15.60 41.81 -14.39
C GLU E 159 15.20 40.35 -14.29
N LEU E 160 16.06 39.46 -14.75
CA LEU E 160 15.77 38.03 -14.67
C LEU E 160 15.72 37.58 -13.21
N ARG E 161 16.71 38.01 -12.44
CA ARG E 161 16.79 37.58 -11.04
C ARG E 161 15.56 38.06 -10.25
N LEU E 162 15.18 39.32 -10.47
CA LEU E 162 14.04 39.91 -9.77
C LEU E 162 12.71 39.28 -10.15
N ALA E 163 12.60 38.84 -11.41
CA ALA E 163 11.48 38.05 -11.89
C ALA E 163 11.49 36.59 -11.37
N GLY E 164 12.45 36.27 -10.50
CA GLY E 164 12.47 34.98 -9.83
C GLY E 164 12.96 33.82 -10.69
N VAL E 165 13.74 34.15 -11.73
CA VAL E 165 14.19 33.18 -12.71
C VAL E 165 15.63 32.77 -12.41
N ASP E 166 15.83 31.50 -12.06
CA ASP E 166 17.18 30.94 -11.90
C ASP E 166 17.94 30.79 -13.21
N GLY E 167 19.26 30.76 -13.12
CA GLY E 167 20.11 30.64 -14.30
C GLY E 167 20.44 29.19 -14.62
N PRO E 168 21.53 28.93 -15.32
CA PRO E 168 22.50 29.96 -15.72
C PRO E 168 21.96 30.79 -16.84
N TYR E 169 22.58 31.96 -17.06
CA TYR E 169 22.14 32.94 -18.05
C TYR E 169 23.09 33.01 -19.22
N SER E 170 22.53 33.20 -20.41
CA SER E 170 23.30 33.36 -21.62
C SER E 170 22.86 34.62 -22.35
N VAL E 171 23.80 35.16 -23.14
CA VAL E 171 23.60 36.37 -23.91
C VAL E 171 23.76 36.03 -25.37
N LEU E 172 22.80 36.45 -26.19
CA LEU E 172 22.92 36.26 -27.63
C LEU E 172 23.14 37.61 -28.25
N LEU E 173 24.23 37.73 -29.00
CA LEU E 173 24.57 39.00 -29.63
C LEU E 173 24.44 38.92 -31.14
N SER E 174 23.89 39.97 -31.73
CA SER E 174 23.93 40.13 -33.19
C SER E 174 25.39 40.12 -33.67
N ALA E 175 25.59 39.87 -34.96
CA ALA E 175 26.95 39.86 -35.50
C ALA E 175 27.69 41.16 -35.19
N GLU E 176 26.97 42.28 -35.34
CA GLU E 176 27.56 43.59 -35.12
C GLU E 176 27.97 43.78 -33.67
N VAL E 177 27.05 43.52 -32.75
CA VAL E 177 27.35 43.70 -31.34
C VAL E 177 28.41 42.72 -30.87
N TYR E 178 28.38 41.50 -31.41
CA TYR E 178 29.34 40.47 -31.01
C TYR E 178 30.73 40.96 -31.36
N THR E 179 30.87 41.51 -32.57
CA THR E 179 32.17 41.98 -33.02
C THR E 179 32.65 43.14 -32.17
N LYS E 180 31.76 44.11 -31.91
CA LYS E 180 32.09 45.26 -31.07
C LYS E 180 32.55 44.84 -29.69
N VAL E 181 31.81 43.93 -29.06
CA VAL E 181 32.15 43.45 -27.74
C VAL E 181 33.52 42.80 -27.75
N SER E 182 33.79 42.02 -28.79
CA SER E 182 35.02 41.25 -28.80
C SER E 182 36.28 42.12 -29.02
N GLU E 183 36.11 43.32 -29.56
CA GLU E 183 37.24 44.21 -29.86
C GLU E 183 37.34 45.42 -28.90
N THR E 184 36.23 45.83 -28.32
CA THR E 184 36.17 47.10 -27.59
C THR E 184 36.95 47.04 -26.27
N THR E 185 37.84 48.03 -26.09
CA THR E 185 38.47 48.20 -24.79
C THR E 185 38.01 49.49 -24.14
N GLU E 186 37.90 49.46 -22.81
CA GLU E 186 37.66 50.67 -22.04
C GLU E 186 38.88 51.01 -21.22
N HIS E 187 39.52 52.13 -21.59
CA HIS E 187 40.79 52.55 -21.00
C HIS E 187 41.78 51.40 -21.06
N GLY E 188 41.76 50.67 -22.17
CA GLY E 188 42.67 49.55 -22.35
C GLY E 188 42.15 48.19 -21.94
N TYR E 189 41.17 48.13 -21.04
CA TYR E 189 40.66 46.84 -20.54
C TYR E 189 39.58 46.29 -21.48
N PRO E 190 39.75 45.07 -21.97
CA PRO E 190 38.79 44.52 -22.93
C PRO E 190 37.44 44.27 -22.25
N ILE E 191 36.37 44.83 -22.81
CA ILE E 191 35.08 44.65 -22.19
C ILE E 191 34.62 43.19 -22.26
N ARG E 192 35.19 42.43 -23.19
CA ARG E 192 34.90 41.02 -23.29
C ARG E 192 35.32 40.26 -22.03
N GLU E 193 36.45 40.64 -21.42
CA GLU E 193 36.86 40.00 -20.16
C GLU E 193 35.85 40.29 -19.06
N HIS E 194 35.34 41.51 -19.04
CA HIS E 194 34.34 41.91 -18.04
C HIS E 194 33.04 41.15 -18.28
N LEU E 195 32.55 41.23 -19.50
CA LEU E 195 31.32 40.59 -19.89
C LEU E 195 31.33 39.07 -19.73
N ASN E 196 32.44 38.42 -20.06
CA ASN E 196 32.54 36.96 -19.95
C ASN E 196 32.43 36.44 -18.55
N ARG E 197 33.04 37.13 -17.59
CA ARG E 197 33.04 36.65 -16.22
C ARG E 197 31.74 36.98 -15.50
N LEU E 198 31.00 37.91 -16.08
CA LEU E 198 29.74 38.37 -15.56
C LEU E 198 28.63 37.35 -15.80
N VAL E 199 28.77 36.58 -16.86
CA VAL E 199 27.73 35.66 -17.31
C VAL E 199 28.21 34.24 -17.07
N ASP E 200 27.47 33.48 -16.26
CA ASP E 200 27.86 32.09 -15.98
C ASP E 200 27.64 31.16 -17.17
N GLY E 201 26.76 31.55 -18.10
CA GLY E 201 26.55 30.82 -19.34
C GLY E 201 27.47 31.29 -20.45
N ASP E 202 26.93 31.43 -21.66
CA ASP E 202 27.76 31.72 -22.83
C ASP E 202 27.42 33.06 -23.45
N ILE E 203 28.37 33.59 -24.21
CA ILE E 203 28.13 34.78 -25.02
C ILE E 203 28.13 34.31 -26.45
N ILE E 204 26.94 34.30 -27.04
CA ILE E 204 26.66 33.58 -28.26
C ILE E 204 26.57 34.45 -29.51
N TRP E 205 27.33 34.04 -30.52
CA TRP E 205 27.27 34.54 -31.88
C TRP E 205 25.90 34.28 -32.47
N ALA E 206 25.16 35.35 -32.75
CA ALA E 206 23.79 35.19 -33.23
C ALA E 206 23.53 36.07 -34.46
N PRO E 207 24.16 35.73 -35.60
CA PRO E 207 24.15 36.63 -36.76
C PRO E 207 22.78 36.84 -37.38
N ALA E 208 21.82 35.98 -37.08
CA ALA E 208 20.47 36.11 -37.66
C ALA E 208 19.63 37.24 -37.04
N ILE E 209 19.98 37.70 -35.84
CA ILE E 209 19.10 38.65 -35.11
C ILE E 209 19.67 40.05 -35.13
N ASP E 210 18.86 41.06 -34.88
CA ASP E 210 19.39 42.38 -34.51
C ASP E 210 19.28 42.56 -33.01
N GLY E 211 20.11 43.41 -32.45
CA GLY E 211 20.13 43.61 -31.00
C GLY E 211 20.72 42.42 -30.24
N ALA E 212 20.09 42.07 -29.12
CA ALA E 212 20.62 41.05 -28.23
C ALA E 212 19.53 40.46 -27.34
N PHE E 213 19.81 39.31 -26.76
CA PHE E 213 18.90 38.73 -25.79
C PHE E 213 19.73 38.24 -24.63
N VAL E 214 19.11 38.26 -23.46
CA VAL E 214 19.69 37.70 -22.28
C VAL E 214 18.61 36.75 -21.74
N LEU E 215 18.97 35.50 -21.55
CA LEU E 215 17.96 34.57 -21.07
C LEU E 215 18.50 33.42 -20.27
N SER E 216 17.61 32.69 -19.63
CA SER E 216 18.03 31.60 -18.79
C SER E 216 18.08 30.32 -19.58
N THR E 217 19.07 29.48 -19.33
CA THR E 217 19.11 28.17 -19.97
C THR E 217 18.86 27.08 -18.93
N ARG E 218 18.11 27.43 -17.89
CA ARG E 218 17.66 26.46 -16.89
C ARG E 218 16.84 25.31 -17.50
N GLY E 219 16.16 25.54 -18.63
CA GLY E 219 15.41 24.47 -19.28
C GLY E 219 13.93 24.58 -18.97
N GLY E 220 13.10 24.24 -19.95
CA GLY E 220 11.66 24.17 -19.77
C GLY E 220 10.95 25.46 -20.15
N ASP E 221 11.72 26.43 -20.65
CA ASP E 221 11.17 27.74 -21.01
C ASP E 221 10.98 27.93 -22.52
N PHE E 222 11.90 27.37 -23.28
CA PHE E 222 11.94 27.57 -24.72
C PHE E 222 12.00 26.23 -25.42
N ASP E 223 10.92 25.91 -26.12
CA ASP E 223 10.72 24.60 -26.70
C ASP E 223 10.84 24.65 -28.24
N LEU E 224 11.97 24.18 -28.79
CA LEU E 224 12.08 23.97 -30.22
C LEU E 224 11.71 22.52 -30.52
N ARG E 225 10.50 22.26 -31.05
CA ARG E 225 10.09 20.88 -31.36
C ARG E 225 10.35 20.44 -32.78
N LEU E 226 11.11 19.36 -32.90
CA LEU E 226 11.47 18.80 -34.18
C LEU E 226 10.57 17.63 -34.56
N GLY E 227 9.87 17.77 -35.68
CA GLY E 227 9.30 16.62 -36.37
C GLY E 227 10.42 15.94 -37.13
N THR E 228 11.01 16.66 -38.09
CA THR E 228 12.17 16.13 -38.79
C THR E 228 13.25 17.19 -38.85
N ASP E 229 14.48 16.80 -38.51
CA ASP E 229 15.62 17.72 -38.41
C ASP E 229 16.17 18.06 -39.82
N VAL E 230 17.11 18.98 -39.91
CA VAL E 230 17.71 19.40 -41.18
C VAL E 230 18.03 18.22 -42.09
N SER E 231 17.49 18.25 -43.31
CA SER E 231 17.64 17.14 -44.24
C SER E 231 17.89 17.65 -45.62
N ILE E 232 18.53 16.82 -46.45
CA ILE E 232 18.75 17.18 -47.85
C ILE E 232 17.99 16.21 -48.77
N GLY E 233 17.15 16.77 -49.63
CA GLY E 233 16.31 15.98 -50.53
C GLY E 233 16.51 16.38 -51.98
N TYR E 234 15.94 15.58 -52.87
CA TYR E 234 16.12 15.74 -54.29
C TYR E 234 14.84 16.24 -54.94
N LEU E 235 14.97 17.19 -55.87
CA LEU E 235 13.83 17.67 -56.66
C LEU E 235 13.90 17.24 -58.10
N SER E 236 14.93 17.67 -58.84
CA SER E 236 15.04 17.34 -60.27
C SER E 236 16.45 17.49 -60.79
N HIS E 237 16.64 17.12 -62.06
CA HIS E 237 17.95 17.37 -62.69
C HIS E 237 17.87 17.50 -64.20
N ASP E 238 18.89 18.12 -64.78
CA ASP E 238 19.11 18.05 -66.22
C ASP E 238 20.55 17.60 -66.53
N ALA E 239 20.98 17.79 -67.77
CA ALA E 239 22.33 17.40 -68.21
C ALA E 239 23.45 18.07 -67.39
N GLU E 240 23.20 19.29 -66.91
CA GLU E 240 24.23 20.10 -66.25
C GLU E 240 24.13 20.32 -64.74
N THR E 241 22.92 20.23 -64.19
CA THR E 241 22.70 20.66 -62.81
C THR E 241 21.74 19.73 -62.09
N VAL E 242 21.82 19.75 -60.77
CA VAL E 242 20.89 19.02 -59.93
C VAL E 242 20.24 20.00 -58.97
N GLN E 243 18.93 19.94 -58.90
CA GLN E 243 18.19 20.75 -57.95
C GLN E 243 17.83 19.93 -56.72
N LEU E 244 18.39 20.33 -55.58
CA LEU E 244 18.15 19.70 -54.30
C LEU E 244 17.49 20.71 -53.35
N TYR E 245 17.33 20.32 -52.08
CA TYR E 245 16.87 21.26 -51.03
C TYR E 245 17.32 20.84 -49.64
N LEU E 246 17.36 21.83 -48.75
CA LEU E 246 17.44 21.58 -47.33
C LEU E 246 16.06 21.76 -46.76
N GLU E 247 15.64 20.87 -45.87
CA GLU E 247 14.37 21.12 -45.18
C GLU E 247 14.35 20.61 -43.75
N GLU E 248 13.45 21.18 -42.95
CA GLU E 248 13.15 20.65 -41.63
C GLU E 248 11.69 20.93 -41.34
N THR E 249 11.09 20.13 -40.48
CA THR E 249 9.74 20.38 -40.00
C THR E 249 9.78 20.54 -38.49
N LEU E 250 9.38 21.71 -38.00
CA LEU E 250 9.46 22.03 -36.58
C LEU E 250 8.47 23.13 -36.17
N THR E 251 8.44 23.42 -34.87
CA THR E 251 7.87 24.68 -34.39
C THR E 251 8.59 25.12 -33.12
N PHE E 252 8.32 26.35 -32.71
CA PHE E 252 8.89 26.88 -31.51
C PHE E 252 7.80 27.33 -30.55
N LEU E 253 7.95 27.00 -29.28
CA LEU E 253 7.04 27.51 -28.25
C LEU E 253 7.82 28.17 -27.13
N CYS E 254 7.34 29.34 -26.69
CA CYS E 254 7.87 30.00 -25.51
C CYS E 254 6.87 29.86 -24.34
N TYR E 255 7.30 29.24 -23.24
CA TYR E 255 6.40 28.95 -22.14
C TYR E 255 6.50 29.94 -20.98
N THR E 256 7.50 30.81 -21.00
CA THR E 256 7.78 31.65 -19.85
C THR E 256 8.16 33.05 -20.28
N SER E 257 7.24 34.00 -20.14
CA SER E 257 7.51 35.35 -20.62
C SER E 257 8.63 36.04 -19.86
N GLU E 258 8.82 35.70 -18.58
CA GLU E 258 9.86 36.36 -17.75
C GLU E 258 11.25 35.71 -17.75
N ALA E 259 11.45 34.64 -18.54
CA ALA E 259 12.75 33.98 -18.63
C ALA E 259 13.73 34.64 -19.63
N SER E 260 13.29 35.73 -20.28
CA SER E 260 14.13 36.41 -21.26
C SER E 260 14.08 37.93 -21.13
N VAL E 261 15.16 38.58 -21.56
CA VAL E 261 15.19 40.03 -21.71
C VAL E 261 15.66 40.37 -23.12
N ALA E 262 14.88 41.20 -23.81
CA ALA E 262 15.21 41.63 -25.17
C ALA E 262 15.97 42.96 -25.14
N LEU E 263 16.98 43.10 -25.97
CA LEU E 263 17.69 44.37 -26.07
C LEU E 263 17.70 44.79 -27.53
N THR E 264 17.06 45.94 -27.80
CA THR E 264 16.91 46.46 -29.16
C THR E 264 18.14 47.22 -29.65
N PRO E 265 18.44 47.12 -30.96
CA PRO E 265 19.65 47.73 -31.54
C PRO E 265 19.64 49.26 -31.47
N MET F 1 -3.85 12.52 6.46
CA MET F 1 -3.70 13.96 6.14
C MET F 1 -3.04 14.72 7.26
N ASN F 2 -2.19 15.67 6.88
CA ASN F 2 -1.66 16.63 7.83
C ASN F 2 -2.35 18.00 7.69
N ASN F 3 -1.90 18.97 8.49
CA ASN F 3 -2.49 20.28 8.54
C ASN F 3 -2.51 21.02 7.22
N LEU F 4 -1.74 20.54 6.23
CA LEU F 4 -1.75 21.20 4.92
C LEU F 4 -3.00 20.88 4.12
N TYR F 5 -3.62 19.71 4.38
CA TYR F 5 -4.86 19.26 3.72
C TYR F 5 -4.74 19.29 2.20
N ARG F 6 -3.55 19.00 1.70
CA ARG F 6 -3.29 19.02 0.27
C ARG F 6 -4.29 18.13 -0.46
N GLU F 7 -4.63 17.01 0.17
CA GLU F 7 -5.56 16.02 -0.38
C GLU F 7 -6.96 16.57 -0.69
N LEU F 8 -7.35 17.70 -0.10
CA LEU F 8 -8.69 18.25 -0.33
C LEU F 8 -8.73 19.23 -1.53
N ALA F 9 -7.55 19.62 -2.01
CA ALA F 9 -7.44 20.54 -3.13
C ALA F 9 -7.76 19.83 -4.46
N PRO F 10 -8.61 20.42 -5.33
CA PRO F 10 -8.72 19.87 -6.69
C PRO F 10 -7.44 20.26 -7.50
N VAL F 11 -6.34 19.58 -7.18
CA VAL F 11 -5.05 19.83 -7.78
C VAL F 11 -4.50 18.44 -8.06
N THR F 12 -4.14 18.17 -9.32
CA THR F 12 -3.61 16.87 -9.70
C THR F 12 -2.18 16.74 -9.21
N ASP F 13 -1.72 15.49 -9.10
CA ASP F 13 -0.34 15.23 -8.73
C ASP F 13 0.61 15.98 -9.66
N ALA F 14 0.29 15.97 -10.95
CA ALA F 14 1.14 16.61 -11.94
C ALA F 14 1.18 18.12 -11.69
N ALA F 15 0.03 18.72 -11.37
CA ALA F 15 -0.01 20.15 -11.04
C ALA F 15 0.77 20.46 -9.75
N TRP F 16 0.59 19.64 -8.72
CA TRP F 16 1.35 19.78 -7.47
C TRP F 16 2.86 19.86 -7.72
N HIS F 17 3.36 18.95 -8.55
CA HIS F 17 4.79 18.81 -8.74
C HIS F 17 5.31 20.09 -9.36
N GLU F 18 4.53 20.64 -10.29
CA GLU F 18 4.88 21.90 -10.93
C GLU F 18 4.90 23.08 -9.97
N ILE F 19 3.84 23.19 -9.17
CA ILE F 19 3.70 24.23 -8.15
C ILE F 19 4.87 24.18 -7.14
N GLU F 20 5.19 23.00 -6.62
CA GLU F 20 6.33 22.86 -5.71
C GLU F 20 7.64 23.26 -6.36
N THR F 21 7.91 22.71 -7.54
CA THR F 21 9.12 23.02 -8.29
C THR F 21 9.29 24.53 -8.47
N GLU F 22 8.18 25.20 -8.82
CA GLU F 22 8.18 26.61 -9.04
C GLU F 22 8.39 27.39 -7.75
N ALA F 23 7.63 27.05 -6.70
CA ALA F 23 7.80 27.67 -5.38
C ALA F 23 9.25 27.62 -4.90
N ILE F 24 9.82 26.41 -4.90
CA ILE F 24 11.18 26.17 -4.39
C ILE F 24 12.24 26.98 -5.16
N ARG F 25 12.23 26.91 -6.49
CA ARG F 25 13.29 27.54 -7.26
C ARG F 25 13.16 29.07 -7.24
N THR F 26 11.91 29.57 -7.25
CA THR F 26 11.68 30.99 -7.13
C THR F 26 12.11 31.48 -5.75
N PHE F 27 11.71 30.78 -4.69
CA PHE F 27 12.17 31.09 -3.32
C PHE F 27 13.70 31.19 -3.28
N LYS F 28 14.35 30.16 -3.77
CA LYS F 28 15.81 30.06 -3.80
C LYS F 28 16.46 31.23 -4.56
N ARG F 29 15.81 31.69 -5.62
CA ARG F 29 16.37 32.77 -6.43
C ARG F 29 16.40 34.11 -5.65
N HIS F 30 15.45 34.29 -4.74
CA HIS F 30 15.34 35.54 -4.00
C HIS F 30 16.06 35.54 -2.65
N ILE F 31 16.20 34.35 -2.05
CA ILE F 31 16.68 34.27 -0.68
C ILE F 31 18.20 34.50 -0.55
N ALA F 32 18.57 35.35 0.41
CA ALA F 32 19.98 35.60 0.77
C ALA F 32 20.39 35.04 2.15
N GLY F 33 19.56 35.26 3.17
CA GLY F 33 19.90 34.89 4.54
C GLY F 33 20.44 33.48 4.68
N ARG F 34 19.72 32.52 4.10
CA ARG F 34 20.06 31.10 4.21
C ARG F 34 21.42 30.75 3.66
N ARG F 35 21.97 31.60 2.80
CA ARG F 35 23.29 31.37 2.25
C ARG F 35 24.39 31.78 3.22
N VAL F 36 24.03 32.57 4.24
CA VAL F 36 25.03 33.04 5.21
C VAL F 36 24.85 32.61 6.66
N VAL F 37 23.61 32.45 7.11
CA VAL F 37 23.33 32.10 8.51
C VAL F 37 23.30 30.58 8.68
N ASP F 38 23.34 30.10 9.92
CA ASP F 38 23.16 28.66 10.17
C ASP F 38 21.71 28.30 10.10
N VAL F 39 21.37 27.33 9.26
CA VAL F 39 19.98 26.95 9.05
C VAL F 39 19.80 25.55 9.61
N SER F 40 18.97 25.42 10.64
CA SER F 40 18.85 24.15 11.34
C SER F 40 17.98 23.16 10.55
N GLU F 41 18.06 21.89 10.92
CA GLU F 41 17.10 20.88 10.44
C GLU F 41 15.72 21.19 11.04
N PRO F 42 14.65 21.12 10.23
CA PRO F 42 13.31 21.38 10.76
C PRO F 42 13.03 20.43 11.91
N SER F 43 12.60 20.96 13.04
CA SER F 43 12.37 20.15 14.22
C SER F 43 10.90 19.65 14.34
N GLY F 44 10.05 20.07 13.40
CA GLY F 44 8.67 19.60 13.39
C GLY F 44 7.66 20.59 13.94
N PRO F 45 6.37 20.23 13.82
CA PRO F 45 5.28 21.16 14.12
C PRO F 45 5.05 21.46 15.60
N VAL F 46 5.58 20.65 16.50
CA VAL F 46 5.38 20.87 17.94
C VAL F 46 6.20 22.06 18.48
N THR F 47 7.40 22.25 17.94
CA THR F 47 8.33 23.30 18.37
C THR F 47 7.69 24.70 18.37
N ALA F 48 7.79 25.38 19.51
CA ALA F 48 7.10 26.67 19.72
C ALA F 48 8.03 27.78 20.18
N ALA F 49 9.13 27.38 20.80
CA ALA F 49 10.10 28.35 21.29
C ALA F 49 11.53 27.80 21.21
N VAL F 50 12.49 28.72 21.21
CA VAL F 50 13.89 28.38 21.29
C VAL F 50 14.44 28.89 22.63
N SER F 51 14.95 28.00 23.46
CA SER F 51 15.51 28.42 24.73
C SER F 51 16.72 29.33 24.51
N THR F 52 16.76 30.44 25.22
CA THR F 52 17.90 31.36 25.12
C THR F 52 18.91 31.18 26.25
N GLY F 53 18.55 30.38 27.26
CA GLY F 53 19.42 30.11 28.38
C GLY F 53 19.25 31.06 29.53
N HIS F 54 18.66 32.23 29.29
CA HIS F 54 18.60 33.29 30.32
C HIS F 54 17.45 33.14 31.31
N LEU F 55 17.59 33.77 32.48
CA LEU F 55 16.57 33.83 33.53
C LEU F 55 16.01 35.23 33.62
N ARG F 56 14.72 35.35 33.91
CA ARG F 56 14.10 36.65 34.18
C ARG F 56 13.56 36.64 35.60
N ASP F 57 13.94 37.68 36.36
CA ASP F 57 13.44 37.89 37.73
C ASP F 57 11.92 38.02 37.74
N ILE F 58 11.25 37.29 38.64
CA ILE F 58 9.81 37.47 38.85
C ILE F 58 9.55 37.52 40.37
N SER F 59 8.40 38.04 40.77
CA SER F 59 8.12 38.11 42.20
C SER F 59 7.97 36.71 42.78
N PRO F 60 8.48 36.52 44.02
CA PRO F 60 8.56 35.18 44.57
C PRO F 60 7.18 34.65 44.95
N PRO F 61 7.04 33.33 45.03
CA PRO F 61 5.75 32.79 45.44
C PRO F 61 5.60 32.80 46.96
N GLY F 62 6.65 33.11 47.71
CA GLY F 62 6.61 33.07 49.18
C GLY F 62 7.94 33.46 49.81
N ASP F 63 7.97 33.58 51.14
CA ASP F 63 9.22 33.93 51.82
C ASP F 63 10.26 32.83 51.69
N GLY F 64 11.50 33.24 51.50
CA GLY F 64 12.60 32.30 51.43
C GLY F 64 12.72 31.53 50.13
N VAL F 65 11.96 31.95 49.11
CA VAL F 65 12.01 31.31 47.80
C VAL F 65 12.38 32.34 46.75
N VAL F 66 13.38 32.06 45.93
CA VAL F 66 13.64 32.95 44.81
C VAL F 66 13.25 32.27 43.49
N ALA F 67 12.50 32.97 42.65
CA ALA F 67 11.98 32.42 41.39
C ALA F 67 12.43 33.20 40.17
N HIS F 68 12.73 32.49 39.09
CA HIS F 68 13.01 33.10 37.80
C HIS F 68 12.25 32.39 36.68
N LEU F 69 11.72 33.14 35.71
CA LEU F 69 11.18 32.51 34.51
C LEU F 69 12.30 32.20 33.53
N ARG F 70 12.20 31.05 32.86
CA ARG F 70 13.15 30.70 31.81
C ARG F 70 12.77 31.44 30.54
N GLU F 71 13.76 32.09 29.93
CA GLU F 71 13.53 32.88 28.73
C GLU F 71 13.65 32.06 27.48
N SER F 72 12.85 32.40 26.48
CA SER F 72 12.90 31.76 25.17
C SER F 72 12.41 32.71 24.08
N LYS F 73 12.77 32.47 22.83
CA LYS F 73 12.22 33.19 21.69
C LYS F 73 11.15 32.32 21.05
N PRO F 74 9.99 32.93 20.80
CA PRO F 74 8.91 32.15 20.18
C PRO F 74 9.19 31.97 18.70
N LEU F 75 8.80 30.84 18.12
CA LEU F 75 8.74 30.72 16.66
C LEU F 75 7.54 31.50 16.12
N VAL F 76 7.67 32.01 14.90
CA VAL F 76 6.53 32.63 14.20
C VAL F 76 6.16 31.82 12.97
N ARG F 77 4.86 31.61 12.77
CA ARG F 77 4.40 31.05 11.51
C ARG F 77 4.07 32.17 10.52
N LEU F 78 4.75 32.11 9.37
CA LEU F 78 4.52 33.05 8.29
C LEU F 78 3.78 32.34 7.17
N ARG F 79 2.61 32.83 6.82
CA ARG F 79 1.83 32.17 5.80
C ARG F 79 1.46 33.17 4.73
N VAL F 80 1.69 32.78 3.47
CA VAL F 80 1.37 33.64 2.33
C VAL F 80 0.31 32.96 1.47
N PRO F 81 -0.97 33.39 1.61
CA PRO F 81 -1.98 32.79 0.77
C PRO F 81 -1.80 33.24 -0.67
N PHE F 82 -2.08 32.37 -1.62
CA PHE F 82 -2.17 32.79 -3.01
C PHE F 82 -3.25 31.98 -3.70
N THR F 83 -3.72 32.51 -4.83
CA THR F 83 -4.82 31.92 -5.59
C THR F 83 -4.39 31.55 -7.02
N VAL F 84 -4.60 30.29 -7.41
CA VAL F 84 -4.32 29.87 -8.81
C VAL F 84 -5.59 29.48 -9.54
N THR F 85 -5.60 29.60 -10.87
CA THR F 85 -6.79 29.25 -11.65
C THR F 85 -6.86 27.74 -11.86
N ARG F 86 -8.08 27.23 -11.95
CA ARG F 86 -8.26 25.82 -12.15
C ARG F 86 -7.96 25.42 -13.58
N SER F 87 -7.99 26.36 -14.51
CA SER F 87 -7.53 26.02 -15.84
C SER F 87 -6.01 25.84 -15.85
N ALA F 88 -5.30 26.65 -15.06
CA ALA F 88 -3.84 26.48 -14.95
C ALA F 88 -3.55 25.08 -14.40
N ILE F 89 -4.28 24.70 -13.36
CA ILE F 89 -4.13 23.38 -12.76
C ILE F 89 -4.50 22.26 -13.74
N ASP F 90 -5.71 22.30 -14.28
CA ASP F 90 -6.20 21.19 -15.09
C ASP F 90 -5.46 21.03 -16.43
N ASP F 91 -4.93 22.14 -16.97
CA ASP F 91 -4.14 22.10 -18.19
C ASP F 91 -2.88 21.24 -18.06
N VAL F 92 -2.35 21.08 -16.84
CA VAL F 92 -1.06 20.39 -16.64
C VAL F 92 -1.08 18.96 -17.19
N GLU F 93 -2.08 18.21 -16.75
CA GLU F 93 -2.28 16.84 -17.16
C GLU F 93 -2.58 16.73 -18.67
N ARG F 94 -3.23 17.75 -19.24
CA ARG F 94 -3.45 17.84 -20.70
C ARG F 94 -2.19 18.17 -21.51
N GLY F 95 -1.07 18.37 -20.83
CA GLY F 95 0.21 18.52 -21.51
C GLY F 95 0.78 19.93 -21.48
N SER F 96 0.09 20.84 -20.80
CA SER F 96 0.48 22.25 -20.78
C SER F 96 1.78 22.48 -20.04
N GLN F 97 2.61 23.34 -20.63
CA GLN F 97 3.88 23.72 -20.03
C GLN F 97 3.98 25.21 -19.71
N ASP F 98 2.89 25.95 -19.84
CA ASP F 98 2.91 27.37 -19.55
C ASP F 98 1.75 27.78 -18.63
N SER F 99 1.28 26.85 -17.79
CA SER F 99 0.23 27.16 -16.82
C SER F 99 0.61 28.38 -15.97
N ASP F 100 -0.34 29.28 -15.75
CA ASP F 100 -0.02 30.49 -14.99
C ASP F 100 0.32 30.30 -13.50
N TRP F 101 1.60 30.17 -13.21
CA TRP F 101 2.06 30.13 -11.82
C TRP F 101 2.58 31.47 -11.26
N ASP F 102 2.26 32.58 -11.91
CA ASP F 102 2.63 33.90 -11.35
C ASP F 102 2.23 34.06 -9.88
N PRO F 103 1.01 33.59 -9.50
CA PRO F 103 0.63 33.74 -8.11
C PRO F 103 1.53 32.95 -7.19
N VAL F 104 1.99 31.78 -7.65
CA VAL F 104 2.95 30.99 -6.86
C VAL F 104 4.27 31.77 -6.71
N LYS F 105 4.78 32.29 -7.82
CA LYS F 105 6.05 33.01 -7.79
C LYS F 105 6.00 34.27 -6.94
N ALA F 106 4.88 35.00 -7.03
CA ALA F 106 4.65 36.18 -6.20
C ALA F 106 4.66 35.79 -4.72
N ALA F 107 4.06 34.65 -4.39
CA ALA F 107 4.01 34.21 -3.00
C ALA F 107 5.40 33.83 -2.52
N ALA F 108 6.18 33.20 -3.39
CA ALA F 108 7.51 32.76 -3.01
C ALA F 108 8.40 33.97 -2.80
N LYS F 109 8.21 35.01 -3.61
CA LYS F 109 9.02 36.20 -3.48
C LYS F 109 8.65 36.88 -2.16
N LYS F 110 7.36 36.87 -1.87
CA LYS F 110 6.87 37.53 -0.68
C LYS F 110 7.44 36.86 0.58
N LEU F 111 7.37 35.53 0.63
CA LEU F 111 7.91 34.77 1.75
C LEU F 111 9.41 34.97 1.88
N ALA F 112 10.15 34.86 0.77
CA ALA F 112 11.60 35.10 0.79
C ALA F 112 11.95 36.48 1.35
N PHE F 113 11.25 37.51 0.87
CA PHE F 113 11.56 38.88 1.29
C PHE F 113 11.27 39.08 2.76
N VAL F 114 10.14 38.56 3.20
CA VAL F 114 9.76 38.65 4.60
C VAL F 114 10.76 37.93 5.51
N GLU F 115 11.16 36.72 5.12
CA GLU F 115 12.16 35.97 5.85
C GLU F 115 13.47 36.75 5.95
N ASP F 116 13.97 37.22 4.81
CA ASP F 116 15.24 37.95 4.77
C ASP F 116 15.18 39.27 5.54
N ARG F 117 14.07 39.98 5.44
CA ARG F 117 13.91 41.19 6.24
C ARG F 117 13.88 40.91 7.74
N ALA F 118 13.24 39.81 8.14
CA ALA F 118 13.27 39.43 9.56
C ALA F 118 14.72 39.23 10.01
N ILE F 119 15.49 38.49 9.23
CA ILE F 119 16.88 38.18 9.57
C ILE F 119 17.71 39.47 9.63
N PHE F 120 17.58 40.33 8.63
CA PHE F 120 18.50 41.44 8.50
C PHE F 120 18.05 42.71 9.15
N GLU F 121 16.74 42.93 9.14
CA GLU F 121 16.21 44.20 9.60
C GLU F 121 15.25 44.10 10.77
N GLY F 122 15.02 42.89 11.24
CA GLY F 122 14.20 42.69 12.41
C GLY F 122 12.73 42.57 12.09
N TYR F 123 12.00 41.89 12.96
CA TYR F 123 10.56 41.76 12.89
C TYR F 123 10.05 41.85 14.34
N PRO F 124 9.85 43.08 14.84
CA PRO F 124 9.64 43.29 16.25
C PRO F 124 8.43 42.57 16.81
N ALA F 125 7.34 42.51 16.06
CA ALA F 125 6.12 41.87 16.57
C ALA F 125 6.32 40.38 16.84
N ALA F 126 7.27 39.79 16.12
CA ALA F 126 7.62 38.38 16.27
C ALA F 126 8.81 38.21 17.23
N GLN F 127 9.19 39.32 17.86
CA GLN F 127 10.32 39.36 18.78
C GLN F 127 11.64 39.02 18.11
N ILE F 128 11.76 39.28 16.82
CA ILE F 128 13.02 39.03 16.14
C ILE F 128 13.86 40.32 16.04
N ASP F 129 15.02 40.31 16.67
CA ASP F 129 16.05 41.32 16.44
C ASP F 129 16.85 40.91 15.25
N GLY F 130 16.89 41.75 14.23
CA GLY F 130 17.71 41.44 13.08
C GLY F 130 19.17 41.77 13.25
N ILE F 131 19.97 41.43 12.25
CA ILE F 131 21.39 41.74 12.29
C ILE F 131 21.64 43.25 12.43
N ARG F 132 20.81 44.08 11.79
CA ARG F 132 20.86 45.53 11.91
C ARG F 132 20.77 46.00 13.36
N GLN F 133 19.84 45.41 14.11
CA GLN F 133 19.66 45.78 15.51
C GLN F 133 20.75 45.19 16.37
N CYS F 134 21.17 43.96 16.05
CA CYS F 134 22.11 43.20 16.84
C CYS F 134 23.53 43.78 16.73
N THR F 135 23.91 44.25 15.54
CA THR F 135 25.31 44.67 15.29
C THR F 135 25.83 45.75 16.24
N SER F 136 27.09 45.66 16.62
CA SER F 136 27.70 46.65 17.50
C SER F 136 28.93 47.30 16.86
N ASN F 137 29.29 46.90 15.66
CA ASN F 137 30.42 47.54 14.99
C ASN F 137 29.92 48.83 14.37
N PRO F 138 30.81 49.82 14.17
CA PRO F 138 30.40 51.06 13.52
C PRO F 138 29.72 50.80 12.17
N VAL F 139 28.58 51.46 11.97
CA VAL F 139 27.80 51.35 10.74
C VAL F 139 28.45 52.22 9.68
N LEU F 140 28.55 51.72 8.45
CA LEU F 140 29.22 52.47 7.39
C LEU F 140 28.23 52.95 6.34
N GLN F 141 28.59 54.03 5.68
CA GLN F 141 27.71 54.59 4.66
C GLN F 141 28.16 54.11 3.25
N LEU F 142 27.23 53.54 2.49
CA LEU F 142 27.53 53.22 1.09
C LEU F 142 27.80 54.50 0.32
N PRO F 143 28.95 54.58 -0.40
CA PRO F 143 29.36 55.80 -1.12
C PRO F 143 28.46 56.13 -2.31
N ASP F 144 28.38 57.42 -2.68
CA ASP F 144 27.58 57.83 -3.84
C ASP F 144 28.22 57.35 -5.11
N ASP F 145 29.54 57.38 -5.18
CA ASP F 145 30.29 56.86 -6.32
C ASP F 145 30.54 55.36 -6.13
N ALA F 146 29.93 54.55 -6.98
CA ALA F 146 30.01 53.09 -6.90
C ALA F 146 31.46 52.58 -6.91
N ARG F 147 32.35 53.36 -7.51
CA ARG F 147 33.75 52.99 -7.60
C ARG F 147 34.39 52.94 -6.23
N ASP F 148 33.75 53.57 -5.25
CA ASP F 148 34.29 53.58 -3.89
C ASP F 148 33.80 52.43 -3.03
N ILE F 149 32.93 51.57 -3.55
CA ILE F 149 32.30 50.53 -2.72
C ILE F 149 33.36 49.66 -2.09
N THR F 150 34.42 49.45 -2.85
CA THR F 150 35.54 48.64 -2.46
C THR F 150 36.21 49.15 -1.16
N ASP F 151 36.26 50.47 -0.98
CA ASP F 151 36.79 51.09 0.23
C ASP F 151 36.00 50.73 1.48
N VAL F 152 34.68 50.93 1.45
CA VAL F 152 33.86 50.68 2.66
C VAL F 152 33.82 49.21 2.99
N ILE F 153 33.77 48.35 1.98
CA ILE F 153 33.83 46.91 2.22
C ILE F 153 35.16 46.54 2.91
N ALA F 154 36.27 47.10 2.45
CA ALA F 154 37.57 46.85 3.04
C ALA F 154 37.58 47.33 4.48
N GLN F 155 36.98 48.50 4.73
CA GLN F 155 36.89 49.04 6.06
C GLN F 155 36.03 48.14 6.93
N ALA F 156 34.96 47.61 6.35
CA ALA F 156 34.07 46.74 7.07
C ALA F 156 34.82 45.48 7.50
N LEU F 157 35.64 44.95 6.59
CA LEU F 157 36.42 43.76 6.87
C LEU F 157 37.38 44.00 8.04
N SER F 158 38.03 45.17 8.04
CA SER F 158 38.92 45.54 9.13
C SER F 158 38.18 45.63 10.47
N GLU F 159 36.97 46.18 10.46
CA GLU F 159 36.17 46.25 11.69
C GLU F 159 35.94 44.86 12.28
N LEU F 160 35.65 43.87 11.42
CA LEU F 160 35.42 42.52 11.90
C LEU F 160 36.69 41.92 12.48
N ARG F 161 37.78 42.07 11.74
CA ARG F 161 39.06 41.54 12.18
C ARG F 161 39.47 42.14 13.51
N LEU F 162 39.31 43.46 13.64
CA LEU F 162 39.75 44.17 14.83
C LEU F 162 38.91 43.81 16.04
N ALA F 163 37.65 43.46 15.78
CA ALA F 163 36.77 42.91 16.80
C ALA F 163 37.09 41.46 17.14
N GLY F 164 38.13 40.88 16.54
CA GLY F 164 38.53 39.53 16.93
C GLY F 164 37.66 38.40 16.37
N VAL F 165 36.91 38.71 15.32
CA VAL F 165 36.02 37.77 14.65
C VAL F 165 36.73 37.13 13.44
N ASP F 166 36.95 35.82 13.51
CA ASP F 166 37.53 35.06 12.39
C ASP F 166 36.54 34.90 11.22
N GLY F 167 37.07 34.65 10.02
CA GLY F 167 36.22 34.44 8.83
C GLY F 167 35.81 32.98 8.63
N PRO F 168 35.49 32.59 7.39
CA PRO F 168 35.56 33.47 6.22
C PRO F 168 34.47 34.53 6.25
N TYR F 169 34.62 35.56 5.43
CA TYR F 169 33.69 36.69 5.39
C TYR F 169 32.89 36.74 4.08
N SER F 170 31.62 37.10 4.20
CA SER F 170 30.76 37.27 3.04
C SER F 170 30.15 38.67 3.04
N VAL F 171 29.66 39.07 1.87
CA VAL F 171 29.08 40.40 1.68
C VAL F 171 27.70 40.19 1.11
N LEU F 172 26.71 40.83 1.71
CA LEU F 172 25.37 40.83 1.13
C LEU F 172 25.07 42.19 0.51
N LEU F 173 24.63 42.18 -0.73
CA LEU F 173 24.34 43.43 -1.45
C LEU F 173 22.89 43.47 -1.87
N SER F 174 22.27 44.64 -1.67
CA SER F 174 20.94 44.93 -2.21
C SER F 174 20.92 44.73 -3.73
N ALA F 175 19.72 44.59 -4.31
CA ALA F 175 19.58 44.51 -5.78
C ALA F 175 20.31 45.64 -6.50
N GLU F 176 20.11 46.87 -6.03
CA GLU F 176 20.69 48.04 -6.67
C GLU F 176 22.21 48.00 -6.60
N VAL F 177 22.71 47.74 -5.40
CA VAL F 177 24.15 47.79 -5.15
C VAL F 177 24.84 46.62 -5.86
N TYR F 178 24.25 45.43 -5.77
CA TYR F 178 24.72 44.29 -6.55
C TYR F 178 24.90 44.62 -8.05
N THR F 179 23.87 45.22 -8.65
CA THR F 179 23.91 45.59 -10.06
C THR F 179 25.02 46.60 -10.34
N LYS F 180 25.14 47.64 -9.51
CA LYS F 180 26.20 48.63 -9.68
C LYS F 180 27.59 47.98 -9.61
N VAL F 181 27.80 47.14 -8.60
CA VAL F 181 29.07 46.44 -8.44
C VAL F 181 29.41 45.58 -9.66
N SER F 182 28.41 44.90 -10.20
CA SER F 182 28.69 43.98 -11.28
C SER F 182 28.99 44.67 -12.61
N GLU F 183 28.54 45.93 -12.75
CA GLU F 183 28.75 46.66 -14.00
C GLU F 183 29.88 47.71 -13.97
N THR F 184 30.15 48.27 -12.78
CA THR F 184 30.97 49.46 -12.67
C THR F 184 32.44 49.19 -12.92
N THR F 185 33.06 50.01 -13.76
CA THR F 185 34.51 49.97 -13.91
C THR F 185 35.17 51.24 -13.38
N GLU F 186 36.43 51.12 -12.99
CA GLU F 186 37.24 52.26 -12.62
C GLU F 186 38.43 52.26 -13.56
N HIS F 187 38.53 53.33 -14.35
CA HIS F 187 39.48 53.44 -15.46
C HIS F 187 39.50 52.13 -16.23
N GLY F 188 38.32 51.54 -16.36
CA GLY F 188 38.12 50.35 -17.17
C GLY F 188 38.22 49.01 -16.47
N TYR F 189 38.80 48.99 -15.27
CA TYR F 189 38.96 47.73 -14.55
C TYR F 189 37.69 47.46 -13.73
N PRO F 190 37.04 46.30 -13.94
CA PRO F 190 35.79 45.97 -13.23
C PRO F 190 35.97 45.89 -11.72
N ILE F 191 35.21 46.68 -10.98
CA ILE F 191 35.35 46.66 -9.53
C ILE F 191 34.94 45.30 -8.94
N ARG F 192 34.13 44.55 -9.70
CA ARG F 192 33.70 43.21 -9.27
C ARG F 192 34.90 42.27 -9.14
N GLU F 193 35.88 42.40 -10.03
CA GLU F 193 37.09 41.58 -9.96
C GLU F 193 37.85 41.89 -8.67
N HIS F 194 37.98 43.18 -8.37
CA HIS F 194 38.65 43.63 -7.16
C HIS F 194 37.90 43.09 -5.94
N LEU F 195 36.61 43.35 -5.89
CA LEU F 195 35.77 42.96 -4.79
C LEU F 195 35.69 41.44 -4.55
N ASN F 196 35.55 40.66 -5.62
CA ASN F 196 35.54 39.19 -5.48
C ASN F 196 36.83 38.61 -4.91
N ARG F 197 37.97 39.17 -5.31
CA ARG F 197 39.25 38.65 -4.86
C ARG F 197 39.57 39.12 -3.42
N LEU F 198 38.83 40.09 -2.94
CA LEU F 198 39.05 40.63 -1.62
C LEU F 198 38.33 39.81 -0.56
N VAL F 199 37.20 39.26 -0.93
CA VAL F 199 36.34 38.55 0.00
C VAL F 199 36.58 37.07 -0.20
N ASP F 200 37.07 36.41 0.85
CA ASP F 200 37.27 34.95 0.79
C ASP F 200 35.95 34.18 0.77
N GLY F 201 34.85 34.80 1.19
CA GLY F 201 33.52 34.18 1.12
C GLY F 201 32.84 34.54 -0.19
N ASP F 202 31.55 34.86 -0.14
CA ASP F 202 30.82 35.16 -1.37
C ASP F 202 30.28 36.56 -1.37
N ILE F 203 30.02 37.11 -2.55
CA ILE F 203 29.30 38.35 -2.66
C ILE F 203 27.89 37.95 -3.08
N ILE F 204 26.92 38.15 -2.20
CA ILE F 204 25.62 37.57 -2.38
C ILE F 204 24.51 38.53 -2.79
N TRP F 205 23.75 38.12 -3.80
CA TRP F 205 22.55 38.79 -4.28
C TRP F 205 21.47 38.78 -3.17
N ALA F 206 21.13 39.97 -2.67
CA ALA F 206 20.15 40.09 -1.57
C ALA F 206 19.05 41.12 -1.87
N PRO F 207 18.11 40.80 -2.78
CA PRO F 207 17.19 41.84 -3.20
C PRO F 207 16.19 42.29 -2.13
N ALA F 208 16.08 41.55 -1.04
CA ALA F 208 15.16 41.92 0.03
C ALA F 208 15.62 43.12 0.88
N ILE F 209 16.92 43.40 0.89
CA ILE F 209 17.48 44.37 1.84
C ILE F 209 17.85 45.67 1.14
N ASP F 210 18.04 46.74 1.90
CA ASP F 210 18.66 47.96 1.38
C ASP F 210 20.07 48.04 1.91
N GLY F 211 20.97 48.63 1.15
CA GLY F 211 22.35 48.72 1.60
C GLY F 211 23.06 47.40 1.51
N ALA F 212 23.79 47.03 2.56
CA ALA F 212 24.67 45.87 2.50
C ALA F 212 25.09 45.41 3.87
N PHE F 213 25.58 44.17 3.94
CA PHE F 213 26.14 43.63 5.17
C PHE F 213 27.43 42.92 4.85
N VAL F 214 28.35 42.97 5.78
CA VAL F 214 29.53 42.18 5.69
C VAL F 214 29.56 41.40 6.99
N LEU F 215 29.67 40.09 6.87
CA LEU F 215 29.64 39.25 8.07
C LEU F 215 30.47 37.97 7.97
N SER F 216 30.72 37.37 9.13
CA SER F 216 31.50 36.17 9.17
C SER F 216 30.56 35.02 9.05
N THR F 217 30.97 34.01 8.30
CA THR F 217 30.19 32.78 8.25
C THR F 217 30.95 31.67 8.95
N ARG F 218 31.74 32.03 9.97
CA ARG F 218 32.42 31.01 10.76
C ARG F 218 31.44 30.03 11.43
N GLY F 219 30.18 30.43 11.64
CA GLY F 219 29.20 29.56 12.27
C GLY F 219 29.02 29.91 13.74
N GLY F 220 27.79 29.75 14.24
CA GLY F 220 27.49 29.94 15.67
C GLY F 220 27.08 31.34 16.06
N ASP F 221 26.99 32.23 15.07
CA ASP F 221 26.64 33.62 15.30
C ASP F 221 25.21 33.92 14.89
N PHE F 222 24.76 33.32 13.79
CA PHE F 222 23.46 33.62 13.21
C PHE F 222 22.66 32.32 13.09
N ASP F 223 21.57 32.26 13.87
CA ASP F 223 20.77 31.05 14.06
C ASP F 223 19.36 31.20 13.46
N LEU F 224 19.13 30.64 12.27
CA LEU F 224 17.78 30.53 11.73
C LEU F 224 17.22 29.15 12.12
N ARG F 225 16.33 29.12 13.11
CA ARG F 225 15.74 27.87 13.58
C ARG F 225 14.46 27.56 12.91
N LEU F 226 14.42 26.43 12.23
CA LEU F 226 13.23 25.99 11.53
C LEU F 226 12.45 25.01 12.40
N GLY F 227 11.19 25.32 12.63
CA GLY F 227 10.22 24.33 13.11
C GLY F 227 9.78 23.52 11.92
N THR F 228 9.07 24.17 10.99
CA THR F 228 8.77 23.57 9.69
C THR F 228 9.22 24.49 8.53
N ASP F 229 9.89 23.89 7.53
CA ASP F 229 10.37 24.61 6.34
C ASP F 229 9.26 24.99 5.36
N VAL F 230 9.61 25.72 4.31
CA VAL F 230 8.64 26.14 3.29
C VAL F 230 7.73 24.99 2.88
N SER F 231 6.43 25.18 3.05
CA SER F 231 5.42 24.19 2.70
C SER F 231 4.28 24.83 1.93
N ILE F 232 3.60 24.01 1.12
CA ILE F 232 2.44 24.46 0.37
C ILE F 232 1.20 23.73 0.90
N GLY F 233 0.19 24.52 1.29
CA GLY F 233 -1.05 23.99 1.83
C GLY F 233 -2.30 24.52 1.13
N TYR F 234 -3.43 23.92 1.50
CA TYR F 234 -4.69 24.21 0.86
C TYR F 234 -5.64 24.92 1.82
N LEU F 235 -6.33 25.95 1.32
CA LEU F 235 -7.38 26.68 2.07
C LEU F 235 -8.77 26.35 1.55
N SER F 236 -9.04 26.72 0.30
CA SER F 236 -10.39 26.64 -0.24
C SER F 236 -10.34 26.62 -1.75
N HIS F 237 -11.50 26.45 -2.38
CA HIS F 237 -11.62 26.50 -3.83
C HIS F 237 -13.05 26.84 -4.24
N ASP F 238 -13.21 27.36 -5.45
CA ASP F 238 -14.55 27.51 -6.05
C ASP F 238 -14.48 26.86 -7.44
N ALA F 239 -15.41 27.18 -8.33
CA ALA F 239 -15.41 26.57 -9.64
C ALA F 239 -14.24 27.01 -10.50
N GLU F 240 -13.78 28.25 -10.33
CA GLU F 240 -12.67 28.82 -11.12
C GLU F 240 -11.28 28.71 -10.50
N THR F 241 -11.17 28.76 -9.18
CA THR F 241 -9.87 28.96 -8.55
C THR F 241 -9.63 28.12 -7.34
N VAL F 242 -8.37 28.02 -6.94
CA VAL F 242 -8.01 27.31 -5.73
C VAL F 242 -7.15 28.25 -4.91
N GLN F 243 -7.48 28.37 -3.62
CA GLN F 243 -6.65 29.14 -2.71
C GLN F 243 -5.69 28.24 -1.93
N LEU F 244 -4.40 28.52 -2.09
CA LEU F 244 -3.36 27.78 -1.44
C LEU F 244 -2.55 28.77 -0.63
N TYR F 245 -1.45 28.29 -0.06
CA TYR F 245 -0.51 29.18 0.59
C TYR F 245 0.86 28.52 0.70
N LEU F 246 1.86 29.36 0.86
CA LEU F 246 3.16 28.95 1.33
C LEU F 246 3.27 29.33 2.78
N GLU F 247 3.85 28.44 3.58
CA GLU F 247 4.13 28.79 4.96
C GLU F 247 5.41 28.19 5.46
N GLU F 248 5.93 28.77 6.54
CA GLU F 248 7.00 28.18 7.31
C GLU F 248 6.85 28.65 8.75
N THR F 249 7.42 27.88 9.67
CA THR F 249 7.44 28.23 11.08
C THR F 249 8.87 28.22 11.55
N LEU F 250 9.36 29.38 11.98
CA LEU F 250 10.77 29.59 12.30
C LEU F 250 10.99 30.79 13.21
N THR F 251 12.22 30.92 13.70
CA THR F 251 12.68 32.20 14.20
C THR F 251 14.15 32.47 13.84
N PHE F 252 14.61 33.68 14.15
CA PHE F 252 16.01 33.97 13.97
C PHE F 252 16.59 34.57 15.23
N LEU F 253 17.75 34.06 15.64
CA LEU F 253 18.50 34.64 16.76
C LEU F 253 19.91 35.03 16.33
N CYS F 254 20.35 36.23 16.73
CA CYS F 254 21.71 36.70 16.52
C CYS F 254 22.45 36.68 17.86
N TYR F 255 23.56 35.96 17.94
CA TYR F 255 24.24 35.76 19.21
C TYR F 255 25.53 36.56 19.38
N THR F 256 25.93 37.30 18.34
CA THR F 256 27.23 37.97 18.33
C THR F 256 27.12 39.31 17.66
N SER F 257 27.07 40.35 18.46
CA SER F 257 26.85 41.67 17.93
C SER F 257 28.02 42.14 17.04
N GLU F 258 29.24 41.65 17.32
CA GLU F 258 30.41 42.11 16.58
C GLU F 258 30.75 41.28 15.33
N ALA F 259 29.93 40.25 15.03
CA ALA F 259 30.20 39.41 13.87
C ALA F 259 29.67 39.99 12.54
N SER F 260 29.04 41.15 12.60
CA SER F 260 28.57 41.81 11.37
C SER F 260 28.86 43.32 11.30
N VAL F 261 28.87 43.83 10.08
CA VAL F 261 28.93 45.24 9.84
C VAL F 261 27.79 45.59 8.90
N ALA F 262 26.98 46.58 9.29
CA ALA F 262 25.89 47.09 8.45
C ALA F 262 26.39 48.26 7.62
N LEU F 263 25.94 48.30 6.37
CA LEU F 263 26.21 49.46 5.50
C LEU F 263 24.88 50.02 5.03
N THR F 264 24.67 51.31 5.31
CA THR F 264 23.40 51.92 4.97
C THR F 264 23.42 52.45 3.55
N PRO F 265 22.27 52.41 2.88
CA PRO F 265 22.16 52.83 1.48
C PRO F 265 22.37 54.32 1.34
N MET G 1 31.96 19.86 36.00
CA MET G 1 30.98 20.43 36.95
C MET G 1 29.77 20.99 36.22
N ASN G 2 28.63 20.91 36.88
CA ASN G 2 27.41 21.48 36.37
C ASN G 2 27.06 22.71 37.20
N ASN G 3 25.98 23.41 36.83
CA ASN G 3 25.57 24.63 37.52
C ASN G 3 25.40 24.53 39.05
N LEU G 4 25.30 23.32 39.58
CA LEU G 4 25.12 23.13 41.01
C LEU G 4 26.39 23.42 41.82
N TYR G 5 27.53 23.21 41.18
CA TYR G 5 28.86 23.37 41.79
C TYR G 5 29.01 22.68 43.13
N ARG G 6 28.38 21.52 43.27
CA ARG G 6 28.49 20.74 44.50
C ARG G 6 29.95 20.50 44.95
N GLU G 7 30.82 20.24 43.97
CA GLU G 7 32.23 19.91 44.21
C GLU G 7 32.98 21.02 44.93
N LEU G 8 32.45 22.24 44.95
CA LEU G 8 33.14 23.35 45.59
C LEU G 8 32.78 23.53 47.08
N ALA G 9 31.76 22.80 47.53
CA ALA G 9 31.24 22.90 48.89
C ALA G 9 32.12 22.07 49.81
N PRO G 10 32.46 22.60 51.00
CA PRO G 10 33.15 21.73 51.97
C PRO G 10 32.09 20.82 52.62
N VAL G 11 31.62 19.85 51.84
CA VAL G 11 30.61 18.91 52.25
C VAL G 11 31.16 17.57 51.78
N THR G 12 31.28 16.60 52.69
CA THR G 12 31.78 15.28 52.32
C THR G 12 30.71 14.48 51.57
N ASP G 13 31.15 13.40 50.92
CA ASP G 13 30.25 12.44 50.29
C ASP G 13 29.23 11.91 51.28
N ALA G 14 29.68 11.51 52.45
CA ALA G 14 28.78 11.02 53.50
C ALA G 14 27.74 12.07 53.90
N ALA G 15 28.18 13.32 54.04
CA ALA G 15 27.26 14.43 54.35
C ALA G 15 26.28 14.67 53.21
N TRP G 16 26.77 14.71 51.98
CA TRP G 16 25.93 14.87 50.81
C TRP G 16 24.83 13.82 50.79
N HIS G 17 25.19 12.58 51.07
CA HIS G 17 24.22 11.50 50.99
C HIS G 17 23.12 11.70 52.03
N GLU G 18 23.52 12.11 53.24
CA GLU G 18 22.54 12.42 54.29
C GLU G 18 21.63 13.59 53.94
N ILE G 19 22.20 14.63 53.35
CA ILE G 19 21.44 15.81 52.99
C ILE G 19 20.43 15.45 51.91
N GLU G 20 20.84 14.66 50.90
CA GLU G 20 19.94 14.30 49.81
C GLU G 20 18.82 13.43 50.32
N THR G 21 19.16 12.39 51.07
CA THR G 21 18.18 11.50 51.68
C THR G 21 17.08 12.27 52.42
N GLU G 22 17.51 13.23 53.23
CA GLU G 22 16.58 14.01 54.03
C GLU G 22 15.71 14.94 53.18
N ALA G 23 16.34 15.68 52.28
CA ALA G 23 15.61 16.57 51.38
C ALA G 23 14.52 15.77 50.66
N ILE G 24 14.86 14.60 50.14
CA ILE G 24 13.93 13.83 49.31
C ILE G 24 12.79 13.25 50.13
N ARG G 25 13.08 12.61 51.24
CA ARG G 25 12.01 12.04 52.03
C ARG G 25 11.10 13.09 52.66
N THR G 26 11.64 14.27 52.96
CA THR G 26 10.83 15.35 53.52
C THR G 26 9.92 15.90 52.43
N PHE G 27 10.50 16.22 51.28
CA PHE G 27 9.73 16.63 50.11
C PHE G 27 8.54 15.72 49.83
N LYS G 28 8.82 14.45 49.72
CA LYS G 28 7.83 13.43 49.40
C LYS G 28 6.76 13.34 50.49
N ARG G 29 7.11 13.56 51.75
CA ARG G 29 6.12 13.57 52.84
C ARG G 29 5.13 14.74 52.71
N HIS G 30 5.57 15.86 52.15
CA HIS G 30 4.72 17.04 52.00
C HIS G 30 3.96 17.13 50.67
N ILE G 31 4.50 16.52 49.61
CA ILE G 31 3.98 16.77 48.28
C ILE G 31 2.72 15.96 47.96
N ALA G 32 1.73 16.59 47.32
CA ALA G 32 0.48 15.92 46.95
C ALA G 32 0.22 15.89 45.43
N GLY G 33 0.52 16.98 44.72
CA GLY G 33 0.22 17.07 43.29
C GLY G 33 0.80 15.90 42.50
N ARG G 34 2.07 15.64 42.73
CA ARG G 34 2.80 14.56 42.03
C ARG G 34 2.17 13.20 42.15
N ARG G 35 1.29 13.05 43.12
CA ARG G 35 0.66 11.78 43.34
C ARG G 35 -0.58 11.65 42.49
N VAL G 36 -1.06 12.76 41.92
CA VAL G 36 -2.26 12.71 41.08
C VAL G 36 -2.13 13.26 39.65
N VAL G 37 -1.21 14.20 39.44
CA VAL G 37 -0.99 14.76 38.10
C VAL G 37 0.02 13.90 37.34
N ASP G 38 0.09 14.04 36.02
CA ASP G 38 1.15 13.40 35.23
C ASP G 38 2.45 14.17 35.42
N VAL G 39 3.49 13.47 35.85
CA VAL G 39 4.79 14.11 36.08
C VAL G 39 5.73 13.54 35.03
N SER G 40 6.30 14.41 34.19
CA SER G 40 7.12 13.97 33.07
C SER G 40 8.51 13.60 33.54
N GLU G 41 9.25 12.87 32.69
CA GLU G 41 10.69 12.68 32.88
C GLU G 41 11.40 14.02 32.71
N PRO G 42 12.35 14.34 33.62
CA PRO G 42 13.05 15.63 33.46
C PRO G 42 13.70 15.74 32.09
N SER G 43 13.46 16.84 31.39
CA SER G 43 14.01 17.01 30.04
C SER G 43 15.38 17.69 29.99
N GLY G 44 15.90 18.12 31.14
CA GLY G 44 17.20 18.77 31.20
C GLY G 44 17.21 20.29 31.29
N PRO G 45 18.40 20.88 31.53
CA PRO G 45 18.56 22.31 31.82
C PRO G 45 18.30 23.24 30.65
N VAL G 46 18.33 22.71 29.42
CA VAL G 46 18.15 23.57 28.25
C VAL G 46 16.68 23.97 28.09
N THR G 47 15.76 23.07 28.43
CA THR G 47 14.31 23.28 28.30
C THR G 47 13.84 24.58 28.94
N ALA G 48 13.12 25.39 28.18
CA ALA G 48 12.70 26.69 28.69
C ALA G 48 11.21 26.96 28.60
N ALA G 49 10.52 26.20 27.76
CA ALA G 49 9.10 26.45 27.56
C ALA G 49 8.39 25.17 27.17
N VAL G 50 7.10 25.09 27.39
CA VAL G 50 6.32 23.94 26.96
C VAL G 50 5.38 24.42 25.88
N SER G 51 5.49 23.80 24.72
CA SER G 51 4.61 24.17 23.62
C SER G 51 3.17 23.83 23.97
N THR G 52 2.23 24.75 23.72
CA THR G 52 0.80 24.45 23.92
C THR G 52 0.07 24.13 22.61
N GLY G 53 0.77 24.28 21.49
CA GLY G 53 0.19 24.06 20.17
C GLY G 53 -0.71 25.17 19.63
N HIS G 54 -0.99 26.21 20.43
CA HIS G 54 -1.86 27.28 19.98
C HIS G 54 -1.08 28.33 19.19
N LEU G 55 -1.80 29.09 18.37
CA LEU G 55 -1.26 30.21 17.62
C LEU G 55 -1.80 31.47 18.26
N ARG G 56 -1.03 32.56 18.23
CA ARG G 56 -1.51 33.86 18.71
C ARG G 56 -1.36 34.85 17.60
N ASP G 57 -2.45 35.56 17.26
CA ASP G 57 -2.40 36.62 16.24
C ASP G 57 -1.35 37.68 16.54
N ILE G 58 -0.48 37.97 15.58
CA ILE G 58 0.44 39.09 15.71
C ILE G 58 0.39 39.93 14.43
N SER G 59 0.79 41.18 14.55
CA SER G 59 0.88 42.06 13.41
C SER G 59 1.78 41.44 12.32
N PRO G 60 1.32 41.38 11.06
CA PRO G 60 2.14 40.76 10.00
C PRO G 60 3.35 41.56 9.61
N PRO G 61 4.33 40.94 8.97
CA PRO G 61 5.52 41.68 8.56
C PRO G 61 5.35 42.45 7.26
N GLY G 62 4.26 42.25 6.55
CA GLY G 62 3.96 42.95 5.29
C GLY G 62 2.58 42.54 4.79
N ASP G 63 2.08 43.27 3.79
CA ASP G 63 0.77 42.98 3.19
C ASP G 63 0.80 41.63 2.51
N GLY G 64 -0.30 40.92 2.59
CA GLY G 64 -0.38 39.58 2.03
C GLY G 64 0.34 38.51 2.83
N VAL G 65 0.76 38.82 4.06
CA VAL G 65 1.31 37.79 4.95
C VAL G 65 0.40 37.69 6.15
N VAL G 66 0.12 36.47 6.56
CA VAL G 66 -0.60 36.17 7.78
C VAL G 66 0.42 35.64 8.79
N ALA G 67 0.58 36.31 9.92
CA ALA G 67 1.55 35.89 10.95
C ALA G 67 0.89 35.43 12.25
N HIS G 68 1.45 34.41 12.87
CA HIS G 68 0.99 33.95 14.18
C HIS G 68 2.19 33.55 15.02
N LEU G 69 2.21 33.96 16.28
CA LEU G 69 3.24 33.47 17.19
C LEU G 69 2.85 32.12 17.72
N ARG G 70 3.83 31.23 17.81
CA ARG G 70 3.65 29.96 18.43
C ARG G 70 3.63 30.18 19.95
N GLU G 71 2.54 29.76 20.58
CA GLU G 71 2.32 29.96 22.00
C GLU G 71 2.99 28.85 22.81
N SER G 72 3.59 29.23 23.94
CA SER G 72 4.19 28.24 24.85
C SER G 72 4.07 28.72 26.30
N LYS G 73 4.25 27.81 27.26
CA LYS G 73 4.29 28.20 28.66
C LYS G 73 5.70 28.11 29.19
N PRO G 74 6.24 29.20 29.79
CA PRO G 74 7.63 29.19 30.27
C PRO G 74 7.79 28.36 31.53
N LEU G 75 8.93 27.68 31.66
CA LEU G 75 9.26 27.01 32.89
C LEU G 75 9.76 28.02 33.91
N VAL G 76 9.52 27.75 35.18
CA VAL G 76 10.02 28.61 36.24
C VAL G 76 11.02 27.81 37.06
N ARG G 77 12.14 28.45 37.38
CA ARG G 77 13.07 27.91 38.37
C ARG G 77 12.67 28.38 39.75
N LEU G 78 12.49 27.42 40.64
CA LEU G 78 12.20 27.70 42.04
C LEU G 78 13.42 27.32 42.84
N ARG G 79 13.99 28.30 43.52
CA ARG G 79 15.16 28.06 44.35
C ARG G 79 14.89 28.41 45.81
N VAL G 80 15.29 27.51 46.71
CA VAL G 80 15.06 27.72 48.15
C VAL G 80 16.39 27.59 48.86
N PRO G 81 17.03 28.72 49.19
CA PRO G 81 18.32 28.68 49.88
C PRO G 81 18.17 28.23 51.32
N PHE G 82 19.19 27.56 51.83
CA PHE G 82 19.25 27.19 53.24
C PHE G 82 20.70 27.08 53.68
N THR G 83 20.91 27.14 54.99
CA THR G 83 22.24 27.16 55.56
C THR G 83 22.39 26.06 56.58
N VAL G 84 23.47 25.32 56.48
CA VAL G 84 23.75 24.29 57.47
C VAL G 84 25.11 24.57 58.11
N THR G 85 25.28 24.09 59.34
CA THR G 85 26.54 24.31 60.04
C THR G 85 27.57 23.31 59.60
N ARG G 86 28.83 23.72 59.61
CA ARG G 86 29.94 22.85 59.24
C ARG G 86 30.19 21.72 60.26
N SER G 87 29.81 21.93 61.52
CA SER G 87 29.87 20.81 62.46
C SER G 87 28.81 19.74 62.15
N ALA G 88 27.60 20.15 61.75
CA ALA G 88 26.62 19.18 61.26
C ALA G 88 27.25 18.35 60.14
N ILE G 89 27.89 19.04 59.18
CA ILE G 89 28.55 18.39 58.05
C ILE G 89 29.70 17.47 58.50
N ASP G 90 30.67 18.02 59.22
CA ASP G 90 31.88 17.30 59.57
C ASP G 90 31.63 16.14 60.53
N ASP G 91 30.60 16.24 61.36
CA ASP G 91 30.32 15.13 62.30
C ASP G 91 29.87 13.86 61.60
N VAL G 92 29.37 13.96 60.37
CA VAL G 92 28.83 12.81 59.66
C VAL G 92 29.87 11.71 59.50
N GLU G 93 31.02 12.10 58.97
CA GLU G 93 32.15 11.21 58.76
C GLU G 93 32.64 10.60 60.06
N ARG G 94 32.46 11.33 61.16
CA ARG G 94 32.86 10.87 62.49
C ARG G 94 31.85 9.91 63.14
N GLY G 95 30.75 9.63 62.44
CA GLY G 95 29.76 8.69 62.93
C GLY G 95 28.51 9.32 63.50
N SER G 96 28.35 10.63 63.36
CA SER G 96 27.15 11.30 63.84
C SER G 96 25.94 10.86 63.06
N GLN G 97 24.88 10.54 63.79
CA GLN G 97 23.60 10.20 63.17
C GLN G 97 22.49 11.19 63.49
N ASP G 98 22.84 12.31 64.11
CA ASP G 98 21.83 13.30 64.47
C ASP G 98 22.24 14.71 64.10
N SER G 99 23.04 14.86 63.04
CA SER G 99 23.41 16.21 62.55
C SER G 99 22.16 17.01 62.22
N ASP G 100 22.23 18.30 62.47
CA ASP G 100 21.06 19.15 62.40
C ASP G 100 20.70 19.46 60.95
N TRP G 101 19.74 18.72 60.42
CA TRP G 101 19.29 18.93 59.06
C TRP G 101 17.98 19.72 58.97
N ASP G 102 17.52 20.27 60.09
CA ASP G 102 16.34 21.13 60.11
C ASP G 102 16.29 22.16 58.98
N PRO G 103 17.43 22.83 58.68
CA PRO G 103 17.41 23.80 57.57
C PRO G 103 17.11 23.12 56.23
N VAL G 104 17.61 21.91 56.02
CA VAL G 104 17.28 21.12 54.85
C VAL G 104 15.77 20.80 54.85
N LYS G 105 15.24 20.33 55.97
CA LYS G 105 13.82 19.98 56.05
C LYS G 105 12.92 21.18 55.84
N ALA G 106 13.34 22.36 56.32
CA ALA G 106 12.50 23.54 56.22
C ALA G 106 12.44 23.95 54.76
N ALA G 107 13.59 23.82 54.10
CA ALA G 107 13.69 24.12 52.69
C ALA G 107 12.84 23.15 51.86
N ALA G 108 12.83 21.86 52.21
CA ALA G 108 12.06 20.91 51.42
C ALA G 108 10.57 21.16 51.54
N LYS G 109 10.13 21.56 52.74
CA LYS G 109 8.73 21.86 52.97
C LYS G 109 8.30 23.09 52.19
N LYS G 110 9.09 24.16 52.31
CA LYS G 110 8.94 25.39 51.53
C LYS G 110 8.78 25.09 50.02
N LEU G 111 9.70 24.29 49.47
CA LEU G 111 9.60 23.91 48.05
C LEU G 111 8.33 23.10 47.74
N ALA G 112 8.02 22.13 48.59
CA ALA G 112 6.86 21.28 48.39
C ALA G 112 5.59 22.12 48.41
N PHE G 113 5.54 23.06 49.36
CA PHE G 113 4.37 23.91 49.48
C PHE G 113 4.21 24.82 48.29
N VAL G 114 5.33 25.36 47.80
CA VAL G 114 5.29 26.23 46.63
C VAL G 114 4.85 25.48 45.38
N GLU G 115 5.43 24.30 45.15
CA GLU G 115 5.03 23.44 44.03
C GLU G 115 3.54 23.11 44.08
N ASP G 116 3.07 22.64 45.24
CA ASP G 116 1.65 22.30 45.38
C ASP G 116 0.71 23.49 45.29
N ARG G 117 1.13 24.65 45.79
CA ARG G 117 0.27 25.82 45.68
C ARG G 117 0.17 26.32 44.24
N ALA G 118 1.29 26.27 43.50
CA ALA G 118 1.25 26.57 42.09
C ALA G 118 0.30 25.61 41.34
N ILE G 119 0.47 24.30 41.52
CA ILE G 119 -0.44 23.33 40.91
C ILE G 119 -1.93 23.57 41.25
N PHE G 120 -2.25 23.76 42.53
CA PHE G 120 -3.67 23.78 42.90
C PHE G 120 -4.27 25.15 42.96
N GLU G 121 -3.48 26.16 43.36
CA GLU G 121 -4.00 27.50 43.53
C GLU G 121 -3.37 28.49 42.59
N GLY G 122 -2.43 28.06 41.76
CA GLY G 122 -1.84 28.95 40.75
C GLY G 122 -0.70 29.81 41.20
N TYR G 123 0.09 30.30 40.25
CA TYR G 123 1.22 31.18 40.53
C TYR G 123 1.33 32.16 39.38
N PRO G 124 0.60 33.29 39.48
CA PRO G 124 0.40 34.20 38.36
C PRO G 124 1.69 34.77 37.78
N ALA G 125 2.63 35.21 38.62
CA ALA G 125 3.90 35.73 38.09
C ALA G 125 4.67 34.70 37.27
N ALA G 126 4.37 33.42 37.49
CA ALA G 126 5.03 32.35 36.71
C ALA G 126 4.13 31.81 35.60
N GLN G 127 3.02 32.52 35.36
CA GLN G 127 2.01 32.17 34.35
C GLN G 127 1.44 30.76 34.56
N ILE G 128 1.43 30.30 35.81
CA ILE G 128 0.78 29.03 36.10
C ILE G 128 -0.65 29.28 36.57
N ASP G 129 -1.61 28.88 35.73
CA ASP G 129 -3.01 28.75 36.12
C ASP G 129 -3.17 27.41 36.80
N GLY G 130 -3.59 27.46 38.06
CA GLY G 130 -3.69 26.25 38.86
C GLY G 130 -5.02 25.60 38.63
N ILE G 131 -5.22 24.46 39.26
CA ILE G 131 -6.45 23.71 39.09
C ILE G 131 -7.67 24.55 39.54
N ARG G 132 -7.50 25.33 40.60
CA ARG G 132 -8.58 26.18 41.12
C ARG G 132 -9.07 27.18 40.08
N GLN G 133 -8.16 27.77 39.31
CA GLN G 133 -8.55 28.71 38.25
C GLN G 133 -9.10 27.96 37.06
N CYS G 134 -8.48 26.81 36.77
CA CYS G 134 -8.82 25.98 35.62
C CYS G 134 -10.24 25.36 35.71
N THR G 135 -10.68 24.95 36.90
CA THR G 135 -11.90 24.12 37.00
C THR G 135 -13.13 24.82 36.44
N SER G 136 -13.96 24.10 35.69
CA SER G 136 -15.24 24.65 35.23
C SER G 136 -16.45 24.04 35.94
N ASN G 137 -16.23 23.09 36.84
CA ASN G 137 -17.36 22.50 37.55
C ASN G 137 -17.79 23.40 38.70
N PRO G 138 -19.06 23.32 39.10
CA PRO G 138 -19.50 24.11 40.27
C PRO G 138 -18.62 23.84 41.50
N VAL G 139 -18.17 24.91 42.15
CA VAL G 139 -17.32 24.82 43.34
C VAL G 139 -18.20 24.45 44.54
N LEU G 140 -17.73 23.52 45.36
CA LEU G 140 -18.53 23.08 46.50
C LEU G 140 -17.98 23.61 47.81
N GLN G 141 -18.83 23.68 48.82
CA GLN G 141 -18.43 24.21 50.11
C GLN G 141 -18.25 23.06 51.08
N LEU G 142 -17.10 22.99 51.74
CA LEU G 142 -16.89 21.97 52.77
C LEU G 142 -17.76 22.28 53.96
N PRO G 143 -18.42 21.25 54.52
CA PRO G 143 -19.41 21.51 55.56
C PRO G 143 -18.76 21.83 56.90
N ASP G 144 -19.52 22.49 57.78
CA ASP G 144 -19.07 22.80 59.14
C ASP G 144 -18.88 21.53 59.95
N ASP G 145 -19.81 20.59 59.80
CA ASP G 145 -19.76 19.33 60.50
C ASP G 145 -19.05 18.32 59.60
N ALA G 146 -17.92 17.82 60.08
CA ALA G 146 -17.13 16.85 59.35
C ALA G 146 -17.90 15.59 58.95
N ARG G 147 -18.94 15.24 59.71
CA ARG G 147 -19.78 14.08 59.39
C ARG G 147 -20.47 14.18 58.03
N ASP G 148 -20.57 15.40 57.51
CA ASP G 148 -21.17 15.63 56.19
C ASP G 148 -20.15 15.68 55.05
N ILE G 149 -18.88 15.40 55.32
CA ILE G 149 -17.86 15.48 54.29
C ILE G 149 -18.18 14.52 53.15
N THR G 150 -18.69 13.34 53.48
CA THR G 150 -19.02 12.33 52.47
C THR G 150 -20.07 12.84 51.46
N ASP G 151 -21.00 13.66 51.94
CA ASP G 151 -22.00 14.27 51.08
C ASP G 151 -21.40 15.12 49.97
N VAL G 152 -20.47 16.02 50.33
CA VAL G 152 -19.90 16.88 49.30
C VAL G 152 -19.00 16.10 48.34
N ILE G 153 -18.26 15.13 48.85
CA ILE G 153 -17.42 14.28 48.02
C ILE G 153 -18.29 13.54 47.00
N ALA G 154 -19.42 12.97 47.47
CA ALA G 154 -20.37 12.28 46.61
C ALA G 154 -20.93 13.22 45.54
N GLN G 155 -21.29 14.43 45.94
CA GLN G 155 -21.73 15.40 44.96
C GLN G 155 -20.62 15.76 43.98
N ALA G 156 -19.37 15.82 44.43
CA ALA G 156 -18.29 16.18 43.51
C ALA G 156 -18.11 15.08 42.47
N LEU G 157 -18.14 13.82 42.92
CA LEU G 157 -18.00 12.66 42.05
C LEU G 157 -19.07 12.69 40.96
N SER G 158 -20.28 13.03 41.36
CA SER G 158 -21.37 13.16 40.44
C SER G 158 -21.14 14.29 39.43
N GLU G 159 -20.58 15.42 39.87
CA GLU G 159 -20.24 16.48 38.94
C GLU G 159 -19.25 16.00 37.89
N LEU G 160 -18.27 15.21 38.31
CA LEU G 160 -17.29 14.66 37.37
C LEU G 160 -17.96 13.71 36.37
N ARG G 161 -18.79 12.79 36.88
CA ARG G 161 -19.47 11.82 36.01
C ARG G 161 -20.37 12.53 35.01
N LEU G 162 -21.14 13.49 35.49
CA LEU G 162 -22.08 14.20 34.62
C LEU G 162 -21.36 15.02 33.55
N ALA G 163 -20.14 15.47 33.86
CA ALA G 163 -19.34 16.17 32.90
C ALA G 163 -18.59 15.20 31.96
N GLY G 164 -18.96 13.93 31.98
CA GLY G 164 -18.43 12.97 31.01
C GLY G 164 -17.02 12.48 31.29
N VAL G 165 -16.54 12.70 32.51
CA VAL G 165 -15.16 12.39 32.83
C VAL G 165 -15.06 11.02 33.47
N ASP G 166 -14.34 10.11 32.84
CA ASP G 166 -14.03 8.79 33.43
C ASP G 166 -13.04 8.87 34.61
N GLY G 167 -13.04 7.87 35.50
CA GLY G 167 -12.10 7.82 36.62
C GLY G 167 -10.79 7.12 36.26
N PRO G 168 -10.06 6.58 37.24
CA PRO G 168 -10.43 6.64 38.64
C PRO G 168 -10.38 8.06 39.23
N TYR G 169 -11.07 8.25 40.34
CA TYR G 169 -11.15 9.54 41.00
C TYR G 169 -10.37 9.58 42.31
N SER G 170 -9.66 10.69 42.55
CA SER G 170 -8.89 10.89 43.79
C SER G 170 -9.31 12.16 44.51
N VAL G 171 -9.12 12.15 45.82
CA VAL G 171 -9.56 13.25 46.67
C VAL G 171 -8.35 13.80 47.38
N LEU G 172 -8.16 15.10 47.30
CA LEU G 172 -7.07 15.74 48.02
C LEU G 172 -7.60 16.57 49.18
N LEU G 173 -7.05 16.35 50.36
CA LEU G 173 -7.54 17.00 51.58
C LEU G 173 -6.47 17.84 52.23
N SER G 174 -6.82 19.06 52.63
CA SER G 174 -5.97 19.92 53.47
C SER G 174 -5.57 19.14 54.73
N ALA G 175 -4.47 19.55 55.37
CA ALA G 175 -4.04 18.94 56.65
C ALA G 175 -5.19 18.82 57.66
N GLU G 176 -5.93 19.91 57.81
CA GLU G 176 -7.02 19.99 58.74
C GLU G 176 -8.13 18.99 58.42
N VAL G 177 -8.63 19.00 57.19
CA VAL G 177 -9.74 18.15 56.80
C VAL G 177 -9.34 16.68 56.83
N TYR G 178 -8.15 16.40 56.32
CA TYR G 178 -7.64 15.03 56.36
C TYR G 178 -7.61 14.51 57.80
N THR G 179 -7.13 15.32 58.74
CA THR G 179 -7.14 14.92 60.15
C THR G 179 -8.57 14.67 60.64
N LYS G 180 -9.48 15.59 60.31
CA LYS G 180 -10.89 15.46 60.70
C LYS G 180 -11.49 14.18 60.16
N VAL G 181 -11.31 13.94 58.87
CA VAL G 181 -11.84 12.77 58.22
C VAL G 181 -11.28 11.50 58.89
N SER G 182 -10.01 11.52 59.29
CA SER G 182 -9.43 10.30 59.82
C SER G 182 -9.90 9.96 61.24
N GLU G 183 -10.42 10.95 61.98
CA GLU G 183 -10.89 10.74 63.36
C GLU G 183 -12.41 10.68 63.55
N THR G 184 -13.16 11.32 62.65
CA THR G 184 -14.58 11.57 62.85
C THR G 184 -15.40 10.31 62.68
N THR G 185 -16.28 10.07 63.65
CA THR G 185 -17.27 8.99 63.55
C THR G 185 -18.67 9.59 63.46
N GLU G 186 -19.60 8.85 62.89
CA GLU G 186 -21.00 9.24 62.92
C GLU G 186 -21.75 8.07 63.54
N HIS G 187 -22.31 8.27 64.72
CA HIS G 187 -22.92 7.20 65.51
C HIS G 187 -21.97 6.01 65.60
N GLY G 188 -20.69 6.32 65.77
CA GLY G 188 -19.68 5.31 66.01
C GLY G 188 -18.96 4.88 64.75
N TYR G 189 -19.62 5.03 63.61
CA TYR G 189 -19.10 4.52 62.37
C TYR G 189 -18.09 5.52 61.78
N PRO G 190 -16.83 5.10 61.59
CA PRO G 190 -15.80 6.03 61.05
C PRO G 190 -16.13 6.49 59.63
N ILE G 191 -16.21 7.79 59.44
CA ILE G 191 -16.51 8.31 58.11
C ILE G 191 -15.38 8.01 57.09
N ARG G 192 -14.16 7.79 57.57
CA ARG G 192 -13.08 7.36 56.69
C ARG G 192 -13.37 6.03 55.97
N GLU G 193 -14.02 5.09 56.66
CA GLU G 193 -14.44 3.83 56.03
C GLU G 193 -15.41 4.08 54.88
N HIS G 194 -16.37 4.97 55.11
CA HIS G 194 -17.35 5.32 54.09
C HIS G 194 -16.63 5.97 52.89
N LEU G 195 -15.85 7.02 53.18
CA LEU G 195 -15.12 7.79 52.18
C LEU G 195 -14.14 6.96 51.35
N ASN G 196 -13.38 6.09 52.01
CA ASN G 196 -12.40 5.29 51.31
C ASN G 196 -13.02 4.34 50.34
N ARG G 197 -14.20 3.82 50.66
CA ARG G 197 -14.88 2.87 49.75
C ARG G 197 -15.65 3.59 48.62
N LEU G 198 -15.99 4.85 48.87
CA LEU G 198 -16.65 5.67 47.90
C LEU G 198 -15.70 6.08 46.76
N VAL G 199 -14.41 6.08 47.04
CA VAL G 199 -13.41 6.60 46.10
C VAL G 199 -12.56 5.46 45.58
N ASP G 200 -12.61 5.21 44.28
CA ASP G 200 -11.79 4.13 43.70
C ASP G 200 -10.31 4.49 43.64
N GLY G 201 -10.01 5.79 43.70
CA GLY G 201 -8.64 6.27 43.78
C GLY G 201 -8.13 6.38 45.20
N ASP G 202 -7.33 7.41 45.46
CA ASP G 202 -6.76 7.63 46.79
C ASP G 202 -7.32 8.86 47.49
N ILE G 203 -7.21 8.87 48.81
CA ILE G 203 -7.52 10.05 49.57
C ILE G 203 -6.21 10.53 50.15
N ILE G 204 -5.82 11.72 49.74
CA ILE G 204 -4.44 12.15 49.83
C ILE G 204 -4.24 13.33 50.76
N TRP G 205 -3.26 13.17 51.65
CA TRP G 205 -2.70 14.22 52.50
C TRP G 205 -2.09 15.36 51.65
N ALA G 206 -2.61 16.57 51.80
CA ALA G 206 -2.22 17.70 50.97
C ALA G 206 -2.08 18.92 51.84
N PRO G 207 -1.04 18.95 52.70
CA PRO G 207 -0.91 20.04 53.66
C PRO G 207 -0.71 21.41 53.05
N ALA G 208 -0.35 21.50 51.77
CA ALA G 208 -0.13 22.82 51.16
C ALA G 208 -1.41 23.61 50.81
N ILE G 209 -2.54 22.91 50.67
CA ILE G 209 -3.76 23.57 50.20
C ILE G 209 -4.73 23.83 51.33
N ASP G 210 -5.68 24.74 51.14
CA ASP G 210 -6.86 24.79 52.02
C ASP G 210 -8.02 24.13 51.31
N GLY G 211 -8.90 23.52 52.08
CA GLY G 211 -10.05 22.84 51.47
C GLY G 211 -9.68 21.52 50.82
N ALA G 212 -10.32 21.23 49.69
CA ALA G 212 -10.17 19.93 49.07
C ALA G 212 -10.33 19.99 47.55
N PHE G 213 -9.78 18.98 46.87
CA PHE G 213 -10.06 18.79 45.45
C PHE G 213 -10.50 17.37 45.20
N VAL G 214 -11.38 17.21 44.21
CA VAL G 214 -11.74 15.89 43.72
C VAL G 214 -11.45 15.90 42.22
N LEU G 215 -10.57 15.02 41.78
CA LEU G 215 -10.24 14.98 40.36
C LEU G 215 -10.07 13.57 39.80
N SER G 216 -10.10 13.47 38.48
CA SER G 216 -9.88 12.20 37.82
C SER G 216 -8.39 11.99 37.61
N THR G 217 -7.92 10.78 37.80
CA THR G 217 -6.55 10.49 37.46
C THR G 217 -6.47 9.58 36.24
N ARG G 218 -7.43 9.69 35.32
CA ARG G 218 -7.35 8.95 34.05
C ARG G 218 -6.07 9.29 33.26
N GLY G 219 -5.45 10.45 33.51
CA GLY G 219 -4.23 10.85 32.80
C GLY G 219 -4.56 11.79 31.64
N GLY G 220 -3.63 12.68 31.29
CA GLY G 220 -3.81 13.59 30.17
C GLY G 220 -4.51 14.91 30.45
N ASP G 221 -4.86 15.15 31.73
CA ASP G 221 -5.56 16.39 32.11
C ASP G 221 -4.64 17.37 32.86
N PHE G 222 -3.67 16.83 33.59
CA PHE G 222 -2.86 17.62 34.52
C PHE G 222 -1.40 17.31 34.31
N ASP G 223 -0.65 18.32 33.86
CA ASP G 223 0.67 18.09 33.29
C ASP G 223 1.71 18.88 34.09
N LEU G 224 2.48 18.15 34.92
CA LEU G 224 3.62 18.76 35.59
C LEU G 224 4.85 18.44 34.76
N ARG G 225 5.37 19.45 34.05
CA ARG G 225 6.54 19.28 33.19
C ARG G 225 7.80 19.59 33.94
N LEU G 226 8.66 18.60 34.13
CA LEU G 226 9.94 18.82 34.75
C LEU G 226 11.01 19.11 33.73
N GLY G 227 11.65 20.27 33.89
CA GLY G 227 12.91 20.58 33.23
C GLY G 227 14.01 19.85 33.98
N THR G 228 14.21 20.25 35.24
CA THR G 228 15.11 19.54 36.13
C THR G 228 14.42 19.33 37.47
N ASP G 229 14.55 18.13 38.01
CA ASP G 229 13.88 17.73 39.23
C ASP G 229 14.61 18.29 40.46
N VAL G 230 14.02 18.10 41.64
CA VAL G 230 14.62 18.59 42.89
C VAL G 230 16.12 18.33 42.96
N SER G 231 16.89 19.40 43.10
CA SER G 231 18.34 19.31 43.18
C SER G 231 18.85 20.09 44.35
N ILE G 232 20.02 19.69 44.87
CA ILE G 232 20.71 20.46 45.88
C ILE G 232 22.00 21.01 45.29
N GLY G 233 22.14 22.32 45.37
CA GLY G 233 23.35 23.00 44.87
C GLY G 233 24.02 23.90 45.89
N TYR G 234 25.18 24.42 45.51
CA TYR G 234 26.06 25.15 46.43
C TYR G 234 26.16 26.63 46.06
N LEU G 235 26.16 27.48 47.09
CA LEU G 235 26.30 28.92 46.90
C LEU G 235 27.63 29.46 47.40
N SER G 236 27.88 29.29 48.70
CA SER G 236 29.06 29.89 49.35
C SER G 236 29.24 29.22 50.69
N HIS G 237 30.36 29.50 51.34
CA HIS G 237 30.61 29.04 52.70
C HIS G 237 31.47 30.04 53.47
N ASP G 238 31.45 29.96 54.80
CA ASP G 238 32.47 30.62 55.60
C ASP G 238 33.09 29.59 56.54
N ALA G 239 33.76 30.06 57.58
CA ALA G 239 34.40 29.14 58.50
C ALA G 239 33.40 28.25 59.22
N GLU G 240 32.13 28.64 59.33
CA GLU G 240 31.22 27.86 60.19
C GLU G 240 29.98 27.31 59.54
N THR G 241 29.62 27.83 58.39
CA THR G 241 28.37 27.44 57.78
C THR G 241 28.59 27.27 56.28
N VAL G 242 27.70 26.49 55.67
CA VAL G 242 27.65 26.34 54.21
C VAL G 242 26.27 26.77 53.76
N GLN G 243 26.21 27.66 52.77
CA GLN G 243 24.90 28.00 52.20
C GLN G 243 24.63 27.20 50.94
N LEU G 244 23.55 26.41 50.99
CA LEU G 244 23.12 25.55 49.90
C LEU G 244 21.74 25.97 49.42
N TYR G 245 21.18 25.24 48.46
CA TYR G 245 19.80 25.46 48.05
C TYR G 245 19.15 24.18 47.50
N LEU G 246 17.82 24.12 47.57
CA LEU G 246 17.04 23.16 46.79
C LEU G 246 16.48 23.90 45.61
N GLU G 247 16.53 23.30 44.44
CA GLU G 247 15.87 23.91 43.31
C GLU G 247 15.28 22.91 42.34
N GLU G 248 14.32 23.39 41.55
CA GLU G 248 13.79 22.64 40.43
C GLU G 248 13.29 23.62 39.40
N THR G 249 13.24 23.18 38.15
CA THR G 249 12.76 24.02 37.08
C THR G 249 11.64 23.27 36.42
N LEU G 250 10.46 23.89 36.37
CA LEU G 250 9.27 23.20 35.91
C LEU G 250 8.16 24.15 35.50
N THR G 251 7.07 23.59 35.01
CA THR G 251 5.79 24.30 34.96
C THR G 251 4.63 23.31 35.06
N PHE G 252 3.43 23.86 35.20
CA PHE G 252 2.25 23.04 35.31
C PHE G 252 1.19 23.56 34.38
N LEU G 253 0.53 22.66 33.68
CA LEU G 253 -0.55 23.02 32.75
C LEU G 253 -1.75 22.12 33.03
N CYS G 254 -2.92 22.73 32.96
CA CYS G 254 -4.16 22.02 33.16
C CYS G 254 -4.94 22.06 31.82
N TYR G 255 -5.25 20.89 31.28
CA TYR G 255 -5.88 20.79 29.96
C TYR G 255 -7.36 20.54 29.95
N THR G 256 -7.97 20.25 31.10
CA THR G 256 -9.38 19.82 31.13
C THR G 256 -10.06 20.51 32.29
N SER G 257 -10.89 21.50 32.00
CA SER G 257 -11.46 22.29 33.07
C SER G 257 -12.47 21.44 33.85
N GLU G 258 -13.08 20.46 33.19
CA GLU G 258 -14.12 19.66 33.83
C GLU G 258 -13.63 18.39 34.55
N ALA G 259 -12.32 18.16 34.58
CA ALA G 259 -11.78 16.95 35.24
C ALA G 259 -11.43 17.13 36.73
N SER G 260 -11.81 18.27 37.29
CA SER G 260 -11.64 18.54 38.72
C SER G 260 -12.85 19.24 39.33
N VAL G 261 -12.99 19.09 40.65
CA VAL G 261 -13.98 19.80 41.44
C VAL G 261 -13.20 20.42 42.60
N ALA G 262 -13.36 21.73 42.81
CA ALA G 262 -12.76 22.41 43.98
C ALA G 262 -13.77 22.48 45.11
N LEU G 263 -13.28 22.32 46.34
CA LEU G 263 -14.13 22.48 47.52
C LEU G 263 -13.46 23.50 48.44
N THR G 264 -14.17 24.58 48.73
CA THR G 264 -13.62 25.68 49.54
C THR G 264 -13.78 25.37 51.02
N PRO G 265 -12.78 25.79 51.83
CA PRO G 265 -12.80 25.52 53.28
C PRO G 265 -13.92 26.28 53.96
N MET H 1 -14.43 5.33 -0.12
CA MET H 1 -15.09 5.94 1.05
C MET H 1 -16.37 5.22 1.38
N ASN H 2 -16.73 5.23 2.66
CA ASN H 2 -18.06 4.83 3.10
C ASN H 2 -18.92 6.07 3.40
N ASN H 3 -20.17 5.83 3.81
CA ASN H 3 -21.17 6.89 3.99
C ASN H 3 -20.78 8.00 4.94
N LEU H 4 -19.79 7.71 5.80
CA LEU H 4 -19.29 8.70 6.75
C LEU H 4 -18.55 9.86 6.07
N TYR H 5 -17.96 9.59 4.89
CA TYR H 5 -17.14 10.56 4.15
C TYR H 5 -16.09 11.26 5.01
N ARG H 6 -15.52 10.53 5.96
CA ARG H 6 -14.51 11.10 6.84
C ARG H 6 -13.34 11.73 6.06
N GLU H 7 -12.96 11.11 4.95
CA GLU H 7 -11.81 11.52 4.14
C GLU H 7 -11.99 12.91 3.56
N LEU H 8 -13.22 13.41 3.57
CA LEU H 8 -13.46 14.72 2.99
C LEU H 8 -13.31 15.85 4.00
N ALA H 9 -13.22 15.49 5.28
CA ALA H 9 -13.12 16.47 6.38
C ALA H 9 -11.72 17.01 6.48
N PRO H 10 -11.56 18.34 6.62
CA PRO H 10 -10.25 18.89 6.96
C PRO H 10 -9.90 18.59 8.42
N VAL H 11 -9.56 17.33 8.67
CA VAL H 11 -9.31 16.84 10.01
C VAL H 11 -8.14 15.88 9.86
N THR H 12 -7.10 16.11 10.65
CA THR H 12 -5.89 15.31 10.54
C THR H 12 -6.08 13.98 11.24
N ASP H 13 -5.20 13.05 10.93
CA ASP H 13 -5.21 11.74 11.54
C ASP H 13 -5.09 11.85 13.04
N ALA H 14 -4.15 12.69 13.48
CA ALA H 14 -4.02 13.02 14.87
C ALA H 14 -5.32 13.57 15.50
N ALA H 15 -6.01 14.49 14.83
CA ALA H 15 -7.26 15.03 15.39
C ALA H 15 -8.37 13.96 15.45
N TRP H 16 -8.48 13.12 14.44
CA TRP H 16 -9.47 12.02 14.45
C TRP H 16 -9.28 11.13 15.64
N HIS H 17 -8.03 10.76 15.92
CA HIS H 17 -7.73 9.87 17.03
C HIS H 17 -8.20 10.51 18.33
N GLU H 18 -7.94 11.81 18.46
CA GLU H 18 -8.38 12.52 19.64
C GLU H 18 -9.89 12.64 19.74
N ILE H 19 -10.54 12.96 18.63
CA ILE H 19 -11.99 13.05 18.59
C ILE H 19 -12.66 11.70 18.93
N GLU H 20 -12.21 10.63 18.27
CA GLU H 20 -12.71 9.29 18.57
C GLU H 20 -12.54 8.92 20.04
N THR H 21 -11.34 9.13 20.57
CA THR H 21 -11.01 8.78 21.93
C THR H 21 -11.98 9.45 22.90
N GLU H 22 -12.21 10.75 22.67
CA GLU H 22 -13.12 11.52 23.48
C GLU H 22 -14.56 11.05 23.38
N ALA H 23 -15.05 10.83 22.15
CA ALA H 23 -16.42 10.33 21.97
C ALA H 23 -16.65 9.00 22.72
N ILE H 24 -15.75 8.04 22.51
CA ILE H 24 -15.89 6.72 23.09
C ILE H 24 -15.86 6.76 24.62
N ARG H 25 -14.94 7.54 25.21
CA ARG H 25 -14.83 7.54 26.67
C ARG H 25 -15.96 8.31 27.32
N THR H 26 -16.39 9.39 26.68
CA THR H 26 -17.53 10.16 27.20
C THR H 26 -18.82 9.33 27.14
N PHE H 27 -19.06 8.73 25.98
CA PHE H 27 -20.20 7.86 25.76
C PHE H 27 -20.30 6.81 26.86
N LYS H 28 -19.17 6.14 27.05
CA LYS H 28 -19.01 5.07 27.99
C LYS H 28 -19.29 5.53 29.44
N ARG H 29 -18.88 6.75 29.77
CA ARG H 29 -19.17 7.34 31.08
C ARG H 29 -20.67 7.57 31.31
N HIS H 30 -21.42 7.86 30.26
CA HIS H 30 -22.85 8.10 30.39
C HIS H 30 -23.76 6.89 30.20
N ILE H 31 -23.32 5.91 29.43
CA ILE H 31 -24.23 4.84 29.01
C ILE H 31 -24.45 3.80 30.12
N ALA H 32 -25.72 3.44 30.36
CA ALA H 32 -26.06 2.41 31.37
C ALA H 32 -26.62 1.12 30.75
N GLY H 33 -27.56 1.26 29.83
CA GLY H 33 -28.24 0.11 29.24
C GLY H 33 -27.30 -0.97 28.78
N ARG H 34 -26.25 -0.59 28.06
CA ARG H 34 -25.28 -1.56 27.49
C ARG H 34 -24.59 -2.40 28.56
N ARG H 35 -24.62 -1.96 29.80
CA ARG H 35 -23.98 -2.71 30.84
C ARG H 35 -24.88 -3.83 31.36
N VAL H 36 -26.15 -3.87 30.92
CA VAL H 36 -27.09 -4.88 31.42
C VAL H 36 -27.91 -5.61 30.37
N VAL H 37 -28.14 -4.99 29.22
CA VAL H 37 -28.86 -5.65 28.16
C VAL H 37 -27.87 -6.44 27.29
N ASP H 38 -28.37 -7.35 26.46
CA ASP H 38 -27.50 -8.00 25.47
C ASP H 38 -27.28 -7.04 24.30
N VAL H 39 -26.03 -6.83 23.95
CA VAL H 39 -25.68 -5.98 22.83
C VAL H 39 -25.10 -6.87 21.75
N SER H 40 -25.70 -6.85 20.56
CA SER H 40 -25.25 -7.72 19.49
C SER H 40 -24.01 -7.18 18.80
N GLU H 41 -23.35 -8.06 18.03
CA GLU H 41 -22.33 -7.64 17.07
C GLU H 41 -23.00 -6.82 15.99
N PRO H 42 -22.40 -5.68 15.64
CA PRO H 42 -23.01 -4.86 14.59
C PRO H 42 -23.16 -5.70 13.33
N SER H 43 -24.35 -5.72 12.76
CA SER H 43 -24.60 -6.53 11.58
C SER H 43 -24.32 -5.82 10.26
N GLY H 44 -23.96 -4.53 10.29
CA GLY H 44 -23.64 -3.79 9.05
C GLY H 44 -24.74 -2.87 8.56
N PRO H 45 -24.44 -1.98 7.60
CA PRO H 45 -25.40 -0.92 7.22
C PRO H 45 -26.63 -1.38 6.42
N VAL H 46 -26.62 -2.62 5.90
CA VAL H 46 -27.78 -3.12 5.15
C VAL H 46 -28.96 -3.47 6.08
N THR H 47 -28.68 -3.97 7.28
CA THR H 47 -29.72 -4.35 8.23
C THR H 47 -30.73 -3.24 8.47
N ALA H 48 -32.00 -3.57 8.24
CA ALA H 48 -33.08 -2.59 8.37
C ALA H 48 -34.16 -2.98 9.40
N ALA H 49 -34.20 -4.26 9.77
CA ALA H 49 -35.29 -4.75 10.60
C ALA H 49 -34.88 -5.95 11.44
N VAL H 50 -35.62 -6.22 12.49
CA VAL H 50 -35.35 -7.39 13.30
C VAL H 50 -36.59 -8.25 13.28
N SER H 51 -36.48 -9.46 12.78
CA SER H 51 -37.60 -10.37 12.80
C SER H 51 -38.06 -10.66 14.22
N THR H 52 -39.37 -10.57 14.47
CA THR H 52 -39.91 -10.91 15.78
C THR H 52 -40.47 -12.33 15.77
N GLY H 53 -40.53 -12.92 14.57
CA GLY H 53 -41.08 -14.25 14.36
C GLY H 53 -42.60 -14.35 14.29
N HIS H 54 -43.32 -13.26 14.55
CA HIS H 54 -44.80 -13.34 14.53
C HIS H 54 -45.36 -13.10 13.14
N LEU H 55 -46.64 -13.43 13.01
CA LEU H 55 -47.39 -13.31 11.76
C LEU H 55 -48.52 -12.33 11.98
N ARG H 56 -48.87 -11.55 10.96
CA ARG H 56 -50.03 -10.68 11.08
C ARG H 56 -51.00 -11.13 10.02
N ASP H 57 -52.28 -11.31 10.36
CA ASP H 57 -53.32 -11.61 9.34
C ASP H 57 -53.45 -10.49 8.33
N ILE H 58 -53.55 -10.82 7.05
CA ILE H 58 -53.83 -9.81 6.04
C ILE H 58 -54.87 -10.43 5.14
N SER H 59 -55.65 -9.62 4.43
CA SER H 59 -56.67 -10.19 3.58
C SER H 59 -56.07 -11.02 2.44
N PRO H 60 -56.72 -12.16 2.12
CA PRO H 60 -56.13 -13.14 1.22
C PRO H 60 -56.06 -12.66 -0.22
N PRO H 61 -55.15 -13.24 -1.02
CA PRO H 61 -55.09 -12.87 -2.43
C PRO H 61 -56.09 -13.58 -3.33
N GLY H 62 -56.89 -14.49 -2.79
CA GLY H 62 -57.89 -15.24 -3.56
C GLY H 62 -58.49 -16.37 -2.73
N ASP H 63 -59.53 -17.04 -3.23
CA ASP H 63 -60.16 -18.15 -2.48
C ASP H 63 -59.20 -19.32 -2.19
N GLY H 64 -59.26 -19.86 -0.98
CA GLY H 64 -58.49 -21.05 -0.63
C GLY H 64 -57.02 -20.78 -0.37
N VAL H 65 -56.68 -19.51 -0.24
CA VAL H 65 -55.33 -19.09 0.11
C VAL H 65 -55.36 -18.30 1.41
N VAL H 66 -54.50 -18.66 2.36
CA VAL H 66 -54.38 -17.93 3.60
C VAL H 66 -53.05 -17.17 3.57
N ALA H 67 -53.06 -15.87 3.92
CA ALA H 67 -51.84 -15.07 3.91
C ALA H 67 -51.56 -14.37 5.22
N HIS H 68 -50.27 -14.22 5.53
CA HIS H 68 -49.79 -13.49 6.69
C HIS H 68 -48.57 -12.66 6.32
N LEU H 69 -48.47 -11.44 6.84
CA LEU H 69 -47.22 -10.71 6.74
C LEU H 69 -46.31 -11.15 7.89
N ARG H 70 -45.01 -11.18 7.60
CA ARG H 70 -44.03 -11.43 8.64
C ARG H 70 -43.77 -10.14 9.42
N GLU H 71 -43.82 -10.20 10.76
CA GLU H 71 -43.62 -9.03 11.59
C GLU H 71 -42.15 -8.78 11.86
N SER H 72 -41.77 -7.51 11.91
CA SER H 72 -40.41 -7.13 12.27
C SER H 72 -40.40 -5.77 12.95
N LYS H 73 -39.36 -5.51 13.72
CA LYS H 73 -39.14 -4.20 14.31
C LYS H 73 -38.10 -3.49 13.48
N PRO H 74 -38.44 -2.28 13.04
CA PRO H 74 -37.51 -1.49 12.23
C PRO H 74 -36.36 -0.98 13.08
N LEU H 75 -35.16 -0.91 12.50
CA LEU H 75 -34.05 -0.19 13.15
C LEU H 75 -34.22 1.31 12.97
N VAL H 76 -33.70 2.09 13.92
CA VAL H 76 -33.71 3.54 13.84
C VAL H 76 -32.27 4.06 13.72
N ARG H 77 -32.05 5.03 12.83
CA ARG H 77 -30.78 5.72 12.82
C ARG H 77 -30.90 6.97 13.67
N LEU H 78 -29.98 7.11 14.62
CA LEU H 78 -29.94 8.28 15.49
C LEU H 78 -28.68 9.06 15.22
N ARG H 79 -28.84 10.32 14.85
CA ARG H 79 -27.70 11.13 14.48
C ARG H 79 -27.71 12.40 15.31
N VAL H 80 -26.54 12.73 15.85
CA VAL H 80 -26.36 13.93 16.64
C VAL H 80 -25.27 14.77 15.99
N PRO H 81 -25.69 15.80 15.24
CA PRO H 81 -24.69 16.67 14.60
C PRO H 81 -23.96 17.51 15.66
N PHE H 82 -22.67 17.82 15.44
CA PHE H 82 -21.94 18.77 16.27
C PHE H 82 -20.85 19.48 15.48
N THR H 83 -20.42 20.63 15.99
CA THR H 83 -19.46 21.46 15.28
C THR H 83 -18.22 21.68 16.14
N VAL H 84 -17.06 21.41 15.56
CA VAL H 84 -15.80 21.72 16.21
C VAL H 84 -15.08 22.82 15.40
N THR H 85 -14.22 23.59 16.07
CA THR H 85 -13.48 24.67 15.42
C THR H 85 -12.29 24.08 14.71
N ARG H 86 -11.84 24.73 13.66
CA ARG H 86 -10.67 24.23 12.95
C ARG H 86 -9.38 24.50 13.70
N SER H 87 -9.36 25.51 14.55
CA SER H 87 -8.19 25.69 15.42
C SER H 87 -8.10 24.55 16.44
N ALA H 88 -9.21 24.07 17.00
CA ALA H 88 -9.14 22.86 17.86
C ALA H 88 -8.52 21.71 17.07
N ILE H 89 -9.03 21.50 15.86
CA ILE H 89 -8.48 20.47 14.96
C ILE H 89 -6.99 20.70 14.65
N ASP H 90 -6.63 21.89 14.16
CA ASP H 90 -5.26 22.10 13.66
C ASP H 90 -4.20 22.10 14.74
N ASP H 91 -4.59 22.50 15.94
CA ASP H 91 -3.66 22.57 17.06
C ASP H 91 -3.12 21.21 17.45
N VAL H 92 -3.85 20.15 17.12
CA VAL H 92 -3.44 18.82 17.56
C VAL H 92 -2.04 18.44 17.04
N GLU H 93 -1.82 18.65 15.75
CA GLU H 93 -0.51 18.41 15.14
C GLU H 93 0.57 19.28 15.75
N ARG H 94 0.17 20.44 16.25
CA ARG H 94 1.10 21.39 16.87
C ARG H 94 1.45 21.02 18.32
N GLY H 95 0.79 19.99 18.83
CA GLY H 95 1.12 19.40 20.13
C GLY H 95 0.17 19.81 21.23
N SER H 96 -0.98 20.36 20.84
CA SER H 96 -1.97 20.83 21.82
C SER H 96 -2.63 19.66 22.53
N GLN H 97 -2.89 19.84 23.82
CA GLN H 97 -3.48 18.78 24.60
C GLN H 97 -4.75 19.21 25.24
N ASP H 98 -5.22 20.41 24.91
CA ASP H 98 -6.47 20.91 25.45
C ASP H 98 -7.39 21.44 24.35
N SER H 99 -7.33 20.84 23.16
CA SER H 99 -8.24 21.26 22.09
C SER H 99 -9.68 21.16 22.57
N ASP H 100 -10.50 22.14 22.23
CA ASP H 100 -11.90 22.15 22.67
C ASP H 100 -12.76 21.05 22.03
N TRP H 101 -12.88 19.91 22.69
CA TRP H 101 -13.79 18.86 22.22
C TRP H 101 -15.12 18.82 22.96
N ASP H 102 -15.49 19.91 23.62
CA ASP H 102 -16.79 20.02 24.30
C ASP H 102 -17.98 19.58 23.43
N PRO H 103 -18.05 20.08 22.18
CA PRO H 103 -19.14 19.70 21.29
C PRO H 103 -19.22 18.18 21.05
N VAL H 104 -18.05 17.53 20.90
CA VAL H 104 -17.96 16.08 20.84
C VAL H 104 -18.56 15.46 22.10
N LYS H 105 -18.18 15.98 23.26
CA LYS H 105 -18.67 15.43 24.52
C LYS H 105 -20.17 15.64 24.69
N ALA H 106 -20.63 16.82 24.26
CA ALA H 106 -22.05 17.14 24.30
C ALA H 106 -22.85 16.18 23.42
N ALA H 107 -22.30 15.88 22.24
CA ALA H 107 -22.97 14.98 21.30
C ALA H 107 -23.01 13.56 21.86
N ALA H 108 -21.91 13.13 22.47
CA ALA H 108 -21.82 11.79 23.00
C ALA H 108 -22.82 11.62 24.14
N LYS H 109 -23.02 12.70 24.91
CA LYS H 109 -23.88 12.63 26.07
C LYS H 109 -25.31 12.57 25.57
N LYS H 110 -25.61 13.42 24.61
CA LYS H 110 -26.92 13.41 24.01
C LYS H 110 -27.23 12.02 23.40
N LEU H 111 -26.29 11.43 22.67
CA LEU H 111 -26.53 10.13 22.06
C LEU H 111 -26.76 9.07 23.12
N ALA H 112 -25.95 9.09 24.18
CA ALA H 112 -26.05 8.10 25.23
C ALA H 112 -27.41 8.21 25.91
N PHE H 113 -27.81 9.45 26.19
CA PHE H 113 -29.08 9.71 26.83
C PHE H 113 -30.24 9.24 25.98
N VAL H 114 -30.17 9.48 24.67
CA VAL H 114 -31.24 9.06 23.78
C VAL H 114 -31.34 7.54 23.74
N GLU H 115 -30.20 6.87 23.65
CA GLU H 115 -30.16 5.42 23.63
C GLU H 115 -30.76 4.84 24.91
N ASP H 116 -30.32 5.35 26.06
CA ASP H 116 -30.77 4.80 27.34
C ASP H 116 -32.24 5.08 27.60
N ARG H 117 -32.73 6.25 27.16
CA ARG H 117 -34.14 6.58 27.33
C ARG H 117 -35.01 5.69 26.45
N ALA H 118 -34.56 5.46 25.22
CA ALA H 118 -35.24 4.50 24.35
C ALA H 118 -35.34 3.12 25.04
N ILE H 119 -34.21 2.62 25.56
CA ILE H 119 -34.18 1.30 26.18
C ILE H 119 -35.10 1.22 27.41
N PHE H 120 -35.02 2.20 28.30
CA PHE H 120 -35.74 2.09 29.58
C PHE H 120 -37.11 2.72 29.57
N GLU H 121 -37.24 3.83 28.85
CA GLU H 121 -38.45 4.64 28.92
C GLU H 121 -39.20 4.68 27.59
N GLY H 122 -38.62 4.07 26.56
CA GLY H 122 -39.34 3.94 25.29
C GLY H 122 -39.19 5.12 24.36
N TYR H 123 -39.45 4.86 23.07
CA TYR H 123 -39.33 5.82 21.99
C TYR H 123 -40.40 5.47 20.94
N PRO H 124 -41.63 5.93 21.17
CA PRO H 124 -42.82 5.58 20.36
C PRO H 124 -42.67 5.75 18.86
N ALA H 125 -42.17 6.89 18.38
CA ALA H 125 -42.06 7.11 16.93
C ALA H 125 -41.12 6.11 16.22
N ALA H 126 -40.19 5.54 16.98
CA ALA H 126 -39.22 4.54 16.49
C ALA H 126 -39.71 3.13 16.82
N GLN H 127 -40.94 3.04 17.30
CA GLN H 127 -41.58 1.76 17.61
C GLN H 127 -40.85 0.97 18.67
N ILE H 128 -40.10 1.66 19.52
CA ILE H 128 -39.42 0.99 20.63
C ILE H 128 -40.25 1.10 21.93
N ASP H 129 -40.72 -0.03 22.43
CA ASP H 129 -41.19 -0.12 23.80
C ASP H 129 -40.00 -0.32 24.72
N GLY H 130 -39.84 0.57 25.68
CA GLY H 130 -38.78 0.41 26.64
C GLY H 130 -39.19 -0.50 27.76
N ILE H 131 -38.26 -0.71 28.68
CA ILE H 131 -38.50 -1.59 29.79
C ILE H 131 -39.70 -1.15 30.64
N ARG H 132 -39.86 0.16 30.84
CA ARG H 132 -41.02 0.71 31.54
C ARG H 132 -42.36 0.25 30.95
N GLN H 133 -42.49 0.23 29.63
CA GLN H 133 -43.73 -0.22 29.01
C GLN H 133 -43.82 -1.73 29.06
N CYS H 134 -42.68 -2.39 28.95
CA CYS H 134 -42.62 -3.85 28.82
C CYS H 134 -42.94 -4.55 30.14
N THR H 135 -42.45 -4.01 31.25
CA THR H 135 -42.52 -4.69 32.54
C THR H 135 -43.95 -5.02 32.98
N SER H 136 -44.10 -6.18 33.62
CA SER H 136 -45.39 -6.63 34.14
C SER H 136 -45.39 -6.85 35.64
N ASN H 137 -44.25 -6.67 36.28
CA ASN H 137 -44.17 -6.76 37.73
C ASN H 137 -44.71 -5.48 38.36
N PRO H 138 -45.27 -5.56 39.59
CA PRO H 138 -45.76 -4.36 40.29
C PRO H 138 -44.71 -3.25 40.30
N VAL H 139 -45.10 -2.03 39.89
CA VAL H 139 -44.25 -0.86 39.96
C VAL H 139 -44.11 -0.38 41.42
N LEU H 140 -42.89 -0.07 41.85
CA LEU H 140 -42.62 0.40 43.22
C LEU H 140 -42.27 1.86 43.24
N GLN H 141 -42.52 2.47 44.38
CA GLN H 141 -42.27 3.89 44.54
C GLN H 141 -41.01 4.04 45.39
N LEU H 142 -40.04 4.77 44.84
CA LEU H 142 -38.85 5.17 45.55
C LEU H 142 -39.26 6.02 46.76
N PRO H 143 -38.76 5.69 47.96
CA PRO H 143 -39.20 6.36 49.19
C PRO H 143 -38.67 7.80 49.31
N ASP H 144 -39.33 8.64 50.11
CA ASP H 144 -38.89 10.02 50.30
C ASP H 144 -37.57 10.05 51.05
N ASP H 145 -37.42 9.12 51.98
CA ASP H 145 -36.23 8.98 52.80
C ASP H 145 -35.29 7.95 52.15
N ALA H 146 -34.13 8.44 51.73
CA ALA H 146 -33.12 7.63 51.05
C ALA H 146 -32.72 6.38 51.86
N ARG H 147 -32.83 6.47 53.19
CA ARG H 147 -32.49 5.35 54.06
C ARG H 147 -33.41 4.15 53.81
N ASP H 148 -34.54 4.38 53.16
CA ASP H 148 -35.45 3.31 52.86
C ASP H 148 -35.23 2.68 51.47
N ILE H 149 -34.25 3.17 50.72
CA ILE H 149 -34.04 2.65 49.37
C ILE H 149 -33.83 1.15 49.37
N THR H 150 -33.14 0.67 50.41
CA THR H 150 -32.90 -0.75 50.64
C THR H 150 -34.20 -1.57 50.64
N ASP H 151 -35.24 -1.05 51.25
CA ASP H 151 -36.50 -1.77 51.30
C ASP H 151 -37.11 -1.99 49.94
N VAL H 152 -37.14 -0.96 49.09
CA VAL H 152 -37.72 -1.13 47.77
C VAL H 152 -36.87 -2.05 46.89
N ILE H 153 -35.55 -1.93 46.99
CA ILE H 153 -34.69 -2.82 46.20
C ILE H 153 -34.90 -4.28 46.64
N ALA H 154 -34.98 -4.52 47.95
CA ALA H 154 -35.31 -5.86 48.48
C ALA H 154 -36.65 -6.37 47.99
N GLN H 155 -37.64 -5.49 48.01
CA GLN H 155 -38.97 -5.81 47.50
C GLN H 155 -38.92 -6.11 46.00
N ALA H 156 -38.16 -5.32 45.25
CA ALA H 156 -38.02 -5.53 43.81
C ALA H 156 -37.38 -6.90 43.52
N LEU H 157 -36.30 -7.22 44.24
CA LEU H 157 -35.62 -8.51 44.10
C LEU H 157 -36.57 -9.68 44.33
N SER H 158 -37.41 -9.57 45.35
CA SER H 158 -38.39 -10.58 45.64
C SER H 158 -39.43 -10.73 44.52
N GLU H 159 -39.88 -9.63 43.94
CA GLU H 159 -40.80 -9.71 42.80
C GLU H 159 -40.21 -10.53 41.64
N LEU H 160 -38.94 -10.32 41.33
CA LEU H 160 -38.29 -11.05 40.26
C LEU H 160 -38.21 -12.54 40.58
N ARG H 161 -37.80 -12.85 41.80
CA ARG H 161 -37.71 -14.23 42.23
C ARG H 161 -39.07 -14.94 42.15
N LEU H 162 -40.10 -14.27 42.68
CA LEU H 162 -41.42 -14.88 42.74
C LEU H 162 -41.99 -15.07 41.33
N ALA H 163 -41.47 -14.29 40.39
CA ALA H 163 -41.82 -14.43 38.98
C ALA H 163 -40.97 -15.49 38.24
N GLY H 164 -40.17 -16.26 38.98
CA GLY H 164 -39.43 -17.37 38.40
C GLY H 164 -38.21 -16.95 37.61
N VAL H 165 -37.74 -15.73 37.82
CA VAL H 165 -36.66 -15.18 36.98
C VAL H 165 -35.35 -15.28 37.71
N ASP H 166 -34.45 -16.07 37.14
CA ASP H 166 -33.10 -16.24 37.71
C ASP H 166 -32.19 -15.01 37.53
N GLY H 167 -31.13 -14.95 38.33
CA GLY H 167 -30.19 -13.83 38.31
C GLY H 167 -29.06 -14.07 37.33
N PRO H 168 -27.95 -13.34 37.47
CA PRO H 168 -27.78 -12.34 38.52
C PRO H 168 -28.62 -11.08 38.26
N TYR H 169 -28.81 -10.26 39.31
CA TYR H 169 -29.66 -9.08 39.25
C TYR H 169 -28.84 -7.82 39.39
N SER H 170 -29.21 -6.80 38.63
CA SER H 170 -28.53 -5.52 38.69
C SER H 170 -29.54 -4.42 38.95
N VAL H 171 -29.05 -3.33 39.54
CA VAL H 171 -29.87 -2.18 39.82
C VAL H 171 -29.35 -0.98 39.04
N LEU H 172 -30.26 -0.29 38.36
CA LEU H 172 -29.92 0.94 37.67
C LEU H 172 -30.50 2.14 38.41
N LEU H 173 -29.64 3.11 38.78
CA LEU H 173 -30.07 4.31 39.52
C LEU H 173 -29.86 5.59 38.71
N SER H 174 -30.87 6.45 38.71
CA SER H 174 -30.76 7.82 38.16
C SER H 174 -29.63 8.54 38.86
N ALA H 175 -29.11 9.61 38.25
CA ALA H 175 -28.01 10.37 38.85
C ALA H 175 -28.34 10.78 40.28
N GLU H 176 -29.57 11.25 40.46
CA GLU H 176 -30.04 11.72 41.75
C GLU H 176 -30.03 10.61 42.82
N VAL H 177 -30.65 9.47 42.51
CA VAL H 177 -30.75 8.38 43.46
C VAL H 177 -29.35 7.77 43.70
N TYR H 178 -28.60 7.58 42.62
CA TYR H 178 -27.24 7.07 42.73
C TYR H 178 -26.42 7.93 43.71
N THR H 179 -26.49 9.25 43.56
CA THR H 179 -25.75 10.14 44.45
C THR H 179 -26.24 10.01 45.88
N LYS H 180 -27.56 10.00 46.07
CA LYS H 180 -28.12 9.80 47.40
C LYS H 180 -27.67 8.49 48.01
N VAL H 181 -27.71 7.41 47.24
CA VAL H 181 -27.34 6.09 47.76
C VAL H 181 -25.89 6.07 48.24
N SER H 182 -25.02 6.76 47.49
CA SER H 182 -23.60 6.65 47.76
C SER H 182 -23.18 7.46 48.99
N GLU H 183 -23.97 8.47 49.34
CA GLU H 183 -23.67 9.34 50.50
C GLU H 183 -24.49 9.04 51.77
N THR H 184 -25.69 8.47 51.62
CA THR H 184 -26.58 8.34 52.77
C THR H 184 -26.10 7.30 53.79
N THR H 185 -26.13 7.69 55.06
CA THR H 185 -25.92 6.76 56.17
C THR H 185 -27.18 6.66 57.00
N GLU H 186 -27.36 5.52 57.65
CA GLU H 186 -28.44 5.31 58.58
C GLU H 186 -27.81 4.92 59.91
N HIS H 187 -28.02 5.79 60.90
CA HIS H 187 -27.33 5.73 62.20
C HIS H 187 -25.85 5.52 62.02
N GLY H 188 -25.28 6.22 61.02
CA GLY H 188 -23.86 6.16 60.71
C GLY H 188 -23.43 5.15 59.66
N TYR H 189 -24.22 4.08 59.46
CA TYR H 189 -23.82 2.97 58.57
C TYR H 189 -24.19 3.32 57.14
N PRO H 190 -23.19 3.36 56.21
CA PRO H 190 -23.49 3.74 54.82
C PRO H 190 -24.44 2.73 54.14
N ILE H 191 -25.56 3.23 53.63
CA ILE H 191 -26.51 2.34 52.95
C ILE H 191 -25.93 1.71 51.68
N ARG H 192 -24.91 2.34 51.10
CA ARG H 192 -24.23 1.75 49.96
C ARG H 192 -23.56 0.41 50.27
N GLU H 193 -22.96 0.28 51.46
CA GLU H 193 -22.37 -1.00 51.86
C GLU H 193 -23.47 -2.06 51.94
N HIS H 194 -24.64 -1.67 52.43
CA HIS H 194 -25.75 -2.59 52.58
C HIS H 194 -26.22 -3.03 51.20
N LEU H 195 -26.51 -2.05 50.37
CA LEU H 195 -27.02 -2.25 49.03
C LEU H 195 -26.10 -3.06 48.15
N ASN H 196 -24.79 -2.81 48.20
CA ASN H 196 -23.87 -3.54 47.32
C ASN H 196 -23.80 -5.03 47.60
N ARG H 197 -23.92 -5.40 48.86
CA ARG H 197 -23.87 -6.80 49.27
C ARG H 197 -25.21 -7.50 49.03
N LEU H 198 -26.27 -6.72 48.92
CA LEU H 198 -27.61 -7.23 48.68
C LEU H 198 -27.81 -7.74 47.26
N VAL H 199 -27.09 -7.14 46.32
CA VAL H 199 -27.27 -7.34 44.89
C VAL H 199 -26.08 -8.12 44.37
N ASP H 200 -26.30 -9.28 43.77
CA ASP H 200 -25.18 -10.08 43.25
C ASP H 200 -24.54 -9.48 42.00
N GLY H 201 -25.29 -8.64 41.28
CA GLY H 201 -24.77 -7.93 40.10
C GLY H 201 -24.19 -6.58 40.50
N ASP H 202 -24.47 -5.57 39.67
CA ASP H 202 -23.91 -4.23 39.85
C ASP H 202 -24.96 -3.21 40.23
N ILE H 203 -24.52 -2.14 40.90
CA ILE H 203 -25.35 -0.95 41.09
C ILE H 203 -24.83 0.09 40.10
N ILE H 204 -25.65 0.38 39.10
CA ILE H 204 -25.21 1.11 37.93
C ILE H 204 -25.66 2.58 37.85
N TRP H 205 -24.69 3.44 37.59
CA TRP H 205 -24.88 4.85 37.35
C TRP H 205 -25.69 5.02 36.07
N ALA H 206 -26.95 5.45 36.17
CA ALA H 206 -27.80 5.63 34.96
C ALA H 206 -28.34 7.05 34.83
N PRO H 207 -27.47 8.01 34.48
CA PRO H 207 -27.84 9.44 34.53
C PRO H 207 -28.92 9.83 33.54
N ALA H 208 -29.17 8.99 32.54
CA ALA H 208 -30.17 9.30 31.54
C ALA H 208 -31.61 9.09 32.01
N ILE H 209 -31.82 8.30 33.07
CA ILE H 209 -33.19 7.87 33.45
C ILE H 209 -33.65 8.57 34.73
N ASP H 210 -34.94 8.44 35.02
CA ASP H 210 -35.48 8.81 36.33
C ASP H 210 -35.88 7.57 37.11
N GLY H 211 -35.83 7.66 38.43
CA GLY H 211 -36.13 6.51 39.25
C GLY H 211 -35.05 5.45 39.20
N ALA H 212 -35.47 4.19 39.11
CA ALA H 212 -34.54 3.08 39.11
C ALA H 212 -35.15 1.89 38.40
N PHE H 213 -34.31 0.91 38.09
CA PHE H 213 -34.79 -0.36 37.59
C PHE H 213 -33.98 -1.42 38.27
N VAL H 214 -34.66 -2.51 38.61
CA VAL H 214 -33.98 -3.72 39.03
C VAL H 214 -34.32 -4.81 38.00
N LEU H 215 -33.30 -5.43 37.44
CA LEU H 215 -33.52 -6.44 36.41
C LEU H 215 -32.53 -7.62 36.46
N SER H 216 -32.87 -8.69 35.77
CA SER H 216 -31.99 -9.82 35.64
C SER H 216 -31.06 -9.61 34.46
N THR H 217 -29.80 -10.02 34.59
CA THR H 217 -28.89 -10.01 33.46
C THR H 217 -28.53 -11.45 33.05
N ARG H 218 -29.45 -12.37 33.30
CA ARG H 218 -29.29 -13.75 32.90
C ARG H 218 -29.10 -13.88 31.38
N GLY H 219 -29.59 -12.91 30.61
CA GLY H 219 -29.43 -12.92 29.16
C GLY H 219 -30.66 -13.44 28.47
N GLY H 220 -30.92 -12.96 27.27
CA GLY H 220 -32.07 -13.42 26.50
C GLY H 220 -33.34 -12.62 26.67
N ASP H 221 -33.33 -11.61 27.55
CA ASP H 221 -34.53 -10.84 27.88
C ASP H 221 -34.52 -9.46 27.25
N PHE H 222 -33.36 -8.83 27.16
CA PHE H 222 -33.26 -7.47 26.63
C PHE H 222 -32.25 -7.42 25.49
N ASP H 223 -32.74 -7.05 24.32
CA ASP H 223 -32.00 -7.20 23.08
C ASP H 223 -31.76 -5.84 22.42
N LEU H 224 -30.54 -5.32 22.58
CA LEU H 224 -30.16 -4.12 21.87
C LEU H 224 -29.46 -4.57 20.58
N ARG H 225 -30.14 -4.49 19.43
CA ARG H 225 -29.54 -4.93 18.16
C ARG H 225 -28.87 -3.81 17.44
N LEU H 226 -27.57 -3.99 17.23
CA LEU H 226 -26.80 -2.98 16.52
C LEU H 226 -26.74 -3.29 15.05
N GLY H 227 -27.16 -2.33 14.23
CA GLY H 227 -26.91 -2.36 12.81
C GLY H 227 -25.51 -1.84 12.59
N THR H 228 -25.31 -0.55 12.90
CA THR H 228 -23.97 0.02 12.99
C THR H 228 -23.82 0.79 14.30
N ASP H 229 -22.71 0.54 14.99
CA ASP H 229 -22.42 1.10 16.30
C ASP H 229 -21.97 2.57 16.21
N VAL H 230 -21.83 3.24 17.35
CA VAL H 230 -21.41 4.65 17.38
C VAL H 230 -20.28 4.99 16.38
N SER H 231 -20.57 5.92 15.47
CA SER H 231 -19.65 6.32 14.44
C SER H 231 -19.60 7.84 14.27
N ILE H 232 -18.45 8.34 13.83
CA ILE H 232 -18.27 9.76 13.56
C ILE H 232 -18.18 10.03 12.06
N GLY H 233 -19.09 10.86 11.56
CA GLY H 233 -19.12 11.20 10.15
C GLY H 233 -19.01 12.68 9.88
N TYR H 234 -18.87 13.02 8.60
CA TYR H 234 -18.59 14.39 8.19
C TYR H 234 -19.74 14.91 7.34
N LEU H 235 -20.15 16.14 7.62
CA LEU H 235 -21.21 16.80 6.85
C LEU H 235 -20.67 17.90 5.95
N SER H 236 -19.96 18.86 6.55
CA SER H 236 -19.46 20.02 5.82
C SER H 236 -18.42 20.78 6.62
N HIS H 237 -17.79 21.75 5.97
CA HIS H 237 -16.91 22.66 6.70
C HIS H 237 -16.94 24.04 6.06
N ASP H 238 -16.51 25.04 6.82
CA ASP H 238 -16.17 26.33 6.25
C ASP H 238 -14.76 26.74 6.69
N ALA H 239 -14.45 28.03 6.59
CA ALA H 239 -13.12 28.53 6.94
C ALA H 239 -12.77 28.28 8.40
N GLU H 240 -13.77 28.24 9.27
CA GLU H 240 -13.50 28.19 10.72
C GLU H 240 -13.94 26.93 11.45
N THR H 241 -14.92 26.23 10.89
CA THR H 241 -15.52 25.11 11.59
C THR H 241 -15.75 23.88 10.67
N VAL H 242 -15.86 22.73 11.29
CA VAL H 242 -16.19 21.52 10.59
C VAL H 242 -17.44 20.98 11.25
N GLN H 243 -18.43 20.65 10.45
CA GLN H 243 -19.64 20.06 10.95
C GLN H 243 -19.55 18.54 10.84
N LEU H 244 -19.61 17.88 12.00
CA LEU H 244 -19.55 16.43 12.06
C LEU H 244 -20.85 15.92 12.72
N TYR H 245 -20.94 14.61 12.93
CA TYR H 245 -22.04 14.00 13.66
C TYR H 245 -21.58 12.68 14.28
N LEU H 246 -22.31 12.28 15.33
CA LEU H 246 -22.19 10.97 15.90
C LEU H 246 -23.45 10.26 15.49
N GLU H 247 -23.33 9.01 15.08
CA GLU H 247 -24.54 8.26 14.77
C GLU H 247 -24.41 6.77 15.04
N GLU H 248 -25.58 6.15 15.18
CA GLU H 248 -25.70 4.72 15.23
C GLU H 248 -27.05 4.33 14.66
N THR H 249 -27.14 3.10 14.15
CA THR H 249 -28.42 2.53 13.73
C THR H 249 -28.65 1.26 14.51
N LEU H 250 -29.78 1.20 15.19
CA LEU H 250 -30.08 0.11 16.11
C LEU H 250 -31.54 0.03 16.44
N THR H 251 -31.88 -0.94 17.28
CA THR H 251 -33.18 -0.95 17.94
C THR H 251 -33.08 -1.78 19.21
N PHE H 252 -34.15 -1.78 19.99
CA PHE H 252 -34.15 -2.52 21.23
C PHE H 252 -35.47 -3.24 21.37
N LEU H 253 -35.37 -4.50 21.79
CA LEU H 253 -36.54 -5.35 22.00
C LEU H 253 -36.46 -5.91 23.39
N CYS H 254 -37.59 -5.89 24.07
CA CYS H 254 -37.70 -6.49 25.38
C CYS H 254 -38.57 -7.73 25.22
N TYR H 255 -38.04 -8.90 25.60
CA TYR H 255 -38.71 -10.17 25.31
C TYR H 255 -39.44 -10.73 26.52
N THR H 256 -39.18 -10.18 27.69
CA THR H 256 -39.69 -10.78 28.90
C THR H 256 -40.20 -9.74 29.85
N SER H 257 -41.52 -9.68 30.00
CA SER H 257 -42.12 -8.64 30.79
C SER H 257 -41.77 -8.77 32.28
N GLU H 258 -41.53 -9.99 32.75
CA GLU H 258 -41.32 -10.22 34.18
C GLU H 258 -39.86 -10.19 34.65
N ALA H 259 -38.95 -9.95 33.73
CA ALA H 259 -37.53 -9.87 34.05
C ALA H 259 -37.05 -8.51 34.58
N SER H 260 -37.97 -7.53 34.70
CA SER H 260 -37.62 -6.24 35.27
C SER H 260 -38.64 -5.72 36.28
N VAL H 261 -38.19 -4.82 37.15
CA VAL H 261 -39.04 -4.05 38.06
C VAL H 261 -38.67 -2.58 37.88
N ALA H 262 -39.69 -1.76 37.57
CA ALA H 262 -39.55 -0.31 37.49
C ALA H 262 -39.77 0.32 38.87
N LEU H 263 -38.93 1.28 39.24
CA LEU H 263 -39.15 2.08 40.45
C LEU H 263 -39.27 3.54 40.06
N THR H 264 -40.43 4.14 40.37
CA THR H 264 -40.69 5.53 39.97
C THR H 264 -40.11 6.49 40.99
N PRO H 265 -39.64 7.65 40.50
CA PRO H 265 -39.01 8.65 41.37
C PRO H 265 -40.03 9.27 42.31
N MET I 1 -39.79 -44.42 21.21
CA MET I 1 -40.56 -43.50 22.10
C MET I 1 -40.68 -44.04 23.50
N ASN I 2 -40.61 -43.13 24.48
CA ASN I 2 -40.87 -43.47 25.87
C ASN I 2 -42.23 -42.91 26.31
N ASN I 3 -42.59 -43.10 27.57
CA ASN I 3 -43.91 -42.69 28.06
C ASN I 3 -44.29 -41.20 27.89
N LEU I 4 -43.30 -40.34 27.59
CA LEU I 4 -43.58 -38.92 27.44
C LEU I 4 -44.28 -38.63 26.12
N TYR I 5 -44.02 -39.49 25.13
CA TYR I 5 -44.62 -39.35 23.80
C TYR I 5 -44.38 -38.00 23.14
N ARG I 6 -43.23 -37.39 23.42
CA ARG I 6 -42.86 -36.09 22.88
C ARG I 6 -42.99 -36.05 21.37
N GLU I 7 -42.56 -37.12 20.72
CA GLU I 7 -42.53 -37.19 19.25
C GLU I 7 -43.92 -37.06 18.60
N LEU I 8 -44.97 -37.19 19.40
CA LEU I 8 -46.31 -37.03 18.86
C LEU I 8 -46.84 -35.58 18.93
N ALA I 9 -46.14 -34.70 19.64
CA ALA I 9 -46.59 -33.33 19.83
C ALA I 9 -46.22 -32.48 18.61
N PRO I 10 -47.13 -31.58 18.17
CA PRO I 10 -46.74 -30.61 17.12
C PRO I 10 -45.90 -29.50 17.74
N VAL I 11 -44.71 -29.87 18.21
CA VAL I 11 -43.76 -28.98 18.81
C VAL I 11 -42.42 -29.23 18.13
N THR I 12 -41.80 -28.18 17.61
CA THR I 12 -40.51 -28.33 16.94
C THR I 12 -39.37 -28.52 17.94
N ASP I 13 -38.22 -28.99 17.45
CA ASP I 13 -37.03 -29.14 18.28
C ASP I 13 -36.66 -27.83 18.94
N ALA I 14 -36.74 -26.74 18.19
CA ALA I 14 -36.41 -25.44 18.72
C ALA I 14 -37.35 -25.05 19.86
N ALA I 15 -38.65 -25.33 19.71
CA ALA I 15 -39.62 -25.00 20.77
C ALA I 15 -39.39 -25.88 21.96
N TRP I 16 -39.10 -27.15 21.74
CA TRP I 16 -38.80 -28.07 22.83
C TRP I 16 -37.67 -27.56 23.72
N HIS I 17 -36.58 -27.15 23.08
CA HIS I 17 -35.42 -26.63 23.78
C HIS I 17 -35.80 -25.40 24.61
N GLU I 18 -36.58 -24.49 24.06
CA GLU I 18 -36.97 -23.29 24.79
C GLU I 18 -37.84 -23.59 25.99
N ILE I 19 -38.81 -24.48 25.76
CA ILE I 19 -39.72 -24.92 26.79
C ILE I 19 -38.96 -25.59 27.92
N GLU I 20 -38.06 -26.51 27.59
CA GLU I 20 -37.23 -27.19 28.60
C GLU I 20 -36.42 -26.19 29.40
N THR I 21 -35.69 -25.33 28.69
CA THR I 21 -34.85 -24.33 29.30
C THR I 21 -35.66 -23.51 30.29
N GLU I 22 -36.87 -23.09 29.90
CA GLU I 22 -37.71 -22.32 30.78
C GLU I 22 -38.18 -23.12 32.01
N ALA I 23 -38.61 -24.36 31.81
CA ALA I 23 -39.15 -25.15 32.91
C ALA I 23 -38.04 -25.33 33.92
N ILE I 24 -36.83 -25.62 33.42
CA ILE I 24 -35.74 -25.99 34.30
C ILE I 24 -35.26 -24.79 35.12
N ARG I 25 -35.06 -23.65 34.48
CA ARG I 25 -34.53 -22.51 35.19
C ARG I 25 -35.55 -21.93 36.16
N THR I 26 -36.83 -21.94 35.78
CA THR I 26 -37.87 -21.51 36.70
C THR I 26 -37.97 -22.41 37.94
N PHE I 27 -38.04 -23.71 37.75
CA PHE I 27 -38.12 -24.65 38.87
C PHE I 27 -37.03 -24.40 39.87
N LYS I 28 -35.83 -24.24 39.39
CA LYS I 28 -34.66 -24.01 40.18
C LYS I 28 -34.73 -22.75 40.99
N ARG I 29 -35.30 -21.71 40.42
CA ARG I 29 -35.43 -20.46 41.10
C ARG I 29 -36.38 -20.61 42.25
N HIS I 30 -37.35 -21.47 42.10
CA HIS I 30 -38.32 -21.65 43.17
C HIS I 30 -37.91 -22.71 44.18
N ILE I 31 -37.13 -23.70 43.76
CA ILE I 31 -36.91 -24.86 44.62
C ILE I 31 -35.88 -24.57 45.71
N ALA I 32 -36.20 -24.97 46.94
CA ALA I 32 -35.24 -24.83 48.05
C ALA I 32 -34.74 -26.17 48.57
N GLY I 33 -35.63 -27.17 48.65
CA GLY I 33 -35.27 -28.47 49.22
C GLY I 33 -34.01 -29.07 48.67
N ARG I 34 -33.92 -29.12 47.33
CA ARG I 34 -32.75 -29.68 46.65
C ARG I 34 -31.42 -29.02 47.00
N ARG I 35 -31.45 -27.81 47.54
CA ARG I 35 -30.20 -27.14 47.91
C ARG I 35 -29.66 -27.58 49.28
N VAL I 36 -30.50 -28.24 50.09
CA VAL I 36 -30.03 -28.66 51.41
C VAL I 36 -30.07 -30.17 51.64
N VAL I 37 -30.99 -30.87 50.99
CA VAL I 37 -31.13 -32.34 51.18
C VAL I 37 -30.23 -33.14 50.21
N ASP I 38 -30.00 -34.44 50.46
CA ASP I 38 -29.27 -35.28 49.49
C ASP I 38 -30.20 -35.66 48.35
N VAL I 39 -29.76 -35.37 47.12
CA VAL I 39 -30.59 -35.63 45.95
C VAL I 39 -29.93 -36.76 45.15
N SER I 40 -30.62 -37.88 45.00
CA SER I 40 -30.04 -39.04 44.32
C SER I 40 -30.00 -38.87 42.78
N GLU I 41 -29.20 -39.69 42.09
CA GLU I 41 -29.29 -39.84 40.64
C GLU I 41 -30.62 -40.51 40.31
N PRO I 42 -31.33 -40.04 39.26
CA PRO I 42 -32.55 -40.76 38.89
C PRO I 42 -32.26 -42.26 38.63
N SER I 43 -33.02 -43.14 39.28
CA SER I 43 -32.84 -44.58 39.12
C SER I 43 -33.69 -45.17 38.00
N GLY I 44 -34.52 -44.36 37.37
CA GLY I 44 -35.30 -44.82 36.21
C GLY I 44 -36.76 -45.13 36.50
N PRO I 45 -37.55 -45.37 35.44
CA PRO I 45 -39.02 -45.46 35.55
C PRO I 45 -39.54 -46.71 36.28
N VAL I 46 -38.69 -47.72 36.43
CA VAL I 46 -39.14 -48.96 37.06
C VAL I 46 -39.24 -48.82 38.58
N THR I 47 -38.37 -48.00 39.18
CA THR I 47 -38.33 -47.87 40.64
C THR I 47 -39.69 -47.46 41.19
N ALA I 48 -40.21 -48.25 42.12
CA ALA I 48 -41.51 -47.96 42.73
C ALA I 48 -41.44 -47.62 44.23
N ALA I 49 -40.38 -48.04 44.92
CA ALA I 49 -40.33 -47.94 46.37
C ALA I 49 -38.90 -47.79 46.86
N VAL I 50 -38.74 -47.16 48.02
CA VAL I 50 -37.43 -47.06 48.63
C VAL I 50 -37.46 -47.94 49.84
N SER I 51 -36.55 -48.92 49.87
CA SER I 51 -36.46 -49.82 51.00
C SER I 51 -36.05 -49.02 52.24
N THR I 52 -36.71 -49.25 53.37
CA THR I 52 -36.32 -48.55 54.58
C THR I 52 -35.49 -49.43 55.52
N GLY I 53 -35.36 -50.71 55.15
CA GLY I 53 -34.65 -51.68 55.98
C GLY I 53 -35.45 -52.26 57.12
N HIS I 54 -36.63 -51.69 57.40
CA HIS I 54 -37.43 -52.13 58.53
C HIS I 54 -38.33 -53.35 58.23
N LEU I 55 -38.83 -54.00 59.29
CA LEU I 55 -39.67 -55.19 59.20
C LEU I 55 -41.04 -54.95 59.82
N ARG I 56 -42.11 -55.32 59.12
CA ARG I 56 -43.44 -55.25 59.74
C ARG I 56 -43.90 -56.64 60.10
N ASP I 57 -44.23 -56.81 61.38
CA ASP I 57 -44.89 -58.02 61.83
C ASP I 57 -46.20 -58.26 61.09
N ILE I 58 -46.35 -59.48 60.61
CA ILE I 58 -47.60 -59.90 60.00
C ILE I 58 -48.03 -61.25 60.56
N SER I 59 -49.30 -61.58 60.37
CA SER I 59 -49.75 -62.85 60.80
C SER I 59 -48.99 -63.98 60.05
N PRO I 60 -48.52 -65.02 60.76
CA PRO I 60 -47.72 -66.07 60.09
C PRO I 60 -48.53 -66.96 59.13
N PRO I 61 -47.85 -67.67 58.23
CA PRO I 61 -48.58 -68.56 57.33
C PRO I 61 -48.87 -69.92 57.95
N GLY I 62 -48.28 -70.20 59.11
CA GLY I 62 -48.59 -71.40 59.87
C GLY I 62 -47.79 -71.47 61.14
N ASP I 63 -48.07 -72.50 61.94
CA ASP I 63 -47.38 -72.75 63.20
C ASP I 63 -45.86 -72.90 63.04
N GLY I 64 -45.10 -72.32 63.96
CA GLY I 64 -43.65 -72.42 63.94
C GLY I 64 -42.95 -71.58 62.88
N VAL I 65 -43.67 -70.67 62.26
CA VAL I 65 -43.09 -69.78 61.26
C VAL I 65 -43.26 -68.37 61.74
N VAL I 66 -42.22 -67.56 61.54
CA VAL I 66 -42.18 -66.16 61.92
C VAL I 66 -42.04 -65.29 60.67
N ALA I 67 -43.06 -64.49 60.39
CA ALA I 67 -43.12 -63.73 59.14
C ALA I 67 -43.14 -62.23 59.33
N HIS I 68 -42.31 -61.52 58.55
CA HIS I 68 -42.28 -60.06 58.51
C HIS I 68 -42.33 -59.60 57.08
N LEU I 69 -43.17 -58.60 56.79
CA LEU I 69 -43.08 -57.86 55.53
C LEU I 69 -41.92 -56.87 55.55
N ARG I 70 -41.22 -56.75 54.43
CA ARG I 70 -40.16 -55.76 54.30
C ARG I 70 -40.82 -54.42 54.03
N GLU I 71 -40.52 -53.40 54.83
CA GLU I 71 -41.12 -52.08 54.66
C GLU I 71 -40.38 -51.20 53.62
N SER I 72 -41.14 -50.39 52.90
CA SER I 72 -40.56 -49.46 51.99
C SER I 72 -41.48 -48.27 51.84
N LYS I 73 -40.98 -47.16 51.30
CA LYS I 73 -41.85 -46.03 51.00
C LYS I 73 -42.11 -46.00 49.52
N PRO I 74 -43.38 -45.81 49.12
CA PRO I 74 -43.72 -45.70 47.69
C PRO I 74 -43.26 -44.37 47.14
N LEU I 75 -42.84 -44.41 45.89
CA LEU I 75 -42.57 -43.20 45.13
C LEU I 75 -43.90 -42.64 44.68
N VAL I 76 -43.97 -41.33 44.51
CA VAL I 76 -45.19 -40.68 44.03
C VAL I 76 -44.85 -39.97 42.74
N ARG I 77 -45.74 -40.09 41.76
CA ARG I 77 -45.62 -39.33 40.53
C ARG I 77 -46.41 -38.05 40.70
N LEU I 78 -45.74 -36.92 40.51
CA LEU I 78 -46.42 -35.63 40.53
C LEU I 78 -46.48 -35.14 39.10
N ARG I 79 -47.67 -34.85 38.61
CA ARG I 79 -47.83 -34.39 37.24
C ARG I 79 -48.57 -33.06 37.22
N VAL I 80 -47.99 -32.06 36.56
CA VAL I 80 -48.62 -30.75 36.42
C VAL I 80 -48.90 -30.49 34.95
N PRO I 81 -50.16 -30.71 34.53
CA PRO I 81 -50.54 -30.43 33.14
C PRO I 81 -50.50 -28.94 32.85
N PHE I 82 -50.07 -28.57 31.66
CA PHE I 82 -50.15 -27.17 31.24
C PHE I 82 -50.41 -27.07 29.72
N THR I 83 -50.98 -25.94 29.27
CA THR I 83 -51.32 -25.78 27.85
C THR I 83 -50.58 -24.60 27.24
N VAL I 84 -49.96 -24.82 26.09
CA VAL I 84 -49.34 -23.72 25.35
C VAL I 84 -50.03 -23.51 24.02
N THR I 85 -49.92 -22.32 23.44
CA THR I 85 -50.56 -22.07 22.16
C THR I 85 -49.63 -22.53 21.06
N ARG I 86 -50.21 -22.93 19.93
CA ARG I 86 -49.41 -23.34 18.79
C ARG I 86 -48.69 -22.19 18.08
N SER I 87 -49.21 -20.96 18.19
CA SER I 87 -48.44 -19.81 17.71
C SER I 87 -47.20 -19.57 18.57
N ALA I 88 -47.31 -19.74 19.89
CA ALA I 88 -46.12 -19.69 20.76
C ALA I 88 -45.07 -20.71 20.27
N ILE I 89 -45.52 -21.95 20.10
CA ILE I 89 -44.69 -23.01 19.51
C ILE I 89 -44.11 -22.67 18.13
N ASP I 90 -44.97 -22.30 17.18
CA ASP I 90 -44.56 -22.17 15.80
C ASP I 90 -43.69 -20.96 15.56
N ASP I 91 -43.89 -19.90 16.35
CA ASP I 91 -43.11 -18.66 16.23
C ASP I 91 -41.61 -18.86 16.51
N VAL I 92 -41.28 -19.83 17.35
CA VAL I 92 -39.87 -20.12 17.69
C VAL I 92 -38.96 -20.30 16.46
N GLU I 93 -39.32 -21.22 15.58
CA GLU I 93 -38.58 -21.45 14.35
C GLU I 93 -38.47 -20.20 13.47
N ARG I 94 -39.46 -19.33 13.55
CA ARG I 94 -39.47 -18.08 12.80
C ARG I 94 -38.59 -16.99 13.44
N GLY I 95 -37.99 -17.31 14.58
CA GLY I 95 -37.08 -16.39 15.25
C GLY I 95 -37.60 -15.64 16.45
N SER I 96 -38.82 -15.96 16.90
CA SER I 96 -39.43 -15.33 18.07
C SER I 96 -38.67 -15.64 19.35
N GLN I 97 -38.45 -14.62 20.17
CA GLN I 97 -37.76 -14.80 21.44
C GLN I 97 -38.69 -14.47 22.61
N ASP I 98 -39.95 -14.16 22.30
CA ASP I 98 -40.90 -13.78 23.34
C ASP I 98 -42.17 -14.62 23.31
N SER I 99 -42.06 -15.87 22.89
CA SER I 99 -43.21 -16.76 22.87
C SER I 99 -43.75 -16.89 24.30
N ASP I 100 -45.07 -16.99 24.41
CA ASP I 100 -45.68 -17.05 25.72
C ASP I 100 -45.47 -18.37 26.45
N TRP I 101 -44.46 -18.47 27.32
CA TRP I 101 -44.32 -19.68 28.12
C TRP I 101 -44.76 -19.46 29.56
N ASP I 102 -45.67 -18.51 29.78
CA ASP I 102 -46.20 -18.33 31.13
C ASP I 102 -46.80 -19.62 31.66
N PRO I 103 -47.49 -20.40 30.79
CA PRO I 103 -48.06 -21.64 31.31
C PRO I 103 -47.00 -22.64 31.73
N VAL I 104 -45.85 -22.65 31.05
CA VAL I 104 -44.70 -23.47 31.47
C VAL I 104 -44.20 -23.03 32.85
N LYS I 105 -44.00 -21.72 33.01
CA LYS I 105 -43.54 -21.15 34.27
C LYS I 105 -44.52 -21.40 35.40
N ALA I 106 -45.81 -21.33 35.12
CA ALA I 106 -46.82 -21.55 36.16
C ALA I 106 -46.75 -23.00 36.63
N ALA I 107 -46.57 -23.91 35.67
CA ALA I 107 -46.46 -25.34 35.95
C ALA I 107 -45.23 -25.64 36.81
N ALA I 108 -44.12 -24.97 36.49
CA ALA I 108 -42.87 -25.23 37.13
C ALA I 108 -42.90 -24.75 38.58
N LYS I 109 -43.54 -23.61 38.80
CA LYS I 109 -43.76 -23.11 40.14
C LYS I 109 -44.67 -24.07 40.90
N LYS I 110 -45.74 -24.54 40.28
CA LYS I 110 -46.60 -25.53 40.95
C LYS I 110 -45.80 -26.76 41.38
N LEU I 111 -44.95 -27.25 40.49
CA LEU I 111 -44.28 -28.50 40.79
C LEU I 111 -43.24 -28.29 41.90
N ALA I 112 -42.51 -27.17 41.79
CA ALA I 112 -41.49 -26.81 42.75
C ALA I 112 -42.12 -26.67 44.14
N PHE I 113 -43.23 -25.95 44.20
CA PHE I 113 -43.89 -25.69 45.47
C PHE I 113 -44.39 -26.99 46.09
N VAL I 114 -44.93 -27.87 45.26
CA VAL I 114 -45.42 -29.17 45.73
C VAL I 114 -44.28 -30.02 46.28
N GLU I 115 -43.16 -30.09 45.55
CA GLU I 115 -41.99 -30.85 45.99
C GLU I 115 -41.49 -30.35 47.34
N ASP I 116 -41.34 -29.03 47.45
CA ASP I 116 -40.84 -28.39 48.67
C ASP I 116 -41.78 -28.52 49.86
N ARG I 117 -43.08 -28.35 49.61
CA ARG I 117 -44.06 -28.54 50.64
C ARG I 117 -44.11 -29.98 51.11
N ALA I 118 -43.99 -30.93 50.18
CA ALA I 118 -43.89 -32.35 50.60
C ALA I 118 -42.67 -32.54 51.51
N ILE I 119 -41.51 -32.03 51.09
CA ILE I 119 -40.25 -32.19 51.81
C ILE I 119 -40.32 -31.58 53.21
N PHE I 120 -40.80 -30.35 53.30
CA PHE I 120 -40.75 -29.63 54.57
C PHE I 120 -41.99 -29.79 55.43
N GLU I 121 -43.14 -29.92 54.82
CA GLU I 121 -44.36 -29.90 55.57
C GLU I 121 -45.17 -31.17 55.39
N GLY I 122 -44.64 -32.10 54.60
CA GLY I 122 -45.30 -33.40 54.45
C GLY I 122 -46.39 -33.48 53.40
N TYR I 123 -46.64 -34.71 52.97
CA TYR I 123 -47.71 -34.99 52.02
C TYR I 123 -48.33 -36.35 52.41
N PRO I 124 -49.29 -36.33 53.35
CA PRO I 124 -49.79 -37.57 54.00
C PRO I 124 -50.32 -38.64 53.03
N ALA I 125 -51.10 -38.22 52.04
CA ALA I 125 -51.60 -39.08 50.98
C ALA I 125 -50.51 -39.82 50.20
N ALA I 126 -49.33 -39.19 50.06
CA ALA I 126 -48.18 -39.87 49.45
C ALA I 126 -47.26 -40.57 50.47
N GLN I 127 -47.71 -40.61 51.73
CA GLN I 127 -46.93 -41.20 52.82
C GLN I 127 -45.58 -40.54 53.05
N ILE I 128 -45.49 -39.26 52.73
CA ILE I 128 -44.27 -38.50 53.01
C ILE I 128 -44.46 -37.73 54.31
N ASP I 129 -43.58 -38.03 55.28
CA ASP I 129 -43.39 -37.16 56.43
C ASP I 129 -42.38 -36.09 56.08
N GLY I 130 -42.78 -34.84 56.24
CA GLY I 130 -41.88 -33.73 55.97
C GLY I 130 -40.98 -33.48 57.17
N ILE I 131 -40.03 -32.58 56.99
CA ILE I 131 -39.10 -32.25 58.06
C ILE I 131 -39.84 -31.73 59.31
N ARG I 132 -40.88 -30.95 59.09
CA ARG I 132 -41.73 -30.45 60.17
C ARG I 132 -42.27 -31.58 61.06
N GLN I 133 -42.66 -32.70 60.47
CA GLN I 133 -43.21 -33.80 61.26
C GLN I 133 -42.08 -34.59 61.90
N CYS I 134 -40.98 -34.71 61.17
CA CYS I 134 -39.85 -35.50 61.58
C CYS I 134 -39.09 -34.87 62.77
N THR I 135 -38.92 -33.54 62.79
CA THR I 135 -38.07 -32.88 63.78
C THR I 135 -38.45 -33.19 65.23
N SER I 136 -37.42 -33.42 66.06
CA SER I 136 -37.55 -33.66 67.50
C SER I 136 -36.96 -32.54 68.36
N ASN I 137 -36.32 -31.56 67.76
CA ASN I 137 -35.87 -30.39 68.49
C ASN I 137 -37.02 -29.45 68.85
N PRO I 138 -36.91 -28.71 69.97
CA PRO I 138 -37.95 -27.72 70.32
C PRO I 138 -38.23 -26.73 69.18
N VAL I 139 -39.51 -26.50 68.89
CA VAL I 139 -39.91 -25.61 67.80
C VAL I 139 -39.85 -24.15 68.24
N LEU I 140 -39.35 -23.27 67.40
CA LEU I 140 -39.17 -21.88 67.81
C LEU I 140 -40.14 -20.98 67.07
N GLN I 141 -40.54 -19.90 67.72
CA GLN I 141 -41.49 -18.98 67.13
C GLN I 141 -40.68 -17.86 66.53
N LEU I 142 -40.95 -17.51 65.27
CA LEU I 142 -40.31 -16.37 64.66
C LEU I 142 -40.80 -15.10 65.34
N PRO I 143 -39.91 -14.13 65.65
CA PRO I 143 -40.31 -12.91 66.38
C PRO I 143 -41.15 -11.94 65.52
N ASP I 144 -41.92 -11.05 66.13
CA ASP I 144 -42.67 -10.03 65.37
C ASP I 144 -41.74 -8.98 64.81
N ASP I 145 -40.75 -8.59 65.61
CA ASP I 145 -39.72 -7.66 65.20
C ASP I 145 -38.64 -8.40 64.42
N ALA I 146 -38.48 -8.04 63.16
CA ALA I 146 -37.51 -8.70 62.28
C ALA I 146 -36.09 -8.58 62.81
N ARG I 147 -35.81 -7.53 63.59
CA ARG I 147 -34.49 -7.36 64.19
C ARG I 147 -34.13 -8.47 65.17
N ASP I 148 -35.12 -9.22 65.67
CA ASP I 148 -34.84 -10.34 66.58
C ASP I 148 -34.58 -11.69 65.92
N ILE I 149 -34.58 -11.72 64.58
CA ILE I 149 -34.50 -13.00 63.88
C ILE I 149 -33.18 -13.68 64.22
N THR I 150 -32.11 -12.90 64.35
CA THR I 150 -30.80 -13.47 64.66
C THR I 150 -30.78 -14.19 65.99
N ASP I 151 -31.57 -13.70 66.95
CA ASP I 151 -31.69 -14.39 68.24
C ASP I 151 -32.26 -15.80 68.07
N VAL I 152 -33.34 -15.89 67.32
CA VAL I 152 -34.02 -17.15 67.23
C VAL I 152 -33.22 -18.17 66.39
N ILE I 153 -32.51 -17.71 65.36
CA ILE I 153 -31.58 -18.55 64.59
C ILE I 153 -30.47 -19.08 65.52
N ALA I 154 -29.83 -18.16 66.24
CA ALA I 154 -28.77 -18.52 67.18
C ALA I 154 -29.22 -19.57 68.18
N GLN I 155 -30.47 -19.46 68.65
CA GLN I 155 -31.07 -20.51 69.48
C GLN I 155 -31.16 -21.84 68.72
N ALA I 156 -31.59 -21.78 67.47
CA ALA I 156 -31.79 -22.98 66.67
C ALA I 156 -30.45 -23.72 66.50
N LEU I 157 -29.43 -22.96 66.15
CA LEU I 157 -28.10 -23.49 66.01
C LEU I 157 -27.65 -24.21 67.28
N SER I 158 -27.97 -23.61 68.42
CA SER I 158 -27.56 -24.20 69.66
C SER I 158 -28.34 -25.46 69.92
N GLU I 159 -29.59 -25.51 69.48
CA GLU I 159 -30.35 -26.75 69.63
C GLU I 159 -29.69 -27.89 68.85
N LEU I 160 -29.24 -27.59 67.64
CA LEU I 160 -28.62 -28.59 66.80
C LEU I 160 -27.32 -29.05 67.43
N ARG I 161 -26.53 -28.09 67.91
CA ARG I 161 -25.25 -28.38 68.53
C ARG I 161 -25.42 -29.27 69.77
N LEU I 162 -26.36 -28.89 70.63
CA LEU I 162 -26.60 -29.63 71.87
C LEU I 162 -27.12 -31.05 71.61
N ALA I 163 -27.75 -31.25 70.45
CA ALA I 163 -28.20 -32.57 70.02
C ALA I 163 -27.08 -33.39 69.36
N GLY I 164 -25.87 -32.84 69.32
CA GLY I 164 -24.70 -33.59 68.86
C GLY I 164 -24.61 -33.69 67.35
N VAL I 165 -25.30 -32.81 66.65
CA VAL I 165 -25.34 -32.80 65.19
C VAL I 165 -24.30 -31.83 64.66
N ASP I 166 -23.34 -32.38 63.90
CA ASP I 166 -22.32 -31.56 63.25
C ASP I 166 -22.86 -30.77 62.03
N GLY I 167 -22.11 -29.74 61.64
CA GLY I 167 -22.49 -28.85 60.54
C GLY I 167 -21.99 -29.35 59.20
N PRO I 168 -21.92 -28.48 58.19
CA PRO I 168 -22.34 -27.07 58.31
C PRO I 168 -23.84 -26.91 58.39
N TYR I 169 -24.28 -25.70 58.77
CA TYR I 169 -25.69 -25.41 58.98
C TYR I 169 -26.22 -24.45 57.94
N SER I 170 -27.45 -24.69 57.51
CA SER I 170 -28.14 -23.83 56.59
C SER I 170 -29.46 -23.39 57.15
N VAL I 171 -29.92 -22.23 56.68
CA VAL I 171 -31.19 -21.67 57.10
C VAL I 171 -32.07 -21.51 55.87
N LEU I 172 -33.29 -22.00 55.95
CA LEU I 172 -34.26 -21.74 54.91
C LEU I 172 -35.27 -20.70 55.35
N LEU I 173 -35.49 -19.70 54.50
CA LEU I 173 -36.41 -18.62 54.87
C LEU I 173 -37.56 -18.53 53.86
N SER I 174 -38.79 -18.41 54.39
CA SER I 174 -39.95 -18.09 53.57
C SER I 174 -39.65 -16.80 52.82
N ALA I 175 -40.36 -16.60 51.70
CA ALA I 175 -40.23 -15.41 50.88
C ALA I 175 -40.36 -14.15 51.75
N GLU I 176 -41.39 -14.12 52.59
CA GLU I 176 -41.61 -13.00 53.48
C GLU I 176 -40.43 -12.75 54.45
N VAL I 177 -39.99 -13.80 55.16
CA VAL I 177 -38.93 -13.61 56.14
C VAL I 177 -37.60 -13.28 55.45
N TYR I 178 -37.36 -13.93 54.31
CA TYR I 178 -36.14 -13.73 53.57
C TYR I 178 -36.05 -12.27 53.16
N THR I 179 -37.14 -11.75 52.61
CA THR I 179 -37.18 -10.35 52.21
C THR I 179 -36.95 -9.43 53.42
N LYS I 180 -37.61 -9.74 54.54
CA LYS I 180 -37.39 -9.01 55.78
C LYS I 180 -35.95 -9.04 56.23
N VAL I 181 -35.35 -10.23 56.24
CA VAL I 181 -33.96 -10.35 56.63
C VAL I 181 -33.04 -9.55 55.70
N SER I 182 -33.36 -9.53 54.41
CA SER I 182 -32.44 -8.89 53.47
C SER I 182 -32.49 -7.35 53.52
N GLU I 183 -33.59 -6.78 54.01
CA GLU I 183 -33.73 -5.31 54.09
C GLU I 183 -33.57 -4.70 55.50
N THR I 184 -33.73 -5.49 56.56
CA THR I 184 -33.83 -4.94 57.90
C THR I 184 -32.48 -4.52 58.46
N THR I 185 -32.47 -3.36 59.08
CA THR I 185 -31.30 -2.90 59.81
C THR I 185 -31.69 -2.78 61.27
N GLU I 186 -30.72 -2.88 62.17
CA GLU I 186 -30.91 -2.54 63.56
C GLU I 186 -29.92 -1.46 63.87
N HIS I 187 -30.44 -0.27 64.17
CA HIS I 187 -29.61 0.93 64.30
C HIS I 187 -28.66 1.09 63.12
N GLY I 188 -29.13 0.82 61.91
CA GLY I 188 -28.31 0.97 60.72
C GLY I 188 -27.52 -0.24 60.26
N TYR I 189 -27.17 -1.13 61.18
CA TYR I 189 -26.41 -2.32 60.82
C TYR I 189 -27.37 -3.40 60.23
N PRO I 190 -27.12 -3.82 58.97
CA PRO I 190 -28.01 -4.79 58.32
C PRO I 190 -27.95 -6.14 59.02
N ILE I 191 -29.10 -6.65 59.42
CA ILE I 191 -29.09 -7.91 60.15
C ILE I 191 -28.58 -9.06 59.28
N ARG I 192 -28.59 -8.86 57.96
CA ARG I 192 -28.11 -9.88 57.05
C ARG I 192 -26.62 -10.14 57.19
N GLU I 193 -25.81 -9.09 57.41
CA GLU I 193 -24.37 -9.26 57.60
C GLU I 193 -24.13 -10.09 58.85
N HIS I 194 -24.92 -9.82 59.89
CA HIS I 194 -24.83 -10.55 61.15
C HIS I 194 -25.15 -12.01 60.90
N LEU I 195 -26.30 -12.24 60.28
CA LEU I 195 -26.81 -13.56 60.07
C LEU I 195 -25.97 -14.40 59.12
N ASN I 196 -25.49 -13.80 58.02
CA ASN I 196 -24.65 -14.51 57.07
C ASN I 196 -23.37 -15.01 57.70
N ARG I 197 -22.82 -14.25 58.63
CA ARG I 197 -21.57 -14.64 59.26
C ARG I 197 -21.81 -15.64 60.37
N LEU I 198 -23.04 -15.74 60.82
CA LEU I 198 -23.38 -16.62 61.92
C LEU I 198 -23.55 -18.05 61.43
N VAL I 199 -23.92 -18.19 60.16
CA VAL I 199 -24.24 -19.47 59.57
C VAL I 199 -23.12 -19.87 58.63
N ASP I 200 -22.49 -21.01 58.87
CA ASP I 200 -21.44 -21.50 57.97
C ASP I 200 -21.94 -22.00 56.61
N GLY I 201 -23.19 -22.45 56.53
CA GLY I 201 -23.82 -22.77 55.23
C GLY I 201 -24.50 -21.55 54.62
N ASP I 202 -25.68 -21.74 54.04
CA ASP I 202 -26.30 -20.63 53.30
C ASP I 202 -27.60 -20.21 53.94
N ILE I 203 -28.03 -18.98 53.62
CA ILE I 203 -29.36 -18.54 53.96
C ILE I 203 -30.12 -18.65 52.64
N ILE I 204 -31.15 -19.49 52.61
CA ILE I 204 -31.76 -19.97 51.35
C ILE I 204 -33.17 -19.45 51.14
N TRP I 205 -33.42 -18.99 49.92
CA TRP I 205 -34.74 -18.52 49.49
C TRP I 205 -35.68 -19.71 49.38
N ALA I 206 -36.76 -19.70 50.14
CA ALA I 206 -37.67 -20.84 50.16
C ALA I 206 -39.11 -20.39 50.08
N PRO I 207 -39.55 -19.89 48.91
CA PRO I 207 -40.86 -19.29 48.80
C PRO I 207 -41.99 -20.27 49.01
N ALA I 208 -41.73 -21.56 48.94
CA ALA I 208 -42.82 -22.53 49.09
C ALA I 208 -43.28 -22.73 50.55
N ILE I 209 -42.45 -22.35 51.52
CA ILE I 209 -42.73 -22.67 52.92
C ILE I 209 -43.18 -21.45 53.71
N ASP I 210 -43.80 -21.69 54.87
CA ASP I 210 -44.04 -20.65 55.87
C ASP I 210 -43.05 -20.76 57.02
N GLY I 211 -42.67 -19.63 57.59
CA GLY I 211 -41.69 -19.68 58.68
C GLY I 211 -40.28 -19.94 58.18
N ALA I 212 -39.55 -20.81 58.88
CA ALA I 212 -38.12 -21.02 58.61
C ALA I 212 -37.67 -22.39 59.04
N PHE I 213 -36.55 -22.87 58.49
CA PHE I 213 -35.91 -24.07 59.03
C PHE I 213 -34.44 -23.82 59.15
N VAL I 214 -33.85 -24.37 60.22
CA VAL I 214 -32.41 -24.43 60.37
C VAL I 214 -32.03 -25.91 60.42
N LEU I 215 -31.08 -26.31 59.58
CA LEU I 215 -30.70 -27.72 59.54
C LEU I 215 -29.28 -27.97 59.11
N SER I 216 -28.81 -29.18 59.38
CA SER I 216 -27.44 -29.53 59.05
C SER I 216 -27.40 -30.08 57.64
N THR I 217 -26.35 -29.74 56.91
CA THR I 217 -26.12 -30.33 55.59
C THR I 217 -24.91 -31.27 55.57
N ARG I 218 -24.64 -31.91 56.70
CA ARG I 218 -23.53 -32.86 56.77
C ARG I 218 -23.77 -34.03 55.80
N GLY I 219 -25.03 -34.26 55.43
CA GLY I 219 -25.40 -35.36 54.54
C GLY I 219 -25.83 -36.60 55.31
N GLY I 220 -26.63 -37.44 54.70
CA GLY I 220 -27.11 -38.65 55.35
C GLY I 220 -28.38 -38.47 56.16
N ASP I 221 -28.90 -37.25 56.28
CA ASP I 221 -30.09 -37.04 57.12
C ASP I 221 -31.40 -36.93 56.33
N PHE I 222 -31.31 -36.34 55.14
CA PHE I 222 -32.49 -36.01 54.36
C PHE I 222 -32.35 -36.52 52.93
N ASP I 223 -33.26 -37.38 52.53
CA ASP I 223 -33.07 -38.18 51.35
C ASP I 223 -34.19 -37.90 50.36
N LEU I 224 -33.90 -37.14 49.30
CA LEU I 224 -34.85 -37.02 48.20
C LEU I 224 -34.45 -38.04 47.14
N ARG I 225 -35.19 -39.15 47.02
CA ARG I 225 -34.90 -40.20 46.00
C ARG I 225 -35.69 -39.96 44.74
N LEU I 226 -34.96 -39.75 43.65
CA LEU I 226 -35.57 -39.53 42.37
C LEU I 226 -35.68 -40.87 41.61
N GLY I 227 -36.90 -41.20 41.20
CA GLY I 227 -37.11 -42.26 40.21
C GLY I 227 -36.84 -41.63 38.87
N THR I 228 -37.65 -40.66 38.50
CA THR I 228 -37.34 -39.85 37.34
C THR I 228 -37.44 -38.37 37.69
N ASP I 229 -36.45 -37.62 37.24
CA ASP I 229 -36.36 -36.17 37.51
C ASP I 229 -37.35 -35.39 36.64
N VAL I 230 -37.45 -34.09 36.89
CA VAL I 230 -38.42 -33.25 36.19
C VAL I 230 -38.41 -33.52 34.68
N SER I 231 -39.55 -33.89 34.14
CA SER I 231 -39.68 -34.15 32.69
C SER I 231 -40.86 -33.44 32.06
N ILE I 232 -40.78 -33.23 30.75
CA ILE I 232 -41.90 -32.63 30.04
C ILE I 232 -42.46 -33.65 29.05
N GLY I 233 -43.74 -33.97 29.19
CA GLY I 233 -44.39 -34.92 28.30
C GLY I 233 -45.60 -34.33 27.56
N TYR I 234 -46.16 -35.14 26.67
CA TYR I 234 -47.24 -34.74 25.77
C TYR I 234 -48.55 -35.48 26.05
N LEU I 235 -49.66 -34.74 25.97
CA LEU I 235 -50.99 -35.30 26.17
C LEU I 235 -51.82 -35.27 24.90
N SER I 236 -52.19 -34.07 24.46
CA SER I 236 -53.09 -33.93 23.34
C SER I 236 -52.87 -32.59 22.67
N HIS I 237 -53.48 -32.40 21.49
CA HIS I 237 -53.52 -31.08 20.87
C HIS I 237 -54.79 -30.88 20.09
N ASP I 238 -55.04 -29.63 19.73
CA ASP I 238 -56.07 -29.33 18.73
C ASP I 238 -55.46 -28.34 17.73
N ALA I 239 -56.31 -27.63 17.00
CA ALA I 239 -55.81 -26.73 15.96
C ALA I 239 -54.99 -25.59 16.53
N GLU I 240 -55.26 -25.20 17.78
CA GLU I 240 -54.69 -23.98 18.34
C GLU I 240 -53.75 -24.16 19.53
N THR I 241 -53.83 -25.29 20.20
CA THR I 241 -53.08 -25.47 21.44
C THR I 241 -52.49 -26.85 21.54
N VAL I 242 -51.51 -26.98 22.43
CA VAL I 242 -50.94 -28.26 22.80
C VAL I 242 -51.03 -28.42 24.32
N GLN I 243 -51.57 -29.55 24.74
CA GLN I 243 -51.55 -29.83 26.15
C GLN I 243 -50.38 -30.74 26.53
N LEU I 244 -49.53 -30.22 27.42
CA LEU I 244 -48.30 -30.88 27.86
C LEU I 244 -48.36 -31.02 29.36
N TYR I 245 -47.27 -31.50 29.97
CA TYR I 245 -47.19 -31.59 31.44
C TYR I 245 -45.76 -31.63 31.92
N LEU I 246 -45.57 -31.22 33.16
CA LEU I 246 -44.32 -31.45 33.86
C LEU I 246 -44.55 -32.62 34.79
N GLU I 247 -43.55 -33.47 34.93
CA GLU I 247 -43.67 -34.55 35.89
C GLU I 247 -42.36 -35.05 36.45
N GLU I 248 -42.46 -35.69 37.61
CA GLU I 248 -41.31 -36.34 38.24
C GLU I 248 -41.88 -37.39 39.18
N THR I 249 -41.10 -38.42 39.43
CA THR I 249 -41.48 -39.48 40.34
C THR I 249 -40.39 -39.60 41.37
N LEU I 250 -40.77 -39.45 42.63
CA LEU I 250 -39.79 -39.33 43.69
C LEU I 250 -40.42 -39.64 44.99
N THR I 251 -39.59 -39.69 46.02
CA THR I 251 -40.04 -39.57 47.40
C THR I 251 -39.00 -38.90 48.31
N PHE I 252 -39.42 -38.57 49.53
CA PHE I 252 -38.52 -37.96 50.49
C PHE I 252 -38.57 -38.72 51.80
N LEU I 253 -37.38 -38.97 52.35
CA LEU I 253 -37.26 -39.63 53.64
C LEU I 253 -36.39 -38.80 54.56
N CYS I 254 -36.88 -38.61 55.78
CA CYS I 254 -36.12 -37.95 56.83
C CYS I 254 -35.61 -38.99 57.86
N TYR I 255 -34.29 -39.10 57.98
CA TYR I 255 -33.71 -40.16 58.81
C TYR I 255 -33.30 -39.70 60.21
N THR I 256 -33.27 -38.39 60.45
CA THR I 256 -32.72 -37.85 61.70
C THR I 256 -33.60 -36.74 62.23
N SER I 257 -34.37 -37.07 63.26
CA SER I 257 -35.31 -36.12 63.82
C SER I 257 -34.57 -34.91 64.42
N GLU I 258 -33.36 -35.13 64.92
CA GLU I 258 -32.68 -34.04 65.61
C GLU I 258 -31.78 -33.18 64.68
N ALA I 259 -31.79 -33.43 63.38
CA ALA I 259 -30.91 -32.67 62.47
C ALA I 259 -31.55 -31.40 61.92
N SER I 260 -32.75 -31.06 62.38
CA SER I 260 -33.41 -29.84 61.95
C SER I 260 -34.08 -29.13 63.12
N VAL I 261 -34.27 -27.82 62.95
CA VAL I 261 -35.11 -27.01 63.82
C VAL I 261 -36.16 -26.28 62.97
N ALA I 262 -37.43 -26.46 63.32
CA ALA I 262 -38.52 -25.74 62.67
C ALA I 262 -38.82 -24.44 63.39
N LEU I 263 -39.03 -23.39 62.62
CA LEU I 263 -39.44 -22.10 63.17
C LEU I 263 -40.79 -21.74 62.57
N THR I 264 -41.76 -21.46 63.43
CA THR I 264 -43.11 -21.17 62.95
C THR I 264 -43.26 -19.67 62.66
N PRO I 265 -44.10 -19.32 61.66
CA PRO I 265 -44.26 -17.92 61.24
C PRO I 265 -44.94 -17.10 62.31
N MET J 1 -8.65 -61.52 70.14
CA MET J 1 -9.50 -60.46 70.70
C MET J 1 -8.72 -59.64 71.70
N ASN J 2 -9.09 -58.39 71.83
CA ASN J 2 -8.62 -57.56 72.92
C ASN J 2 -9.73 -57.36 73.94
N ASN J 3 -9.47 -56.56 74.97
CA ASN J 3 -10.45 -56.35 76.04
C ASN J 3 -11.80 -55.80 75.62
N LEU J 4 -11.94 -55.28 74.40
CA LEU J 4 -13.24 -54.76 73.98
C LEU J 4 -14.23 -55.86 73.65
N TYR J 5 -13.70 -57.02 73.26
CA TYR J 5 -14.50 -58.21 72.87
C TYR J 5 -15.55 -57.90 71.84
N ARG J 6 -15.26 -57.01 70.90
CA ARG J 6 -16.25 -56.62 69.90
C ARG J 6 -16.80 -57.83 69.16
N GLU J 7 -15.93 -58.82 68.96
CA GLU J 7 -16.22 -59.99 68.14
C GLU J 7 -17.34 -60.86 68.67
N LEU J 8 -17.68 -60.68 69.94
CA LEU J 8 -18.70 -61.46 70.62
C LEU J 8 -20.08 -60.81 70.54
N ALA J 9 -20.14 -59.53 70.13
CA ALA J 9 -21.40 -58.81 70.01
C ALA J 9 -22.16 -59.21 68.75
N PRO J 10 -23.47 -59.45 68.86
CA PRO J 10 -24.32 -59.69 67.68
C PRO J 10 -24.58 -58.36 66.95
N VAL J 11 -23.53 -57.85 66.30
CA VAL J 11 -23.50 -56.56 65.65
C VAL J 11 -22.75 -56.79 64.34
N THR J 12 -23.36 -56.44 63.21
CA THR J 12 -22.70 -56.65 61.91
C THR J 12 -21.56 -55.65 61.65
N ASP J 13 -20.63 -55.98 60.76
CA ASP J 13 -19.56 -55.04 60.41
C ASP J 13 -20.15 -53.71 59.99
N ALA J 14 -21.26 -53.76 59.26
CA ALA J 14 -21.94 -52.54 58.82
C ALA J 14 -22.49 -51.73 59.98
N ALA J 15 -23.22 -52.38 60.91
CA ALA J 15 -23.71 -51.68 62.10
C ALA J 15 -22.56 -51.09 62.93
N TRP J 16 -21.46 -51.82 63.07
CA TRP J 16 -20.30 -51.29 63.78
C TRP J 16 -19.82 -49.97 63.18
N HIS J 17 -19.70 -49.94 61.86
CA HIS J 17 -19.24 -48.76 61.17
C HIS J 17 -20.17 -47.58 61.46
N GLU J 18 -21.48 -47.81 61.50
CA GLU J 18 -22.41 -46.73 61.83
C GLU J 18 -22.31 -46.23 63.25
N ILE J 19 -22.20 -47.17 64.19
CA ILE J 19 -22.03 -46.84 65.61
C ILE J 19 -20.75 -46.05 65.83
N GLU J 20 -19.65 -46.47 65.22
CA GLU J 20 -18.39 -45.73 65.29
C GLU J 20 -18.54 -44.32 64.75
N THR J 21 -19.10 -44.21 63.55
CA THR J 21 -19.22 -42.94 62.86
C THR J 21 -19.97 -41.95 63.73
N GLU J 22 -21.08 -42.43 64.30
CA GLU J 22 -21.95 -41.63 65.15
C GLU J 22 -21.25 -41.22 66.43
N ALA J 23 -20.66 -42.19 67.12
CA ALA J 23 -19.94 -41.92 68.37
C ALA J 23 -18.89 -40.82 68.17
N ILE J 24 -18.05 -40.99 67.15
CA ILE J 24 -16.95 -40.06 66.91
C ILE J 24 -17.45 -38.66 66.57
N ARG J 25 -18.40 -38.54 65.65
CA ARG J 25 -18.82 -37.20 65.27
C ARG J 25 -19.60 -36.48 66.37
N THR J 26 -20.36 -37.24 67.16
CA THR J 26 -21.11 -36.66 68.24
C THR J 26 -20.13 -36.18 69.31
N PHE J 27 -19.17 -37.05 69.66
CA PHE J 27 -18.18 -36.72 70.66
C PHE J 27 -17.51 -35.42 70.25
N LYS J 28 -17.13 -35.36 68.97
CA LYS J 28 -16.35 -34.25 68.43
C LYS J 28 -17.15 -32.95 68.52
N ARG J 29 -18.47 -33.06 68.36
CA ARG J 29 -19.34 -31.89 68.39
C ARG J 29 -19.43 -31.28 69.78
N HIS J 30 -19.35 -32.11 70.82
CA HIS J 30 -19.47 -31.64 72.20
C HIS J 30 -18.16 -31.22 72.84
N ILE J 31 -17.05 -31.77 72.35
CA ILE J 31 -15.80 -31.66 73.09
C ILE J 31 -15.11 -30.31 72.84
N ALA J 32 -14.56 -29.70 73.89
CA ALA J 32 -13.91 -28.39 73.75
C ALA J 32 -12.45 -28.45 74.18
N GLY J 33 -12.19 -29.18 75.27
CA GLY J 33 -10.86 -29.27 75.85
C GLY J 33 -9.80 -29.64 74.83
N ARG J 34 -10.08 -30.67 74.04
CA ARG J 34 -9.11 -31.18 73.07
C ARG J 34 -8.71 -30.16 72.03
N ARG J 35 -9.51 -29.12 71.88
CA ARG J 35 -9.22 -28.09 70.91
C ARG J 35 -8.20 -27.07 71.44
N VAL J 36 -7.95 -27.06 72.75
CA VAL J 36 -7.03 -26.09 73.30
C VAL J 36 -5.84 -26.65 74.02
N VAL J 37 -6.00 -27.84 74.60
CA VAL J 37 -4.95 -28.44 75.42
C VAL J 37 -4.06 -29.31 74.55
N ASP J 38 -2.88 -29.68 75.04
CA ASP J 38 -2.08 -30.69 74.34
C ASP J 38 -2.66 -32.08 74.56
N VAL J 39 -2.97 -32.77 73.46
CA VAL J 39 -3.45 -34.13 73.50
C VAL J 39 -2.38 -35.07 72.99
N SER J 40 -1.87 -35.95 73.86
CA SER J 40 -0.81 -36.89 73.51
C SER J 40 -1.31 -38.04 72.61
N GLU J 41 -0.37 -38.70 71.92
CA GLU J 41 -0.62 -40.00 71.26
C GLU J 41 -0.98 -41.04 72.33
N PRO J 42 -2.05 -41.83 72.10
CA PRO J 42 -2.38 -42.92 73.03
C PRO J 42 -1.16 -43.81 73.29
N SER J 43 -0.80 -44.00 74.56
CA SER J 43 0.38 -44.79 74.85
C SER J 43 0.10 -46.29 75.02
N GLY J 44 -1.15 -46.72 74.93
CA GLY J 44 -1.49 -48.12 75.05
C GLY J 44 -2.10 -48.50 76.39
N PRO J 45 -2.65 -49.70 76.49
CA PRO J 45 -3.38 -50.11 77.71
C PRO J 45 -2.53 -50.39 78.97
N VAL J 46 -1.21 -50.52 78.83
CA VAL J 46 -0.37 -50.79 79.99
C VAL J 46 -0.19 -49.54 80.87
N THR J 47 -0.20 -48.36 80.26
CA THR J 47 0.07 -47.13 80.97
C THR J 47 -0.90 -46.93 82.14
N ALA J 48 -0.34 -46.73 83.34
CA ALA J 48 -1.14 -46.59 84.55
C ALA J 48 -1.02 -45.21 85.24
N ALA J 49 0.05 -44.46 84.90
CA ALA J 49 0.40 -43.23 85.62
C ALA J 49 1.27 -42.32 84.78
N VAL J 50 1.32 -41.05 85.19
CA VAL J 50 2.19 -40.05 84.54
C VAL J 50 3.15 -39.50 85.59
N SER J 51 4.44 -39.71 85.38
CA SER J 51 5.46 -39.13 86.24
C SER J 51 5.36 -37.60 86.27
N THR J 52 5.40 -37.04 87.47
CA THR J 52 5.40 -35.59 87.62
C THR J 52 6.79 -35.05 87.87
N GLY J 53 7.78 -35.93 88.01
CA GLY J 53 9.16 -35.53 88.30
C GLY J 53 9.49 -35.24 89.75
N HIS J 54 8.47 -35.15 90.62
CA HIS J 54 8.68 -34.74 92.01
C HIS J 54 9.00 -35.91 92.93
N LEU J 55 9.53 -35.59 94.11
CA LEU J 55 9.91 -36.57 95.12
C LEU J 55 9.05 -36.38 96.33
N ARG J 56 8.63 -37.45 96.99
CA ARG J 56 7.92 -37.33 98.24
C ARG J 56 8.78 -37.96 99.35
N ASP J 57 9.00 -37.22 100.45
CA ASP J 57 9.73 -37.73 101.61
C ASP J 57 9.03 -38.95 102.19
N ILE J 58 9.78 -39.99 102.48
CA ILE J 58 9.23 -41.13 103.22
C ILE J 58 10.23 -41.43 104.32
N SER J 59 9.78 -42.13 105.36
CA SER J 59 10.72 -42.53 106.40
C SER J 59 11.73 -43.50 105.81
N PRO J 60 13.01 -43.35 106.20
CA PRO J 60 14.15 -44.07 105.65
C PRO J 60 14.08 -45.53 106.00
N PRO J 61 14.77 -46.39 105.23
CA PRO J 61 14.80 -47.81 105.55
C PRO J 61 15.90 -48.21 106.54
N GLY J 62 16.65 -47.26 107.08
CA GLY J 62 17.78 -47.57 107.96
C GLY J 62 18.69 -46.36 108.07
N ASP J 63 19.65 -46.38 108.97
CA ASP J 63 20.47 -45.16 109.19
C ASP J 63 21.38 -44.88 108.01
N GLY J 64 21.56 -43.61 107.73
CA GLY J 64 22.45 -43.18 106.66
C GLY J 64 21.86 -43.39 105.29
N VAL J 65 20.57 -43.72 105.23
CA VAL J 65 19.87 -43.83 103.96
C VAL J 65 18.74 -42.81 103.91
N VAL J 66 18.63 -42.14 102.79
CA VAL J 66 17.60 -41.15 102.61
C VAL J 66 16.71 -41.66 101.49
N ALA J 67 15.40 -41.79 101.71
CA ALA J 67 14.52 -42.36 100.70
C ALA J 67 13.43 -41.38 100.26
N HIS J 68 13.10 -41.37 98.97
CA HIS J 68 11.96 -40.59 98.43
C HIS J 68 11.09 -41.43 97.50
N LEU J 69 9.76 -41.32 97.60
CA LEU J 69 8.91 -41.95 96.58
C LEU J 69 8.79 -41.04 95.36
N ARG J 70 8.86 -41.65 94.18
CA ARG J 70 8.65 -40.93 92.93
C ARG J 70 7.17 -40.71 92.78
N GLU J 71 6.78 -39.44 92.62
CA GLU J 71 5.38 -39.09 92.45
C GLU J 71 4.87 -39.23 91.01
N SER J 72 3.60 -39.62 90.87
CA SER J 72 2.95 -39.68 89.57
C SER J 72 1.45 -39.38 89.67
N LYS J 73 0.80 -38.97 88.56
CA LYS J 73 -0.68 -38.89 88.52
C LYS J 73 -1.21 -40.18 87.90
N PRO J 74 -2.21 -40.81 88.56
CA PRO J 74 -2.81 -42.03 88.04
C PRO J 74 -3.68 -41.73 86.82
N LEU J 75 -3.74 -42.62 85.84
CA LEU J 75 -4.75 -42.51 84.79
C LEU J 75 -6.07 -43.05 85.32
N VAL J 76 -7.17 -42.54 84.75
CA VAL J 76 -8.50 -42.99 85.09
C VAL J 76 -9.20 -43.55 83.86
N ARG J 77 -9.93 -44.65 84.03
CA ARG J 77 -10.70 -45.22 82.95
C ARG J 77 -12.09 -44.69 83.11
N LEU J 78 -12.61 -44.07 82.05
CA LEU J 78 -13.95 -43.56 82.05
C LEU J 78 -14.73 -44.40 81.09
N ARG J 79 -15.73 -45.10 81.64
CA ARG J 79 -16.59 -45.96 80.85
C ARG J 79 -18.05 -45.50 80.93
N VAL J 80 -18.72 -45.45 79.78
CA VAL J 80 -20.13 -45.05 79.69
C VAL J 80 -20.89 -46.14 78.96
N PRO J 81 -21.59 -47.01 79.71
CA PRO J 81 -22.36 -48.06 79.05
C PRO J 81 -23.60 -47.48 78.35
N PHE J 82 -24.01 -48.13 77.27
CA PHE J 82 -25.28 -47.80 76.63
C PHE J 82 -25.85 -49.05 75.97
N THR J 83 -27.15 -49.04 75.72
CA THR J 83 -27.86 -50.20 75.19
C THR J 83 -28.55 -49.80 73.92
N VAL J 84 -28.29 -50.55 72.84
CA VAL J 84 -29.03 -50.33 71.59
C VAL J 84 -29.94 -51.52 71.32
N THR J 85 -30.97 -51.31 70.51
CA THR J 85 -31.89 -52.41 70.15
C THR J 85 -31.25 -53.24 69.04
N ARG J 86 -31.58 -54.52 69.03
CA ARG J 86 -31.07 -55.41 68.01
C ARG J 86 -31.72 -55.16 66.66
N SER J 87 -32.94 -54.61 66.67
CA SER J 87 -33.55 -54.21 65.41
C SER J 87 -32.84 -53.01 64.81
N ALA J 88 -32.43 -52.04 65.63
CA ALA J 88 -31.58 -50.99 65.10
C ALA J 88 -30.34 -51.60 64.42
N ILE J 89 -29.72 -52.57 65.09
CA ILE J 89 -28.52 -53.21 64.56
C ILE J 89 -28.78 -53.97 63.26
N ASP J 90 -29.74 -54.89 63.28
CA ASP J 90 -29.98 -55.77 62.15
C ASP J 90 -30.53 -55.04 60.93
N ASP J 91 -31.25 -53.95 61.17
CA ASP J 91 -31.83 -53.22 60.07
C ASP J 91 -30.76 -52.58 59.17
N VAL J 92 -29.53 -52.43 59.68
CA VAL J 92 -28.49 -51.74 58.90
C VAL J 92 -28.19 -52.47 57.60
N GLU J 93 -27.96 -53.78 57.72
CA GLU J 93 -27.66 -54.66 56.59
C GLU J 93 -28.81 -54.65 55.59
N ARG J 94 -30.03 -54.45 56.10
CA ARG J 94 -31.24 -54.41 55.29
C ARG J 94 -31.42 -53.08 54.59
N GLY J 95 -30.50 -52.14 54.83
CA GLY J 95 -30.45 -50.87 54.13
C GLY J 95 -31.02 -49.70 54.91
N SER J 96 -31.30 -49.91 56.20
CA SER J 96 -31.81 -48.83 57.04
C SER J 96 -30.79 -47.72 57.28
N GLN J 97 -31.29 -46.47 57.29
CA GLN J 97 -30.47 -45.28 57.45
C GLN J 97 -30.89 -44.48 58.67
N ASP J 98 -31.98 -44.90 59.31
CA ASP J 98 -32.49 -44.18 60.45
C ASP J 98 -32.49 -45.05 61.70
N SER J 99 -31.55 -45.96 61.81
CA SER J 99 -31.47 -46.82 62.99
C SER J 99 -31.32 -45.97 64.27
N ASP J 100 -31.98 -46.37 65.35
CA ASP J 100 -31.95 -45.60 66.59
C ASP J 100 -30.59 -45.65 67.29
N TRP J 101 -29.76 -44.65 67.04
CA TRP J 101 -28.49 -44.55 67.73
C TRP J 101 -28.50 -43.46 68.80
N ASP J 102 -29.68 -43.14 69.34
CA ASP J 102 -29.72 -42.18 70.45
C ASP J 102 -28.89 -42.62 71.65
N PRO J 103 -28.94 -43.93 72.02
CA PRO J 103 -28.11 -44.35 73.16
C PRO J 103 -26.63 -44.12 72.93
N VAL J 104 -26.19 -44.28 71.69
CA VAL J 104 -24.79 -43.98 71.31
C VAL J 104 -24.50 -42.49 71.47
N LYS J 105 -25.34 -41.64 70.89
CA LYS J 105 -25.20 -40.19 70.99
C LYS J 105 -25.24 -39.71 72.43
N ALA J 106 -26.13 -40.30 73.23
CA ALA J 106 -26.22 -39.94 74.64
C ALA J 106 -24.94 -40.33 75.39
N ALA J 107 -24.41 -41.52 75.11
CA ALA J 107 -23.18 -41.96 75.76
C ALA J 107 -22.03 -41.07 75.35
N ALA J 108 -22.02 -40.61 74.10
CA ALA J 108 -20.93 -39.79 73.60
C ALA J 108 -21.00 -38.45 74.28
N LYS J 109 -22.20 -37.96 74.53
CA LYS J 109 -22.36 -36.67 75.22
C LYS J 109 -21.87 -36.76 76.66
N LYS J 110 -22.24 -37.83 77.35
CA LYS J 110 -21.76 -38.05 78.70
C LYS J 110 -20.24 -38.07 78.77
N LEU J 111 -19.61 -38.81 77.87
CA LEU J 111 -18.17 -38.96 77.93
C LEU J 111 -17.46 -37.65 77.62
N ALA J 112 -17.90 -36.96 76.57
CA ALA J 112 -17.42 -35.59 76.28
C ALA J 112 -17.52 -34.65 77.49
N PHE J 113 -18.68 -34.62 78.10
CA PHE J 113 -18.92 -33.75 79.24
C PHE J 113 -18.04 -34.11 80.43
N VAL J 114 -17.90 -35.40 80.70
CA VAL J 114 -17.09 -35.85 81.83
C VAL J 114 -15.63 -35.49 81.57
N GLU J 115 -15.18 -35.68 80.33
CA GLU J 115 -13.80 -35.35 79.98
C GLU J 115 -13.51 -33.84 80.14
N ASP J 116 -14.35 -33.01 79.51
CA ASP J 116 -14.27 -31.55 79.64
C ASP J 116 -14.42 -31.04 81.06
N ARG J 117 -15.32 -31.65 81.83
CA ARG J 117 -15.48 -31.23 83.21
C ARG J 117 -14.25 -31.57 84.08
N ALA J 118 -13.62 -32.73 83.84
CA ALA J 118 -12.41 -33.07 84.56
C ALA J 118 -11.34 -32.04 84.19
N ILE J 119 -11.19 -31.76 82.89
CA ILE J 119 -10.16 -30.85 82.42
C ILE J 119 -10.35 -29.46 83.02
N PHE J 120 -11.58 -28.96 83.00
CA PHE J 120 -11.77 -27.57 83.36
C PHE J 120 -12.12 -27.38 84.81
N GLU J 121 -12.74 -28.38 85.41
CA GLU J 121 -13.32 -28.19 86.72
C GLU J 121 -12.88 -29.22 87.75
N GLY J 122 -11.98 -30.11 87.33
CA GLY J 122 -11.38 -31.09 88.22
C GLY J 122 -12.22 -32.32 88.42
N TYR J 123 -11.56 -33.38 88.87
CA TYR J 123 -12.21 -34.63 89.22
C TYR J 123 -11.39 -35.20 90.37
N PRO J 124 -11.76 -34.82 91.60
CA PRO J 124 -10.96 -35.08 92.78
C PRO J 124 -10.70 -36.56 92.99
N ALA J 125 -11.71 -37.41 92.77
CA ALA J 125 -11.53 -38.84 93.01
C ALA J 125 -10.54 -39.47 92.03
N ALA J 126 -10.39 -38.90 90.85
CA ALA J 126 -9.37 -39.33 89.90
C ALA J 126 -8.09 -38.52 90.09
N GLN J 127 -8.09 -37.63 91.07
CA GLN J 127 -6.91 -36.84 91.40
C GLN J 127 -6.53 -35.84 90.31
N ILE J 128 -7.53 -35.38 89.56
CA ILE J 128 -7.31 -34.41 88.52
C ILE J 128 -7.69 -33.04 89.04
N ASP J 129 -6.71 -32.15 89.13
CA ASP J 129 -6.98 -30.73 89.36
C ASP J 129 -7.30 -30.12 88.03
N GLY J 130 -8.46 -29.48 87.95
CA GLY J 130 -8.88 -28.82 86.71
C GLY J 130 -8.23 -27.46 86.57
N ILE J 131 -8.44 -26.84 85.41
CA ILE J 131 -7.87 -25.55 85.13
C ILE J 131 -8.38 -24.52 86.13
N ARG J 132 -9.64 -24.66 86.51
CA ARG J 132 -10.25 -23.87 87.58
C ARG J 132 -9.45 -23.90 88.87
N GLN J 133 -9.02 -25.08 89.28
CA GLN J 133 -8.23 -25.24 90.52
C GLN J 133 -6.82 -24.71 90.31
N CYS J 134 -6.27 -24.95 89.13
CA CYS J 134 -4.88 -24.68 88.86
C CYS J 134 -4.61 -23.16 88.74
N THR J 135 -5.58 -22.41 88.19
CA THR J 135 -5.35 -21.02 87.79
C THR J 135 -4.98 -20.14 88.97
N SER J 136 -4.04 -19.22 88.74
CA SER J 136 -3.59 -18.27 89.76
C SER J 136 -3.88 -16.84 89.35
N ASN J 137 -4.42 -16.63 88.15
CA ASN J 137 -4.84 -15.30 87.78
C ASN J 137 -6.14 -14.93 88.48
N PRO J 138 -6.35 -13.65 88.78
CA PRO J 138 -7.63 -13.21 89.34
C PRO J 138 -8.83 -13.71 88.53
N VAL J 139 -9.80 -14.29 89.23
CA VAL J 139 -11.05 -14.79 88.62
C VAL J 139 -11.97 -13.63 88.29
N LEU J 140 -12.61 -13.66 87.13
CA LEU J 140 -13.47 -12.56 86.72
C LEU J 140 -14.92 -13.01 86.64
N GLN J 141 -15.83 -12.06 86.78
CA GLN J 141 -17.23 -12.38 86.78
C GLN J 141 -17.79 -12.06 85.40
N LEU J 142 -18.53 -12.99 84.81
CA LEU J 142 -19.25 -12.70 83.58
C LEU J 142 -20.32 -11.64 83.84
N PRO J 143 -20.42 -10.62 82.97
CA PRO J 143 -21.36 -9.52 83.23
C PRO J 143 -22.81 -9.93 83.03
N ASP J 144 -23.73 -9.23 83.70
CA ASP J 144 -25.18 -9.44 83.52
C ASP J 144 -25.63 -9.10 82.13
N ASP J 145 -25.12 -7.97 81.63
CA ASP J 145 -25.44 -7.50 80.31
C ASP J 145 -24.45 -8.12 79.35
N ALA J 146 -24.96 -8.96 78.46
CA ALA J 146 -24.13 -9.66 77.45
C ALA J 146 -23.29 -8.68 76.62
N ARG J 147 -23.79 -7.45 76.47
CA ARG J 147 -23.07 -6.40 75.74
C ARG J 147 -21.70 -6.07 76.33
N ASP J 148 -21.51 -6.39 77.62
CA ASP J 148 -20.26 -6.12 78.32
C ASP J 148 -19.29 -7.29 78.37
N ILE J 149 -19.63 -8.41 77.71
CA ILE J 149 -18.73 -9.54 77.67
C ILE J 149 -17.34 -9.19 77.13
N THR J 150 -17.28 -8.43 76.04
CA THR J 150 -15.99 -8.02 75.48
C THR J 150 -15.09 -7.32 76.52
N ASP J 151 -15.68 -6.66 77.51
CA ASP J 151 -14.86 -6.00 78.54
C ASP J 151 -14.12 -7.03 79.40
N VAL J 152 -14.82 -8.06 79.89
CA VAL J 152 -14.18 -9.07 80.73
C VAL J 152 -13.15 -9.91 79.93
N ILE J 153 -13.47 -10.24 78.69
CA ILE J 153 -12.51 -10.93 77.84
C ILE J 153 -11.24 -10.09 77.67
N ALA J 154 -11.41 -8.80 77.41
CA ALA J 154 -10.28 -7.90 77.23
C ALA J 154 -9.45 -7.87 78.50
N GLN J 155 -10.13 -7.89 79.64
CA GLN J 155 -9.44 -7.87 80.92
C GLN J 155 -8.69 -9.16 81.16
N ALA J 156 -9.30 -10.30 80.81
CA ALA J 156 -8.62 -11.59 80.93
C ALA J 156 -7.34 -11.67 80.05
N LEU J 157 -7.42 -11.28 78.78
CA LEU J 157 -6.23 -11.19 77.93
C LEU J 157 -5.12 -10.36 78.58
N SER J 158 -5.49 -9.25 79.16
CA SER J 158 -4.50 -8.41 79.79
C SER J 158 -3.88 -9.07 81.03
N GLU J 159 -4.69 -9.82 81.79
CA GLU J 159 -4.15 -10.55 82.94
C GLU J 159 -3.11 -11.56 82.44
N LEU J 160 -3.41 -12.21 81.33
CA LEU J 160 -2.51 -13.21 80.76
C LEU J 160 -1.24 -12.53 80.31
N ARG J 161 -1.39 -11.38 79.66
CA ARG J 161 -0.23 -10.64 79.18
C ARG J 161 0.67 -10.19 80.31
N LEU J 162 0.09 -9.60 81.36
CA LEU J 162 0.90 -9.11 82.46
C LEU J 162 1.59 -10.23 83.23
N ALA J 163 1.03 -11.43 83.18
CA ALA J 163 1.61 -12.63 83.78
C ALA J 163 2.80 -13.20 82.98
N GLY J 164 3.13 -12.55 81.87
CA GLY J 164 4.23 -13.00 81.04
C GLY J 164 3.90 -14.19 80.14
N VAL J 165 2.62 -14.43 79.88
CA VAL J 165 2.21 -15.58 79.09
C VAL J 165 1.94 -15.20 77.63
N ASP J 166 2.72 -15.77 76.73
CA ASP J 166 2.59 -15.52 75.29
C ASP J 166 1.38 -16.27 74.71
N GLY J 167 0.89 -15.81 73.55
CA GLY J 167 -0.26 -16.41 72.85
C GLY J 167 0.11 -17.59 71.96
N PRO J 168 -0.77 -17.94 71.03
CA PRO J 168 -2.05 -17.24 70.85
C PRO J 168 -3.05 -17.57 71.96
N TYR J 169 -4.13 -16.79 72.06
CA TYR J 169 -5.14 -16.98 73.12
C TYR J 169 -6.47 -17.42 72.58
N SER J 170 -7.12 -18.35 73.28
CA SER J 170 -8.43 -18.82 72.91
C SER J 170 -9.39 -18.65 74.04
N VAL J 171 -10.67 -18.54 73.69
CA VAL J 171 -11.73 -18.36 74.67
C VAL J 171 -12.69 -19.54 74.61
N LEU J 172 -13.01 -20.10 75.77
CA LEU J 172 -14.00 -21.16 75.82
C LEU J 172 -15.26 -20.65 76.49
N LEU J 173 -16.38 -20.75 75.78
CA LEU J 173 -17.67 -20.27 76.29
C LEU J 173 -18.65 -21.40 76.54
N SER J 174 -19.32 -21.36 77.68
CA SER J 174 -20.41 -22.28 77.95
C SER J 174 -21.49 -22.14 76.87
N ALA J 175 -22.38 -23.12 76.76
CA ALA J 175 -23.41 -23.08 75.71
C ALA J 175 -24.25 -21.76 75.77
N GLU J 176 -24.61 -21.36 76.99
CA GLU J 176 -25.43 -20.21 77.20
C GLU J 176 -24.69 -18.94 76.80
N VAL J 177 -23.46 -18.78 77.28
CA VAL J 177 -22.70 -17.60 76.95
C VAL J 177 -22.39 -17.53 75.45
N TYR J 178 -22.12 -18.69 74.85
CA TYR J 178 -21.77 -18.77 73.45
C TYR J 178 -22.95 -18.24 72.61
N THR J 179 -24.13 -18.75 72.92
CA THR J 179 -25.35 -18.30 72.25
C THR J 179 -25.55 -16.80 72.43
N LYS J 180 -25.33 -16.29 73.63
CA LYS J 180 -25.51 -14.87 73.87
C LYS J 180 -24.52 -14.10 73.06
N VAL J 181 -23.28 -14.58 73.01
CA VAL J 181 -22.25 -13.89 72.24
C VAL J 181 -22.62 -13.86 70.76
N SER J 182 -23.23 -14.94 70.26
CA SER J 182 -23.40 -15.04 68.83
C SER J 182 -24.60 -14.23 68.36
N GLU J 183 -25.54 -13.97 69.25
CA GLU J 183 -26.76 -13.22 68.91
C GLU J 183 -26.73 -11.73 69.32
N THR J 184 -25.97 -11.36 70.33
CA THR J 184 -26.14 -10.05 70.96
C THR J 184 -25.57 -8.91 70.13
N THR J 185 -26.34 -7.83 69.99
CA THR J 185 -25.80 -6.61 69.37
C THR J 185 -25.78 -5.46 70.36
N GLU J 186 -24.85 -4.54 70.15
CA GLU J 186 -24.81 -3.28 70.88
C GLU J 186 -25.02 -2.17 69.87
N HIS J 187 -26.15 -1.48 69.99
CA HIS J 187 -26.58 -0.47 69.02
C HIS J 187 -26.47 -1.01 67.60
N GLY J 188 -26.84 -2.28 67.46
CA GLY J 188 -26.84 -2.97 66.16
C GLY J 188 -25.57 -3.70 65.76
N TYR J 189 -24.45 -3.36 66.38
CA TYR J 189 -23.21 -3.95 65.96
C TYR J 189 -23.02 -5.26 66.72
N PRO J 190 -22.94 -6.40 66.01
CA PRO J 190 -22.83 -7.72 66.66
C PRO J 190 -21.56 -7.83 67.49
N ILE J 191 -21.71 -8.05 68.80
CA ILE J 191 -20.54 -8.21 69.66
C ILE J 191 -19.61 -9.38 69.25
N ARG J 192 -20.14 -10.38 68.56
CA ARG J 192 -19.30 -11.45 68.04
C ARG J 192 -18.24 -10.93 67.04
N GLU J 193 -18.57 -9.93 66.21
CA GLU J 193 -17.56 -9.38 65.28
C GLU J 193 -16.44 -8.75 66.07
N HIS J 194 -16.80 -8.07 67.16
CA HIS J 194 -15.84 -7.43 68.06
C HIS J 194 -14.98 -8.50 68.69
N LEU J 195 -15.64 -9.47 69.31
CA LEU J 195 -14.97 -10.51 70.06
C LEU J 195 -14.05 -11.41 69.20
N ASN J 196 -14.50 -11.79 68.00
CA ASN J 196 -13.68 -12.64 67.12
C ASN J 196 -12.36 -12.02 66.66
N ARG J 197 -12.39 -10.72 66.33
CA ARG J 197 -11.18 -10.02 65.88
C ARG J 197 -10.26 -9.69 67.05
N LEU J 198 -10.81 -9.72 68.26
CA LEU J 198 -10.04 -9.43 69.45
C LEU J 198 -9.14 -10.60 69.90
N VAL J 199 -9.56 -11.82 69.63
CA VAL J 199 -8.85 -12.99 70.09
C VAL J 199 -8.10 -13.55 68.89
N ASP J 200 -6.78 -13.70 69.02
CA ASP J 200 -5.99 -14.23 67.91
C ASP J 200 -6.20 -15.74 67.68
N GLY J 201 -6.64 -16.46 68.70
CA GLY J 201 -6.96 -17.88 68.59
C GLY J 201 -8.43 -18.03 68.28
N ASP J 202 -9.10 -18.96 68.95
CA ASP J 202 -10.51 -19.26 68.63
C ASP J 202 -11.48 -18.98 69.76
N ILE J 203 -12.75 -18.75 69.41
CA ILE J 203 -13.82 -18.72 70.40
C ILE J 203 -14.57 -20.04 70.30
N ILE J 204 -14.53 -20.81 71.37
CA ILE J 204 -14.90 -22.20 71.30
C ILE J 204 -16.19 -22.56 72.03
N TRP J 205 -17.04 -23.32 71.32
CA TRP J 205 -18.23 -23.97 71.86
C TRP J 205 -17.82 -24.96 72.98
N ALA J 206 -18.21 -24.67 74.22
CA ALA J 206 -17.87 -25.54 75.33
C ALA J 206 -19.09 -25.83 76.21
N PRO J 207 -20.01 -26.66 75.69
CA PRO J 207 -21.30 -26.95 76.32
C PRO J 207 -21.18 -27.61 77.69
N ALA J 208 -20.05 -28.25 77.95
CA ALA J 208 -19.81 -28.94 79.22
C ALA J 208 -19.57 -28.04 80.44
N ILE J 209 -19.06 -26.84 80.20
CA ILE J 209 -18.62 -25.93 81.29
C ILE J 209 -19.67 -24.86 81.64
N ASP J 210 -19.58 -24.31 82.86
CA ASP J 210 -20.30 -23.09 83.23
C ASP J 210 -19.38 -21.90 83.05
N GLY J 211 -19.93 -20.81 82.55
CA GLY J 211 -19.09 -19.63 82.39
C GLY J 211 -18.08 -19.76 81.27
N ALA J 212 -16.82 -19.41 81.57
CA ALA J 212 -15.83 -19.23 80.51
C ALA J 212 -14.37 -19.34 80.96
N PHE J 213 -13.47 -19.53 80.00
CA PHE J 213 -12.04 -19.50 80.24
C PHE J 213 -11.38 -18.82 79.10
N VAL J 214 -10.33 -18.07 79.41
CA VAL J 214 -9.47 -17.50 78.41
C VAL J 214 -8.12 -18.08 78.71
N LEU J 215 -7.49 -18.70 77.71
CA LEU J 215 -6.20 -19.35 77.97
C LEU J 215 -5.23 -19.25 76.81
N SER J 216 -3.96 -19.53 77.09
CA SER J 216 -2.97 -19.54 76.05
C SER J 216 -2.88 -20.93 75.46
N THR J 217 -2.71 -21.02 74.15
CA THR J 217 -2.51 -22.31 73.51
C THR J 217 -1.08 -22.40 72.94
N ARG J 218 -0.17 -21.64 73.54
CA ARG J 218 1.25 -21.71 73.19
C ARG J 218 1.80 -23.16 73.28
N GLY J 219 1.17 -24.01 74.08
CA GLY J 219 1.62 -25.38 74.26
C GLY J 219 2.52 -25.58 75.47
N GLY J 220 2.51 -26.79 76.03
CA GLY J 220 3.33 -27.12 77.20
C GLY J 220 2.71 -26.74 78.55
N ASP J 221 1.49 -26.19 78.54
CA ASP J 221 0.80 -25.83 79.79
C ASP J 221 -0.25 -26.85 80.26
N PHE J 222 -1.01 -27.37 79.31
CA PHE J 222 -2.12 -28.24 79.62
C PHE J 222 -1.93 -29.57 78.91
N ASP J 223 -1.91 -30.64 79.71
CA ASP J 223 -1.49 -31.96 79.22
C ASP J 223 -2.63 -32.98 79.42
N LEU J 224 -3.34 -33.28 78.32
CA LEU J 224 -4.27 -34.39 78.30
C LEU J 224 -3.52 -35.64 77.85
N ARG J 225 -3.16 -36.52 78.79
CA ARG J 225 -2.48 -37.78 78.47
C ARG J 225 -3.39 -38.96 78.18
N LEU J 226 -3.37 -39.42 76.95
CA LEU J 226 -4.18 -40.60 76.61
C LEU J 226 -3.40 -41.88 76.82
N GLY J 227 -3.98 -42.80 77.58
CA GLY J 227 -3.53 -44.19 77.61
C GLY J 227 -4.14 -44.86 76.38
N THR J 228 -5.46 -44.98 76.39
CA THR J 228 -6.21 -45.36 75.21
C THR J 228 -7.30 -44.34 74.92
N ASP J 229 -7.49 -44.05 73.64
CA ASP J 229 -8.46 -43.06 73.23
C ASP J 229 -9.86 -43.66 73.19
N VAL J 230 -10.88 -42.84 72.87
CA VAL J 230 -12.28 -43.28 72.88
C VAL J 230 -12.45 -44.58 72.11
N SER J 231 -13.06 -45.56 72.75
CA SER J 231 -13.28 -46.86 72.15
C SER J 231 -14.69 -47.35 72.45
N ILE J 232 -15.18 -48.21 71.57
CA ILE J 232 -16.47 -48.88 71.73
C ILE J 232 -16.24 -50.37 71.99
N GLY J 233 -16.79 -50.85 73.10
CA GLY J 233 -16.63 -52.23 73.50
C GLY J 233 -17.93 -52.92 73.82
N TYR J 234 -17.87 -54.24 74.02
CA TYR J 234 -19.07 -55.03 74.24
C TYR J 234 -19.15 -55.60 75.66
N LEU J 235 -20.34 -55.53 76.26
CA LEU J 235 -20.58 -56.10 77.58
C LEU J 235 -21.41 -57.37 77.55
N SER J 236 -22.61 -57.29 76.96
CA SER J 236 -23.57 -58.41 77.00
C SER J 236 -24.69 -58.18 75.98
N HIS J 237 -25.55 -59.18 75.82
CA HIS J 237 -26.74 -59.04 74.97
C HIS J 237 -27.82 -60.00 75.44
N ASP J 238 -29.04 -59.77 74.98
CA ASP J 238 -30.14 -60.71 75.14
C ASP J 238 -30.93 -60.78 73.82
N ALA J 239 -32.13 -61.32 73.85
CA ALA J 239 -32.91 -61.50 72.64
C ALA J 239 -33.18 -60.17 71.92
N GLU J 240 -33.15 -59.05 72.66
CA GLU J 240 -33.71 -57.78 72.20
C GLU J 240 -32.71 -56.65 72.00
N THR J 241 -31.66 -56.64 72.82
CA THR J 241 -30.78 -55.50 72.96
C THR J 241 -29.35 -55.97 73.14
N VAL J 242 -28.43 -55.05 72.90
CA VAL J 242 -27.00 -55.28 73.03
C VAL J 242 -26.50 -54.18 73.94
N GLN J 243 -25.79 -54.56 74.99
CA GLN J 243 -25.16 -53.61 75.86
C GLN J 243 -23.69 -53.38 75.47
N LEU J 244 -23.42 -52.14 75.09
CA LEU J 244 -22.09 -51.71 74.73
C LEU J 244 -21.62 -50.64 75.69
N TYR J 245 -20.47 -50.05 75.39
CA TYR J 245 -19.96 -48.89 76.11
C TYR J 245 -18.94 -48.11 75.29
N LEU J 246 -18.79 -46.85 75.68
CA LEU J 246 -17.69 -45.99 75.25
C LEU J 246 -16.73 -45.89 76.41
N GLU J 247 -15.43 -45.90 76.13
CA GLU J 247 -14.46 -45.66 77.18
C GLU J 247 -13.15 -45.10 76.65
N GLU J 248 -12.38 -44.56 77.60
CA GLU J 248 -11.04 -44.06 77.34
C GLU J 248 -10.33 -44.08 78.68
N THR J 249 -9.01 -44.15 78.64
CA THR J 249 -8.23 -44.14 79.85
C THR J 249 -7.25 -43.03 79.66
N LEU J 250 -7.33 -42.03 80.54
CA LEU J 250 -6.52 -40.82 80.41
C LEU J 250 -6.31 -40.13 81.74
N THR J 251 -5.52 -39.06 81.71
CA THR J 251 -5.56 -38.08 82.80
C THR J 251 -5.20 -36.73 82.24
N PHE J 252 -5.39 -35.69 83.06
CA PHE J 252 -5.14 -34.33 82.64
C PHE J 252 -4.27 -33.69 83.69
N LEU J 253 -3.20 -33.03 83.24
CA LEU J 253 -2.31 -32.33 84.15
C LEU J 253 -2.21 -30.87 83.72
N CYS J 254 -2.25 -29.96 84.70
CA CYS J 254 -2.04 -28.52 84.43
C CYS J 254 -0.70 -28.07 85.00
N TYR J 255 0.17 -27.52 84.14
CA TYR J 255 1.53 -27.20 84.54
C TYR J 255 1.76 -25.74 84.85
N THR J 256 0.81 -24.89 84.48
CA THR J 256 1.06 -23.47 84.53
C THR J 256 -0.17 -22.74 85.04
N SER J 257 -0.12 -22.36 86.31
CA SER J 257 -1.25 -21.71 86.94
C SER J 257 -1.62 -20.40 86.27
N GLU J 258 -0.65 -19.70 85.71
CA GLU J 258 -0.90 -18.38 85.13
C GLU J 258 -1.26 -18.38 83.63
N ALA J 259 -1.36 -19.55 83.02
CA ALA J 259 -1.61 -19.63 81.58
C ALA J 259 -3.12 -19.58 81.24
N SER J 260 -3.96 -19.40 82.27
CA SER J 260 -5.41 -19.35 82.15
C SER J 260 -6.10 -18.31 83.05
N VAL J 261 -7.27 -17.86 82.61
CA VAL J 261 -8.12 -17.00 83.41
C VAL J 261 -9.51 -17.61 83.41
N ALA J 262 -10.05 -17.87 84.61
CA ALA J 262 -11.40 -18.38 84.76
C ALA J 262 -12.42 -17.22 84.90
N LEU J 263 -13.58 -17.36 84.25
CA LEU J 263 -14.66 -16.40 84.38
C LEU J 263 -15.87 -17.13 84.91
N THR J 264 -16.45 -16.67 86.00
CA THR J 264 -17.56 -17.40 86.61
C THR J 264 -18.87 -16.89 86.04
N PRO J 265 -19.88 -17.77 85.95
CA PRO J 265 -21.14 -17.42 85.28
C PRO J 265 -21.94 -16.39 86.05
N MET K 1 35.04 -21.31 79.41
CA MET K 1 33.98 -20.61 80.18
C MET K 1 34.08 -19.13 79.91
N ASN K 2 32.93 -18.48 79.81
CA ASN K 2 32.90 -17.02 79.76
C ASN K 2 32.36 -16.45 81.07
N ASN K 3 32.19 -15.13 81.13
CA ASN K 3 31.88 -14.44 82.37
C ASN K 3 30.60 -14.88 83.03
N LEU K 4 29.79 -15.63 82.30
CA LEU K 4 28.52 -16.09 82.85
C LEU K 4 28.72 -17.23 83.84
N TYR K 5 29.82 -17.99 83.67
CA TYR K 5 30.19 -19.18 84.47
C TYR K 5 29.06 -20.16 84.63
N ARG K 6 28.29 -20.38 83.57
CA ARG K 6 27.13 -21.25 83.65
C ARG K 6 27.53 -22.66 84.06
N GLU K 7 28.69 -23.09 83.56
CA GLU K 7 29.25 -24.42 83.81
C GLU K 7 29.49 -24.71 85.29
N LEU K 8 29.59 -23.68 86.12
CA LEU K 8 29.78 -23.90 87.55
C LEU K 8 28.47 -24.11 88.33
N ALA K 9 27.33 -23.82 87.67
CA ALA K 9 26.04 -23.94 88.31
C ALA K 9 25.58 -25.41 88.38
N PRO K 10 25.04 -25.84 89.53
CA PRO K 10 24.41 -27.15 89.59
C PRO K 10 23.05 -27.11 88.88
N VAL K 11 23.09 -27.05 87.56
CA VAL K 11 21.90 -26.92 86.76
C VAL K 11 22.17 -27.79 85.55
N THR K 12 21.28 -28.75 85.32
CA THR K 12 21.37 -29.67 84.19
C THR K 12 21.09 -29.00 82.84
N ASP K 13 21.51 -29.65 81.76
CA ASP K 13 21.22 -29.13 80.42
C ASP K 13 19.73 -28.94 80.22
N ALA K 14 18.94 -29.91 80.70
CA ALA K 14 17.51 -29.89 80.55
C ALA K 14 16.92 -28.70 81.30
N ALA K 15 17.37 -28.50 82.55
CA ALA K 15 16.93 -27.33 83.30
C ALA K 15 17.32 -26.01 82.62
N TRP K 16 18.53 -25.95 82.07
CA TRP K 16 19.01 -24.71 81.44
C TRP K 16 18.10 -24.35 80.29
N HIS K 17 17.76 -25.36 79.50
CA HIS K 17 16.90 -25.17 78.34
C HIS K 17 15.56 -24.59 78.77
N GLU K 18 14.99 -25.10 79.86
CA GLU K 18 13.73 -24.60 80.39
C GLU K 18 13.81 -23.16 80.90
N ILE K 19 14.84 -22.90 81.71
CA ILE K 19 15.12 -21.56 82.23
C ILE K 19 15.30 -20.54 81.10
N GLU K 20 16.11 -20.87 80.09
CA GLU K 20 16.31 -20.00 78.93
C GLU K 20 15.02 -19.72 78.20
N THR K 21 14.34 -20.80 77.84
CA THR K 21 13.08 -20.76 77.10
C THR K 21 12.11 -19.81 77.78
N GLU K 22 11.96 -19.95 79.09
CA GLU K 22 11.05 -19.14 79.88
C GLU K 22 11.48 -17.67 79.94
N ALA K 23 12.75 -17.42 80.24
CA ALA K 23 13.29 -16.05 80.27
C ALA K 23 12.98 -15.33 78.96
N ILE K 24 13.25 -15.99 77.83
CA ILE K 24 13.13 -15.36 76.52
C ILE K 24 11.68 -15.04 76.18
N ARG K 25 10.78 -16.00 76.36
CA ARG K 25 9.38 -15.77 75.99
C ARG K 25 8.71 -14.76 76.92
N THR K 26 9.05 -14.79 78.20
CA THR K 26 8.50 -13.82 79.13
C THR K 26 9.01 -12.42 78.78
N PHE K 27 10.32 -12.30 78.55
CA PHE K 27 10.90 -11.03 78.17
C PHE K 27 10.19 -10.50 76.93
N LYS K 28 9.99 -11.35 75.94
CA LYS K 28 9.41 -10.92 74.69
C LYS K 28 7.97 -10.50 74.91
N ARG K 29 7.30 -11.10 75.90
CA ARG K 29 5.90 -10.77 76.12
C ARG K 29 5.72 -9.38 76.75
N HIS K 30 6.69 -8.93 77.54
CA HIS K 30 6.63 -7.60 78.14
C HIS K 30 7.25 -6.47 77.30
N ILE K 31 8.22 -6.80 76.45
CA ILE K 31 9.05 -5.77 75.84
C ILE K 31 8.33 -5.08 74.67
N ALA K 32 8.44 -3.75 74.59
CA ALA K 32 7.82 -3.00 73.50
C ALA K 32 8.81 -2.27 72.59
N GLY K 33 9.77 -1.57 73.20
CA GLY K 33 10.75 -0.80 72.45
C GLY K 33 11.34 -1.51 71.25
N ARG K 34 11.81 -2.74 71.45
CA ARG K 34 12.50 -3.51 70.41
C ARG K 34 11.60 -3.73 69.20
N ARG K 35 10.31 -3.56 69.39
CA ARG K 35 9.38 -3.74 68.29
C ARG K 35 9.28 -2.50 67.40
N VAL K 36 9.79 -1.36 67.85
CA VAL K 36 9.72 -0.13 67.05
C VAL K 36 11.06 0.55 66.78
N VAL K 37 12.05 0.33 67.65
CA VAL K 37 13.35 0.98 67.50
C VAL K 37 14.29 0.09 66.69
N ASP K 38 15.40 0.64 66.22
CA ASP K 38 16.41 -0.17 65.56
C ASP K 38 17.20 -0.94 66.63
N VAL K 39 17.27 -2.26 66.49
CA VAL K 39 18.01 -3.07 67.45
C VAL K 39 19.21 -3.67 66.74
N SER K 40 20.42 -3.31 67.17
CA SER K 40 21.65 -3.72 66.51
C SER K 40 22.02 -5.16 66.81
N GLU K 41 22.90 -5.75 66.01
CA GLU K 41 23.48 -7.05 66.35
C GLU K 41 24.45 -6.86 67.51
N PRO K 42 24.43 -7.77 68.50
CA PRO K 42 25.35 -7.58 69.63
C PRO K 42 26.79 -7.55 69.14
N SER K 43 27.54 -6.56 69.58
CA SER K 43 28.91 -6.37 69.15
C SER K 43 29.94 -7.04 70.08
N GLY K 44 29.51 -7.67 71.17
CA GLY K 44 30.42 -8.40 72.06
C GLY K 44 30.75 -7.67 73.34
N PRO K 45 31.41 -8.38 74.28
CA PRO K 45 31.59 -7.85 75.64
C PRO K 45 32.64 -6.74 75.73
N VAL K 46 33.43 -6.54 74.68
CA VAL K 46 34.46 -5.50 74.72
C VAL K 46 33.87 -4.10 74.56
N THR K 47 32.83 -3.97 73.75
CA THR K 47 32.22 -2.67 73.47
C THR K 47 31.85 -1.91 74.76
N ALA K 48 32.31 -0.66 74.83
CA ALA K 48 32.10 0.13 76.03
C ALA K 48 31.31 1.41 75.78
N ALA K 49 31.26 1.85 74.52
CA ALA K 49 30.70 3.16 74.21
C ALA K 49 30.27 3.21 72.77
N VAL K 50 29.38 4.13 72.46
CA VAL K 50 28.94 4.40 71.10
C VAL K 50 29.38 5.78 70.69
N SER K 51 30.10 5.88 69.59
CA SER K 51 30.54 7.19 69.14
C SER K 51 29.33 8.01 68.72
N THR K 52 29.31 9.29 69.11
CA THR K 52 28.24 10.16 68.66
C THR K 52 28.70 11.01 67.48
N GLY K 53 30.00 11.03 67.21
CA GLY K 53 30.54 11.81 66.12
C GLY K 53 30.88 13.24 66.52
N HIS K 54 30.43 13.69 67.69
CA HIS K 54 30.63 15.09 68.10
C HIS K 54 31.97 15.31 68.78
N LEU K 55 32.37 16.58 68.83
CA LEU K 55 33.64 16.99 69.44
C LEU K 55 33.32 17.81 70.66
N ARG K 56 34.16 17.72 71.68
CA ARG K 56 33.99 18.59 72.83
C ARG K 56 35.27 19.38 73.05
N ASP K 57 35.15 20.70 73.16
CA ASP K 57 36.31 21.56 73.49
C ASP K 57 36.97 21.20 74.81
N ILE K 58 38.28 21.14 74.79
CA ILE K 58 39.07 20.95 76.00
C ILE K 58 40.23 21.94 75.88
N SER K 59 40.87 22.25 76.99
CA SER K 59 41.95 23.21 76.91
C SER K 59 43.14 22.58 76.20
N PRO K 60 43.90 23.37 75.42
CA PRO K 60 44.92 22.86 74.51
C PRO K 60 46.15 22.33 75.25
N PRO K 61 46.96 21.51 74.59
CA PRO K 61 48.16 21.03 75.27
C PRO K 61 49.36 21.99 75.13
N GLY K 62 49.27 22.98 74.25
CA GLY K 62 50.35 23.95 74.07
C GLY K 62 49.91 25.03 73.10
N ASP K 63 50.76 26.05 72.90
CA ASP K 63 50.47 27.10 71.92
C ASP K 63 50.38 26.54 70.52
N GLY K 64 49.47 27.05 69.71
CA GLY K 64 49.36 26.62 68.33
C GLY K 64 48.72 25.27 68.12
N VAL K 65 48.09 24.73 69.17
CA VAL K 65 47.50 23.40 69.06
C VAL K 65 46.06 23.49 69.54
N VAL K 66 45.17 22.85 68.79
CA VAL K 66 43.75 22.92 69.12
C VAL K 66 43.29 21.50 69.39
N ALA K 67 42.63 21.30 70.52
CA ALA K 67 42.30 19.96 70.96
C ALA K 67 40.81 19.79 71.22
N HIS K 68 40.29 18.60 70.88
CA HIS K 68 38.89 18.24 71.13
C HIS K 68 38.82 16.81 71.60
N LEU K 69 37.98 16.56 72.58
CA LEU K 69 37.69 15.18 72.92
C LEU K 69 36.60 14.64 72.01
N ARG K 70 36.75 13.38 71.64
CA ARG K 70 35.71 12.72 70.87
C ARG K 70 34.63 12.28 71.83
N GLU K 71 33.40 12.65 71.55
CA GLU K 71 32.30 12.35 72.45
C GLU K 71 31.69 10.97 72.20
N SER K 72 31.29 10.28 73.27
CA SER K 72 30.58 9.01 73.11
C SER K 72 29.58 8.77 74.22
N LYS K 73 28.65 7.85 73.99
CA LYS K 73 27.71 7.44 75.02
C LYS K 73 28.11 6.09 75.55
N PRO K 74 28.27 5.97 76.88
CA PRO K 74 28.70 4.72 77.50
C PRO K 74 27.59 3.66 77.48
N LEU K 75 27.97 2.39 77.35
CA LEU K 75 27.00 1.30 77.53
C LEU K 75 26.75 1.07 79.02
N VAL K 76 25.54 0.64 79.33
CA VAL K 76 25.23 0.23 80.69
C VAL K 76 24.98 -1.28 80.75
N ARG K 77 25.55 -1.92 81.77
CA ARG K 77 25.21 -3.30 82.06
C ARG K 77 24.11 -3.33 83.10
N LEU K 78 23.00 -3.99 82.77
CA LEU K 78 21.89 -4.16 83.69
C LEU K 78 21.82 -5.62 84.08
N ARG K 79 21.91 -5.89 85.37
CA ARG K 79 21.90 -7.25 85.88
C ARG K 79 20.72 -7.39 86.84
N VAL K 80 19.97 -8.48 86.68
CA VAL K 80 18.79 -8.74 87.49
C VAL K 80 18.96 -10.13 88.12
N PRO K 81 19.44 -10.18 89.37
CA PRO K 81 19.67 -11.44 90.07
C PRO K 81 18.36 -12.13 90.41
N PHE K 82 18.36 -13.45 90.45
CA PHE K 82 17.19 -14.21 90.90
C PHE K 82 17.61 -15.58 91.43
N THR K 83 16.78 -16.14 92.28
CA THR K 83 17.13 -17.40 92.92
C THR K 83 16.12 -18.45 92.57
N VAL K 84 16.57 -19.64 92.19
CA VAL K 84 15.65 -20.76 91.89
C VAL K 84 15.96 -21.88 92.88
N THR K 85 14.97 -22.73 93.14
CA THR K 85 15.21 -23.86 94.04
C THR K 85 15.89 -24.97 93.27
N ARG K 86 16.70 -25.76 93.98
CA ARG K 86 17.33 -26.91 93.38
C ARG K 86 16.35 -28.06 93.10
N SER K 87 15.27 -28.16 93.89
CA SER K 87 14.23 -29.14 93.51
C SER K 87 13.52 -28.74 92.20
N ALA K 88 13.26 -27.45 91.99
CA ALA K 88 12.78 -27.01 90.69
C ALA K 88 13.76 -27.48 89.59
N ILE K 89 15.05 -27.29 89.82
CA ILE K 89 16.07 -27.70 88.86
C ILE K 89 16.10 -29.22 88.67
N ASP K 90 16.20 -29.95 89.77
CA ASP K 90 16.42 -31.39 89.68
C ASP K 90 15.22 -32.17 89.15
N ASP K 91 14.01 -31.65 89.37
CA ASP K 91 12.81 -32.34 88.90
C ASP K 91 12.71 -32.41 87.36
N VAL K 92 13.35 -31.47 86.66
CA VAL K 92 13.24 -31.39 85.20
C VAL K 92 13.67 -32.70 84.55
N GLU K 93 14.83 -33.19 84.95
CA GLU K 93 15.36 -34.44 84.45
C GLU K 93 14.49 -35.63 84.84
N ARG K 94 13.78 -35.54 85.95
CA ARG K 94 12.86 -36.61 86.35
C ARG K 94 11.53 -36.56 85.61
N GLY K 95 11.34 -35.54 84.77
CA GLY K 95 10.13 -35.43 83.97
C GLY K 95 9.17 -34.32 84.32
N SER K 96 9.53 -33.50 85.30
CA SER K 96 8.69 -32.37 85.74
C SER K 96 8.45 -31.34 84.66
N GLN K 97 7.20 -30.95 84.48
CA GLN K 97 6.88 -29.92 83.51
C GLN K 97 6.30 -28.69 84.19
N ASP K 98 6.36 -28.64 85.51
CA ASP K 98 5.77 -27.54 86.24
C ASP K 98 6.76 -26.99 87.27
N SER K 99 8.06 -27.05 86.95
CA SER K 99 9.06 -26.48 87.87
C SER K 99 8.84 -24.97 88.10
N ASP K 100 9.14 -24.52 89.30
CA ASP K 100 8.79 -23.15 89.63
C ASP K 100 9.77 -22.17 89.01
N TRP K 101 9.47 -21.68 87.80
CA TRP K 101 10.33 -20.66 87.19
C TRP K 101 9.80 -19.24 87.39
N ASP K 102 8.94 -19.06 88.39
CA ASP K 102 8.47 -17.73 88.79
C ASP K 102 9.61 -16.74 88.98
N PRO K 103 10.69 -17.13 89.69
CA PRO K 103 11.80 -16.18 89.81
C PRO K 103 12.38 -15.77 88.46
N VAL K 104 12.37 -16.68 87.49
CA VAL K 104 12.88 -16.36 86.17
C VAL K 104 11.96 -15.36 85.51
N LYS K 105 10.66 -15.59 85.61
CA LYS K 105 9.69 -14.69 85.00
C LYS K 105 9.70 -13.29 85.61
N ALA K 106 9.88 -13.22 86.93
CA ALA K 106 9.93 -11.95 87.62
C ALA K 106 11.18 -11.16 87.20
N ALA K 107 12.32 -11.84 87.11
CA ALA K 107 13.54 -11.19 86.64
C ALA K 107 13.37 -10.70 85.21
N ALA K 108 12.69 -11.48 84.38
CA ALA K 108 12.50 -11.13 82.97
C ALA K 108 11.61 -9.91 82.84
N LYS K 109 10.56 -9.85 83.64
CA LYS K 109 9.69 -8.70 83.62
C LYS K 109 10.46 -7.45 84.07
N LYS K 110 11.33 -7.62 85.07
CA LYS K 110 12.02 -6.48 85.65
C LYS K 110 12.98 -5.92 84.62
N LEU K 111 13.75 -6.80 83.99
CA LEU K 111 14.67 -6.38 82.94
C LEU K 111 13.93 -5.70 81.77
N ALA K 112 12.81 -6.27 81.34
CA ALA K 112 12.07 -5.68 80.23
C ALA K 112 11.55 -4.30 80.61
N PHE K 113 11.00 -4.16 81.81
CA PHE K 113 10.50 -2.86 82.25
C PHE K 113 11.60 -1.83 82.37
N VAL K 114 12.77 -2.25 82.87
CA VAL K 114 13.91 -1.34 82.98
C VAL K 114 14.37 -0.90 81.59
N GLU K 115 14.45 -1.84 80.65
CA GLU K 115 14.85 -1.52 79.29
C GLU K 115 13.87 -0.53 78.64
N ASP K 116 12.57 -0.83 78.70
CA ASP K 116 11.56 0.02 78.07
C ASP K 116 11.45 1.40 78.71
N ARG K 117 11.59 1.46 80.03
CA ARG K 117 11.53 2.73 80.71
C ARG K 117 12.77 3.56 80.37
N ALA K 118 13.91 2.89 80.22
CA ALA K 118 15.10 3.57 79.75
C ALA K 118 14.85 4.17 78.36
N ILE K 119 14.34 3.37 77.44
CA ILE K 119 14.14 3.82 76.07
C ILE K 119 13.12 4.99 76.03
N PHE K 120 12.02 4.86 76.77
CA PHE K 120 10.92 5.82 76.63
C PHE K 120 10.94 6.96 77.64
N GLU K 121 11.36 6.68 78.87
CA GLU K 121 11.31 7.66 79.96
C GLU K 121 12.72 8.11 80.37
N GLY K 122 13.76 7.52 79.79
CA GLY K 122 15.13 7.88 80.11
C GLY K 122 15.68 7.24 81.38
N TYR K 123 17.01 7.28 81.51
CA TYR K 123 17.70 6.72 82.67
C TYR K 123 18.93 7.60 82.91
N PRO K 124 18.74 8.68 83.68
CA PRO K 124 19.82 9.71 83.79
C PRO K 124 21.17 9.19 84.31
N ALA K 125 21.19 8.30 85.31
CA ALA K 125 22.47 7.80 85.83
C ALA K 125 23.27 7.02 84.80
N ALA K 126 22.60 6.48 83.79
CA ALA K 126 23.27 5.77 82.69
C ALA K 126 23.41 6.65 81.45
N GLN K 127 23.05 7.94 81.59
CA GLN K 127 23.19 8.93 80.51
C GLN K 127 22.33 8.65 79.31
N ILE K 128 21.18 8.03 79.52
CA ILE K 128 20.27 7.76 78.42
C ILE K 128 19.12 8.73 78.52
N ASP K 129 18.98 9.57 77.50
CA ASP K 129 17.76 10.34 77.30
C ASP K 129 16.78 9.45 76.57
N GLY K 130 15.58 9.34 77.14
CA GLY K 130 14.55 8.57 76.49
C GLY K 130 13.84 9.39 75.43
N ILE K 131 12.86 8.76 74.81
CA ILE K 131 12.11 9.38 73.75
C ILE K 131 11.34 10.60 74.29
N ARG K 132 10.82 10.47 75.52
CA ARG K 132 10.08 11.54 76.17
C ARG K 132 10.91 12.81 76.29
N GLN K 133 12.19 12.67 76.64
CA GLN K 133 13.07 13.83 76.73
C GLN K 133 13.46 14.30 75.34
N CYS K 134 13.65 13.36 74.42
CA CYS K 134 14.13 13.65 73.07
C CYS K 134 13.09 14.41 72.21
N THR K 135 11.81 14.09 72.36
CA THR K 135 10.79 14.60 71.43
C THR K 135 10.68 16.11 71.43
N SER K 136 10.42 16.66 70.25
CA SER K 136 10.27 18.10 70.06
C SER K 136 8.87 18.43 69.54
N ASN K 137 8.04 17.42 69.30
CA ASN K 137 6.67 17.68 68.88
C ASN K 137 5.80 18.05 70.09
N PRO K 138 4.71 18.82 69.87
CA PRO K 138 3.80 19.11 70.98
C PRO K 138 3.32 17.83 71.65
N VAL K 139 3.38 17.82 72.99
CA VAL K 139 2.95 16.68 73.78
C VAL K 139 1.44 16.70 73.87
N LEU K 140 0.80 15.55 73.71
CA LEU K 140 -0.68 15.49 73.73
C LEU K 140 -1.19 14.80 74.98
N GLN K 141 -2.39 15.16 75.41
CA GLN K 141 -3.00 14.57 76.58
C GLN K 141 -3.99 13.45 76.15
N LEU K 142 -3.85 12.27 76.74
CA LEU K 142 -4.85 11.22 76.53
C LEU K 142 -6.18 11.65 77.13
N PRO K 143 -7.29 11.50 76.37
CA PRO K 143 -8.64 11.87 76.81
C PRO K 143 -9.17 11.03 77.98
N ASP K 144 -10.12 11.59 78.73
CA ASP K 144 -10.77 10.87 79.81
C ASP K 144 -11.65 9.78 79.27
N ASP K 145 -12.37 10.10 78.19
CA ASP K 145 -13.25 9.18 77.53
C ASP K 145 -12.42 8.45 76.48
N ALA K 146 -12.31 7.14 76.65
CA ALA K 146 -11.56 6.30 75.73
C ALA K 146 -12.08 6.44 74.31
N ARG K 147 -13.36 6.78 74.17
CA ARG K 147 -14.00 6.93 72.86
C ARG K 147 -13.36 8.02 72.04
N ASP K 148 -12.59 8.89 72.68
CA ASP K 148 -11.86 9.96 72.01
C ASP K 148 -10.40 9.63 71.72
N ILE K 149 -9.93 8.43 72.05
CA ILE K 149 -8.50 8.14 71.85
C ILE K 149 -8.10 8.31 70.38
N THR K 150 -8.99 7.92 69.47
CA THR K 150 -8.71 8.02 68.05
C THR K 150 -8.45 9.48 67.61
N ASP K 151 -9.06 10.47 68.25
CA ASP K 151 -8.79 11.87 67.93
C ASP K 151 -7.35 12.27 68.21
N VAL K 152 -6.85 11.97 69.41
CA VAL K 152 -5.46 12.36 69.76
C VAL K 152 -4.44 11.62 68.92
N ILE K 153 -4.67 10.34 68.66
CA ILE K 153 -3.81 9.58 67.76
C ILE K 153 -3.77 10.24 66.35
N ALA K 154 -4.94 10.63 65.85
CA ALA K 154 -5.03 11.32 64.58
C ALA K 154 -4.26 12.62 64.61
N GLN K 155 -4.37 13.34 65.72
CA GLN K 155 -3.62 14.57 65.89
C GLN K 155 -2.14 14.26 65.92
N ALA K 156 -1.77 13.16 66.58
CA ALA K 156 -0.37 12.81 66.69
C ALA K 156 0.23 12.50 65.31
N LEU K 157 -0.50 11.75 64.49
CA LEU K 157 -0.06 11.44 63.14
C LEU K 157 0.18 12.71 62.31
N SER K 158 -0.76 13.64 62.41
CA SER K 158 -0.63 14.90 61.73
C SER K 158 0.60 15.68 62.23
N GLU K 159 0.91 15.61 63.52
CA GLU K 159 2.13 16.24 64.01
C GLU K 159 3.40 15.65 63.34
N LEU K 160 3.43 14.32 63.21
CA LEU K 160 4.55 13.67 62.55
C LEU K 160 4.64 14.04 61.08
N ARG K 161 3.51 13.98 60.38
CA ARG K 161 3.48 14.34 58.97
C ARG K 161 3.93 15.76 58.74
N LEU K 162 3.35 16.70 59.52
CA LEU K 162 3.68 18.12 59.32
C LEU K 162 5.15 18.41 59.60
N ALA K 163 5.76 17.57 60.43
CA ALA K 163 7.19 17.68 60.73
C ALA K 163 8.07 17.05 59.64
N GLY K 164 7.43 16.59 58.55
CA GLY K 164 8.14 16.00 57.43
C GLY K 164 8.70 14.60 57.66
N VAL K 165 8.11 13.88 58.61
CA VAL K 165 8.59 12.54 58.97
C VAL K 165 7.75 11.47 58.30
N ASP K 166 8.39 10.64 57.47
CA ASP K 166 7.69 9.54 56.80
C ASP K 166 7.43 8.39 57.75
N GLY K 167 6.47 7.54 57.36
CA GLY K 167 6.07 6.38 58.14
C GLY K 167 6.90 5.16 57.76
N PRO K 168 6.40 3.95 58.03
CA PRO K 168 5.12 3.75 58.70
C PRO K 168 5.12 4.22 60.18
N TYR K 169 3.93 4.36 60.74
CA TYR K 169 3.78 4.89 62.10
C TYR K 169 3.26 3.79 62.98
N SER K 170 3.80 3.67 64.20
CA SER K 170 3.27 2.72 65.18
C SER K 170 2.88 3.44 66.43
N VAL K 171 2.02 2.79 67.21
CA VAL K 171 1.49 3.39 68.43
C VAL K 171 1.84 2.46 69.57
N LEU K 172 2.35 3.02 70.67
CA LEU K 172 2.61 2.23 71.85
C LEU K 172 1.66 2.65 72.93
N LEU K 173 0.97 1.67 73.52
CA LEU K 173 -0.07 1.94 74.52
C LEU K 173 0.31 1.29 75.83
N SER K 174 0.12 2.02 76.92
CA SER K 174 0.28 1.46 78.27
C SER K 174 -0.67 0.28 78.42
N ALA K 175 -0.43 -0.58 79.41
CA ALA K 175 -1.35 -1.69 79.68
C ALA K 175 -2.81 -1.22 79.82
N GLU K 176 -2.99 -0.13 80.57
CA GLU K 176 -4.31 0.41 80.84
C GLU K 176 -5.00 0.91 79.58
N VAL K 177 -4.29 1.74 78.80
CA VAL K 177 -4.84 2.34 77.59
C VAL K 177 -5.13 1.26 76.56
N TYR K 178 -4.19 0.34 76.40
CA TYR K 178 -4.33 -0.76 75.46
C TYR K 178 -5.61 -1.55 75.76
N THR K 179 -5.81 -1.92 77.03
CA THR K 179 -6.99 -2.69 77.41
C THR K 179 -8.24 -1.87 77.11
N LYS K 180 -8.19 -0.57 77.39
CA LYS K 180 -9.36 0.27 77.08
C LYS K 180 -9.66 0.34 75.58
N VAL K 181 -8.62 0.54 74.77
CA VAL K 181 -8.80 0.58 73.34
C VAL K 181 -9.34 -0.73 72.80
N SER K 182 -8.90 -1.86 73.35
CA SER K 182 -9.34 -3.13 72.76
C SER K 182 -10.80 -3.48 73.09
N GLU K 183 -11.34 -2.91 74.16
CA GLU K 183 -12.70 -3.24 74.61
C GLU K 183 -13.75 -2.15 74.33
N THR K 184 -13.32 -0.89 74.17
CA THR K 184 -14.27 0.22 74.10
C THR K 184 -15.02 0.25 72.76
N THR K 185 -16.33 0.43 72.83
CA THR K 185 -17.12 0.72 71.64
C THR K 185 -17.65 2.14 71.72
N GLU K 186 -17.93 2.72 70.56
CA GLU K 186 -18.65 3.98 70.49
C GLU K 186 -19.91 3.75 69.72
N HIS K 187 -21.06 3.83 70.40
CA HIS K 187 -22.35 3.46 69.80
C HIS K 187 -22.26 2.08 69.18
N GLY K 188 -21.51 1.20 69.85
CA GLY K 188 -21.41 -0.19 69.43
C GLY K 188 -20.26 -0.50 68.52
N TYR K 189 -19.70 0.51 67.85
CA TYR K 189 -18.60 0.29 66.92
C TYR K 189 -17.31 0.26 67.69
N PRO K 190 -16.56 -0.86 67.63
CA PRO K 190 -15.31 -1.01 68.39
C PRO K 190 -14.26 0.01 67.94
N ILE K 191 -13.75 0.81 68.89
CA ILE K 191 -12.75 1.81 68.52
C ILE K 191 -11.45 1.17 68.01
N ARG K 192 -11.18 -0.07 68.41
CA ARG K 192 -9.98 -0.76 67.93
C ARG K 192 -9.98 -0.94 66.41
N GLU K 193 -11.16 -1.19 65.82
CA GLU K 193 -11.28 -1.30 64.35
C GLU K 193 -10.88 0.02 63.71
N HIS K 194 -11.33 1.12 64.31
CA HIS K 194 -11.04 2.44 63.79
C HIS K 194 -9.57 2.69 63.96
N LEU K 195 -9.07 2.48 65.16
CA LEU K 195 -7.67 2.75 65.44
C LEU K 195 -6.68 1.90 64.61
N ASN K 196 -6.99 0.62 64.40
CA ASN K 196 -6.12 -0.25 63.64
C ASN K 196 -5.98 0.15 62.19
N ARG K 197 -7.07 0.63 61.61
CA ARG K 197 -7.06 0.94 60.18
C ARG K 197 -6.45 2.34 59.95
N LEU K 198 -6.32 3.11 61.02
CA LEU K 198 -5.76 4.43 60.95
C LEU K 198 -4.24 4.42 60.85
N VAL K 199 -3.63 3.37 61.36
CA VAL K 199 -2.20 3.28 61.53
C VAL K 199 -1.69 2.21 60.58
N ASP K 200 -0.71 2.56 59.75
CA ASP K 200 -0.15 1.58 58.81
C ASP K 200 0.78 0.59 59.50
N GLY K 201 1.36 0.97 60.64
CA GLY K 201 2.19 0.06 61.43
C GLY K 201 1.34 -0.64 62.47
N ASP K 202 1.87 -0.82 63.68
CA ASP K 202 1.15 -1.59 64.71
C ASP K 202 0.67 -0.76 65.88
N ILE K 203 -0.33 -1.32 66.59
CA ILE K 203 -0.74 -0.83 67.91
C ILE K 203 -0.15 -1.80 68.90
N ILE K 204 0.79 -1.31 69.71
CA ILE K 204 1.67 -2.19 70.49
C ILE K 204 1.42 -2.17 72.01
N TRP K 205 1.38 -3.37 72.59
CA TRP K 205 1.28 -3.61 74.02
C TRP K 205 2.57 -3.16 74.71
N ALA K 206 2.48 -2.15 75.58
CA ALA K 206 3.66 -1.58 76.22
C ALA K 206 3.45 -1.43 77.73
N PRO K 207 3.46 -2.55 78.47
CA PRO K 207 3.06 -2.49 79.88
C PRO K 207 4.02 -1.72 80.74
N ALA K 208 5.20 -1.41 80.22
CA ALA K 208 6.21 -0.71 81.01
C ALA K 208 5.98 0.80 81.12
N ILE K 209 5.22 1.41 80.21
CA ILE K 209 5.09 2.86 80.16
C ILE K 209 3.71 3.31 80.66
N ASP K 210 3.58 4.60 80.97
CA ASP K 210 2.28 5.23 81.19
C ASP K 210 1.99 6.09 79.97
N GLY K 211 0.70 6.28 79.69
CA GLY K 211 0.31 7.07 78.53
C GLY K 211 0.59 6.31 77.26
N ALA K 212 1.17 6.99 76.27
CA ALA K 212 1.29 6.44 74.92
C ALA K 212 2.33 7.18 74.09
N PHE K 213 2.75 6.55 72.99
CA PHE K 213 3.67 7.13 72.03
C PHE K 213 3.23 6.81 70.64
N VAL K 214 3.36 7.78 69.76
CA VAL K 214 3.14 7.55 68.35
C VAL K 214 4.47 7.92 67.71
N LEU K 215 5.07 6.99 66.97
CA LEU K 215 6.36 7.29 66.37
C LEU K 215 6.56 6.62 65.01
N SER K 216 7.54 7.08 64.24
CA SER K 216 7.82 6.48 62.95
C SER K 216 8.80 5.32 63.11
N THR K 217 8.62 4.27 62.31
CA THR K 217 9.54 3.15 62.32
C THR K 217 10.28 3.11 61.00
N ARG K 218 10.44 4.27 60.38
CA ARG K 218 11.17 4.36 59.14
C ARG K 218 12.62 3.86 59.26
N GLY K 219 13.15 3.85 60.48
CA GLY K 219 14.53 3.46 60.72
C GLY K 219 15.46 4.65 60.75
N GLY K 220 16.52 4.51 61.54
CA GLY K 220 17.55 5.55 61.66
C GLY K 220 17.31 6.59 62.73
N ASP K 221 16.19 6.51 63.46
CA ASP K 221 15.86 7.52 64.46
C ASP K 221 16.08 7.03 65.88
N PHE K 222 15.82 5.76 66.13
CA PHE K 222 15.85 5.22 67.47
C PHE K 222 16.77 4.03 67.54
N ASP K 223 17.88 4.19 68.25
CA ASP K 223 19.03 3.28 68.18
C ASP K 223 19.28 2.56 69.49
N LEU K 224 18.90 1.28 69.54
CA LEU K 224 19.20 0.49 70.71
C LEU K 224 20.43 -0.34 70.39
N ARG K 225 21.57 0.01 70.98
CA ARG K 225 22.82 -0.71 70.68
C ARG K 225 23.12 -1.76 71.70
N LEU K 226 23.28 -2.99 71.21
CA LEU K 226 23.54 -4.12 72.05
C LEU K 226 25.01 -4.41 72.06
N GLY K 227 25.61 -4.38 73.25
CA GLY K 227 26.93 -4.96 73.45
C GLY K 227 26.72 -6.45 73.54
N THR K 228 25.95 -6.85 74.54
CA THR K 228 25.56 -8.26 74.69
C THR K 228 24.07 -8.29 75.01
N ASP K 229 23.35 -9.20 74.36
CA ASP K 229 21.90 -9.33 74.52
C ASP K 229 21.59 -10.07 75.82
N VAL K 230 20.30 -10.18 76.14
CA VAL K 230 19.85 -10.87 77.35
C VAL K 230 20.56 -12.19 77.55
N SER K 231 21.21 -12.36 78.70
CA SER K 231 21.95 -13.59 79.03
C SER K 231 21.68 -14.05 80.44
N ILE K 232 21.81 -15.35 80.65
CA ILE K 232 21.58 -15.89 81.97
C ILE K 232 22.92 -16.35 82.51
N GLY K 233 23.32 -15.83 83.67
CA GLY K 233 24.60 -16.20 84.30
C GLY K 233 24.46 -16.75 85.71
N TYR K 234 25.56 -17.30 86.22
CA TYR K 234 25.59 -17.95 87.51
C TYR K 234 26.35 -17.15 88.56
N LEU K 235 25.77 -17.03 89.77
CA LEU K 235 26.45 -16.35 90.90
C LEU K 235 26.91 -17.31 92.00
N SER K 236 25.98 -18.01 92.62
CA SER K 236 26.32 -18.89 93.75
C SER K 236 25.26 -19.94 93.94
N HIS K 237 25.56 -20.92 94.78
CA HIS K 237 24.55 -21.87 95.17
C HIS K 237 24.76 -22.34 96.60
N ASP K 238 23.73 -22.94 97.18
CA ASP K 238 23.91 -23.65 98.44
C ASP K 238 23.20 -24.99 98.34
N ALA K 239 22.89 -25.62 99.46
CA ALA K 239 22.28 -26.96 99.42
C ALA K 239 20.90 -26.95 98.76
N GLU K 240 20.17 -25.84 98.85
CA GLU K 240 18.77 -25.79 98.45
C GLU K 240 18.43 -24.87 97.28
N THR K 241 19.29 -23.89 97.00
CA THR K 241 19.00 -22.90 95.97
C THR K 241 20.21 -22.58 95.09
N VAL K 242 19.94 -22.01 93.93
CA VAL K 242 20.97 -21.53 93.03
C VAL K 242 20.67 -20.08 92.71
N GLN K 243 21.69 -19.24 92.82
CA GLN K 243 21.55 -17.81 92.53
C GLN K 243 22.14 -17.50 91.16
N LEU K 244 21.23 -17.08 90.28
CA LEU K 244 21.52 -16.75 88.90
C LEU K 244 21.19 -15.28 88.67
N TYR K 245 21.32 -14.84 87.43
CA TYR K 245 20.84 -13.50 87.03
C TYR K 245 20.53 -13.43 85.54
N LEU K 246 19.73 -12.46 85.13
CA LEU K 246 19.66 -12.07 83.72
C LEU K 246 20.48 -10.82 83.54
N GLU K 247 21.24 -10.72 82.46
CA GLU K 247 21.93 -9.48 82.18
C GLU K 247 21.98 -9.12 80.71
N GLU K 248 22.17 -7.84 80.43
CA GLU K 248 22.50 -7.35 79.09
C GLU K 248 23.29 -6.05 79.24
N THR K 249 24.04 -5.71 78.19
CA THR K 249 24.83 -4.49 78.14
C THR K 249 24.45 -3.77 76.88
N LEU K 250 23.95 -2.54 77.04
CA LEU K 250 23.40 -1.81 75.92
C LEU K 250 23.34 -0.33 76.21
N THR K 251 22.88 0.43 75.24
CA THR K 251 22.46 1.80 75.47
C THR K 251 21.43 2.17 74.43
N PHE K 252 20.78 3.30 74.64
CA PHE K 252 19.79 3.79 73.71
C PHE K 252 20.11 5.22 73.33
N LEU K 253 20.02 5.52 72.05
CA LEU K 253 20.21 6.89 71.57
C LEU K 253 19.04 7.26 70.68
N CYS K 254 18.57 8.49 70.84
CA CYS K 254 17.50 9.01 70.01
C CYS K 254 18.10 10.11 69.12
N TYR K 255 18.04 9.95 67.79
CA TYR K 255 18.71 10.85 66.87
C TYR K 255 17.80 11.94 66.27
N THR K 256 16.50 11.82 66.49
CA THR K 256 15.54 12.67 65.77
C THR K 256 14.42 13.06 66.70
N SER K 257 14.47 14.30 67.15
CA SER K 257 13.47 14.79 68.09
C SER K 257 12.06 14.81 67.50
N GLU K 258 11.93 15.05 66.19
CA GLU K 258 10.63 15.21 65.58
C GLU K 258 9.96 13.91 65.12
N ALA K 259 10.61 12.77 65.35
CA ALA K 259 10.05 11.48 64.89
C ALA K 259 9.12 10.77 65.89
N SER K 260 8.90 11.38 67.06
CA SER K 260 8.00 10.81 68.04
C SER K 260 7.03 11.85 68.56
N VAL K 261 5.90 11.37 69.05
CA VAL K 261 4.95 12.18 69.78
C VAL K 261 4.65 11.45 71.08
N ALA K 262 4.81 12.17 72.18
CA ALA K 262 4.51 11.64 73.52
C ALA K 262 3.09 12.00 73.88
N LEU K 263 2.36 11.05 74.46
CA LEU K 263 1.04 11.34 75.00
C LEU K 263 1.02 11.05 76.49
N THR K 264 0.67 12.06 77.29
CA THR K 264 0.70 11.88 78.75
C THR K 264 -0.61 11.27 79.25
N PRO K 265 -0.53 10.42 80.30
CA PRO K 265 -1.71 9.68 80.78
C PRO K 265 -2.78 10.60 81.39
N MET L 1 -37.80 -77.44 -25.14
CA MET L 1 -38.66 -76.50 -25.90
C MET L 1 -39.56 -75.70 -25.01
N ASN L 2 -39.99 -74.55 -25.51
CA ASN L 2 -41.01 -73.75 -24.88
C ASN L 2 -42.35 -73.86 -25.60
N ASN L 3 -43.36 -73.15 -25.13
CA ASN L 3 -44.73 -73.25 -25.64
C ASN L 3 -44.87 -72.92 -27.11
N LEU L 4 -43.87 -72.25 -27.68
CA LEU L 4 -43.91 -71.88 -29.08
C LEU L 4 -43.70 -73.10 -29.99
N TYR L 5 -43.01 -74.12 -29.47
CA TYR L 5 -42.73 -75.37 -30.20
C TYR L 5 -42.11 -75.15 -31.58
N ARG L 6 -41.28 -74.12 -31.68
CA ARG L 6 -40.69 -73.79 -32.96
C ARG L 6 -39.91 -74.97 -33.56
N GLU L 7 -39.27 -75.74 -32.69
CA GLU L 7 -38.44 -76.87 -33.11
C GLU L 7 -39.20 -77.99 -33.82
N LEU L 8 -40.52 -78.03 -33.65
CA LEU L 8 -41.35 -79.01 -34.36
C LEU L 8 -41.75 -78.58 -35.78
N ALA L 9 -41.51 -77.33 -36.14
CA ALA L 9 -41.99 -76.84 -37.43
C ALA L 9 -40.99 -77.18 -38.53
N PRO L 10 -41.49 -77.61 -39.72
CA PRO L 10 -40.59 -77.81 -40.85
C PRO L 10 -40.17 -76.46 -41.43
N VAL L 11 -39.39 -75.72 -40.66
CA VAL L 11 -38.90 -74.41 -41.04
C VAL L 11 -37.41 -74.36 -40.68
N THR L 12 -36.56 -74.05 -41.67
CA THR L 12 -35.12 -73.99 -41.46
C THR L 12 -34.73 -72.74 -40.65
N ASP L 13 -33.56 -72.78 -40.01
CA ASP L 13 -32.97 -71.61 -39.34
C ASP L 13 -33.01 -70.36 -40.23
N ALA L 14 -32.60 -70.53 -41.49
CA ALA L 14 -32.60 -69.44 -42.44
C ALA L 14 -34.01 -68.86 -42.64
N ALA L 15 -35.00 -69.72 -42.81
CA ALA L 15 -36.36 -69.22 -43.01
C ALA L 15 -36.88 -68.55 -41.73
N TRP L 16 -36.53 -69.11 -40.56
CA TRP L 16 -36.96 -68.54 -39.29
C TRP L 16 -36.46 -67.12 -39.17
N HIS L 17 -35.20 -66.94 -39.55
CA HIS L 17 -34.56 -65.66 -39.43
C HIS L 17 -35.29 -64.66 -40.30
N GLU L 18 -35.68 -65.07 -41.51
CA GLU L 18 -36.39 -64.18 -42.42
C GLU L 18 -37.77 -63.83 -41.92
N ILE L 19 -38.50 -64.84 -41.44
CA ILE L 19 -39.83 -64.63 -40.92
C ILE L 19 -39.83 -63.66 -39.72
N GLU L 20 -38.89 -63.84 -38.79
CA GLU L 20 -38.76 -62.97 -37.62
C GLU L 20 -38.47 -61.54 -38.05
N THR L 21 -37.44 -61.39 -38.85
CA THR L 21 -37.02 -60.12 -39.39
C THR L 21 -38.20 -59.40 -40.04
N GLU L 22 -38.96 -60.12 -40.86
CA GLU L 22 -40.13 -59.53 -41.49
C GLU L 22 -41.21 -59.11 -40.47
N ALA L 23 -41.50 -60.00 -39.50
CA ALA L 23 -42.51 -59.74 -38.50
C ALA L 23 -42.17 -58.48 -37.73
N ILE L 24 -40.96 -58.39 -37.24
CA ILE L 24 -40.56 -57.27 -36.39
C ILE L 24 -40.59 -55.92 -37.11
N ARG L 25 -40.04 -55.85 -38.32
CA ARG L 25 -40.00 -54.58 -39.03
C ARG L 25 -41.39 -54.14 -39.49
N THR L 26 -42.23 -55.08 -39.89
CA THR L 26 -43.59 -54.75 -40.26
C THR L 26 -44.36 -54.26 -39.03
N PHE L 27 -44.22 -54.98 -37.92
CA PHE L 27 -44.89 -54.60 -36.69
C PHE L 27 -44.48 -53.17 -36.32
N LYS L 28 -43.18 -52.91 -36.41
CA LYS L 28 -42.64 -51.62 -36.04
C LYS L 28 -43.14 -50.50 -36.97
N ARG L 29 -43.37 -50.82 -38.25
CA ARG L 29 -43.84 -49.81 -39.20
C ARG L 29 -45.28 -49.36 -38.90
N HIS L 30 -46.08 -50.25 -38.32
CA HIS L 30 -47.49 -49.98 -38.09
C HIS L 30 -47.79 -49.42 -36.70
N ILE L 31 -46.94 -49.74 -35.74
CA ILE L 31 -47.26 -49.50 -34.33
C ILE L 31 -46.97 -48.04 -33.92
N ALA L 32 -47.85 -47.47 -33.10
CA ALA L 32 -47.70 -46.08 -32.67
C ALA L 32 -47.59 -45.96 -31.15
N GLY L 33 -48.48 -46.66 -30.43
CA GLY L 33 -48.56 -46.56 -28.99
C GLY L 33 -47.21 -46.66 -28.32
N ARG L 34 -46.43 -47.67 -28.74
CA ARG L 34 -45.14 -47.98 -28.11
C ARG L 34 -44.18 -46.83 -28.24
N ARG L 35 -44.46 -45.91 -29.16
CA ARG L 35 -43.57 -44.78 -29.30
C ARG L 35 -43.88 -43.67 -28.29
N VAL L 36 -45.01 -43.75 -27.60
CA VAL L 36 -45.40 -42.67 -26.68
C VAL L 36 -45.63 -43.12 -25.25
N VAL L 37 -46.15 -44.33 -25.06
CA VAL L 37 -46.41 -44.87 -23.71
C VAL L 37 -45.18 -45.56 -23.12
N ASP L 38 -45.20 -45.84 -21.83
CA ASP L 38 -44.10 -46.62 -21.25
C ASP L 38 -44.31 -48.11 -21.52
N VAL L 39 -43.26 -48.74 -22.02
CA VAL L 39 -43.29 -50.17 -22.35
C VAL L 39 -42.31 -50.89 -21.45
N SER L 40 -42.82 -51.79 -20.61
CA SER L 40 -41.97 -52.49 -19.66
C SER L 40 -41.11 -53.59 -20.30
N GLU L 41 -40.09 -54.02 -19.58
CA GLU L 41 -39.36 -55.25 -19.87
C GLU L 41 -40.31 -56.43 -19.68
N PRO L 42 -40.35 -57.36 -20.64
CA PRO L 42 -41.11 -58.60 -20.49
C PRO L 42 -40.82 -59.25 -19.15
N SER L 43 -41.86 -59.52 -18.36
CA SER L 43 -41.68 -60.17 -17.08
C SER L 43 -41.79 -61.70 -17.19
N GLY L 44 -42.13 -62.22 -18.37
CA GLY L 44 -42.15 -63.66 -18.59
C GLY L 44 -43.53 -64.30 -18.58
N PRO L 45 -43.60 -65.60 -18.92
CA PRO L 45 -44.90 -66.23 -19.15
C PRO L 45 -45.74 -66.52 -17.90
N VAL L 46 -45.16 -66.39 -16.71
CA VAL L 46 -45.94 -66.65 -15.49
C VAL L 46 -46.88 -65.49 -15.17
N THR L 47 -46.46 -64.27 -15.49
CA THR L 47 -47.24 -63.08 -15.16
C THR L 47 -48.65 -63.16 -15.73
N ALA L 48 -49.63 -63.00 -14.84
CA ALA L 48 -51.07 -63.06 -15.19
C ALA L 48 -51.86 -61.77 -14.96
N ALA L 49 -51.36 -60.90 -14.09
CA ALA L 49 -52.11 -59.71 -13.70
C ALA L 49 -51.18 -58.58 -13.29
N VAL L 50 -51.67 -57.36 -13.34
CA VAL L 50 -50.90 -56.22 -12.85
C VAL L 50 -51.63 -55.66 -11.63
N SER L 51 -50.96 -55.59 -10.48
CA SER L 51 -51.56 -55.01 -9.28
C SER L 51 -51.85 -53.54 -9.50
N THR L 52 -53.04 -53.10 -9.08
CA THR L 52 -53.42 -51.69 -9.22
C THR L 52 -53.30 -50.95 -7.91
N GLY L 53 -53.03 -51.67 -6.83
CA GLY L 53 -52.90 -51.08 -5.51
C GLY L 53 -54.20 -50.89 -4.76
N HIS L 54 -55.32 -51.02 -5.45
CA HIS L 54 -56.62 -50.76 -4.81
C HIS L 54 -57.18 -51.99 -4.07
N LEU L 55 -58.13 -51.71 -3.18
CA LEU L 55 -58.80 -52.70 -2.34
C LEU L 55 -60.25 -52.74 -2.75
N ARG L 56 -60.86 -53.92 -2.73
CA ARG L 56 -62.28 -54.03 -3.00
C ARG L 56 -62.96 -54.66 -1.80
N ASP L 57 -63.97 -53.99 -1.27
CA ASP L 57 -64.75 -54.52 -0.15
C ASP L 57 -65.38 -55.86 -0.52
N ILE L 58 -65.22 -56.85 0.35
CA ILE L 58 -65.92 -58.12 0.20
C ILE L 58 -66.60 -58.47 1.55
N SER L 59 -67.63 -59.29 1.56
CA SER L 59 -68.26 -59.64 2.84
C SER L 59 -67.27 -60.43 3.71
N PRO L 60 -67.24 -60.14 5.02
CA PRO L 60 -66.23 -60.64 5.98
C PRO L 60 -66.31 -62.14 6.24
N PRO L 61 -65.23 -62.72 6.77
CA PRO L 61 -65.34 -64.14 7.11
C PRO L 61 -65.97 -64.41 8.48
N GLY L 62 -66.27 -63.38 9.26
CA GLY L 62 -66.80 -63.58 10.61
C GLY L 62 -66.72 -62.29 11.38
N ASP L 63 -67.29 -62.26 12.57
CA ASP L 63 -67.35 -61.02 13.37
C ASP L 63 -65.99 -60.47 13.73
N GLY L 64 -65.86 -59.16 13.61
CA GLY L 64 -64.62 -58.50 13.99
C GLY L 64 -63.50 -58.61 12.99
N VAL L 65 -63.81 -59.09 11.78
CA VAL L 65 -62.80 -59.22 10.76
C VAL L 65 -63.23 -58.42 9.55
N VAL L 66 -62.33 -57.58 9.05
CA VAL L 66 -62.62 -56.76 7.87
C VAL L 66 -61.79 -57.28 6.71
N ALA L 67 -62.43 -57.57 5.58
CA ALA L 67 -61.75 -58.16 4.43
C ALA L 67 -61.87 -57.32 3.18
N HIS L 68 -60.80 -57.32 2.39
CA HIS L 68 -60.77 -56.70 1.08
C HIS L 68 -60.01 -57.58 0.12
N LEU L 69 -60.52 -57.69 -1.11
CA LEU L 69 -59.74 -58.29 -2.18
C LEU L 69 -58.76 -57.28 -2.77
N ARG L 70 -57.59 -57.77 -3.14
CA ARG L 70 -56.62 -56.94 -3.86
C ARG L 70 -57.01 -56.86 -5.33
N GLU L 71 -57.09 -55.67 -5.87
CA GLU L 71 -57.44 -55.51 -7.29
C GLU L 71 -56.23 -55.63 -8.20
N SER L 72 -56.45 -56.19 -9.39
CA SER L 72 -55.40 -56.25 -10.39
C SER L 72 -56.03 -56.24 -11.77
N LYS L 73 -55.23 -55.91 -12.80
CA LYS L 73 -55.67 -55.93 -14.18
C LYS L 73 -55.11 -57.17 -14.83
N PRO L 74 -55.97 -58.01 -15.42
CA PRO L 74 -55.44 -59.25 -16.02
C PRO L 74 -54.71 -59.00 -17.32
N LEU L 75 -53.69 -59.82 -17.58
CA LEU L 75 -52.99 -59.75 -18.85
C LEU L 75 -53.82 -60.48 -19.88
N VAL L 76 -53.80 -59.99 -21.11
CA VAL L 76 -54.49 -60.66 -22.21
C VAL L 76 -53.48 -61.24 -23.21
N ARG L 77 -53.72 -62.48 -23.65
CA ARG L 77 -52.92 -63.07 -24.72
C ARG L 77 -53.59 -62.83 -26.06
N LEU L 78 -52.84 -62.24 -26.98
CA LEU L 78 -53.33 -61.97 -28.32
C LEU L 78 -52.56 -62.87 -29.27
N ARG L 79 -53.27 -63.67 -30.05
CA ARG L 79 -52.64 -64.58 -30.99
C ARG L 79 -53.23 -64.34 -32.39
N VAL L 80 -52.34 -64.15 -33.36
CA VAL L 80 -52.75 -63.96 -34.76
C VAL L 80 -52.15 -65.09 -35.60
N PRO L 81 -52.98 -66.11 -35.89
CA PRO L 81 -52.53 -67.25 -36.69
C PRO L 81 -52.28 -66.84 -38.11
N PHE L 82 -51.32 -67.46 -38.77
CA PHE L 82 -51.10 -67.26 -40.20
C PHE L 82 -50.49 -68.53 -40.81
N THR L 83 -50.59 -68.66 -42.13
CA THR L 83 -50.13 -69.85 -42.86
C THR L 83 -49.13 -69.44 -43.93
N VAL L 84 -47.98 -70.10 -43.98
CA VAL L 84 -47.05 -69.85 -45.07
C VAL L 84 -46.83 -71.14 -45.85
N THR L 85 -46.42 -71.01 -47.10
CA THR L 85 -46.16 -72.18 -47.95
C THR L 85 -44.81 -72.80 -47.63
N ARG L 86 -44.71 -74.10 -47.83
CA ARG L 86 -43.44 -74.76 -47.60
C ARG L 86 -42.44 -74.46 -48.72
N SER L 87 -42.94 -74.08 -49.90
CA SER L 87 -41.99 -73.67 -50.91
C SER L 87 -41.40 -72.31 -50.56
N ALA L 88 -42.20 -71.43 -49.96
CA ALA L 88 -41.66 -70.17 -49.46
C ALA L 88 -40.57 -70.45 -48.46
N ILE L 89 -40.85 -71.36 -47.52
CA ILE L 89 -39.88 -71.75 -46.51
C ILE L 89 -38.63 -72.37 -47.13
N ASP L 90 -38.82 -73.39 -47.97
CA ASP L 90 -37.68 -74.20 -48.45
C ASP L 90 -36.80 -73.45 -49.42
N ASP L 91 -37.38 -72.49 -50.14
CA ASP L 91 -36.64 -71.71 -51.11
C ASP L 91 -35.57 -70.83 -50.47
N VAL L 92 -35.74 -70.52 -49.19
CA VAL L 92 -34.82 -69.61 -48.49
C VAL L 92 -33.40 -70.18 -48.52
N GLU L 93 -33.26 -71.42 -48.06
CA GLU L 93 -31.97 -72.11 -48.06
C GLU L 93 -31.35 -72.24 -49.45
N ARG L 94 -32.20 -72.34 -50.46
CA ARG L 94 -31.73 -72.41 -51.83
C ARG L 94 -31.30 -71.04 -52.38
N GLY L 95 -31.42 -69.99 -51.57
CA GLY L 95 -30.99 -68.66 -51.95
C GLY L 95 -32.07 -67.68 -52.38
N SER L 96 -33.33 -68.03 -52.17
CA SER L 96 -34.43 -67.13 -52.50
C SER L 96 -34.45 -65.89 -51.63
N GLN L 97 -34.75 -64.75 -52.23
CA GLN L 97 -34.84 -63.51 -51.48
C GLN L 97 -36.22 -62.90 -51.58
N ASP L 98 -37.14 -63.60 -52.24
CA ASP L 98 -38.51 -63.12 -52.41
C ASP L 98 -39.55 -64.17 -52.00
N SER L 99 -39.26 -64.98 -50.99
CA SER L 99 -40.29 -65.93 -50.54
C SER L 99 -41.51 -65.13 -50.11
N ASP L 100 -42.68 -65.66 -50.43
CA ASP L 100 -43.92 -65.00 -50.04
C ASP L 100 -44.16 -64.95 -48.53
N TRP L 101 -43.74 -63.85 -47.90
CA TRP L 101 -44.12 -63.63 -46.50
C TRP L 101 -45.28 -62.64 -46.31
N ASP L 102 -46.11 -62.45 -47.33
CA ASP L 102 -47.33 -61.67 -47.11
C ASP L 102 -48.17 -62.13 -45.90
N PRO L 103 -48.28 -63.46 -45.65
CA PRO L 103 -49.09 -63.85 -44.49
C PRO L 103 -48.47 -63.40 -43.19
N VAL L 104 -47.14 -63.36 -43.14
CA VAL L 104 -46.45 -62.82 -41.97
C VAL L 104 -46.77 -61.33 -41.79
N LYS L 105 -46.65 -60.57 -42.87
CA LYS L 105 -46.92 -59.13 -42.83
C LYS L 105 -48.37 -58.81 -42.46
N ALA L 106 -49.29 -59.63 -42.96
CA ALA L 106 -50.71 -59.43 -42.66
C ALA L 106 -50.95 -59.66 -41.15
N ALA L 107 -50.28 -60.66 -40.59
CA ALA L 107 -50.41 -60.99 -39.18
C ALA L 107 -49.81 -59.89 -38.31
N ALA L 108 -48.66 -59.37 -38.72
CA ALA L 108 -48.00 -58.31 -37.96
C ALA L 108 -48.84 -57.04 -37.97
N LYS L 109 -49.46 -56.73 -39.11
CA LYS L 109 -50.33 -55.57 -39.20
C LYS L 109 -51.54 -55.75 -38.27
N LYS L 110 -52.11 -56.97 -38.29
CA LYS L 110 -53.30 -57.23 -37.49
C LYS L 110 -52.98 -57.06 -36.01
N LEU L 111 -51.83 -57.59 -35.58
CA LEU L 111 -51.45 -57.52 -34.18
C LEU L 111 -51.17 -56.08 -33.76
N ALA L 112 -50.40 -55.35 -34.56
CA ALA L 112 -50.17 -53.92 -34.33
C ALA L 112 -51.49 -53.15 -34.21
N PHE L 113 -52.43 -53.41 -35.12
CA PHE L 113 -53.69 -52.70 -35.08
C PHE L 113 -54.47 -53.05 -33.82
N VAL L 114 -54.41 -54.31 -33.41
CA VAL L 114 -55.10 -54.74 -32.22
C VAL L 114 -54.51 -54.07 -30.96
N GLU L 115 -53.18 -54.06 -30.85
CA GLU L 115 -52.51 -53.43 -29.72
C GLU L 115 -52.84 -51.93 -29.64
N ASP L 116 -52.68 -51.21 -30.76
CA ASP L 116 -52.93 -49.77 -30.80
C ASP L 116 -54.39 -49.43 -30.55
N ARG L 117 -55.29 -50.24 -31.06
CA ARG L 117 -56.69 -50.01 -30.74
C ARG L 117 -56.98 -50.26 -29.26
N ALA L 118 -56.31 -51.23 -28.65
CA ALA L 118 -56.51 -51.47 -27.21
C ALA L 118 -56.02 -50.25 -26.42
N ILE L 119 -54.80 -49.81 -26.73
CA ILE L 119 -54.20 -48.67 -26.05
C ILE L 119 -55.04 -47.40 -26.19
N PHE L 120 -55.50 -47.10 -27.41
CA PHE L 120 -56.20 -45.84 -27.66
C PHE L 120 -57.70 -45.88 -27.56
N GLU L 121 -58.33 -46.95 -28.03
CA GLU L 121 -59.79 -47.01 -28.04
C GLU L 121 -60.31 -48.01 -27.03
N GLY L 122 -59.43 -48.78 -26.40
CA GLY L 122 -59.86 -49.73 -25.38
C GLY L 122 -60.31 -51.06 -25.94
N TYR L 123 -60.35 -52.07 -25.08
CA TYR L 123 -60.74 -53.41 -25.47
C TYR L 123 -61.51 -53.95 -24.28
N PRO L 124 -62.84 -53.69 -24.25
CA PRO L 124 -63.64 -53.97 -23.04
C PRO L 124 -63.56 -55.39 -22.53
N ALA L 125 -63.62 -56.38 -23.41
CA ALA L 125 -63.62 -57.78 -22.95
C ALA L 125 -62.31 -58.17 -22.26
N ALA L 126 -61.24 -57.43 -22.55
CA ALA L 126 -59.93 -57.63 -21.90
C ALA L 126 -59.76 -56.71 -20.68
N GLN L 127 -60.81 -55.97 -20.35
CA GLN L 127 -60.80 -55.01 -19.26
C GLN L 127 -59.78 -53.89 -19.44
N ILE L 128 -59.46 -53.59 -20.70
CA ILE L 128 -58.58 -52.48 -21.01
C ILE L 128 -59.38 -51.22 -21.35
N ASP L 129 -59.22 -50.18 -20.53
CA ASP L 129 -59.74 -48.85 -20.85
C ASP L 129 -58.66 -48.14 -21.63
N GLY L 130 -59.01 -47.71 -22.83
CA GLY L 130 -58.06 -46.99 -23.67
C GLY L 130 -57.98 -45.53 -23.27
N ILE L 131 -56.99 -44.84 -23.82
CA ILE L 131 -56.77 -43.44 -23.53
C ILE L 131 -58.03 -42.62 -23.81
N ARG L 132 -58.77 -42.99 -24.84
CA ARG L 132 -60.02 -42.32 -25.20
C ARG L 132 -61.03 -42.35 -24.05
N GLN L 133 -61.17 -43.50 -23.38
CA GLN L 133 -62.07 -43.58 -22.23
C GLN L 133 -61.46 -42.87 -21.03
N CYS L 134 -60.15 -42.94 -20.88
CA CYS L 134 -59.48 -42.47 -19.67
C CYS L 134 -59.45 -40.93 -19.64
N THR L 135 -59.35 -40.29 -20.81
CA THR L 135 -59.11 -38.82 -20.89
C THR L 135 -60.19 -38.01 -20.20
N SER L 136 -59.80 -36.93 -19.52
CA SER L 136 -60.76 -36.05 -18.86
C SER L 136 -60.75 -34.63 -19.41
N ASN L 137 -59.80 -34.32 -20.29
CA ASN L 137 -59.75 -33.02 -20.95
C ASN L 137 -60.83 -32.94 -22.04
N PRO L 138 -61.32 -31.71 -22.33
CA PRO L 138 -62.33 -31.56 -23.39
C PRO L 138 -61.86 -32.18 -24.69
N VAL L 139 -62.71 -33.01 -25.29
CA VAL L 139 -62.45 -33.64 -26.59
C VAL L 139 -62.58 -32.62 -27.72
N LEU L 140 -61.62 -32.60 -28.64
CA LEU L 140 -61.69 -31.66 -29.76
C LEU L 140 -62.09 -32.32 -31.09
N GLN L 141 -62.74 -31.57 -31.96
CA GLN L 141 -63.11 -32.03 -33.29
C GLN L 141 -61.98 -31.67 -34.28
N LEU L 142 -61.51 -32.63 -35.08
CA LEU L 142 -60.59 -32.28 -36.18
C LEU L 142 -61.32 -31.45 -37.23
N PRO L 143 -60.69 -30.38 -37.75
CA PRO L 143 -61.43 -29.50 -38.68
C PRO L 143 -61.58 -30.13 -40.05
N ASP L 144 -62.58 -29.67 -40.81
CA ASP L 144 -62.77 -30.14 -42.18
C ASP L 144 -61.64 -29.69 -43.07
N ASP L 145 -61.25 -28.44 -42.90
CA ASP L 145 -60.15 -27.85 -43.64
C ASP L 145 -58.84 -28.19 -42.91
N ALA L 146 -58.01 -28.97 -43.59
CA ALA L 146 -56.77 -29.46 -43.00
C ALA L 146 -55.88 -28.30 -42.57
N ARG L 147 -56.05 -27.14 -43.20
CA ARG L 147 -55.23 -25.96 -42.87
C ARG L 147 -55.44 -25.47 -41.44
N ASP L 148 -56.59 -25.85 -40.85
CA ASP L 148 -56.90 -25.48 -39.48
C ASP L 148 -56.41 -26.47 -38.42
N ILE L 149 -55.73 -27.53 -38.84
CA ILE L 149 -55.31 -28.57 -37.89
C ILE L 149 -54.42 -27.98 -36.79
N THR L 150 -53.55 -27.04 -37.15
CA THR L 150 -52.67 -26.41 -36.17
C THR L 150 -53.48 -25.68 -35.07
N ASP L 151 -54.66 -25.15 -35.37
CA ASP L 151 -55.49 -24.52 -34.34
C ASP L 151 -55.94 -25.50 -33.27
N VAL L 152 -56.47 -26.65 -33.69
CA VAL L 152 -56.91 -27.63 -32.71
C VAL L 152 -55.73 -28.24 -31.95
N ILE L 153 -54.60 -28.47 -32.62
CA ILE L 153 -53.43 -28.99 -31.92
C ILE L 153 -52.97 -27.99 -30.86
N ALA L 154 -52.98 -26.70 -31.21
CA ALA L 154 -52.60 -25.67 -30.25
C ALA L 154 -53.59 -25.63 -29.08
N GLN L 155 -54.88 -25.75 -29.37
CA GLN L 155 -55.90 -25.86 -28.34
C GLN L 155 -55.63 -27.07 -27.43
N ALA L 156 -55.22 -28.18 -28.03
CA ALA L 156 -54.98 -29.40 -27.26
C ALA L 156 -53.80 -29.20 -26.31
N LEU L 157 -52.74 -28.60 -26.85
CA LEU L 157 -51.53 -28.30 -26.07
C LEU L 157 -51.83 -27.41 -24.88
N SER L 158 -52.63 -26.38 -25.12
CA SER L 158 -52.99 -25.48 -24.05
C SER L 158 -53.82 -26.22 -22.99
N GLU L 159 -54.67 -27.16 -23.42
CA GLU L 159 -55.50 -27.90 -22.46
C GLU L 159 -54.58 -28.71 -21.56
N LEU L 160 -53.54 -29.31 -22.14
CA LEU L 160 -52.60 -30.08 -21.33
C LEU L 160 -51.84 -29.22 -20.32
N ARG L 161 -51.36 -28.06 -20.77
CA ARG L 161 -50.64 -27.13 -19.92
C ARG L 161 -51.55 -26.64 -18.79
N LEU L 162 -52.77 -26.23 -19.12
CA LEU L 162 -53.68 -25.71 -18.09
C LEU L 162 -54.05 -26.75 -17.02
N ALA L 163 -54.03 -28.02 -17.41
CA ALA L 163 -54.29 -29.12 -16.48
C ALA L 163 -53.06 -29.44 -15.65
N GLY L 164 -51.99 -28.66 -15.84
CA GLY L 164 -50.78 -28.77 -15.03
C GLY L 164 -49.86 -29.91 -15.40
N VAL L 165 -49.91 -30.33 -16.65
CA VAL L 165 -49.16 -31.50 -17.12
C VAL L 165 -47.95 -31.08 -17.92
N ASP L 166 -46.77 -31.45 -17.45
CA ASP L 166 -45.52 -31.11 -18.15
C ASP L 166 -45.28 -32.01 -19.39
N GLY L 167 -44.41 -31.53 -20.28
CA GLY L 167 -44.13 -32.19 -21.54
C GLY L 167 -42.97 -33.17 -21.40
N PRO L 168 -42.34 -33.54 -22.51
CA PRO L 168 -42.71 -33.07 -23.83
C PRO L 168 -44.02 -33.66 -24.32
N TYR L 169 -44.58 -33.07 -25.37
CA TYR L 169 -45.87 -33.49 -25.91
C TYR L 169 -45.70 -34.07 -27.29
N SER L 170 -46.48 -35.08 -27.59
CA SER L 170 -46.44 -35.74 -28.88
C SER L 170 -47.83 -35.78 -29.44
N VAL L 171 -47.92 -35.95 -30.75
CA VAL L 171 -49.19 -35.95 -31.48
C VAL L 171 -49.25 -37.23 -32.32
N LEU L 172 -50.31 -38.00 -32.11
CA LEU L 172 -50.58 -39.18 -32.93
C LEU L 172 -51.65 -38.85 -33.97
N LEU L 173 -51.40 -39.16 -35.24
CA LEU L 173 -52.39 -38.90 -36.28
C LEU L 173 -52.74 -40.18 -37.00
N SER L 174 -54.02 -40.32 -37.31
CA SER L 174 -54.48 -41.38 -38.20
C SER L 174 -53.74 -41.23 -39.52
N ALA L 175 -53.70 -42.33 -40.26
CA ALA L 175 -53.07 -42.36 -41.58
C ALA L 175 -53.60 -41.24 -42.47
N GLU L 176 -54.91 -41.08 -42.48
CA GLU L 176 -55.53 -40.09 -43.31
C GLU L 176 -55.09 -38.66 -42.92
N VAL L 177 -55.12 -38.36 -41.62
CA VAL L 177 -54.76 -37.02 -41.17
C VAL L 177 -53.26 -36.81 -41.35
N TYR L 178 -52.46 -37.82 -41.03
CA TYR L 178 -51.03 -37.74 -41.20
C TYR L 178 -50.67 -37.35 -42.65
N THR L 179 -51.29 -38.02 -43.61
CA THR L 179 -51.06 -37.75 -45.02
C THR L 179 -51.47 -36.32 -45.34
N LYS L 180 -52.63 -35.91 -44.84
CA LYS L 180 -53.07 -34.55 -45.11
C LYS L 180 -52.11 -33.52 -44.53
N VAL L 181 -51.62 -33.76 -43.31
CA VAL L 181 -50.71 -32.81 -42.68
C VAL L 181 -49.41 -32.70 -43.48
N SER L 182 -48.93 -33.83 -43.99
CA SER L 182 -47.64 -33.85 -44.64
C SER L 182 -47.68 -33.18 -46.02
N GLU L 183 -48.87 -33.08 -46.63
CA GLU L 183 -48.99 -32.49 -47.98
C GLU L 183 -49.60 -31.08 -48.03
N THR L 184 -50.44 -30.73 -47.05
CA THR L 184 -51.19 -29.48 -47.08
C THR L 184 -50.32 -28.25 -46.90
N THR L 185 -50.54 -27.27 -47.76
CA THR L 185 -49.96 -25.95 -47.59
C THR L 185 -51.09 -24.96 -47.39
N GLU L 186 -50.78 -23.83 -46.78
CA GLU L 186 -51.68 -22.68 -46.66
C GLU L 186 -50.95 -21.49 -47.23
N HIS L 187 -51.53 -20.95 -48.30
CA HIS L 187 -50.85 -19.97 -49.17
C HIS L 187 -49.40 -20.36 -49.44
N GLY L 188 -49.18 -21.64 -49.69
CA GLY L 188 -47.86 -22.16 -50.06
C GLY L 188 -46.98 -22.65 -48.93
N TYR L 189 -47.20 -22.19 -47.71
CA TYR L 189 -46.38 -22.59 -46.59
C TYR L 189 -46.87 -23.92 -46.06
N PRO L 190 -46.00 -24.95 -46.04
CA PRO L 190 -46.39 -26.30 -45.61
C PRO L 190 -46.78 -26.32 -44.15
N ILE L 191 -47.99 -26.80 -43.86
CA ILE L 191 -48.46 -26.80 -42.49
C ILE L 191 -47.62 -27.75 -41.59
N ARG L 192 -46.98 -28.73 -42.21
CA ARG L 192 -46.14 -29.65 -41.45
C ARG L 192 -44.98 -28.92 -40.77
N GLU L 193 -44.42 -27.89 -41.42
CA GLU L 193 -43.31 -27.15 -40.81
C GLU L 193 -43.80 -26.41 -39.56
N HIS L 194 -44.98 -25.79 -39.68
CA HIS L 194 -45.61 -25.10 -38.57
C HIS L 194 -45.86 -26.09 -37.45
N LEU L 195 -46.49 -27.21 -37.80
CA LEU L 195 -46.90 -28.17 -36.82
C LEU L 195 -45.70 -28.84 -36.16
N ASN L 196 -44.64 -29.13 -36.92
CA ASN L 196 -43.46 -29.80 -36.36
C ASN L 196 -42.75 -28.97 -35.30
N ARG L 197 -42.69 -27.66 -35.53
CA ARG L 197 -41.95 -26.77 -34.64
C ARG L 197 -42.78 -26.41 -33.40
N LEU L 198 -44.07 -26.58 -33.51
CA LEU L 198 -44.99 -26.35 -32.43
C LEU L 198 -44.93 -27.44 -31.37
N VAL L 199 -44.56 -28.65 -31.76
CA VAL L 199 -44.55 -29.79 -30.85
C VAL L 199 -43.12 -30.10 -30.49
N ASP L 200 -42.79 -30.04 -29.21
CA ASP L 200 -41.44 -30.39 -28.79
C ASP L 200 -41.14 -31.90 -28.86
N GLY L 201 -42.18 -32.75 -28.85
CA GLY L 201 -42.03 -34.19 -29.05
C GLY L 201 -42.15 -34.55 -30.53
N ASP L 202 -42.90 -35.61 -30.83
CA ASP L 202 -43.00 -36.11 -32.22
C ASP L 202 -44.40 -36.05 -32.79
N ILE L 203 -44.49 -36.03 -34.13
CA ILE L 203 -45.76 -36.20 -34.84
C ILE L 203 -45.74 -37.60 -35.40
N ILE L 204 -46.65 -38.45 -34.92
CA ILE L 204 -46.50 -39.89 -35.09
C ILE L 204 -47.55 -40.55 -35.99
N TRP L 205 -47.05 -41.34 -36.95
CA TRP L 205 -47.87 -42.19 -37.83
C TRP L 205 -48.63 -43.23 -37.03
N ALA L 206 -49.93 -43.09 -36.93
CA ALA L 206 -50.71 -44.03 -36.15
C ALA L 206 -51.86 -44.58 -36.97
N PRO L 207 -51.54 -45.43 -37.98
CA PRO L 207 -52.53 -45.88 -38.96
C PRO L 207 -53.67 -46.69 -38.34
N ALA L 208 -53.47 -47.21 -37.13
CA ALA L 208 -54.55 -47.98 -36.47
C ALA L 208 -55.72 -47.14 -35.91
N ILE L 209 -55.50 -45.85 -35.65
CA ILE L 209 -56.52 -45.02 -34.99
C ILE L 209 -57.28 -44.14 -35.99
N ASP L 210 -58.46 -43.68 -35.58
CA ASP L 210 -59.13 -42.57 -36.27
C ASP L 210 -58.95 -41.30 -35.48
N GLY L 211 -58.93 -40.18 -36.17
CA GLY L 211 -58.70 -38.93 -35.49
C GLY L 211 -57.28 -38.75 -35.02
N ALA L 212 -57.13 -38.23 -33.79
CA ALA L 212 -55.82 -37.85 -33.29
C ALA L 212 -55.74 -37.83 -31.77
N PHE L 213 -54.51 -37.83 -31.24
CA PHE L 213 -54.29 -37.69 -29.80
C PHE L 213 -53.11 -36.78 -29.59
N VAL L 214 -53.21 -35.94 -28.57
CA VAL L 214 -52.09 -35.13 -28.14
C VAL L 214 -51.86 -35.52 -26.68
N LEU L 215 -50.64 -35.93 -26.35
CA LEU L 215 -50.40 -36.36 -25.00
C LEU L 215 -48.98 -36.13 -24.54
N SER L 216 -48.78 -36.19 -23.23
CA SER L 216 -47.46 -35.99 -22.65
C SER L 216 -46.70 -37.31 -22.65
N THR L 217 -45.41 -37.23 -22.95
CA THR L 217 -44.54 -38.39 -22.82
C THR L 217 -43.60 -38.24 -21.61
N ARG L 218 -43.98 -37.43 -20.64
CA ARG L 218 -43.17 -37.28 -19.44
C ARG L 218 -42.89 -38.61 -18.72
N GLY L 219 -43.72 -39.61 -18.94
CA GLY L 219 -43.56 -40.89 -18.28
C GLY L 219 -44.46 -41.04 -17.06
N GLY L 220 -44.93 -42.26 -16.83
CA GLY L 220 -45.71 -42.59 -15.63
C GLY L 220 -47.22 -42.48 -15.79
N ASP L 221 -47.67 -42.10 -16.97
CA ASP L 221 -49.11 -41.94 -17.22
C ASP L 221 -49.73 -43.10 -17.96
N PHE L 222 -48.97 -43.67 -18.89
CA PHE L 222 -49.47 -44.73 -19.79
C PHE L 222 -48.55 -45.94 -19.72
N ASP L 223 -49.10 -47.04 -19.22
CA ASP L 223 -48.33 -48.21 -18.83
C ASP L 223 -48.71 -49.42 -19.70
N LEU L 224 -47.86 -49.74 -20.69
CA LEU L 224 -48.06 -50.96 -21.46
C LEU L 224 -47.23 -52.04 -20.81
N ARG L 225 -47.89 -52.98 -20.14
CA ARG L 225 -47.18 -54.04 -19.42
C ARG L 225 -47.06 -55.29 -20.20
N LEU L 226 -45.83 -55.72 -20.48
CA LEU L 226 -45.58 -56.94 -21.24
C LEU L 226 -45.24 -58.09 -20.34
N GLY L 227 -46.05 -59.15 -20.42
CA GLY L 227 -45.66 -60.49 -19.93
C GLY L 227 -44.61 -61.08 -20.88
N THR L 228 -45.00 -61.29 -22.12
CA THR L 228 -44.08 -61.76 -23.14
C THR L 228 -44.37 -60.91 -24.37
N ASP L 229 -43.31 -60.42 -25.00
CA ASP L 229 -43.37 -59.56 -26.20
C ASP L 229 -43.71 -60.37 -27.44
N VAL L 230 -43.91 -59.69 -28.58
CA VAL L 230 -44.26 -60.35 -29.83
C VAL L 230 -43.37 -61.57 -30.11
N SER L 231 -44.00 -62.73 -30.28
CA SER L 231 -43.29 -63.97 -30.56
C SER L 231 -43.92 -64.74 -31.72
N ILE L 232 -43.14 -65.63 -32.34
CA ILE L 232 -43.68 -66.44 -33.43
C ILE L 232 -43.68 -67.89 -33.01
N GLY L 233 -44.85 -68.52 -33.03
CA GLY L 233 -44.93 -69.91 -32.61
C GLY L 233 -45.44 -70.83 -33.71
N TYR L 234 -45.38 -72.13 -33.46
CA TYR L 234 -45.86 -73.12 -34.41
C TYR L 234 -47.15 -73.84 -33.93
N LEU L 235 -48.09 -74.04 -34.84
CA LEU L 235 -49.31 -74.80 -34.55
C LEU L 235 -49.33 -76.20 -35.20
N SER L 236 -49.22 -76.25 -36.53
CA SER L 236 -49.33 -77.51 -37.27
C SER L 236 -48.77 -77.34 -38.68
N HIS L 237 -48.72 -78.43 -39.43
CA HIS L 237 -48.36 -78.34 -40.84
C HIS L 237 -48.94 -79.51 -41.61
N ASP L 238 -48.99 -79.36 -42.93
CA ASP L 238 -49.30 -80.48 -43.82
C ASP L 238 -48.22 -80.53 -44.90
N ALA L 239 -48.49 -81.23 -46.01
CA ALA L 239 -47.45 -81.37 -47.03
C ALA L 239 -47.07 -80.06 -47.72
N GLU L 240 -48.00 -79.11 -47.83
CA GLU L 240 -47.74 -77.86 -48.57
C GLU L 240 -47.59 -76.57 -47.75
N THR L 241 -48.12 -76.55 -46.53
CA THR L 241 -48.17 -75.34 -45.75
C THR L 241 -47.80 -75.54 -44.28
N VAL L 242 -47.42 -74.45 -43.64
CA VAL L 242 -47.17 -74.48 -42.20
C VAL L 242 -48.05 -73.43 -41.54
N GLN L 243 -48.74 -73.83 -40.47
CA GLN L 243 -49.50 -72.90 -39.64
C GLN L 243 -48.73 -72.41 -38.42
N LEU L 244 -48.48 -71.10 -38.42
CA LEU L 244 -47.77 -70.41 -37.35
C LEU L 244 -48.67 -69.36 -36.71
N TYR L 245 -48.15 -68.64 -35.71
CA TYR L 245 -48.87 -67.46 -35.20
C TYR L 245 -47.89 -66.44 -34.64
N LEU L 246 -48.32 -65.19 -34.60
CA LEU L 246 -47.69 -64.18 -33.74
C LEU L 246 -48.51 -64.08 -32.48
N GLU L 247 -47.84 -64.01 -31.34
CA GLU L 247 -48.51 -63.72 -30.07
C GLU L 247 -47.73 -62.81 -29.16
N GLU L 248 -48.45 -62.15 -28.26
CA GLU L 248 -47.87 -61.41 -27.14
C GLU L 248 -48.89 -61.44 -26.01
N THR L 249 -48.39 -61.31 -24.78
CA THR L 249 -49.27 -61.26 -23.60
C THR L 249 -48.95 -59.98 -22.88
N LEU L 250 -49.95 -59.10 -22.81
CA LEU L 250 -49.74 -57.77 -22.23
C LEU L 250 -51.03 -57.24 -21.64
N THR L 251 -50.96 -56.04 -21.06
CA THR L 251 -52.15 -55.21 -20.87
C THR L 251 -51.75 -53.75 -20.89
N PHE L 252 -52.74 -52.87 -20.92
CA PHE L 252 -52.45 -51.44 -20.89
C PHE L 252 -53.18 -50.80 -19.74
N LEU L 253 -52.51 -49.92 -19.02
CA LEU L 253 -53.18 -49.15 -17.97
C LEU L 253 -52.91 -47.66 -18.18
N CYS L 254 -53.95 -46.85 -18.02
CA CYS L 254 -53.80 -45.40 -18.10
C CYS L 254 -53.99 -44.85 -16.67
N TYR L 255 -52.98 -44.15 -16.18
CA TYR L 255 -53.01 -43.68 -14.80
C TYR L 255 -53.46 -42.21 -14.65
N THR L 256 -53.55 -41.46 -15.74
CA THR L 256 -53.75 -40.01 -15.65
C THR L 256 -54.68 -39.51 -16.70
N SER L 257 -55.92 -39.23 -16.29
CA SER L 257 -56.97 -38.83 -17.21
C SER L 257 -56.64 -37.50 -17.89
N GLU L 258 -55.97 -36.60 -17.19
CA GLU L 258 -55.67 -35.29 -17.79
C GLU L 258 -54.39 -35.23 -18.63
N ALA L 259 -53.75 -36.37 -18.89
CA ALA L 259 -52.45 -36.32 -19.56
C ALA L 259 -52.59 -36.49 -21.06
N SER L 260 -53.83 -36.53 -21.54
CA SER L 260 -54.07 -36.68 -22.97
C SER L 260 -55.24 -35.84 -23.42
N VAL L 261 -55.28 -35.57 -24.71
CA VAL L 261 -56.43 -34.94 -25.35
C VAL L 261 -56.77 -35.78 -26.55
N ALA L 262 -58.03 -36.19 -26.66
CA ALA L 262 -58.52 -36.92 -27.83
C ALA L 262 -59.09 -35.94 -28.86
N LEU L 263 -58.83 -36.19 -30.14
CA LEU L 263 -59.40 -35.37 -31.20
C LEU L 263 -60.14 -36.27 -32.16
N THR L 264 -61.42 -36.02 -32.35
CA THR L 264 -62.22 -36.94 -33.15
C THR L 264 -62.21 -36.57 -34.64
N PRO L 265 -62.36 -37.58 -35.52
CA PRO L 265 -62.29 -37.36 -36.97
C PRO L 265 -63.44 -36.52 -37.49
N MET M 1 -38.31 -32.26 14.48
CA MET M 1 -39.39 -31.78 13.59
C MET M 1 -39.30 -30.29 13.39
N ASN M 2 -39.72 -29.87 12.20
CA ASN M 2 -39.84 -28.47 11.90
C ASN M 2 -41.31 -28.10 11.82
N ASN M 3 -41.56 -26.83 11.52
CA ASN M 3 -42.91 -26.29 11.51
C ASN M 3 -43.89 -26.98 10.57
N LEU M 4 -43.40 -27.75 9.60
CA LEU M 4 -44.29 -28.43 8.66
C LEU M 4 -45.00 -29.61 9.33
N TYR M 5 -44.37 -30.16 10.37
CA TYR M 5 -44.84 -31.32 11.14
C TYR M 5 -45.19 -32.52 10.26
N ARG M 6 -44.37 -32.74 9.23
CA ARG M 6 -44.65 -33.81 8.28
C ARG M 6 -44.74 -35.16 8.98
N GLU M 7 -43.92 -35.35 10.00
CA GLU M 7 -43.79 -36.63 10.68
C GLU M 7 -45.08 -37.05 11.40
N LEU M 8 -46.04 -36.13 11.55
CA LEU M 8 -47.29 -36.43 12.25
C LEU M 8 -48.41 -36.89 11.33
N ALA M 9 -48.25 -36.65 10.03
CA ALA M 9 -49.24 -37.01 9.03
C ALA M 9 -49.21 -38.52 8.76
N PRO M 10 -50.38 -39.20 8.73
CA PRO M 10 -50.40 -40.61 8.32
C PRO M 10 -50.16 -40.73 6.81
N VAL M 11 -48.92 -40.49 6.41
CA VAL M 11 -48.52 -40.46 5.02
C VAL M 11 -47.19 -41.22 4.97
N THR M 12 -47.12 -42.25 4.15
CA THR M 12 -45.93 -43.06 4.05
C THR M 12 -44.89 -42.32 3.20
N ASP M 13 -43.64 -42.74 3.32
CA ASP M 13 -42.55 -42.13 2.57
C ASP M 13 -42.87 -42.13 1.10
N ALA M 14 -43.46 -43.23 0.63
CA ALA M 14 -43.74 -43.40 -0.79
C ALA M 14 -44.80 -42.40 -1.22
N ALA M 15 -45.84 -42.24 -0.41
CA ALA M 15 -46.87 -41.26 -0.69
C ALA M 15 -46.29 -39.83 -0.68
N TRP M 16 -45.41 -39.53 0.26
CA TRP M 16 -44.77 -38.20 0.32
C TRP M 16 -44.05 -37.92 -0.96
N HIS M 17 -43.29 -38.91 -1.44
CA HIS M 17 -42.48 -38.74 -2.63
C HIS M 17 -43.38 -38.37 -3.79
N GLU M 18 -44.54 -39.02 -3.88
CA GLU M 18 -45.44 -38.78 -4.99
C GLU M 18 -46.07 -37.40 -4.91
N ILE M 19 -46.48 -37.03 -3.70
CA ILE M 19 -47.12 -35.76 -3.43
C ILE M 19 -46.16 -34.61 -3.74
N GLU M 20 -44.92 -34.69 -3.28
CA GLU M 20 -43.87 -33.73 -3.65
C GLU M 20 -43.72 -33.61 -5.15
N THR M 21 -43.56 -34.77 -5.81
CA THR M 21 -43.27 -34.81 -7.22
C THR M 21 -44.37 -34.13 -8.00
N GLU M 22 -45.62 -34.41 -7.64
CA GLU M 22 -46.76 -33.80 -8.29
C GLU M 22 -46.82 -32.28 -8.06
N ALA M 23 -46.61 -31.87 -6.80
CA ALA M 23 -46.65 -30.47 -6.43
C ALA M 23 -45.63 -29.70 -7.26
N ILE M 24 -44.40 -30.22 -7.32
CA ILE M 24 -43.29 -29.49 -7.90
C ILE M 24 -43.46 -29.33 -9.40
N ARG M 25 -43.81 -30.42 -10.09
CA ARG M 25 -43.93 -30.35 -11.54
C ARG M 25 -45.16 -29.55 -11.98
N THR M 26 -46.28 -29.69 -11.26
CA THR M 26 -47.47 -28.87 -11.52
C THR M 26 -47.16 -27.39 -11.30
N PHE M 27 -46.56 -27.04 -10.16
CA PHE M 27 -46.11 -25.66 -9.90
C PHE M 27 -45.28 -25.13 -11.07
N LYS M 28 -44.27 -25.89 -11.46
CA LYS M 28 -43.36 -25.50 -12.53
C LYS M 28 -44.11 -25.31 -13.86
N ARG M 29 -45.17 -26.09 -14.07
CA ARG M 29 -45.90 -26.02 -15.32
C ARG M 29 -46.67 -24.71 -15.41
N HIS M 30 -47.05 -24.14 -14.27
CA HIS M 30 -47.88 -22.93 -14.24
C HIS M 30 -47.11 -21.64 -14.07
N ILE M 31 -45.96 -21.71 -13.41
CA ILE M 31 -45.24 -20.52 -12.98
C ILE M 31 -44.47 -19.87 -14.14
N ALA M 32 -44.55 -18.55 -14.24
CA ALA M 32 -43.82 -17.82 -15.28
C ALA M 32 -42.84 -16.77 -14.74
N GLY M 33 -43.21 -16.07 -13.67
CA GLY M 33 -42.31 -15.10 -13.05
C GLY M 33 -40.88 -15.60 -12.79
N ARG M 34 -40.76 -16.75 -12.13
CA ARG M 34 -39.45 -17.34 -11.82
C ARG M 34 -38.57 -17.56 -13.03
N ARG M 35 -39.17 -17.58 -14.21
CA ARG M 35 -38.39 -17.79 -15.43
C ARG M 35 -37.77 -16.50 -15.93
N VAL M 36 -38.22 -15.35 -15.41
CA VAL M 36 -37.63 -14.09 -15.87
C VAL M 36 -37.02 -13.20 -14.79
N VAL M 37 -37.52 -13.31 -13.56
CA VAL M 37 -37.01 -12.47 -12.48
C VAL M 37 -35.83 -13.16 -11.76
N ASP M 38 -35.09 -12.43 -10.94
CA ASP M 38 -34.05 -13.04 -10.14
C ASP M 38 -34.72 -13.71 -8.94
N VAL M 39 -34.47 -15.01 -8.78
CA VAL M 39 -35.05 -15.72 -7.66
C VAL M 39 -33.90 -16.02 -6.72
N SER M 40 -33.94 -15.46 -5.50
CA SER M 40 -32.86 -15.64 -4.53
C SER M 40 -32.83 -17.06 -3.94
N GLU M 41 -31.67 -17.45 -3.40
CA GLU M 41 -31.60 -18.64 -2.56
C GLU M 41 -32.41 -18.40 -1.28
N PRO M 42 -33.23 -19.39 -0.92
CA PRO M 42 -34.04 -19.31 0.30
C PRO M 42 -33.15 -18.95 1.51
N SER M 43 -33.54 -17.92 2.26
CA SER M 43 -32.70 -17.45 3.36
C SER M 43 -33.10 -18.05 4.71
N GLY M 44 -34.18 -18.83 4.75
CA GLY M 44 -34.59 -19.52 5.98
C GLY M 44 -35.78 -18.90 6.68
N PRO M 45 -36.38 -19.62 7.65
CA PRO M 45 -37.66 -19.18 8.21
C PRO M 45 -37.56 -17.94 9.12
N VAL M 46 -36.34 -17.52 9.44
CA VAL M 46 -36.22 -16.36 10.35
C VAL M 46 -36.44 -15.05 9.59
N THR M 47 -36.08 -15.00 8.30
CA THR M 47 -36.21 -13.79 7.51
C THR M 47 -37.64 -13.25 7.50
N ALA M 48 -37.80 -11.96 7.78
CA ALA M 48 -39.12 -11.32 7.86
C ALA M 48 -39.28 -10.14 6.93
N ALA M 49 -38.16 -9.60 6.46
CA ALA M 49 -38.20 -8.36 5.67
C ALA M 49 -36.96 -8.20 4.82
N VAL M 50 -37.09 -7.44 3.74
CA VAL M 50 -35.96 -7.13 2.89
C VAL M 50 -35.66 -5.65 3.05
N SER M 51 -34.43 -5.31 3.46
CA SER M 51 -34.05 -3.90 3.54
C SER M 51 -34.11 -3.25 2.15
N THR M 52 -34.70 -2.07 2.06
CA THR M 52 -34.73 -1.35 0.77
C THR M 52 -33.60 -0.30 0.69
N GLY M 53 -32.91 -0.08 1.81
CA GLY M 53 -31.84 0.89 1.87
C GLY M 53 -32.28 2.31 2.20
N HIS M 54 -33.58 2.59 2.15
CA HIS M 54 -34.06 3.97 2.31
C HIS M 54 -34.34 4.31 3.78
N LEU M 55 -34.56 5.59 4.02
CA LEU M 55 -34.82 6.14 5.34
C LEU M 55 -36.18 6.81 5.35
N ARG M 56 -36.92 6.63 6.44
CA ARG M 56 -38.17 7.32 6.65
C ARG M 56 -37.96 8.35 7.77
N ASP M 57 -38.34 9.60 7.55
CA ASP M 57 -38.34 10.59 8.64
C ASP M 57 -39.23 10.17 9.79
N ILE M 58 -38.76 10.37 11.02
CA ILE M 58 -39.65 10.30 12.19
C ILE M 58 -39.37 11.48 13.11
N SER M 59 -40.31 11.81 13.99
CA SER M 59 -40.04 12.84 14.98
C SER M 59 -38.88 12.40 15.88
N PRO M 60 -37.96 13.34 16.20
CA PRO M 60 -36.75 13.01 16.96
C PRO M 60 -37.09 12.72 18.42
N PRO M 61 -36.18 12.05 19.14
CA PRO M 61 -36.43 11.78 20.54
C PRO M 61 -36.19 13.02 21.41
N GLY M 62 -35.71 14.10 20.81
CA GLY M 62 -35.40 15.32 21.54
C GLY M 62 -34.60 16.26 20.65
N ASP M 63 -34.40 17.48 21.14
CA ASP M 63 -33.74 18.53 20.37
C ASP M 63 -32.29 18.20 20.01
N GLY M 64 -31.86 18.55 18.82
CA GLY M 64 -30.46 18.29 18.47
C GLY M 64 -30.19 16.86 18.03
N VAL M 65 -31.23 16.05 17.89
CA VAL M 65 -31.08 14.70 17.34
C VAL M 65 -31.91 14.56 16.08
N VAL M 66 -31.34 13.95 15.04
CA VAL M 66 -32.08 13.56 13.83
C VAL M 66 -32.36 12.05 13.82
N ALA M 67 -33.62 11.66 13.65
CA ALA M 67 -33.97 10.25 13.66
C ALA M 67 -34.60 9.82 12.32
N HIS M 68 -34.25 8.63 11.84
CA HIS M 68 -34.91 8.05 10.65
C HIS M 68 -35.16 6.57 10.87
N LEU M 69 -36.32 6.06 10.45
CA LEU M 69 -36.51 4.61 10.46
C LEU M 69 -35.90 3.98 9.22
N ARG M 70 -35.26 2.84 9.39
CA ARG M 70 -34.77 2.06 8.27
C ARG M 70 -35.98 1.38 7.64
N GLU M 71 -36.20 1.68 6.35
CA GLU M 71 -37.33 1.11 5.60
C GLU M 71 -37.05 -0.33 5.08
N SER M 72 -38.06 -1.19 5.17
CA SER M 72 -37.98 -2.53 4.58
C SER M 72 -39.32 -3.01 4.07
N LYS M 73 -39.31 -3.97 3.17
CA LYS M 73 -40.53 -4.66 2.72
C LYS M 73 -40.72 -5.96 3.46
N PRO M 74 -41.92 -6.18 4.00
CA PRO M 74 -42.20 -7.41 4.75
C PRO M 74 -42.38 -8.60 3.81
N LEU M 75 -42.01 -9.80 4.26
CA LEU M 75 -42.27 -10.99 3.47
C LEU M 75 -43.70 -11.43 3.80
N VAL M 76 -44.31 -12.16 2.86
CA VAL M 76 -45.64 -12.69 3.08
C VAL M 76 -45.58 -14.21 3.02
N ARG M 77 -46.26 -14.85 3.95
CA ARG M 77 -46.46 -16.29 3.88
C ARG M 77 -47.74 -16.54 3.14
N LEU M 78 -47.65 -17.33 2.07
CA LEU M 78 -48.84 -17.80 1.35
C LEU M 78 -49.02 -19.27 1.62
N ARG M 79 -50.19 -19.65 2.10
CA ARG M 79 -50.48 -21.04 2.42
C ARG M 79 -51.77 -21.46 1.73
N VAL M 80 -51.69 -22.58 0.99
CA VAL M 80 -52.82 -23.13 0.27
C VAL M 80 -53.11 -24.52 0.83
N PRO M 81 -54.16 -24.63 1.67
CA PRO M 81 -54.49 -25.92 2.25
C PRO M 81 -55.13 -26.78 1.19
N PHE M 82 -54.98 -28.09 1.32
CA PHE M 82 -55.71 -29.03 0.48
C PHE M 82 -55.92 -30.34 1.23
N THR M 83 -56.90 -31.13 0.81
CA THR M 83 -57.22 -32.38 1.47
C THR M 83 -57.10 -33.55 0.51
N VAL M 84 -56.34 -34.57 0.91
CA VAL M 84 -56.25 -35.81 0.14
C VAL M 84 -56.87 -36.99 0.89
N THR M 85 -57.31 -38.01 0.17
CA THR M 85 -57.93 -39.17 0.83
C THR M 85 -56.84 -40.12 1.34
N ARG M 86 -57.16 -40.83 2.42
CA ARG M 86 -56.23 -41.80 2.95
C ARG M 86 -56.14 -43.04 2.06
N SER M 87 -57.17 -43.32 1.26
CA SER M 87 -57.06 -44.40 0.28
C SER M 87 -56.07 -44.05 -0.84
N ALA M 88 -56.13 -42.82 -1.35
CA ALA M 88 -55.06 -42.33 -2.22
C ALA M 88 -53.68 -42.54 -1.59
N ILE M 89 -53.52 -42.16 -0.32
CA ILE M 89 -52.23 -42.29 0.37
C ILE M 89 -51.79 -43.76 0.51
N ASP M 90 -52.64 -44.61 1.11
CA ASP M 90 -52.28 -45.98 1.43
C ASP M 90 -52.05 -46.89 0.23
N ASP M 91 -52.79 -46.66 -0.85
CA ASP M 91 -52.69 -47.42 -2.09
C ASP M 91 -51.29 -47.36 -2.71
N VAL M 92 -50.58 -46.24 -2.48
CA VAL M 92 -49.28 -46.01 -3.10
C VAL M 92 -48.32 -47.17 -2.77
N GLU M 93 -48.23 -47.47 -1.48
CA GLU M 93 -47.37 -48.55 -1.03
C GLU M 93 -47.84 -49.89 -1.61
N ARG M 94 -49.13 -50.00 -1.96
CA ARG M 94 -49.62 -51.22 -2.58
C ARG M 94 -49.35 -51.27 -4.07
N GLY M 95 -48.67 -50.28 -4.63
CA GLY M 95 -48.30 -50.30 -6.04
C GLY M 95 -49.18 -49.44 -6.95
N SER M 96 -50.15 -48.73 -6.35
CA SER M 96 -51.00 -47.79 -7.09
C SER M 96 -50.23 -46.66 -7.78
N GLN M 97 -50.56 -46.44 -9.04
CA GLN M 97 -49.94 -45.37 -9.81
C GLN M 97 -50.93 -44.28 -10.23
N ASP M 98 -52.17 -44.38 -9.77
CA ASP M 98 -53.19 -43.43 -10.13
C ASP M 98 -53.97 -42.90 -8.90
N SER M 99 -53.31 -42.84 -7.74
CA SER M 99 -53.94 -42.19 -6.58
C SER M 99 -54.33 -40.75 -6.97
N ASP M 100 -55.49 -40.34 -6.48
CA ASP M 100 -56.02 -39.02 -6.79
C ASP M 100 -55.21 -37.86 -6.14
N TRP M 101 -54.27 -37.27 -6.90
CA TRP M 101 -53.57 -36.08 -6.41
C TRP M 101 -54.13 -34.78 -6.99
N ASP M 102 -55.34 -34.82 -7.56
CA ASP M 102 -56.00 -33.59 -7.99
C ASP M 102 -55.98 -32.46 -6.96
N PRO M 103 -56.22 -32.79 -5.66
CA PRO M 103 -56.13 -31.68 -4.71
C PRO M 103 -54.73 -31.05 -4.62
N VAL M 104 -53.69 -31.83 -4.85
CA VAL M 104 -52.31 -31.31 -4.86
C VAL M 104 -52.15 -30.36 -6.03
N LYS M 105 -52.58 -30.81 -7.19
CA LYS M 105 -52.46 -30.04 -8.42
C LYS M 105 -53.31 -28.76 -8.38
N ALA M 106 -54.49 -28.84 -7.78
CA ALA M 106 -55.32 -27.66 -7.57
C ALA M 106 -54.63 -26.64 -6.66
N ALA M 107 -54.03 -27.13 -5.57
CA ALA M 107 -53.28 -26.29 -4.65
C ALA M 107 -52.07 -25.68 -5.36
N ALA M 108 -51.38 -26.46 -6.18
CA ALA M 108 -50.15 -25.98 -6.82
C ALA M 108 -50.45 -24.90 -7.85
N LYS M 109 -51.52 -25.11 -8.63
CA LYS M 109 -51.95 -24.11 -9.60
C LYS M 109 -52.34 -22.83 -8.86
N LYS M 110 -53.04 -23.00 -7.74
CA LYS M 110 -53.53 -21.86 -6.96
C LYS M 110 -52.35 -21.00 -6.45
N LEU M 111 -51.36 -21.65 -5.81
CA LEU M 111 -50.16 -20.97 -5.34
C LEU M 111 -49.42 -20.28 -6.46
N ALA M 112 -49.20 -20.99 -7.57
CA ALA M 112 -48.51 -20.45 -8.73
C ALA M 112 -49.22 -19.21 -9.24
N PHE M 113 -50.55 -19.28 -9.36
CA PHE M 113 -51.30 -18.16 -9.91
C PHE M 113 -51.18 -16.97 -8.95
N VAL M 114 -51.21 -17.27 -7.65
CA VAL M 114 -51.10 -16.22 -6.65
C VAL M 114 -49.72 -15.57 -6.72
N GLU M 115 -48.67 -16.38 -6.82
CA GLU M 115 -47.30 -15.87 -6.89
C GLU M 115 -47.13 -14.99 -8.14
N ASP M 116 -47.55 -15.49 -9.30
CA ASP M 116 -47.38 -14.72 -10.54
C ASP M 116 -48.26 -13.47 -10.58
N ARG M 117 -49.45 -13.54 -9.98
CA ARG M 117 -50.30 -12.36 -9.92
C ARG M 117 -49.69 -11.27 -9.02
N ALA M 118 -49.05 -11.70 -7.93
CA ALA M 118 -48.34 -10.76 -7.07
C ALA M 118 -47.24 -10.09 -7.86
N ILE M 119 -46.42 -10.88 -8.56
CA ILE M 119 -45.29 -10.35 -9.28
C ILE M 119 -45.70 -9.38 -10.38
N PHE M 120 -46.70 -9.76 -11.16
CA PHE M 120 -47.04 -8.96 -12.34
C PHE M 120 -48.14 -7.96 -12.06
N GLU M 121 -49.08 -8.32 -11.20
CA GLU M 121 -50.24 -7.48 -11.03
C GLU M 121 -50.27 -6.83 -9.64
N GLY M 122 -49.35 -7.21 -8.76
CA GLY M 122 -49.29 -6.60 -7.43
C GLY M 122 -50.23 -7.25 -6.42
N TYR M 123 -49.92 -7.03 -5.15
CA TYR M 123 -50.68 -7.61 -4.04
C TYR M 123 -50.65 -6.59 -2.90
N PRO M 124 -51.58 -5.61 -2.93
CA PRO M 124 -51.59 -4.44 -2.03
C PRO M 124 -51.44 -4.77 -0.55
N ALA M 125 -52.25 -5.72 -0.07
CA ALA M 125 -52.27 -6.09 1.34
C ALA M 125 -50.90 -6.62 1.81
N ALA M 126 -50.11 -7.17 0.88
CA ALA M 126 -48.80 -7.69 1.22
C ALA M 126 -47.73 -6.68 0.89
N GLN M 127 -48.16 -5.48 0.54
CA GLN M 127 -47.25 -4.38 0.17
C GLN M 127 -46.40 -4.71 -1.06
N ILE M 128 -46.91 -5.54 -1.96
CA ILE M 128 -46.16 -5.86 -3.16
C ILE M 128 -46.68 -5.04 -4.33
N ASP M 129 -45.79 -4.26 -4.93
CA ASP M 129 -46.05 -3.63 -6.23
C ASP M 129 -45.61 -4.55 -7.37
N GLY M 130 -46.56 -4.89 -8.24
CA GLY M 130 -46.26 -5.69 -9.42
C GLY M 130 -45.56 -4.89 -10.51
N ILE M 131 -45.06 -5.60 -11.50
CA ILE M 131 -44.45 -4.99 -12.65
C ILE M 131 -45.44 -4.00 -13.32
N ARG M 132 -46.72 -4.34 -13.29
CA ARG M 132 -47.73 -3.48 -13.86
C ARG M 132 -47.77 -2.12 -13.17
N GLN M 133 -47.60 -2.09 -11.85
CA GLN M 133 -47.61 -0.81 -11.11
C GLN M 133 -46.27 -0.11 -11.29
N CYS M 134 -45.20 -0.89 -11.31
CA CYS M 134 -43.84 -0.39 -11.27
C CYS M 134 -43.46 0.28 -12.61
N THR M 135 -43.94 -0.27 -13.71
CA THR M 135 -43.50 0.15 -15.04
C THR M 135 -43.71 1.65 -15.33
N SER M 136 -42.72 2.25 -15.98
CA SER M 136 -42.83 3.64 -16.39
C SER M 136 -42.88 3.83 -17.91
N ASN M 137 -42.75 2.75 -18.70
CA ASN M 137 -42.84 2.89 -20.16
C ASN M 137 -44.30 2.95 -20.60
N PRO M 138 -44.57 3.58 -21.76
CA PRO M 138 -45.94 3.64 -22.28
C PRO M 138 -46.56 2.25 -22.35
N VAL M 139 -47.76 2.09 -21.80
CA VAL M 139 -48.48 0.82 -21.85
C VAL M 139 -49.09 0.59 -23.22
N LEU M 140 -48.97 -0.61 -23.76
CA LEU M 140 -49.44 -0.89 -25.12
C LEU M 140 -50.67 -1.78 -25.11
N GLN M 141 -51.46 -1.67 -26.17
CA GLN M 141 -52.74 -2.37 -26.28
C GLN M 141 -52.52 -3.62 -27.14
N LEU M 142 -52.91 -4.79 -26.66
CA LEU M 142 -52.88 -5.98 -27.51
C LEU M 142 -53.90 -5.82 -28.65
N PRO M 143 -53.50 -6.11 -29.90
CA PRO M 143 -54.39 -5.83 -31.04
C PRO M 143 -55.51 -6.86 -31.14
N ASP M 144 -56.60 -6.51 -31.84
CA ASP M 144 -57.74 -7.42 -32.04
C ASP M 144 -57.35 -8.57 -32.93
N ASP M 145 -56.61 -8.22 -33.98
CA ASP M 145 -56.09 -9.16 -34.95
C ASP M 145 -54.76 -9.73 -34.42
N ALA M 146 -54.76 -11.02 -34.08
CA ALA M 146 -53.55 -11.70 -33.59
C ALA M 146 -52.36 -11.54 -34.56
N ARG M 147 -52.65 -11.35 -35.84
CA ARG M 147 -51.61 -11.18 -36.84
C ARG M 147 -50.78 -9.91 -36.62
N ASP M 148 -51.32 -8.96 -35.84
CA ASP M 148 -50.61 -7.71 -35.55
C ASP M 148 -49.83 -7.75 -34.23
N ILE M 149 -49.91 -8.88 -33.51
CA ILE M 149 -49.18 -9.01 -32.25
C ILE M 149 -47.70 -8.68 -32.41
N THR M 150 -47.09 -9.07 -33.53
CA THR M 150 -45.66 -8.81 -33.69
C THR M 150 -45.31 -7.31 -33.73
N ASP M 151 -46.20 -6.51 -34.29
CA ASP M 151 -46.09 -5.04 -34.26
C ASP M 151 -45.93 -4.50 -32.83
N VAL M 152 -46.82 -4.90 -31.91
CA VAL M 152 -46.76 -4.34 -30.56
C VAL M 152 -45.53 -4.81 -29.78
N ILE M 153 -45.14 -6.07 -29.96
CA ILE M 153 -43.91 -6.57 -29.34
C ILE M 153 -42.73 -5.78 -29.86
N ALA M 154 -42.68 -5.54 -31.17
CA ALA M 154 -41.63 -4.73 -31.75
C ALA M 154 -41.63 -3.32 -31.16
N GLN M 155 -42.81 -2.71 -30.95
CA GLN M 155 -42.86 -1.41 -30.28
C GLN M 155 -42.36 -1.48 -28.83
N ALA M 156 -42.79 -2.52 -28.11
CA ALA M 156 -42.33 -2.72 -26.74
C ALA M 156 -40.82 -2.82 -26.68
N LEU M 157 -40.24 -3.56 -27.63
CA LEU M 157 -38.80 -3.75 -27.63
C LEU M 157 -38.07 -2.42 -27.85
N SER M 158 -38.59 -1.63 -28.79
CA SER M 158 -38.09 -0.29 -29.01
C SER M 158 -38.20 0.61 -27.76
N GLU M 159 -39.32 0.53 -27.03
CA GLU M 159 -39.47 1.25 -25.79
C GLU M 159 -38.37 0.89 -24.80
N LEU M 160 -38.04 -0.40 -24.68
CA LEU M 160 -36.98 -0.80 -23.73
C LEU M 160 -35.62 -0.29 -24.18
N ARG M 161 -35.32 -0.45 -25.47
CA ARG M 161 -34.07 0.09 -26.02
C ARG M 161 -33.94 1.61 -25.83
N LEU M 162 -34.99 2.37 -26.14
CA LEU M 162 -34.93 3.79 -26.06
C LEU M 162 -34.77 4.29 -24.65
N ALA M 163 -35.21 3.48 -23.70
CA ALA M 163 -35.06 3.75 -22.28
C ALA M 163 -33.67 3.35 -21.78
N GLY M 164 -32.83 2.87 -22.68
CA GLY M 164 -31.43 2.58 -22.36
C GLY M 164 -31.25 1.27 -21.62
N VAL M 165 -32.25 0.39 -21.72
CA VAL M 165 -32.19 -0.88 -21.01
C VAL M 165 -31.61 -1.96 -21.91
N ASP M 166 -30.49 -2.55 -21.48
CA ASP M 166 -29.88 -3.67 -22.25
C ASP M 166 -30.69 -4.96 -22.08
N GLY M 167 -30.56 -5.89 -23.03
CA GLY M 167 -31.25 -7.19 -23.00
C GLY M 167 -30.49 -8.25 -22.21
N PRO M 168 -30.77 -9.54 -22.45
CA PRO M 168 -31.75 -9.98 -23.43
C PRO M 168 -33.19 -9.70 -23.00
N TYR M 169 -34.11 -9.79 -23.94
CA TYR M 169 -35.50 -9.46 -23.69
C TYR M 169 -36.39 -10.71 -23.79
N SER M 170 -37.30 -10.88 -22.84
CA SER M 170 -38.25 -11.98 -22.88
C SER M 170 -39.67 -11.45 -22.88
N VAL M 171 -40.59 -12.28 -23.37
CA VAL M 171 -42.01 -11.91 -23.51
C VAL M 171 -42.85 -12.90 -22.77
N LEU M 172 -43.75 -12.40 -21.93
CA LEU M 172 -44.64 -13.24 -21.15
C LEU M 172 -46.02 -13.07 -21.70
N LEU M 173 -46.67 -14.19 -22.03
CA LEU M 173 -47.95 -14.14 -22.72
C LEU M 173 -48.98 -14.88 -21.89
N SER M 174 -50.18 -14.29 -21.79
CA SER M 174 -51.31 -14.97 -21.15
C SER M 174 -51.59 -16.27 -21.90
N ALA M 175 -52.38 -17.14 -21.28
CA ALA M 175 -52.76 -18.42 -21.90
C ALA M 175 -53.41 -18.19 -23.26
N GLU M 176 -54.34 -17.24 -23.31
CA GLU M 176 -55.09 -16.95 -24.53
C GLU M 176 -54.18 -16.41 -25.63
N VAL M 177 -53.39 -15.38 -25.33
CA VAL M 177 -52.48 -14.81 -26.33
C VAL M 177 -51.42 -15.83 -26.77
N TYR M 178 -50.87 -16.59 -25.82
CA TYR M 178 -49.86 -17.58 -26.14
C TYR M 178 -50.40 -18.59 -27.16
N THR M 179 -51.61 -19.08 -26.91
CA THR M 179 -52.25 -20.01 -27.82
C THR M 179 -52.48 -19.37 -29.21
N LYS M 180 -52.98 -18.13 -29.25
CA LYS M 180 -53.17 -17.43 -30.52
C LYS M 180 -51.85 -17.26 -31.29
N VAL M 181 -50.83 -16.77 -30.60
CA VAL M 181 -49.52 -16.63 -31.21
C VAL M 181 -49.02 -17.97 -31.78
N SER M 182 -49.34 -19.07 -31.12
CA SER M 182 -48.72 -20.32 -31.50
C SER M 182 -49.43 -20.94 -32.70
N GLU M 183 -50.69 -20.58 -32.90
CA GLU M 183 -51.48 -21.14 -34.02
C GLU M 183 -51.64 -20.23 -35.25
N THR M 184 -51.45 -18.93 -35.05
CA THR M 184 -51.83 -17.97 -36.06
C THR M 184 -50.82 -17.90 -37.20
N THR M 185 -51.33 -17.79 -38.42
CA THR M 185 -50.48 -17.55 -39.57
C THR M 185 -50.97 -16.28 -40.24
N GLU M 186 -50.05 -15.61 -40.93
CA GLU M 186 -50.36 -14.47 -41.76
C GLU M 186 -49.96 -14.88 -43.15
N HIS M 187 -50.96 -15.05 -44.01
CA HIS M 187 -50.77 -15.60 -45.35
C HIS M 187 -49.95 -16.90 -45.33
N GLY M 188 -50.28 -17.77 -44.37
CA GLY M 188 -49.62 -19.04 -44.24
C GLY M 188 -48.39 -19.02 -43.36
N TYR M 189 -47.77 -17.87 -43.18
CA TYR M 189 -46.53 -17.84 -42.44
C TYR M 189 -46.81 -17.74 -40.93
N PRO M 190 -46.32 -18.73 -40.15
CA PRO M 190 -46.60 -18.72 -38.71
C PRO M 190 -45.94 -17.49 -38.05
N ILE M 191 -46.79 -16.67 -37.44
CA ILE M 191 -46.31 -15.49 -36.73
C ILE M 191 -45.37 -15.86 -35.59
N ARG M 192 -45.50 -17.08 -35.07
CA ARG M 192 -44.59 -17.53 -34.02
C ARG M 192 -43.15 -17.60 -34.50
N GLU M 193 -42.92 -17.96 -35.77
CA GLU M 193 -41.56 -17.98 -36.29
C GLU M 193 -41.01 -16.57 -36.31
N HIS M 194 -41.84 -15.61 -36.69
CA HIS M 194 -41.44 -14.20 -36.72
C HIS M 194 -41.10 -13.75 -35.30
N LEU M 195 -42.01 -14.00 -34.37
CA LEU M 195 -41.89 -13.52 -33.01
C LEU M 195 -40.70 -14.15 -32.28
N ASN M 196 -40.50 -15.45 -32.48
CA ASN M 196 -39.38 -16.16 -31.85
C ASN M 196 -38.02 -15.63 -32.26
N ARG M 197 -37.88 -15.23 -33.52
CA ARG M 197 -36.59 -14.72 -33.96
C ARG M 197 -36.41 -13.23 -33.60
N LEU M 198 -37.50 -12.57 -33.27
CA LEU M 198 -37.49 -11.17 -32.95
C LEU M 198 -36.99 -10.96 -31.53
N VAL M 199 -37.12 -11.99 -30.73
CA VAL M 199 -36.85 -11.91 -29.31
C VAL M 199 -35.61 -12.74 -29.04
N ASP M 200 -34.52 -12.11 -28.62
CA ASP M 200 -33.32 -12.84 -28.21
C ASP M 200 -33.52 -13.75 -26.95
N GLY M 201 -34.49 -13.43 -26.09
CA GLY M 201 -34.79 -14.27 -24.94
C GLY M 201 -35.86 -15.30 -25.25
N ASP M 202 -36.81 -15.46 -24.33
CA ASP M 202 -37.88 -16.46 -24.47
C ASP M 202 -39.27 -15.85 -24.61
N ILE M 203 -40.18 -16.65 -25.17
CA ILE M 203 -41.59 -16.33 -25.17
C ILE M 203 -42.21 -17.31 -24.21
N ILE M 204 -42.73 -16.81 -23.10
CA ILE M 204 -43.07 -17.65 -21.97
C ILE M 204 -44.57 -17.81 -21.78
N TRP M 205 -44.97 -19.06 -21.58
CA TRP M 205 -46.32 -19.42 -21.14
C TRP M 205 -46.60 -18.83 -19.76
N ALA M 206 -47.54 -17.90 -19.67
CA ALA M 206 -47.83 -17.19 -18.42
C ALA M 206 -49.31 -17.22 -18.12
N PRO M 207 -49.86 -18.41 -17.80
CA PRO M 207 -51.32 -18.50 -17.72
C PRO M 207 -51.97 -17.67 -16.59
N ALA M 208 -51.19 -17.19 -15.63
CA ALA M 208 -51.77 -16.47 -14.50
C ALA M 208 -52.15 -15.02 -14.83
N ILE M 209 -51.57 -14.46 -15.88
CA ILE M 209 -51.72 -13.04 -16.17
C ILE M 209 -52.68 -12.82 -17.30
N ASP M 210 -53.28 -11.65 -17.36
CA ASP M 210 -53.99 -11.20 -18.56
C ASP M 210 -53.05 -10.36 -19.37
N GLY M 211 -53.20 -10.37 -20.68
CA GLY M 211 -52.30 -9.58 -21.51
C GLY M 211 -50.90 -10.15 -21.64
N ALA M 212 -49.91 -9.26 -21.59
CA ALA M 212 -48.55 -9.61 -21.92
C ALA M 212 -47.57 -8.63 -21.30
N PHE M 213 -46.32 -9.05 -21.18
CA PHE M 213 -45.23 -8.21 -20.73
C PHE M 213 -44.00 -8.48 -21.57
N VAL M 214 -43.27 -7.42 -21.89
CA VAL M 214 -41.95 -7.53 -22.50
C VAL M 214 -40.99 -6.89 -21.51
N LEU M 215 -39.96 -7.64 -21.12
CA LEU M 215 -39.04 -7.12 -20.11
C LEU M 215 -37.62 -7.57 -20.32
N SER M 216 -36.68 -6.89 -19.69
CA SER M 216 -35.30 -7.29 -19.80
C SER M 216 -34.97 -8.31 -18.73
N THR M 217 -34.21 -9.34 -19.09
CA THR M 217 -33.72 -10.29 -18.10
C THR M 217 -32.23 -10.11 -17.85
N ARG M 218 -31.74 -8.89 -18.05
CA ARG M 218 -30.33 -8.63 -17.79
C ARG M 218 -29.97 -8.89 -16.33
N GLY M 219 -30.96 -8.97 -15.45
CA GLY M 219 -30.74 -9.19 -14.02
C GLY M 219 -30.64 -7.89 -13.20
N GLY M 220 -30.99 -7.98 -11.93
CA GLY M 220 -30.88 -6.82 -11.05
C GLY M 220 -32.07 -5.86 -11.07
N ASP M 221 -33.08 -6.12 -11.90
CA ASP M 221 -34.27 -5.28 -11.94
C ASP M 221 -35.45 -5.84 -11.15
N PHE M 222 -35.63 -7.16 -11.17
CA PHE M 222 -36.77 -7.78 -10.53
C PHE M 222 -36.30 -8.84 -9.54
N ASP M 223 -36.67 -8.63 -8.29
CA ASP M 223 -36.12 -9.38 -7.17
C ASP M 223 -37.22 -10.20 -6.49
N LEU M 224 -37.28 -11.50 -6.77
CA LEU M 224 -38.14 -12.39 -5.98
C LEU M 224 -37.33 -12.97 -4.81
N ARG M 225 -37.62 -12.51 -3.59
CA ARG M 225 -36.86 -12.95 -2.40
C ARG M 225 -37.53 -14.05 -1.67
N LEU M 226 -36.83 -15.18 -1.58
CA LEU M 226 -37.38 -16.33 -0.94
C LEU M 226 -36.87 -16.46 0.48
N GLY M 227 -37.80 -16.47 1.42
CA GLY M 227 -37.51 -16.83 2.80
C GLY M 227 -37.45 -18.35 2.85
N THR M 228 -38.58 -18.98 2.52
CA THR M 228 -38.65 -20.43 2.35
C THR M 228 -39.38 -20.72 1.04
N ASP M 229 -38.88 -21.71 0.30
CA ASP M 229 -39.45 -22.04 -0.98
C ASP M 229 -40.68 -22.90 -0.77
N VAL M 230 -41.43 -23.14 -1.84
CA VAL M 230 -42.61 -24.02 -1.85
C VAL M 230 -42.40 -25.26 -0.97
N SER M 231 -43.26 -25.43 0.01
CA SER M 231 -43.16 -26.53 0.96
C SER M 231 -44.49 -27.20 1.18
N ILE M 232 -44.45 -28.44 1.64
CA ILE M 232 -45.67 -29.14 1.99
C ILE M 232 -45.69 -29.51 3.46
N GLY M 233 -46.76 -29.13 4.14
CA GLY M 233 -46.88 -29.37 5.56
C GLY M 233 -48.20 -29.98 5.93
N TYR M 234 -48.32 -30.33 7.19
CA TYR M 234 -49.43 -31.10 7.68
C TYR M 234 -50.27 -30.27 8.64
N LEU M 235 -51.59 -30.38 8.53
CA LEU M 235 -52.51 -29.70 9.43
C LEU M 235 -53.24 -30.66 10.36
N SER M 236 -54.02 -31.60 9.81
CA SER M 236 -54.77 -32.54 10.63
C SER M 236 -55.14 -33.74 9.79
N HIS M 237 -55.89 -34.69 10.37
CA HIS M 237 -56.40 -35.84 9.64
C HIS M 237 -57.53 -36.48 10.41
N ASP M 238 -58.41 -37.19 9.72
CA ASP M 238 -59.41 -38.05 10.38
C ASP M 238 -59.32 -39.46 9.83
N ALA M 239 -60.36 -40.26 10.06
CA ALA M 239 -60.36 -41.64 9.60
C ALA M 239 -60.19 -41.77 8.08
N GLU M 240 -60.63 -40.76 7.33
CA GLU M 240 -60.71 -40.88 5.88
C GLU M 240 -59.85 -39.92 5.07
N THR M 241 -59.49 -38.78 5.62
CA THR M 241 -58.78 -37.75 4.86
C THR M 241 -57.58 -37.22 5.61
N VAL M 242 -56.65 -36.62 4.89
CA VAL M 242 -55.55 -35.88 5.53
C VAL M 242 -55.53 -34.44 5.01
N GLN M 243 -55.44 -33.46 5.90
CA GLN M 243 -55.34 -32.10 5.44
C GLN M 243 -53.92 -31.59 5.48
N LEU M 244 -53.44 -31.15 4.32
CA LEU M 244 -52.08 -30.68 4.13
C LEU M 244 -52.16 -29.27 3.59
N TYR M 245 -51.00 -28.68 3.31
CA TYR M 245 -50.95 -27.41 2.61
C TYR M 245 -49.66 -27.26 1.84
N LEU M 246 -49.70 -26.41 0.81
CA LEU M 246 -48.49 -25.89 0.20
C LEU M 246 -48.21 -24.52 0.76
N GLU M 247 -46.96 -24.22 1.08
CA GLU M 247 -46.67 -22.84 1.48
C GLU M 247 -45.32 -22.36 1.03
N GLU M 248 -45.16 -21.04 0.98
CA GLU M 248 -43.89 -20.39 0.73
C GLU M 248 -43.94 -19.01 1.37
N THR M 249 -42.77 -18.49 1.74
CA THR M 249 -42.66 -17.18 2.34
C THR M 249 -41.67 -16.37 1.54
N LEU M 250 -42.15 -15.25 1.01
CA LEU M 250 -41.38 -14.51 0.04
C LEU M 250 -41.90 -13.08 -0.10
N THR M 251 -41.18 -12.28 -0.88
CA THR M 251 -41.75 -11.07 -1.42
C THR M 251 -41.12 -10.75 -2.78
N PHE M 252 -41.71 -9.81 -3.49
CA PHE M 252 -41.18 -9.40 -4.78
C PHE M 252 -40.94 -7.91 -4.77
N LEU M 253 -39.79 -7.47 -5.30
CA LEU M 253 -39.48 -6.04 -5.40
C LEU M 253 -39.04 -5.74 -6.81
N CYS M 254 -39.61 -4.67 -7.36
CA CYS M 254 -39.22 -4.16 -8.67
C CYS M 254 -38.37 -2.87 -8.53
N TYR M 255 -37.13 -2.92 -9.01
CA TYR M 255 -36.17 -1.84 -8.81
C TYR M 255 -36.07 -0.89 -9.98
N THR M 256 -36.65 -1.24 -11.12
CA THR M 256 -36.41 -0.47 -12.33
C THR M 256 -37.69 -0.31 -13.12
N SER M 257 -38.29 0.88 -13.05
CA SER M 257 -39.56 1.12 -13.70
C SER M 257 -39.48 0.97 -15.22
N GLU M 258 -38.33 1.28 -15.82
CA GLU M 258 -38.23 1.29 -17.27
C GLU M 258 -37.78 -0.04 -17.87
N ALA M 259 -37.51 -1.04 -17.04
CA ALA M 259 -37.06 -2.35 -17.51
C ALA M 259 -38.19 -3.28 -18.00
N SER M 260 -39.42 -2.76 -18.08
CA SER M 260 -40.55 -3.56 -18.52
C SER M 260 -41.56 -2.74 -19.32
N VAL M 261 -42.35 -3.42 -20.15
CA VAL M 261 -43.48 -2.85 -20.86
C VAL M 261 -44.66 -3.77 -20.62
N ALA M 262 -45.78 -3.18 -20.21
CA ALA M 262 -47.01 -3.88 -19.97
C ALA M 262 -47.87 -3.75 -21.21
N LEU M 263 -48.58 -4.83 -21.55
CA LEU M 263 -49.46 -4.87 -22.70
C LEU M 263 -50.84 -5.35 -22.23
N THR M 264 -51.86 -4.52 -22.38
CA THR M 264 -53.17 -4.85 -21.85
C THR M 264 -53.98 -5.64 -22.86
N PRO M 265 -54.81 -6.57 -22.36
CA PRO M 265 -55.56 -7.49 -23.20
C PRO M 265 -56.62 -6.79 -24.03
N MET N 1 -4.33 12.15 -7.53
CA MET N 1 -5.60 12.52 -8.21
C MET N 1 -5.35 12.97 -9.63
N ASN N 2 -6.28 12.67 -10.51
CA ASN N 2 -6.22 13.18 -11.88
C ASN N 2 -7.35 14.20 -12.09
N ASN N 3 -7.53 14.68 -13.32
CA ASN N 3 -8.48 15.76 -13.59
C ASN N 3 -9.92 15.49 -13.24
N LEU N 4 -10.28 14.23 -13.07
CA LEU N 4 -11.65 13.87 -12.75
C LEU N 4 -12.04 14.25 -11.31
N TYR N 5 -11.04 14.29 -10.41
CA TYR N 5 -11.23 14.61 -8.99
C TYR N 5 -12.29 13.76 -8.31
N ARG N 6 -12.40 12.50 -8.73
CA ARG N 6 -13.43 11.62 -8.23
C ARG N 6 -13.36 11.54 -6.70
N GLU N 7 -12.13 11.61 -6.20
CA GLU N 7 -11.85 11.46 -4.78
C GLU N 7 -12.46 12.55 -3.92
N LEU N 8 -12.81 13.70 -4.52
CA LEU N 8 -13.40 14.77 -3.73
C LEU N 8 -14.91 14.67 -3.61
N ALA N 9 -15.52 13.74 -4.36
CA ALA N 9 -16.97 13.61 -4.36
C ALA N 9 -17.41 12.81 -3.16
N PRO N 10 -18.47 13.29 -2.48
CA PRO N 10 -19.10 12.51 -1.40
C PRO N 10 -19.90 11.34 -1.99
N VAL N 11 -19.16 10.41 -2.60
CA VAL N 11 -19.71 9.25 -3.28
C VAL N 11 -18.91 8.03 -2.81
N THR N 12 -19.62 7.04 -2.28
CA THR N 12 -19.00 5.82 -1.79
C THR N 12 -18.51 4.95 -2.95
N ASP N 13 -17.53 4.09 -2.69
CA ASP N 13 -17.06 3.13 -3.69
C ASP N 13 -18.22 2.34 -4.30
N ALA N 14 -19.14 1.89 -3.44
CA ALA N 14 -20.31 1.17 -3.86
C ALA N 14 -21.18 2.01 -4.82
N ALA N 15 -21.43 3.27 -4.49
CA ALA N 15 -22.17 4.14 -5.40
C ALA N 15 -21.44 4.37 -6.73
N TRP N 16 -20.13 4.58 -6.70
CA TRP N 16 -19.36 4.79 -7.95
C TRP N 16 -19.54 3.62 -8.89
N HIS N 17 -19.40 2.41 -8.33
CA HIS N 17 -19.53 1.19 -9.10
C HIS N 17 -20.91 1.15 -9.76
N GLU N 18 -21.93 1.51 -9.00
CA GLU N 18 -23.27 1.54 -9.57
C GLU N 18 -23.43 2.61 -10.67
N ILE N 19 -22.85 3.79 -10.43
CA ILE N 19 -22.88 4.87 -11.42
C ILE N 19 -22.11 4.49 -12.69
N GLU N 20 -20.90 3.95 -12.55
CA GLU N 20 -20.15 3.46 -13.70
C GLU N 20 -20.93 2.39 -14.48
N THR N 21 -21.42 1.38 -13.76
CA THR N 21 -22.13 0.27 -14.37
C THR N 21 -23.29 0.77 -15.20
N GLU N 22 -24.03 1.73 -14.67
CA GLU N 22 -25.19 2.27 -15.38
C GLU N 22 -24.76 3.11 -16.58
N ALA N 23 -23.79 4.01 -16.38
CA ALA N 23 -23.30 4.86 -17.47
C ALA N 23 -22.87 3.99 -18.64
N ILE N 24 -22.14 2.91 -18.36
CA ILE N 24 -21.55 2.11 -19.42
C ILE N 24 -22.59 1.33 -20.24
N ARG N 25 -23.47 0.59 -19.56
CA ARG N 25 -24.47 -0.21 -20.26
C ARG N 25 -25.50 0.63 -20.97
N THR N 26 -25.87 1.76 -20.38
CA THR N 26 -26.75 2.69 -21.07
C THR N 26 -26.07 3.25 -22.31
N PHE N 27 -24.81 3.69 -22.16
CA PHE N 27 -24.05 4.17 -23.31
C PHE N 27 -24.03 3.12 -24.44
N LYS N 28 -23.72 1.86 -24.11
CA LYS N 28 -23.68 0.78 -25.09
C LYS N 28 -25.01 0.54 -25.77
N ARG N 29 -26.08 0.67 -25.02
CA ARG N 29 -27.40 0.43 -25.56
C ARG N 29 -27.78 1.47 -26.63
N HIS N 30 -27.24 2.69 -26.53
CA HIS N 30 -27.57 3.75 -27.50
C HIS N 30 -26.59 3.88 -28.66
N ILE N 31 -25.32 3.53 -28.43
CA ILE N 31 -24.27 3.85 -29.39
C ILE N 31 -24.26 2.93 -30.62
N ALA N 32 -24.06 3.52 -31.80
CA ALA N 32 -24.04 2.74 -33.02
C ALA N 32 -22.73 2.86 -33.80
N GLY N 33 -22.18 4.07 -33.90
CA GLY N 33 -20.95 4.29 -34.66
C GLY N 33 -19.83 3.32 -34.32
N ARG N 34 -19.59 3.13 -33.02
CA ARG N 34 -18.49 2.31 -32.51
C ARG N 34 -18.60 0.89 -32.96
N ARG N 35 -19.81 0.48 -33.32
CA ARG N 35 -20.02 -0.88 -33.78
C ARG N 35 -19.61 -1.04 -35.25
N VAL N 36 -19.35 0.06 -35.95
CA VAL N 36 -18.96 -0.07 -37.36
C VAL N 36 -17.69 0.67 -37.77
N VAL N 37 -17.29 1.69 -37.02
CA VAL N 37 -16.11 2.44 -37.40
C VAL N 37 -14.90 1.89 -36.66
N ASP N 38 -13.70 2.33 -37.02
CA ASP N 38 -12.51 1.92 -36.26
C ASP N 38 -12.40 2.78 -35.03
N VAL N 39 -12.29 2.15 -33.87
CA VAL N 39 -12.13 2.87 -32.62
C VAL N 39 -10.72 2.62 -32.10
N SER N 40 -9.93 3.69 -31.96
CA SER N 40 -8.55 3.51 -31.51
C SER N 40 -8.48 3.28 -30.01
N GLU N 41 -7.33 2.78 -29.54
CA GLU N 41 -7.00 2.76 -28.11
C GLU N 41 -6.80 4.20 -27.65
N PRO N 42 -7.38 4.56 -26.50
CA PRO N 42 -7.20 5.94 -26.01
C PRO N 42 -5.72 6.32 -25.90
N SER N 43 -5.35 7.45 -26.50
CA SER N 43 -3.94 7.85 -26.48
C SER N 43 -3.51 8.71 -25.27
N GLY N 44 -4.43 9.06 -24.39
CA GLY N 44 -4.07 9.85 -23.22
C GLY N 44 -4.47 11.31 -23.33
N PRO N 45 -4.44 12.03 -22.20
CA PRO N 45 -5.04 13.36 -22.18
C PRO N 45 -4.18 14.43 -22.84
N VAL N 46 -2.93 14.09 -23.18
CA VAL N 46 -2.07 15.08 -23.84
C VAL N 46 -2.48 15.29 -25.29
N THR N 47 -3.02 14.24 -25.92
CA THR N 47 -3.36 14.26 -27.34
C THR N 47 -4.32 15.41 -27.68
N ALA N 48 -3.91 16.23 -28.63
CA ALA N 48 -4.69 17.41 -29.01
C ALA N 48 -5.15 17.38 -30.46
N ALA N 49 -4.38 16.73 -31.33
CA ALA N 49 -4.65 16.78 -32.76
C ALA N 49 -4.34 15.45 -33.44
N VAL N 50 -5.00 15.19 -34.57
CA VAL N 50 -4.68 14.04 -35.40
C VAL N 50 -4.07 14.56 -36.68
N SER N 51 -2.83 14.17 -36.94
CA SER N 51 -2.20 14.53 -38.20
C SER N 51 -2.96 13.94 -39.37
N THR N 52 -3.16 14.76 -40.40
CA THR N 52 -3.80 14.29 -41.65
C THR N 52 -2.78 14.08 -42.76
N GLY N 53 -1.53 14.34 -42.47
CA GLY N 53 -0.47 14.19 -43.43
C GLY N 53 -0.38 15.26 -44.50
N HIS N 54 -1.33 16.17 -44.55
CA HIS N 54 -1.34 17.20 -45.58
C HIS N 54 -0.63 18.49 -45.26
N LEU N 55 -0.40 19.28 -46.29
CA LEU N 55 0.29 20.54 -46.13
C LEU N 55 -0.52 21.72 -46.60
N ARG N 56 -0.47 22.82 -45.88
CA ARG N 56 -1.16 24.05 -46.25
C ARG N 56 -0.14 25.14 -46.60
N ASP N 57 -0.30 25.77 -47.78
CA ASP N 57 0.55 26.90 -48.20
C ASP N 57 0.41 28.04 -47.24
N ILE N 58 1.55 28.64 -46.87
CA ILE N 58 1.53 29.86 -46.09
C ILE N 58 2.59 30.75 -46.73
N SER N 59 2.50 32.06 -46.50
CA SER N 59 3.48 32.95 -47.07
C SER N 59 4.87 32.69 -46.48
N PRO N 60 5.90 32.80 -47.33
CA PRO N 60 7.26 32.39 -46.99
C PRO N 60 7.87 33.35 -45.95
N PRO N 61 8.86 32.88 -45.18
CA PRO N 61 9.51 33.72 -44.18
C PRO N 61 10.62 34.61 -44.77
N GLY N 62 10.82 34.52 -46.08
CA GLY N 62 11.91 35.22 -46.76
C GLY N 62 12.16 34.64 -48.14
N ASP N 63 13.02 35.29 -48.92
CA ASP N 63 13.26 34.87 -50.29
C ASP N 63 13.98 33.52 -50.33
N GLY N 64 13.60 32.69 -51.29
CA GLY N 64 14.24 31.41 -51.45
C GLY N 64 13.80 30.35 -50.47
N VAL N 65 12.75 30.64 -49.69
CA VAL N 65 12.23 29.68 -48.74
C VAL N 65 10.79 29.38 -49.03
N VAL N 66 10.46 28.09 -49.06
CA VAL N 66 9.09 27.61 -49.25
C VAL N 66 8.63 27.00 -47.92
N ALA N 67 7.51 27.51 -47.41
CA ALA N 67 6.97 27.11 -46.12
C ALA N 67 5.59 26.51 -46.26
N HIS N 68 5.29 25.49 -45.47
CA HIS N 68 3.95 24.89 -45.40
C HIS N 68 3.62 24.55 -43.97
N LEU N 69 2.40 24.81 -43.55
CA LEU N 69 1.95 24.32 -42.24
C LEU N 69 1.50 22.89 -42.35
N ARG N 70 1.82 22.12 -41.32
CA ARG N 70 1.32 20.76 -41.22
C ARG N 70 -0.13 20.79 -40.75
N GLU N 71 -1.00 20.13 -41.50
CA GLU N 71 -2.43 20.08 -41.16
C GLU N 71 -2.75 18.95 -40.21
N SER N 72 -3.78 19.20 -39.39
CA SER N 72 -4.27 18.22 -38.42
C SER N 72 -5.70 18.51 -38.06
N LYS N 73 -6.37 17.51 -37.51
CA LYS N 73 -7.71 17.68 -36.97
C LYS N 73 -7.67 17.73 -35.46
N PRO N 74 -8.25 18.79 -34.89
CA PRO N 74 -8.25 18.90 -33.43
C PRO N 74 -9.23 17.91 -32.78
N LEU N 75 -8.87 17.42 -31.60
CA LEU N 75 -9.79 16.62 -30.81
C LEU N 75 -10.72 17.57 -30.08
N VAL N 76 -11.93 17.09 -29.78
CA VAL N 76 -12.88 17.88 -29.04
C VAL N 76 -13.19 17.15 -27.75
N ARG N 77 -13.26 17.89 -26.66
CA ARG N 77 -13.73 17.35 -25.41
C ARG N 77 -15.23 17.57 -25.33
N LEU N 78 -15.97 16.51 -25.07
CA LEU N 78 -17.40 16.60 -24.91
C LEU N 78 -17.72 16.28 -23.48
N ARG N 79 -18.38 17.21 -22.78
CA ARG N 79 -18.68 17.02 -21.38
C ARG N 79 -20.16 17.20 -21.14
N VAL N 80 -20.75 16.18 -20.53
CA VAL N 80 -22.18 16.14 -20.18
C VAL N 80 -22.34 16.12 -18.63
N PRO N 81 -22.54 17.29 -18.02
CA PRO N 81 -22.78 17.37 -16.60
C PRO N 81 -24.12 16.73 -16.22
N PHE N 82 -24.21 16.12 -15.04
CA PHE N 82 -25.47 15.62 -14.52
C PHE N 82 -25.49 15.73 -13.00
N THR N 83 -26.67 15.77 -12.39
CA THR N 83 -26.76 15.89 -10.93
C THR N 83 -27.53 14.72 -10.34
N VAL N 84 -26.96 14.06 -9.33
CA VAL N 84 -27.68 13.01 -8.61
C VAL N 84 -27.98 13.46 -7.17
N THR N 85 -29.01 12.87 -6.54
CA THR N 85 -29.31 13.20 -5.14
C THR N 85 -28.38 12.41 -4.22
N ARG N 86 -28.06 13.01 -3.07
CA ARG N 86 -27.18 12.36 -2.09
C ARG N 86 -27.86 11.19 -1.40
N SER N 87 -29.20 11.20 -1.32
CA SER N 87 -29.88 10.01 -0.81
C SER N 87 -29.74 8.84 -1.79
N ALA N 88 -29.84 9.13 -3.09
CA ALA N 88 -29.54 8.09 -4.08
C ALA N 88 -28.14 7.49 -3.86
N ILE N 89 -27.14 8.36 -3.70
CA ILE N 89 -25.78 7.91 -3.43
C ILE N 89 -25.69 7.13 -2.13
N ASP N 90 -26.18 7.73 -1.05
CA ASP N 90 -26.04 7.17 0.28
C ASP N 90 -26.83 5.91 0.51
N ASP N 91 -28.00 5.77 -0.10
CA ASP N 91 -28.82 4.58 0.11
C ASP N 91 -28.11 3.29 -0.37
N VAL N 92 -27.14 3.45 -1.27
CA VAL N 92 -26.48 2.31 -1.88
C VAL N 92 -25.83 1.43 -0.84
N GLU N 93 -25.06 2.04 0.05
CA GLU N 93 -24.37 1.30 1.09
C GLU N 93 -25.33 0.60 2.06
N ARG N 94 -26.54 1.14 2.19
CA ARG N 94 -27.58 0.57 3.06
C ARG N 94 -28.35 -0.57 2.38
N GLY N 95 -27.98 -0.90 1.14
CA GLY N 95 -28.58 -2.00 0.45
C GLY N 95 -29.61 -1.64 -0.60
N SER N 96 -29.78 -0.36 -0.90
CA SER N 96 -30.72 0.07 -1.95
C SER N 96 -30.33 -0.43 -3.34
N GLN N 97 -31.33 -0.91 -4.07
CA GLN N 97 -31.11 -1.37 -5.43
C GLN N 97 -31.89 -0.59 -6.45
N ASP N 98 -32.48 0.52 -6.03
CA ASP N 98 -33.25 1.32 -6.94
C ASP N 98 -32.94 2.80 -6.80
N SER N 99 -31.69 3.13 -6.46
CA SER N 99 -31.28 4.53 -6.38
C SER N 99 -31.52 5.19 -7.74
N ASP N 100 -31.99 6.43 -7.71
CA ASP N 100 -32.37 7.11 -8.91
C ASP N 100 -31.14 7.50 -9.76
N TRP N 101 -30.80 6.66 -10.73
CA TRP N 101 -29.71 6.97 -11.65
C TRP N 101 -30.21 7.46 -13.00
N ASP N 102 -31.48 7.85 -13.06
CA ASP N 102 -32.03 8.50 -14.27
C ASP N 102 -31.15 9.60 -14.82
N PRO N 103 -30.60 10.47 -13.94
CA PRO N 103 -29.74 11.53 -14.52
C PRO N 103 -28.47 10.96 -15.17
N VAL N 104 -27.92 9.89 -14.59
CA VAL N 104 -26.80 9.17 -15.21
C VAL N 104 -27.23 8.64 -16.56
N LYS N 105 -28.41 8.03 -16.62
CA LYS N 105 -28.87 7.45 -17.90
C LYS N 105 -29.13 8.52 -18.96
N ALA N 106 -29.65 9.67 -18.52
CA ALA N 106 -29.92 10.78 -19.42
C ALA N 106 -28.60 11.31 -20.00
N ALA N 107 -27.57 11.44 -19.16
CA ALA N 107 -26.28 11.95 -19.63
C ALA N 107 -25.63 10.98 -20.61
N ALA N 108 -25.77 9.67 -20.35
CA ALA N 108 -25.18 8.65 -21.23
C ALA N 108 -25.86 8.68 -22.60
N LYS N 109 -27.17 8.88 -22.58
CA LYS N 109 -27.91 9.00 -23.82
C LYS N 109 -27.46 10.24 -24.58
N LYS N 110 -27.27 11.34 -23.86
CA LYS N 110 -26.89 12.59 -24.49
C LYS N 110 -25.51 12.46 -25.16
N LEU N 111 -24.57 11.89 -24.42
CA LEU N 111 -23.23 11.68 -24.95
C LEU N 111 -23.23 10.76 -26.17
N ALA N 112 -23.98 9.66 -26.11
CA ALA N 112 -24.06 8.69 -27.19
C ALA N 112 -24.64 9.34 -28.44
N PHE N 113 -25.80 9.98 -28.28
CA PHE N 113 -26.42 10.68 -29.36
C PHE N 113 -25.52 11.75 -29.95
N VAL N 114 -24.77 12.45 -29.09
CA VAL N 114 -23.85 13.47 -29.60
C VAL N 114 -22.73 12.84 -30.40
N GLU N 115 -22.15 11.77 -29.88
CA GLU N 115 -21.07 11.06 -30.55
C GLU N 115 -21.50 10.55 -31.93
N ASP N 116 -22.61 9.81 -31.96
CA ASP N 116 -23.17 9.27 -33.20
C ASP N 116 -23.58 10.33 -34.24
N ARG N 117 -24.20 11.41 -33.78
CA ARG N 117 -24.56 12.48 -34.69
C ARG N 117 -23.30 13.16 -35.23
N ALA N 118 -22.28 13.28 -34.39
CA ALA N 118 -20.99 13.80 -34.87
C ALA N 118 -20.45 12.91 -35.98
N ILE N 119 -20.42 11.60 -35.73
CA ILE N 119 -19.85 10.65 -36.66
C ILE N 119 -20.64 10.62 -37.96
N PHE N 120 -21.97 10.52 -37.85
CA PHE N 120 -22.79 10.34 -39.04
C PHE N 120 -23.26 11.62 -39.69
N GLU N 121 -23.47 12.66 -38.90
CA GLU N 121 -24.06 13.86 -39.45
C GLU N 121 -23.19 15.09 -39.33
N GLY N 122 -21.99 14.92 -38.76
CA GLY N 122 -21.05 16.02 -38.67
C GLY N 122 -21.25 16.94 -37.49
N TYR N 123 -20.20 17.67 -37.14
CA TYR N 123 -20.23 18.67 -36.08
C TYR N 123 -19.30 19.82 -36.49
N PRO N 124 -19.84 20.79 -37.25
CA PRO N 124 -18.97 21.77 -37.90
C PRO N 124 -18.04 22.53 -36.96
N ALA N 125 -18.50 22.85 -35.76
CA ALA N 125 -17.72 23.68 -34.82
C ALA N 125 -16.49 22.92 -34.31
N ALA N 126 -16.60 21.60 -34.26
CA ALA N 126 -15.50 20.75 -33.86
C ALA N 126 -14.69 20.30 -35.09
N GLN N 127 -15.08 20.81 -36.25
CA GLN N 127 -14.44 20.51 -37.52
C GLN N 127 -14.51 19.03 -37.90
N ILE N 128 -15.56 18.37 -37.46
CA ILE N 128 -15.85 17.01 -37.88
C ILE N 128 -16.83 17.04 -39.06
N ASP N 129 -16.39 16.51 -40.19
CA ASP N 129 -17.27 16.16 -41.29
C ASP N 129 -17.76 14.75 -41.01
N GLY N 130 -19.06 14.56 -41.00
CA GLY N 130 -19.59 13.23 -40.77
C GLY N 130 -19.66 12.43 -42.05
N ILE N 131 -20.15 11.19 -41.94
CA ILE N 131 -20.28 10.29 -43.08
C ILE N 131 -21.23 10.88 -44.15
N ARG N 132 -22.34 11.47 -43.72
CA ARG N 132 -23.25 12.19 -44.61
C ARG N 132 -22.55 13.23 -45.48
N GLN N 133 -21.57 13.95 -44.93
CA GLN N 133 -20.88 14.97 -45.72
C GLN N 133 -19.81 14.30 -46.58
N CYS N 134 -19.13 13.30 -46.02
CA CYS N 134 -18.01 12.63 -46.67
C CYS N 134 -18.47 11.82 -47.88
N THR N 135 -19.66 11.23 -47.83
CA THR N 135 -20.06 10.26 -48.86
C THR N 135 -20.12 10.82 -50.28
N SER N 136 -19.73 10.00 -51.26
CA SER N 136 -19.77 10.45 -52.65
C SER N 136 -20.62 9.53 -53.52
N ASN N 137 -21.18 8.47 -52.91
CA ASN N 137 -22.11 7.61 -53.62
C ASN N 137 -23.47 8.28 -53.68
N PRO N 138 -24.28 8.01 -54.73
CA PRO N 138 -25.59 8.65 -54.80
C PRO N 138 -26.44 8.36 -53.57
N VAL N 139 -27.08 9.40 -53.02
CA VAL N 139 -27.90 9.27 -51.82
C VAL N 139 -29.24 8.69 -52.21
N LEU N 140 -29.73 7.73 -51.44
CA LEU N 140 -31.02 7.11 -51.74
C LEU N 140 -32.10 7.55 -50.76
N GLN N 141 -33.34 7.32 -51.15
CA GLN N 141 -34.47 7.78 -50.38
C GLN N 141 -35.17 6.55 -49.85
N LEU N 142 -35.42 6.54 -48.53
CA LEU N 142 -36.19 5.46 -47.93
C LEU N 142 -37.62 5.52 -48.43
N PRO N 143 -38.18 4.36 -48.76
CA PRO N 143 -39.51 4.31 -49.38
C PRO N 143 -40.59 4.57 -48.35
N ASP N 144 -41.76 4.99 -48.81
CA ASP N 144 -42.92 5.18 -47.94
C ASP N 144 -43.41 3.83 -47.42
N ASP N 145 -43.40 2.83 -48.30
CA ASP N 145 -43.80 1.49 -47.91
C ASP N 145 -42.59 0.74 -47.35
N ALA N 146 -42.70 0.34 -46.08
CA ALA N 146 -41.64 -0.38 -45.40
C ALA N 146 -41.26 -1.69 -46.12
N ARG N 147 -42.21 -2.29 -46.83
CA ARG N 147 -41.92 -3.51 -47.58
C ARG N 147 -40.87 -3.33 -48.68
N ASP N 148 -40.54 -2.10 -49.06
CA ASP N 148 -39.57 -1.88 -50.14
C ASP N 148 -38.20 -1.49 -49.60
N ILE N 149 -38.01 -1.59 -48.28
CA ILE N 149 -36.72 -1.26 -47.70
C ILE N 149 -35.62 -2.12 -48.31
N THR N 150 -35.93 -3.40 -48.55
CA THR N 150 -34.93 -4.34 -49.08
C THR N 150 -34.42 -3.91 -50.44
N ASP N 151 -35.29 -3.30 -51.25
CA ASP N 151 -34.88 -2.75 -52.56
C ASP N 151 -33.80 -1.69 -52.43
N VAL N 152 -34.00 -0.71 -51.55
CA VAL N 152 -33.00 0.36 -51.44
C VAL N 152 -31.71 -0.11 -50.79
N ILE N 153 -31.79 -1.00 -49.80
CA ILE N 153 -30.57 -1.58 -49.22
C ILE N 153 -29.74 -2.31 -50.31
N ALA N 154 -30.43 -3.08 -51.14
CA ALA N 154 -29.79 -3.84 -52.20
C ALA N 154 -29.14 -2.86 -53.16
N GLN N 155 -29.82 -1.76 -53.41
CA GLN N 155 -29.28 -0.76 -54.30
C GLN N 155 -28.09 -0.06 -53.68
N ALA N 156 -28.14 0.20 -52.39
CA ALA N 156 -26.99 0.76 -51.69
C ALA N 156 -25.79 -0.23 -51.77
N LEU N 157 -26.06 -1.51 -51.54
CA LEU N 157 -25.00 -2.53 -51.60
C LEU N 157 -24.34 -2.53 -52.98
N SER N 158 -25.16 -2.37 -54.01
CA SER N 158 -24.66 -2.39 -55.36
C SER N 158 -23.80 -1.14 -55.63
N GLU N 159 -24.22 0.02 -55.11
CA GLU N 159 -23.39 1.22 -55.21
C GLU N 159 -22.01 1.01 -54.59
N LEU N 160 -21.95 0.40 -53.43
CA LEU N 160 -20.66 0.11 -52.78
C LEU N 160 -19.78 -0.83 -53.60
N ARG N 161 -20.34 -1.97 -54.03
CA ARG N 161 -19.60 -2.92 -54.89
C ARG N 161 -19.05 -2.23 -56.15
N LEU N 162 -19.91 -1.46 -56.80
CA LEU N 162 -19.55 -0.80 -58.05
C LEU N 162 -18.49 0.27 -57.89
N ALA N 163 -18.46 0.90 -56.72
CA ALA N 163 -17.42 1.85 -56.37
C ALA N 163 -16.12 1.14 -55.96
N GLY N 164 -16.12 -0.19 -56.05
CA GLY N 164 -14.90 -0.97 -55.84
C GLY N 164 -14.54 -1.22 -54.38
N VAL N 165 -15.54 -1.19 -53.52
CA VAL N 165 -15.31 -1.25 -52.07
C VAL N 165 -15.71 -2.60 -51.54
N ASP N 166 -14.72 -3.34 -51.02
CA ASP N 166 -14.95 -4.64 -50.42
C ASP N 166 -15.70 -4.57 -49.09
N GLY N 167 -16.37 -5.65 -48.71
CA GLY N 167 -17.08 -5.71 -47.43
C GLY N 167 -16.21 -6.18 -46.27
N PRO N 168 -16.84 -6.74 -45.23
CA PRO N 168 -18.30 -6.91 -45.19
C PRO N 168 -19.04 -5.59 -45.04
N TYR N 169 -20.35 -5.63 -45.27
CA TYR N 169 -21.19 -4.43 -45.23
C TYR N 169 -22.16 -4.51 -44.05
N SER N 170 -22.39 -3.36 -43.40
CA SER N 170 -23.37 -3.23 -42.33
C SER N 170 -24.37 -2.14 -42.65
N VAL N 171 -25.56 -2.25 -42.05
CA VAL N 171 -26.62 -1.29 -42.22
C VAL N 171 -26.96 -0.64 -40.89
N LEU N 172 -27.07 0.69 -40.89
CA LEU N 172 -27.48 1.43 -39.71
C LEU N 172 -28.87 1.96 -39.92
N LEU N 173 -29.78 1.61 -39.01
CA LEU N 173 -31.15 2.04 -39.10
C LEU N 173 -31.51 2.98 -37.94
N SER N 174 -32.20 4.07 -38.28
CA SER N 174 -32.85 4.94 -37.29
C SER N 174 -33.78 4.07 -36.42
N ALA N 175 -34.11 4.55 -35.21
CA ALA N 175 -35.03 3.84 -34.32
C ALA N 175 -36.32 3.47 -35.03
N GLU N 176 -36.87 4.45 -35.75
CA GLU N 176 -38.11 4.28 -36.47
C GLU N 176 -38.01 3.21 -37.57
N VAL N 177 -37.03 3.34 -38.46
CA VAL N 177 -36.86 2.38 -39.54
C VAL N 177 -36.57 0.98 -39.00
N TYR N 178 -35.74 0.91 -37.97
CA TYR N 178 -35.36 -0.35 -37.38
C TYR N 178 -36.61 -1.05 -36.86
N THR N 179 -37.43 -0.31 -36.12
CA THR N 179 -38.68 -0.88 -35.62
C THR N 179 -39.57 -1.32 -36.77
N LYS N 180 -39.69 -0.52 -37.83
CA LYS N 180 -40.47 -0.95 -38.98
C LYS N 180 -39.94 -2.23 -39.61
N VAL N 181 -38.62 -2.29 -39.82
CA VAL N 181 -38.02 -3.46 -40.42
C VAL N 181 -38.25 -4.68 -39.54
N SER N 182 -38.24 -4.52 -38.22
CA SER N 182 -38.35 -5.72 -37.37
C SER N 182 -39.77 -6.29 -37.30
N GLU N 183 -40.76 -5.46 -37.61
CA GLU N 183 -42.17 -5.87 -37.52
C GLU N 183 -42.83 -6.22 -38.87
N THR N 184 -42.39 -5.57 -39.95
CA THR N 184 -43.09 -5.59 -41.23
C THR N 184 -43.01 -6.94 -41.95
N THR N 185 -44.17 -7.42 -42.39
CA THR N 185 -44.22 -8.59 -43.24
C THR N 185 -44.70 -8.17 -44.63
N GLU N 186 -44.30 -8.95 -45.63
CA GLU N 186 -44.82 -8.82 -46.99
C GLU N 186 -45.44 -10.16 -47.35
N HIS N 187 -46.76 -10.16 -47.54
CA HIS N 187 -47.53 -11.37 -47.68
C HIS N 187 -47.17 -12.41 -46.64
N GLY N 188 -46.97 -11.97 -45.39
CA GLY N 188 -46.70 -12.85 -44.25
C GLY N 188 -45.23 -13.11 -43.92
N TYR N 189 -44.38 -12.97 -44.93
CA TYR N 189 -42.95 -13.21 -44.78
C TYR N 189 -42.26 -11.99 -44.15
N PRO N 190 -41.60 -12.19 -42.98
CA PRO N 190 -40.89 -11.07 -42.32
C PRO N 190 -39.77 -10.46 -43.18
N ILE N 191 -39.84 -9.16 -43.46
CA ILE N 191 -38.81 -8.52 -44.29
C ILE N 191 -37.45 -8.54 -43.57
N ARG N 192 -37.46 -8.68 -42.24
CA ARG N 192 -36.22 -8.89 -41.47
C ARG N 192 -35.43 -10.16 -41.87
N GLU N 193 -36.11 -11.29 -42.08
CA GLU N 193 -35.41 -12.51 -42.49
C GLU N 193 -34.72 -12.28 -43.83
N HIS N 194 -35.37 -11.51 -44.70
CA HIS N 194 -34.84 -11.20 -46.01
C HIS N 194 -33.63 -10.32 -45.80
N LEU N 195 -33.82 -9.23 -45.07
CA LEU N 195 -32.80 -8.20 -44.97
C LEU N 195 -31.55 -8.71 -44.26
N ASN N 196 -31.73 -9.53 -43.22
CA ASN N 196 -30.61 -10.08 -42.45
C ASN N 196 -29.68 -10.94 -43.27
N ARG N 197 -30.26 -11.75 -44.14
CA ARG N 197 -29.49 -12.68 -44.95
C ARG N 197 -28.84 -11.94 -46.14
N LEU N 198 -29.33 -10.75 -46.43
CA LEU N 198 -28.83 -9.96 -47.53
C LEU N 198 -27.50 -9.28 -47.17
N VAL N 199 -27.30 -9.04 -45.89
CA VAL N 199 -26.17 -8.25 -45.43
C VAL N 199 -25.22 -9.20 -44.73
N ASP N 200 -23.98 -9.28 -45.21
CA ASP N 200 -23.00 -10.16 -44.58
C ASP N 200 -22.55 -9.62 -43.23
N GLY N 201 -22.73 -8.31 -43.01
CA GLY N 201 -22.41 -7.68 -41.73
C GLY N 201 -23.61 -7.69 -40.79
N ASP N 202 -23.81 -6.58 -40.09
CA ASP N 202 -24.87 -6.44 -39.09
C ASP N 202 -25.89 -5.38 -39.48
N ILE N 203 -27.11 -5.55 -38.96
CA ILE N 203 -28.15 -4.54 -39.03
C ILE N 203 -28.25 -3.88 -37.65
N ILE N 204 -27.85 -2.63 -37.58
CA ILE N 204 -27.60 -1.96 -36.31
C ILE N 204 -28.68 -0.95 -35.90
N TRP N 205 -29.08 -1.07 -34.63
CA TRP N 205 -29.93 -0.10 -33.94
C TRP N 205 -29.16 1.22 -33.83
N ALA N 206 -29.60 2.26 -34.52
CA ALA N 206 -28.91 3.56 -34.46
C ALA N 206 -29.89 4.68 -34.13
N PRO N 207 -30.37 4.71 -32.88
CA PRO N 207 -31.42 5.66 -32.49
C PRO N 207 -31.01 7.14 -32.59
N ALA N 208 -29.73 7.45 -32.65
CA ALA N 208 -29.30 8.84 -32.80
C ALA N 208 -29.52 9.47 -34.19
N ILE N 209 -29.68 8.64 -35.22
CA ILE N 209 -29.67 9.13 -36.61
C ILE N 209 -31.07 9.14 -37.19
N ASP N 210 -31.27 9.88 -38.28
CA ASP N 210 -32.48 9.70 -39.11
C ASP N 210 -32.11 8.91 -40.37
N GLY N 211 -33.08 8.19 -40.90
CA GLY N 211 -32.83 7.39 -42.10
C GLY N 211 -31.92 6.21 -41.83
N ALA N 212 -30.90 6.04 -42.67
CA ALA N 212 -30.08 4.84 -42.67
C ALA N 212 -28.77 5.05 -43.38
N PHE N 213 -27.81 4.19 -43.03
CA PHE N 213 -26.52 4.16 -43.67
C PHE N 213 -26.18 2.73 -44.00
N VAL N 214 -25.50 2.57 -45.13
CA VAL N 214 -24.97 1.30 -45.54
C VAL N 214 -23.50 1.54 -45.79
N LEU N 215 -22.66 0.78 -45.11
CA LEU N 215 -21.22 1.00 -45.21
C LEU N 215 -20.38 -0.26 -45.03
N SER N 216 -19.14 -0.19 -45.50
CA SER N 216 -18.20 -1.28 -45.37
C SER N 216 -17.47 -1.19 -44.03
N THR N 217 -17.23 -2.33 -43.44
CA THR N 217 -16.50 -2.40 -42.19
C THR N 217 -15.16 -3.08 -42.45
N ARG N 218 -14.70 -3.00 -43.69
CA ARG N 218 -13.39 -3.51 -44.05
C ARG N 218 -12.25 -2.90 -43.20
N GLY N 219 -12.47 -1.69 -42.67
CA GLY N 219 -11.47 -1.03 -41.83
C GLY N 219 -10.61 -0.07 -42.64
N GLY N 220 -10.09 0.96 -41.97
CA GLY N 220 -9.31 2.01 -42.62
C GLY N 220 -10.11 3.15 -43.23
N ASP N 221 -11.44 3.10 -43.19
CA ASP N 221 -12.25 4.18 -43.79
C ASP N 221 -12.78 5.19 -42.78
N PHE N 222 -13.11 4.73 -41.59
CA PHE N 222 -13.77 5.57 -40.60
C PHE N 222 -13.07 5.42 -39.27
N ASP N 223 -12.55 6.56 -38.81
CA ASP N 223 -11.53 6.59 -37.79
C ASP N 223 -12.04 7.43 -36.63
N LEU N 224 -12.51 6.76 -35.57
CA LEU N 224 -12.86 7.44 -34.34
C LEU N 224 -11.62 7.42 -33.46
N ARG N 225 -10.95 8.57 -33.33
CA ARG N 225 -9.72 8.63 -32.53
C ARG N 225 -10.00 9.07 -31.12
N LEU N 226 -9.59 8.24 -30.18
CA LEU N 226 -9.87 8.48 -28.79
C LEU N 226 -8.62 9.02 -28.13
N GLY N 227 -8.74 10.22 -27.57
CA GLY N 227 -7.73 10.73 -26.66
C GLY N 227 -8.02 10.07 -25.33
N THR N 228 -9.20 10.33 -24.79
CA THR N 228 -9.66 9.63 -23.58
C THR N 228 -11.12 9.20 -23.75
N ASP N 229 -11.36 7.96 -23.37
CA ASP N 229 -12.66 7.34 -23.53
C ASP N 229 -13.66 7.82 -22.45
N VAL N 230 -14.93 7.42 -22.58
CA VAL N 230 -15.97 7.82 -21.62
C VAL N 230 -15.50 7.68 -20.17
N SER N 231 -15.59 8.80 -19.44
CA SER N 231 -15.15 8.91 -18.05
C SER N 231 -16.17 9.66 -17.23
N ILE N 232 -16.25 9.30 -15.95
CA ILE N 232 -17.12 10.00 -15.02
C ILE N 232 -16.26 10.79 -14.03
N GLY N 233 -16.52 12.08 -13.95
CA GLY N 233 -15.74 12.97 -13.09
C GLY N 233 -16.61 13.83 -12.19
N TYR N 234 -15.96 14.56 -11.29
CA TYR N 234 -16.66 15.31 -10.24
C TYR N 234 -16.59 16.81 -10.47
N LEU N 235 -17.72 17.49 -10.31
CA LEU N 235 -17.76 18.95 -10.39
C LEU N 235 -17.94 19.64 -9.03
N SER N 236 -19.02 19.31 -8.30
CA SER N 236 -19.31 19.99 -7.04
C SER N 236 -20.40 19.26 -6.28
N HIS N 237 -20.74 19.80 -5.12
CA HIS N 237 -21.85 19.24 -4.35
C HIS N 237 -22.38 20.28 -3.37
N ASP N 238 -23.57 20.04 -2.87
CA ASP N 238 -24.16 20.81 -1.80
C ASP N 238 -24.72 19.82 -0.75
N ALA N 239 -25.61 20.25 0.14
CA ALA N 239 -26.08 19.35 1.20
C ALA N 239 -26.89 18.17 0.66
N GLU N 240 -27.58 18.37 -0.47
CA GLU N 240 -28.55 17.42 -0.99
C GLU N 240 -28.13 16.67 -2.26
N THR N 241 -27.21 17.23 -3.03
CA THR N 241 -26.97 16.74 -4.38
C THR N 241 -25.49 16.75 -4.70
N VAL N 242 -25.12 16.05 -5.77
CA VAL N 242 -23.75 16.01 -6.23
C VAL N 242 -23.77 16.15 -7.73
N GLN N 243 -22.95 17.06 -8.23
CA GLN N 243 -22.83 17.25 -9.66
C GLN N 243 -21.59 16.57 -10.20
N LEU N 244 -21.84 15.58 -11.05
CA LEU N 244 -20.79 14.88 -11.79
C LEU N 244 -20.93 15.18 -13.29
N TYR N 245 -20.11 14.52 -14.10
CA TYR N 245 -20.27 14.61 -15.54
C TYR N 245 -19.74 13.36 -16.23
N LEU N 246 -20.20 13.14 -17.46
CA LEU N 246 -19.58 12.17 -18.37
C LEU N 246 -18.75 12.95 -19.37
N GLU N 247 -17.55 12.48 -19.66
CA GLU N 247 -16.78 13.15 -20.71
C GLU N 247 -15.90 12.22 -21.51
N GLU N 248 -15.60 12.65 -22.73
CA GLU N 248 -14.58 12.01 -23.57
C GLU N 248 -13.95 13.06 -24.45
N THR N 249 -12.72 12.77 -24.87
CA THR N 249 -12.02 13.62 -25.81
C THR N 249 -11.66 12.78 -27.01
N LEU N 250 -12.17 13.19 -28.16
CA LEU N 250 -12.07 12.40 -29.37
C LEU N 250 -12.23 13.24 -30.64
N THR N 251 -11.98 12.62 -31.78
CA THR N 251 -12.46 13.15 -33.03
C THR N 251 -12.81 12.02 -34.00
N PHE N 252 -13.47 12.37 -35.11
CA PHE N 252 -13.78 11.40 -36.13
C PHE N 252 -13.33 11.93 -37.47
N LEU N 253 -12.65 11.05 -38.21
CA LEU N 253 -12.20 11.34 -39.57
C LEU N 253 -12.74 10.29 -40.51
N CYS N 254 -13.24 10.74 -41.65
CA CYS N 254 -13.65 9.85 -42.72
C CYS N 254 -12.64 9.96 -43.85
N TYR N 255 -12.06 8.83 -44.26
CA TYR N 255 -11.01 8.80 -45.27
C TYR N 255 -11.48 8.38 -46.66
N THR N 256 -12.69 7.86 -46.78
CA THR N 256 -13.15 7.26 -48.05
C THR N 256 -14.58 7.62 -48.38
N SER N 257 -14.74 8.53 -49.32
CA SER N 257 -16.06 9.01 -49.64
C SER N 257 -16.90 7.91 -50.26
N GLU N 258 -16.28 6.93 -50.92
CA GLU N 258 -17.06 5.86 -51.57
C GLU N 258 -17.35 4.63 -50.71
N ALA N 259 -16.92 4.63 -49.45
CA ALA N 259 -17.14 3.48 -48.56
C ALA N 259 -18.50 3.49 -47.82
N SER N 260 -19.39 4.41 -48.19
CA SER N 260 -20.69 4.56 -47.54
C SER N 260 -21.78 5.02 -48.48
N VAL N 261 -23.01 4.62 -48.17
CA VAL N 261 -24.19 5.13 -48.84
C VAL N 261 -25.15 5.68 -47.81
N ALA N 262 -25.63 6.89 -48.07
CA ALA N 262 -26.55 7.59 -47.19
C ALA N 262 -27.96 7.34 -47.70
N LEU N 263 -28.89 7.06 -46.78
CA LEU N 263 -30.31 6.97 -47.11
C LEU N 263 -31.10 7.99 -46.30
N THR N 264 -31.85 8.86 -46.98
CA THR N 264 -32.58 9.92 -46.29
C THR N 264 -33.95 9.42 -45.90
N PRO N 265 -34.48 9.93 -44.77
CA PRO N 265 -35.75 9.41 -44.32
C PRO N 265 -36.90 9.92 -45.18
N MET O 1 16.84 -4.34 -61.11
CA MET O 1 15.51 -3.86 -61.56
C MET O 1 14.92 -4.76 -62.61
N ASN O 2 13.60 -4.89 -62.59
CA ASN O 2 12.89 -5.61 -63.61
C ASN O 2 12.11 -4.61 -64.48
N ASN O 3 11.39 -5.11 -65.48
CA ASN O 3 10.74 -4.26 -66.46
C ASN O 3 9.76 -3.22 -65.89
N LEU O 4 9.39 -3.37 -64.63
CA LEU O 4 8.41 -2.46 -64.04
C LEU O 4 9.05 -1.10 -63.71
N TYR O 5 10.37 -1.13 -63.55
CA TYR O 5 11.18 0.02 -63.15
C TYR O 5 10.62 0.77 -61.95
N ARG O 6 10.04 0.05 -60.99
CA ARG O 6 9.45 0.64 -59.80
C ARG O 6 10.41 1.62 -59.08
N GLU O 7 11.66 1.19 -58.98
CA GLU O 7 12.72 1.92 -58.29
C GLU O 7 13.01 3.30 -58.87
N LEU O 8 12.59 3.58 -60.10
CA LEU O 8 12.84 4.88 -60.69
C LEU O 8 11.72 5.90 -60.37
N ALA O 9 10.62 5.43 -59.80
CA ALA O 9 9.51 6.30 -59.48
C ALA O 9 9.76 7.07 -58.16
N PRO O 10 9.40 8.36 -58.11
CA PRO O 10 9.42 9.09 -56.84
C PRO O 10 8.14 8.71 -56.07
N VAL O 11 8.13 7.46 -55.62
CA VAL O 11 7.07 6.87 -54.82
C VAL O 11 7.77 6.20 -53.62
N THR O 12 7.37 6.52 -52.40
CA THR O 12 7.96 5.89 -51.24
C THR O 12 7.43 4.47 -51.07
N ASP O 13 8.15 3.64 -50.30
CA ASP O 13 7.69 2.31 -49.92
C ASP O 13 6.30 2.34 -49.32
N ALA O 14 6.08 3.26 -48.40
CA ALA O 14 4.78 3.39 -47.76
C ALA O 14 3.70 3.70 -48.80
N ALA O 15 4.01 4.57 -49.76
CA ALA O 15 3.01 4.85 -50.80
C ALA O 15 2.81 3.63 -51.71
N TRP O 16 3.89 2.93 -52.04
CA TRP O 16 3.79 1.71 -52.86
C TRP O 16 2.85 0.72 -52.20
N HIS O 17 3.01 0.53 -50.90
CA HIS O 17 2.21 -0.43 -50.18
C HIS O 17 0.74 -0.06 -50.26
N GLU O 18 0.45 1.23 -50.15
CA GLU O 18 -0.94 1.68 -50.26
C GLU O 18 -1.52 1.47 -51.65
N ILE O 19 -0.72 1.82 -52.66
CA ILE O 19 -1.15 1.70 -54.04
C ILE O 19 -1.45 0.25 -54.44
N GLU O 20 -0.56 -0.67 -54.06
CA GLU O 20 -0.79 -2.09 -54.24
C GLU O 20 -2.03 -2.58 -53.55
N THR O 21 -2.16 -2.32 -52.25
CA THR O 21 -3.31 -2.75 -51.48
C THR O 21 -4.63 -2.32 -52.14
N GLU O 22 -4.69 -1.07 -52.56
CA GLU O 22 -5.88 -0.55 -53.22
C GLU O 22 -6.13 -1.23 -54.58
N ALA O 23 -5.09 -1.38 -55.38
CA ALA O 23 -5.22 -2.01 -56.68
C ALA O 23 -5.83 -3.41 -56.54
N ILE O 24 -5.29 -4.18 -55.61
CA ILE O 24 -5.61 -5.58 -55.50
C ILE O 24 -7.01 -5.77 -54.96
N ARG O 25 -7.36 -5.06 -53.89
CA ARG O 25 -8.69 -5.22 -53.32
C ARG O 25 -9.79 -4.70 -54.26
N THR O 26 -9.51 -3.64 -55.01
CA THR O 26 -10.48 -3.15 -55.99
C THR O 26 -10.65 -4.15 -57.13
N PHE O 27 -9.54 -4.60 -57.71
CA PHE O 27 -9.54 -5.65 -58.72
C PHE O 27 -10.39 -6.83 -58.24
N LYS O 28 -10.13 -7.27 -57.03
CA LYS O 28 -10.81 -8.40 -56.46
C LYS O 28 -12.31 -8.13 -56.25
N ARG O 29 -12.68 -6.90 -55.91
CA ARG O 29 -14.09 -6.53 -55.80
C ARG O 29 -14.85 -6.62 -57.14
N HIS O 30 -14.16 -6.38 -58.25
CA HIS O 30 -14.80 -6.38 -59.56
C HIS O 30 -14.75 -7.72 -60.28
N ILE O 31 -13.73 -8.52 -60.00
CA ILE O 31 -13.46 -9.69 -60.83
C ILE O 31 -14.38 -10.88 -60.49
N ALA O 32 -14.88 -11.53 -61.53
CA ALA O 32 -15.77 -12.69 -61.36
C ALA O 32 -15.20 -13.99 -61.97
N GLY O 33 -14.54 -13.85 -63.12
CA GLY O 33 -14.00 -15.00 -63.85
C GLY O 33 -13.12 -15.88 -62.98
N ARG O 34 -12.14 -15.26 -62.30
CA ARG O 34 -11.17 -15.99 -61.48
C ARG O 34 -11.85 -16.75 -60.38
N ARG O 35 -13.09 -16.41 -60.08
CA ARG O 35 -13.81 -17.14 -59.04
C ARG O 35 -14.38 -18.47 -59.52
N VAL O 36 -14.36 -18.71 -60.84
CA VAL O 36 -14.98 -19.94 -61.37
C VAL O 36 -14.11 -20.74 -62.32
N VAL O 37 -13.20 -20.08 -63.03
CA VAL O 37 -12.30 -20.75 -63.95
C VAL O 37 -11.04 -21.21 -63.22
N ASP O 38 -10.25 -22.10 -63.84
CA ASP O 38 -8.94 -22.47 -63.29
C ASP O 38 -7.94 -21.34 -63.58
N VAL O 39 -7.28 -20.85 -62.53
CA VAL O 39 -6.27 -19.79 -62.64
C VAL O 39 -4.91 -20.41 -62.31
N SER O 40 -4.00 -20.41 -63.28
CA SER O 40 -2.71 -21.09 -63.12
C SER O 40 -1.76 -20.25 -62.25
N GLU O 41 -0.70 -20.88 -61.72
CA GLU O 41 0.41 -20.13 -61.14
C GLU O 41 1.13 -19.34 -62.25
N PRO O 42 1.42 -18.05 -62.02
CA PRO O 42 2.13 -17.27 -63.06
C PRO O 42 3.43 -17.97 -63.46
N SER O 43 3.65 -18.14 -64.75
CA SER O 43 4.83 -18.85 -65.25
C SER O 43 6.06 -17.96 -65.56
N GLY O 44 5.99 -16.66 -65.30
CA GLY O 44 7.11 -15.74 -65.60
C GLY O 44 7.00 -14.94 -66.90
N PRO O 45 7.86 -13.93 -67.07
CA PRO O 45 7.73 -13.00 -68.20
C PRO O 45 8.13 -13.59 -69.57
N VAL O 46 8.77 -14.74 -69.56
CA VAL O 46 9.25 -15.34 -70.81
C VAL O 46 8.11 -15.97 -71.62
N THR O 47 7.09 -16.51 -70.93
CA THR O 47 5.98 -17.21 -71.59
C THR O 47 5.29 -16.35 -72.64
N ALA O 48 5.13 -16.90 -73.84
CA ALA O 48 4.49 -16.16 -74.90
C ALA O 48 3.26 -16.87 -75.46
N ALA O 49 3.17 -18.18 -75.22
CA ALA O 49 2.13 -18.98 -75.83
C ALA O 49 1.76 -20.15 -74.96
N VAL O 50 0.53 -20.62 -75.13
CA VAL O 50 0.04 -21.83 -74.47
C VAL O 50 -0.17 -22.89 -75.55
N SER O 51 0.54 -24.01 -75.45
CA SER O 51 0.35 -25.11 -76.37
C SER O 51 -1.08 -25.66 -76.33
N THR O 52 -1.69 -25.86 -77.49
CA THR O 52 -3.02 -26.43 -77.54
C THR O 52 -3.01 -27.91 -77.90
N GLY O 53 -1.84 -28.45 -78.19
CA GLY O 53 -1.71 -29.86 -78.55
C GLY O 53 -2.02 -30.20 -80.00
N HIS O 54 -2.71 -29.31 -80.73
CA HIS O 54 -3.11 -29.60 -82.12
C HIS O 54 -2.03 -29.31 -83.17
N LEU O 55 -2.21 -29.91 -84.36
CA LEU O 55 -1.29 -29.76 -85.50
C LEU O 55 -2.00 -29.03 -86.60
N ARG O 56 -1.28 -28.18 -87.33
CA ARG O 56 -1.86 -27.53 -88.48
C ARG O 56 -1.07 -27.96 -89.69
N ASP O 57 -1.79 -28.42 -90.73
CA ASP O 57 -1.16 -28.80 -91.99
C ASP O 57 -0.48 -27.61 -92.60
N ILE O 58 0.75 -27.80 -93.06
CA ILE O 58 1.44 -26.77 -93.83
C ILE O 58 2.11 -27.41 -95.07
N SER O 59 2.50 -26.59 -96.04
CA SER O 59 3.09 -27.20 -97.23
C SER O 59 4.45 -27.82 -96.92
N PRO O 60 4.72 -28.99 -97.54
CA PRO O 60 5.85 -29.79 -97.09
C PRO O 60 7.18 -29.18 -97.53
N PRO O 61 8.30 -29.55 -96.86
CA PRO O 61 9.60 -29.02 -97.23
C PRO O 61 10.26 -29.69 -98.44
N GLY O 62 9.74 -30.84 -98.86
CA GLY O 62 10.33 -31.59 -99.96
C GLY O 62 9.59 -32.89 -100.09
N ASP O 63 9.85 -33.65 -101.16
CA ASP O 63 9.10 -34.88 -101.42
C ASP O 63 9.29 -35.92 -100.34
N GLY O 64 8.19 -36.59 -100.00
CA GLY O 64 8.19 -37.65 -99.03
C GLY O 64 8.27 -37.15 -97.61
N VAL O 65 8.05 -35.85 -97.42
CA VAL O 65 8.09 -35.27 -96.08
C VAL O 65 6.79 -34.59 -95.72
N VAL O 66 6.25 -34.97 -94.58
CA VAL O 66 5.01 -34.42 -94.09
C VAL O 66 5.33 -33.46 -92.93
N ALA O 67 4.81 -32.24 -93.03
CA ALA O 67 5.07 -31.19 -92.04
C ALA O 67 3.78 -30.67 -91.41
N HIS O 68 3.78 -30.55 -90.08
CA HIS O 68 2.70 -29.85 -89.34
C HIS O 68 3.25 -28.78 -88.41
N LEU O 69 2.57 -27.63 -88.34
CA LEU O 69 2.94 -26.62 -87.34
C LEU O 69 2.27 -26.96 -86.04
N ARG O 70 2.98 -26.74 -84.94
CA ARG O 70 2.37 -26.93 -83.64
C ARG O 70 1.51 -25.69 -83.33
N GLU O 71 0.23 -25.91 -82.99
CA GLU O 71 -0.68 -24.80 -82.64
C GLU O 71 -0.56 -24.38 -81.19
N SER O 72 -0.74 -23.09 -80.94
CA SER O 72 -0.71 -22.51 -79.60
C SER O 72 -1.53 -21.21 -79.53
N LYS O 73 -1.98 -20.84 -78.34
CA LYS O 73 -2.62 -19.57 -78.14
C LYS O 73 -1.61 -18.58 -77.60
N PRO O 74 -1.48 -17.42 -78.26
CA PRO O 74 -0.57 -16.39 -77.76
C PRO O 74 -1.11 -15.74 -76.48
N LEU O 75 -0.21 -15.41 -75.56
CA LEU O 75 -0.54 -14.61 -74.39
C LEU O 75 -0.65 -13.17 -74.84
N VAL O 76 -1.52 -12.41 -74.15
CA VAL O 76 -1.65 -10.98 -74.41
C VAL O 76 -1.28 -10.20 -73.16
N ARG O 77 -0.54 -9.11 -73.33
CA ARG O 77 -0.30 -8.18 -72.23
C ARG O 77 -1.34 -7.06 -72.26
N LEU O 78 -2.08 -6.92 -71.16
CA LEU O 78 -3.03 -5.81 -70.98
C LEU O 78 -2.42 -4.82 -70.00
N ARG O 79 -2.25 -3.58 -70.43
CA ARG O 79 -1.68 -2.55 -69.61
C ARG O 79 -2.63 -1.35 -69.54
N VAL O 80 -2.89 -0.90 -68.32
CA VAL O 80 -3.80 0.22 -68.07
C VAL O 80 -3.02 1.32 -67.37
N PRO O 81 -2.57 2.34 -68.12
CA PRO O 81 -1.87 3.47 -67.52
C PRO O 81 -2.81 4.30 -66.65
N PHE O 82 -2.23 4.92 -65.63
CA PHE O 82 -2.93 5.87 -64.78
C PHE O 82 -1.95 6.83 -64.14
N THR O 83 -2.47 7.97 -63.69
CA THR O 83 -1.65 9.05 -63.14
C THR O 83 -2.11 9.39 -61.73
N VAL O 84 -1.15 9.46 -60.81
CA VAL O 84 -1.39 9.93 -59.44
C VAL O 84 -0.61 11.22 -59.15
N THR O 85 -1.12 12.03 -58.25
CA THR O 85 -0.45 13.27 -57.91
C THR O 85 0.65 12.96 -56.90
N ARG O 86 1.74 13.71 -57.00
CA ARG O 86 2.86 13.57 -56.08
C ARG O 86 2.48 13.99 -54.65
N SER O 87 1.45 14.82 -54.51
CA SER O 87 1.01 15.13 -53.15
C SER O 87 0.30 13.93 -52.54
N ALA O 88 -0.50 13.23 -53.34
CA ALA O 88 -1.12 12.00 -52.86
C ALA O 88 -0.04 11.04 -52.38
N ILE O 89 1.02 10.86 -53.18
CA ILE O 89 2.13 10.02 -52.80
C ILE O 89 2.83 10.51 -51.52
N ASP O 90 3.26 11.77 -51.51
CA ASP O 90 4.13 12.27 -50.42
C ASP O 90 3.43 12.41 -49.08
N ASP O 91 2.14 12.71 -49.11
CA ASP O 91 1.32 12.73 -47.90
C ASP O 91 1.30 11.41 -47.15
N VAL O 92 1.51 10.30 -47.84
CA VAL O 92 1.42 8.98 -47.19
C VAL O 92 2.41 8.90 -46.03
N GLU O 93 3.66 9.31 -46.29
CA GLU O 93 4.71 9.22 -45.30
C GLU O 93 4.41 10.14 -44.12
N ARG O 94 3.69 11.23 -44.37
CA ARG O 94 3.33 12.24 -43.35
C ARG O 94 2.09 11.83 -42.55
N GLY O 95 1.59 10.63 -42.81
CA GLY O 95 0.50 10.06 -42.01
C GLY O 95 -0.87 10.12 -42.68
N SER O 96 -0.91 10.58 -43.93
CA SER O 96 -2.16 10.67 -44.65
C SER O 96 -2.80 9.31 -44.89
N GLN O 97 -4.10 9.21 -44.59
CA GLN O 97 -4.88 7.99 -44.81
C GLN O 97 -5.97 8.16 -45.86
N ASP O 98 -6.01 9.32 -46.49
CA ASP O 98 -7.00 9.57 -47.53
C ASP O 98 -6.34 10.06 -48.82
N SER O 99 -5.10 9.65 -49.08
CA SER O 99 -4.44 10.04 -50.35
C SER O 99 -5.31 9.56 -51.54
N ASP O 100 -5.39 10.39 -52.59
CA ASP O 100 -6.31 10.14 -53.69
C ASP O 100 -5.86 9.00 -54.60
N TRP O 101 -6.46 7.82 -54.44
CA TRP O 101 -6.15 6.68 -55.31
C TRP O 101 -7.29 6.33 -56.27
N ASP O 102 -8.19 7.28 -56.51
CA ASP O 102 -9.19 7.14 -57.58
C ASP O 102 -8.59 6.66 -58.91
N PRO O 103 -7.46 7.24 -59.37
CA PRO O 103 -6.86 6.76 -60.63
C PRO O 103 -6.49 5.28 -60.58
N VAL O 104 -6.01 4.83 -59.42
CA VAL O 104 -5.68 3.43 -59.23
C VAL O 104 -6.94 2.57 -59.30
N LYS O 105 -7.99 2.99 -58.59
CA LYS O 105 -9.23 2.24 -58.56
C LYS O 105 -9.88 2.20 -59.94
N ALA O 106 -9.77 3.30 -60.68
CA ALA O 106 -10.38 3.35 -61.99
C ALA O 106 -9.62 2.38 -62.91
N ALA O 107 -8.30 2.32 -62.72
CA ALA O 107 -7.46 1.40 -63.49
C ALA O 107 -7.78 -0.06 -63.16
N ALA O 108 -7.95 -0.35 -61.86
CA ALA O 108 -8.23 -1.72 -61.44
C ALA O 108 -9.58 -2.21 -61.97
N LYS O 109 -10.54 -1.29 -62.01
CA LYS O 109 -11.83 -1.55 -62.63
C LYS O 109 -11.67 -1.83 -64.13
N LYS O 110 -10.91 -1.00 -64.85
CA LYS O 110 -10.78 -1.19 -66.28
C LYS O 110 -10.20 -2.55 -66.59
N LEU O 111 -9.15 -2.89 -65.85
CA LEU O 111 -8.45 -4.16 -66.01
C LEU O 111 -9.35 -5.36 -65.69
N ALA O 112 -10.01 -5.34 -64.54
CA ALA O 112 -10.92 -6.40 -64.21
C ALA O 112 -12.01 -6.57 -65.28
N PHE O 113 -12.57 -5.44 -65.75
CA PHE O 113 -13.61 -5.52 -66.77
C PHE O 113 -13.10 -6.05 -68.09
N VAL O 114 -11.91 -5.64 -68.49
CA VAL O 114 -11.30 -6.17 -69.69
C VAL O 114 -11.03 -7.67 -69.54
N GLU O 115 -10.50 -8.09 -68.40
CA GLU O 115 -10.20 -9.51 -68.18
C GLU O 115 -11.48 -10.35 -68.24
N ASP O 116 -12.53 -9.91 -67.52
CA ASP O 116 -13.77 -10.68 -67.47
C ASP O 116 -14.47 -10.69 -68.82
N ARG O 117 -14.39 -9.59 -69.56
CA ARG O 117 -15.01 -9.52 -70.87
C ARG O 117 -14.33 -10.45 -71.84
N ALA O 118 -13.00 -10.54 -71.77
CA ALA O 118 -12.26 -11.52 -72.55
C ALA O 118 -12.76 -12.92 -72.22
N ILE O 119 -12.80 -13.25 -70.93
CA ILE O 119 -13.17 -14.60 -70.51
C ILE O 119 -14.59 -14.98 -70.94
N PHE O 120 -15.53 -14.08 -70.69
CA PHE O 120 -16.92 -14.42 -70.93
C PHE O 120 -17.41 -14.09 -72.33
N GLU O 121 -16.83 -13.09 -72.95
CA GLU O 121 -17.39 -12.60 -74.21
C GLU O 121 -16.40 -12.54 -75.35
N GLY O 122 -15.17 -12.97 -75.12
CA GLY O 122 -14.19 -12.99 -76.18
C GLY O 122 -13.44 -11.68 -76.38
N TYR O 123 -12.21 -11.80 -76.86
CA TYR O 123 -11.40 -10.68 -77.29
C TYR O 123 -10.69 -11.14 -78.58
N PRO O 124 -11.37 -10.98 -79.74
CA PRO O 124 -10.93 -11.47 -81.06
C PRO O 124 -9.49 -11.10 -81.44
N ALA O 125 -9.13 -9.81 -81.36
CA ALA O 125 -7.78 -9.34 -81.68
C ALA O 125 -6.70 -10.07 -80.87
N ALA O 126 -7.07 -10.59 -79.70
CA ALA O 126 -6.12 -11.34 -78.89
C ALA O 126 -6.27 -12.86 -79.08
N GLN O 127 -7.08 -13.25 -80.06
CA GLN O 127 -7.37 -14.66 -80.36
C GLN O 127 -8.02 -15.39 -79.20
N ILE O 128 -8.79 -14.66 -78.40
CA ILE O 128 -9.49 -15.29 -77.30
C ILE O 128 -10.97 -15.49 -77.63
N ASP O 129 -11.40 -16.75 -77.64
CA ASP O 129 -12.82 -17.07 -77.62
C ASP O 129 -13.30 -17.07 -76.19
N GLY O 130 -14.42 -16.40 -75.94
CA GLY O 130 -14.97 -16.36 -74.59
C GLY O 130 -15.87 -17.56 -74.38
N ILE O 131 -16.40 -17.69 -73.17
CA ILE O 131 -17.32 -18.76 -72.87
C ILE O 131 -18.56 -18.64 -73.76
N ARG O 132 -19.03 -17.42 -73.96
CA ARG O 132 -20.19 -17.15 -74.81
C ARG O 132 -20.04 -17.73 -76.22
N GLN O 133 -18.86 -17.59 -76.82
CA GLN O 133 -18.63 -18.19 -78.14
C GLN O 133 -18.42 -19.70 -78.03
N CYS O 134 -17.76 -20.15 -76.96
CA CYS O 134 -17.39 -21.56 -76.77
C CYS O 134 -18.64 -22.45 -76.54
N THR O 135 -19.64 -21.93 -75.83
CA THR O 135 -20.75 -22.78 -75.36
C THR O 135 -21.51 -23.46 -76.48
N SER O 136 -21.87 -24.73 -76.29
CA SER O 136 -22.70 -25.49 -77.25
C SER O 136 -24.08 -25.83 -76.73
N ASN O 137 -24.38 -25.48 -75.48
CA ASN O 137 -25.73 -25.69 -74.99
C ASN O 137 -26.68 -24.61 -75.48
N PRO O 138 -27.98 -24.93 -75.56
CA PRO O 138 -28.98 -23.91 -75.93
C PRO O 138 -28.87 -22.64 -75.08
N VAL O 139 -28.81 -21.48 -75.74
CA VAL O 139 -28.74 -20.19 -75.06
C VAL O 139 -30.14 -19.85 -74.55
N LEU O 140 -30.26 -19.41 -73.30
CA LEU O 140 -31.55 -19.04 -72.74
C LEU O 140 -31.71 -17.51 -72.56
N GLN O 141 -32.96 -17.07 -72.53
CA GLN O 141 -33.27 -15.66 -72.39
C GLN O 141 -33.67 -15.36 -70.93
N LEU O 142 -33.02 -14.36 -70.34
CA LEU O 142 -33.46 -13.87 -69.03
C LEU O 142 -34.87 -13.27 -69.13
N PRO O 143 -35.76 -13.61 -68.18
CA PRO O 143 -37.17 -13.20 -68.29
C PRO O 143 -37.35 -11.73 -67.95
N ASP O 144 -38.46 -11.12 -68.41
CA ASP O 144 -38.74 -9.73 -68.05
C ASP O 144 -39.03 -9.56 -66.55
N ASP O 145 -39.77 -10.52 -66.01
CA ASP O 145 -40.20 -10.55 -64.63
C ASP O 145 -39.11 -11.27 -63.84
N ALA O 146 -38.49 -10.55 -62.90
CA ALA O 146 -37.37 -11.09 -62.13
C ALA O 146 -37.76 -12.34 -61.31
N ARG O 147 -39.03 -12.42 -60.92
CA ARG O 147 -39.57 -13.59 -60.23
C ARG O 147 -39.42 -14.89 -61.02
N ASP O 148 -39.22 -14.77 -62.33
CA ASP O 148 -39.04 -15.96 -63.18
C ASP O 148 -37.58 -16.37 -63.37
N ILE O 149 -36.64 -15.64 -62.78
CA ILE O 149 -35.21 -15.93 -63.01
C ILE O 149 -34.92 -17.36 -62.60
N THR O 150 -35.57 -17.76 -61.53
CA THR O 150 -35.48 -19.08 -60.96
C THR O 150 -35.78 -20.19 -61.99
N ASP O 151 -36.74 -19.96 -62.88
CA ASP O 151 -37.14 -20.97 -63.86
C ASP O 151 -35.99 -21.21 -64.83
N VAL O 152 -35.39 -20.13 -65.29
CA VAL O 152 -34.40 -20.19 -66.33
C VAL O 152 -33.10 -20.77 -65.78
N ILE O 153 -32.75 -20.41 -64.56
CA ILE O 153 -31.60 -21.03 -63.93
C ILE O 153 -31.80 -22.53 -63.77
N ALA O 154 -32.98 -22.95 -63.33
CA ALA O 154 -33.31 -24.37 -63.25
C ALA O 154 -33.18 -25.05 -64.61
N GLN O 155 -33.65 -24.43 -65.68
CA GLN O 155 -33.45 -25.01 -67.00
C GLN O 155 -31.99 -25.09 -67.36
N ALA O 156 -31.24 -24.07 -66.98
CA ALA O 156 -29.83 -24.01 -67.35
C ALA O 156 -29.12 -25.19 -66.69
N LEU O 157 -29.51 -25.49 -65.46
CA LEU O 157 -28.90 -26.57 -64.73
C LEU O 157 -29.20 -27.88 -65.40
N SER O 158 -30.45 -28.04 -65.83
CA SER O 158 -30.88 -29.23 -66.53
C SER O 158 -30.11 -29.43 -67.82
N GLU O 159 -29.84 -28.34 -68.55
CA GLU O 159 -29.01 -28.46 -69.74
C GLU O 159 -27.63 -29.03 -69.42
N LEU O 160 -27.02 -28.58 -68.34
CA LEU O 160 -25.71 -29.10 -67.96
C LEU O 160 -25.75 -30.57 -67.59
N ARG O 161 -26.73 -30.95 -66.79
CA ARG O 161 -26.85 -32.34 -66.34
C ARG O 161 -27.04 -33.26 -67.53
N LEU O 162 -27.90 -32.86 -68.46
CA LEU O 162 -28.21 -33.67 -69.63
C LEU O 162 -27.03 -33.78 -70.56
N ALA O 163 -26.16 -32.78 -70.55
CA ALA O 163 -24.97 -32.83 -71.37
C ALA O 163 -23.89 -33.67 -70.70
N GLY O 164 -24.23 -34.28 -69.57
CA GLY O 164 -23.33 -35.19 -68.88
C GLY O 164 -22.23 -34.51 -68.08
N VAL O 165 -22.46 -33.25 -67.71
CA VAL O 165 -21.46 -32.45 -67.00
C VAL O 165 -21.72 -32.40 -65.50
N ASP O 166 -20.79 -32.95 -64.73
CA ASP O 166 -20.89 -32.95 -63.27
C ASP O 166 -20.65 -31.57 -62.65
N GLY O 167 -21.14 -31.36 -61.43
CA GLY O 167 -20.92 -30.10 -60.72
C GLY O 167 -19.62 -30.01 -59.93
N PRO O 168 -19.59 -29.13 -58.94
CA PRO O 168 -20.69 -28.22 -58.62
C PRO O 168 -20.95 -27.16 -59.70
N TYR O 169 -22.12 -26.53 -59.65
CA TYR O 169 -22.47 -25.47 -60.59
C TYR O 169 -22.50 -24.09 -59.91
N SER O 170 -22.02 -23.06 -60.60
CA SER O 170 -22.15 -21.68 -60.17
C SER O 170 -22.88 -20.84 -61.21
N VAL O 171 -23.47 -19.75 -60.74
CA VAL O 171 -24.21 -18.82 -61.56
C VAL O 171 -23.50 -17.49 -61.51
N LEU O 172 -23.19 -16.92 -62.67
CA LEU O 172 -22.62 -15.57 -62.72
C LEU O 172 -23.68 -14.59 -63.16
N LEU O 173 -23.94 -13.57 -62.35
CA LEU O 173 -24.99 -12.58 -62.65
C LEU O 173 -24.41 -11.19 -62.91
N SER O 174 -24.95 -10.51 -63.93
CA SER O 174 -24.60 -9.11 -64.20
C SER O 174 -24.96 -8.27 -62.98
N ALA O 175 -24.42 -7.06 -62.89
CA ALA O 175 -24.74 -6.14 -61.77
C ALA O 175 -26.26 -5.96 -61.64
N GLU O 176 -26.91 -5.75 -62.78
CA GLU O 176 -28.32 -5.46 -62.77
C GLU O 176 -29.14 -6.66 -62.29
N VAL O 177 -28.83 -7.84 -62.83
CA VAL O 177 -29.57 -9.04 -62.49
C VAL O 177 -29.28 -9.46 -61.05
N TYR O 178 -28.02 -9.36 -60.65
CA TYR O 178 -27.65 -9.71 -59.29
C TYR O 178 -28.45 -8.88 -58.30
N THR O 179 -28.58 -7.58 -58.59
CA THR O 179 -29.29 -6.69 -57.69
C THR O 179 -30.75 -7.07 -57.68
N LYS O 180 -31.30 -7.39 -58.84
CA LYS O 180 -32.69 -7.78 -58.90
C LYS O 180 -32.94 -9.07 -58.12
N VAL O 181 -32.08 -10.06 -58.30
CA VAL O 181 -32.22 -11.32 -57.58
C VAL O 181 -32.16 -11.11 -56.06
N SER O 182 -31.28 -10.23 -55.61
CA SER O 182 -31.09 -10.05 -54.19
C SER O 182 -32.25 -9.29 -53.49
N GLU O 183 -32.99 -8.48 -54.25
CA GLU O 183 -34.13 -7.74 -53.68
C GLU O 183 -35.49 -8.38 -53.94
N THR O 184 -35.64 -9.14 -55.02
CA THR O 184 -36.97 -9.53 -55.47
C THR O 184 -37.61 -10.61 -54.60
N THR O 185 -38.87 -10.40 -54.24
CA THR O 185 -39.64 -11.43 -53.60
C THR O 185 -40.79 -11.81 -54.51
N GLU O 186 -41.35 -12.99 -54.28
CA GLU O 186 -42.53 -13.43 -54.99
C GLU O 186 -43.53 -13.83 -53.93
N HIS O 187 -44.65 -13.11 -53.89
CA HIS O 187 -45.62 -13.22 -52.81
C HIS O 187 -44.90 -13.16 -51.45
N GLY O 188 -43.88 -12.30 -51.36
CA GLY O 188 -43.15 -12.09 -50.12
C GLY O 188 -41.93 -12.98 -49.89
N TYR O 189 -41.89 -14.14 -50.53
CA TYR O 189 -40.74 -15.04 -50.41
C TYR O 189 -39.58 -14.55 -51.29
N PRO O 190 -38.42 -14.26 -50.66
CA PRO O 190 -37.27 -13.77 -51.42
C PRO O 190 -36.74 -14.81 -52.40
N ILE O 191 -36.67 -14.45 -53.68
CA ILE O 191 -36.17 -15.39 -54.70
C ILE O 191 -34.71 -15.77 -54.47
N ARG O 192 -33.93 -14.91 -53.82
CA ARG O 192 -32.55 -15.26 -53.50
C ARG O 192 -32.46 -16.51 -52.61
N GLU O 193 -33.42 -16.71 -51.70
CA GLU O 193 -33.42 -17.91 -50.86
C GLU O 193 -33.62 -19.17 -51.70
N HIS O 194 -34.55 -19.09 -52.65
CA HIS O 194 -34.85 -20.18 -53.57
C HIS O 194 -33.61 -20.51 -54.39
N LEU O 195 -33.10 -19.49 -55.07
CA LEU O 195 -31.96 -19.57 -55.95
C LEU O 195 -30.70 -20.09 -55.27
N ASN O 196 -30.40 -19.59 -54.08
CA ASN O 196 -29.22 -20.02 -53.34
C ASN O 196 -29.22 -21.49 -52.97
N ARG O 197 -30.39 -22.02 -52.62
CA ARG O 197 -30.49 -23.42 -52.19
C ARG O 197 -30.55 -24.35 -53.41
N LEU O 198 -30.86 -23.78 -54.55
CA LEU O 198 -30.93 -24.50 -55.79
C LEU O 198 -29.52 -24.78 -56.37
N VAL O 199 -28.55 -23.92 -56.09
CA VAL O 199 -27.20 -24.03 -56.66
C VAL O 199 -26.24 -24.51 -55.57
N ASP O 200 -25.55 -25.62 -55.83
CA ASP O 200 -24.56 -26.12 -54.86
C ASP O 200 -23.29 -25.26 -54.81
N GLY O 201 -23.03 -24.50 -55.87
CA GLY O 201 -21.89 -23.58 -55.89
C GLY O 201 -22.31 -22.20 -55.42
N ASP O 202 -21.79 -21.17 -56.07
CA ASP O 202 -22.10 -19.80 -55.67
C ASP O 202 -22.90 -19.04 -56.72
N ILE O 203 -23.58 -17.99 -56.25
CA ILE O 203 -24.18 -16.98 -57.12
C ILE O 203 -23.22 -15.80 -57.09
N ILE O 204 -22.59 -15.50 -58.22
CA ILE O 204 -21.45 -14.60 -58.24
C ILE O 204 -21.74 -13.25 -58.88
N TRP O 205 -21.31 -12.21 -58.18
CA TRP O 205 -21.35 -10.82 -58.67
C TRP O 205 -20.41 -10.63 -59.87
N ALA O 206 -20.95 -10.32 -61.05
CA ALA O 206 -20.17 -10.23 -62.29
C ALA O 206 -20.50 -8.93 -63.03
N PRO O 207 -20.02 -7.81 -62.49
CA PRO O 207 -20.41 -6.51 -63.04
C PRO O 207 -19.88 -6.25 -64.46
N ALA O 208 -18.92 -7.02 -64.93
CA ALA O 208 -18.35 -6.81 -66.26
C ALA O 208 -19.24 -7.31 -67.40
N ILE O 209 -20.19 -8.19 -67.11
CA ILE O 209 -20.94 -8.89 -68.15
C ILE O 209 -22.38 -8.39 -68.24
N ASP O 210 -23.06 -8.70 -69.34
CA ASP O 210 -24.52 -8.57 -69.38
C ASP O 210 -25.13 -9.94 -69.32
N GLY O 211 -26.38 -10.03 -68.90
CA GLY O 211 -26.99 -11.35 -68.77
C GLY O 211 -26.40 -12.18 -67.63
N ALA O 212 -26.14 -13.45 -67.92
CA ALA O 212 -25.76 -14.44 -66.90
C ALA O 212 -25.12 -15.68 -67.50
N PHE O 213 -24.37 -16.42 -66.68
CA PHE O 213 -23.88 -17.74 -67.08
C PHE O 213 -24.13 -18.71 -65.96
N VAL O 214 -24.38 -19.96 -66.33
CA VAL O 214 -24.40 -21.02 -65.36
C VAL O 214 -23.35 -22.01 -65.86
N LEU O 215 -22.42 -22.39 -65.00
CA LEU O 215 -21.36 -23.29 -65.45
C LEU O 215 -20.83 -24.18 -64.36
N SER O 216 -20.17 -25.26 -64.77
CA SER O 216 -19.60 -26.20 -63.83
C SER O 216 -18.22 -25.76 -63.41
N THR O 217 -17.94 -25.91 -62.12
CA THR O 217 -16.61 -25.61 -61.64
C THR O 217 -15.89 -26.88 -61.24
N ARG O 218 -16.20 -27.99 -61.90
CA ARG O 218 -15.50 -29.25 -61.65
C ARG O 218 -14.01 -29.14 -61.94
N GLY O 219 -13.62 -28.19 -62.80
CA GLY O 219 -12.22 -27.99 -63.17
C GLY O 219 -11.87 -28.71 -64.45
N GLY O 220 -10.86 -28.21 -65.15
CA GLY O 220 -10.44 -28.77 -66.43
C GLY O 220 -11.14 -28.16 -67.64
N ASP O 221 -12.10 -27.25 -67.43
CA ASP O 221 -12.91 -26.73 -68.55
C ASP O 221 -12.50 -25.34 -69.02
N PHE O 222 -12.12 -24.49 -68.07
CA PHE O 222 -11.86 -23.09 -68.36
C PHE O 222 -10.52 -22.70 -67.76
N ASP O 223 -9.62 -22.25 -68.63
CA ASP O 223 -8.21 -22.16 -68.32
C ASP O 223 -7.75 -20.72 -68.48
N LEU O 224 -7.57 -20.02 -67.37
CA LEU O 224 -6.93 -18.71 -67.37
C LEU O 224 -5.45 -18.90 -67.07
N ARG O 225 -4.61 -18.73 -68.10
CA ARG O 225 -3.17 -18.90 -67.97
C ARG O 225 -2.42 -17.64 -67.76
N LEU O 226 -1.80 -17.52 -66.60
CA LEU O 226 -1.05 -16.34 -66.27
C LEU O 226 0.42 -16.52 -66.60
N GLY O 227 0.92 -15.63 -67.46
CA GLY O 227 2.33 -15.36 -67.57
C GLY O 227 2.79 -14.57 -66.35
N THR O 228 2.28 -13.36 -66.20
CA THR O 228 2.57 -12.55 -65.02
C THR O 228 1.26 -11.93 -64.54
N ASP O 229 1.05 -11.95 -63.24
CA ASP O 229 -0.21 -11.52 -62.63
C ASP O 229 -0.26 -10.00 -62.50
N VAL O 230 -1.38 -9.47 -62.02
CA VAL O 230 -1.56 -8.02 -61.92
C VAL O 230 -0.33 -7.36 -61.29
N SER O 231 0.30 -6.45 -62.01
CA SER O 231 1.49 -5.75 -61.50
C SER O 231 1.38 -4.25 -61.71
N ILE O 232 2.13 -3.52 -60.90
CA ILE O 232 2.13 -2.07 -61.01
C ILE O 232 3.48 -1.59 -61.46
N GLY O 233 3.50 -0.80 -62.53
CA GLY O 233 4.76 -0.41 -63.15
C GLY O 233 4.87 1.08 -63.24
N TYR O 234 6.07 1.55 -63.56
CA TYR O 234 6.36 2.97 -63.65
C TYR O 234 6.66 3.41 -65.09
N LEU O 235 6.11 4.55 -65.50
CA LEU O 235 6.38 5.09 -66.85
C LEU O 235 7.25 6.34 -66.83
N SER O 236 6.78 7.38 -66.15
CA SER O 236 7.45 8.68 -66.13
C SER O 236 6.88 9.47 -64.98
N HIS O 237 7.53 10.60 -64.67
CA HIS O 237 6.98 11.58 -63.73
C HIS O 237 7.30 12.99 -64.20
N ASP O 238 6.54 13.96 -63.72
CA ASP O 238 6.95 15.37 -63.79
C ASP O 238 6.96 15.95 -62.37
N ALA O 239 6.93 17.27 -62.25
CA ALA O 239 6.98 17.89 -60.94
C ALA O 239 5.75 17.57 -60.07
N GLU O 240 4.59 17.35 -60.68
CA GLU O 240 3.34 17.23 -59.92
C GLU O 240 2.66 15.85 -59.91
N THR O 241 3.00 15.01 -60.87
CA THR O 241 2.31 13.75 -61.09
C THR O 241 3.27 12.62 -61.41
N VAL O 242 2.79 11.40 -61.23
CA VAL O 242 3.55 10.24 -61.61
C VAL O 242 2.66 9.41 -62.49
N GLN O 243 3.21 8.95 -63.62
CA GLN O 243 2.47 8.01 -64.46
C GLN O 243 2.90 6.55 -64.25
N LEU O 244 1.96 5.74 -63.77
CA LEU O 244 2.17 4.32 -63.50
C LEU O 244 1.22 3.51 -64.38
N TYR O 245 1.24 2.19 -64.28
CA TYR O 245 0.22 1.39 -64.94
C TYR O 245 -0.03 0.13 -64.15
N LEU O 246 -1.17 -0.49 -64.42
CA LEU O 246 -1.42 -1.87 -64.00
C LEU O 246 -1.27 -2.73 -65.24
N GLU O 247 -0.56 -3.84 -65.13
CA GLU O 247 -0.54 -4.79 -66.25
C GLU O 247 -0.59 -6.25 -65.81
N GLU O 248 -0.95 -7.11 -66.75
CA GLU O 248 -0.83 -8.55 -66.60
C GLU O 248 -0.66 -9.13 -67.98
N THR O 249 -0.02 -10.30 -68.05
CA THR O 249 0.14 -11.02 -69.29
C THR O 249 -0.46 -12.40 -69.11
N LEU O 250 -1.46 -12.71 -69.93
CA LEU O 250 -2.25 -13.91 -69.75
C LEU O 250 -2.97 -14.30 -71.03
N THR O 251 -3.70 -15.42 -70.97
CA THR O 251 -4.73 -15.73 -71.96
C THR O 251 -5.74 -16.66 -71.34
N PHE O 252 -6.89 -16.81 -72.01
CA PHE O 252 -7.93 -17.70 -71.55
C PHE O 252 -8.27 -18.72 -72.61
N LEU O 253 -8.47 -19.98 -72.19
CA LEU O 253 -8.88 -21.04 -73.11
C LEU O 253 -10.09 -21.77 -72.53
N CYS O 254 -11.06 -22.05 -73.41
CA CYS O 254 -12.22 -22.84 -73.04
C CYS O 254 -12.14 -24.20 -73.73
N TYR O 255 -12.18 -25.27 -72.96
CA TYR O 255 -11.91 -26.62 -73.47
C TYR O 255 -13.17 -27.47 -73.66
N THR O 256 -14.29 -26.99 -73.15
CA THR O 256 -15.48 -27.81 -73.04
C THR O 256 -16.68 -26.97 -73.35
N SER O 257 -17.18 -27.11 -74.57
CA SER O 257 -18.30 -26.28 -75.00
C SER O 257 -19.56 -26.54 -74.18
N GLU O 258 -19.76 -27.77 -73.68
CA GLU O 258 -21.00 -28.11 -73.00
C GLU O 258 -21.00 -27.83 -71.50
N ALA O 259 -19.93 -27.24 -70.99
CA ALA O 259 -19.75 -27.03 -69.54
C ALA O 259 -20.31 -25.69 -69.06
N SER O 260 -20.96 -24.97 -69.98
CA SER O 260 -21.58 -23.70 -69.65
C SER O 260 -22.89 -23.49 -70.36
N VAL O 261 -23.70 -22.59 -69.80
CA VAL O 261 -24.97 -22.20 -70.40
C VAL O 261 -24.98 -20.68 -70.34
N ALA O 262 -25.26 -20.05 -71.46
CA ALA O 262 -25.25 -18.58 -71.55
C ALA O 262 -26.68 -18.12 -71.47
N LEU O 263 -26.92 -17.03 -70.75
CA LEU O 263 -28.24 -16.42 -70.65
C LEU O 263 -28.16 -14.96 -71.04
N THR O 264 -28.91 -14.58 -72.08
CA THR O 264 -28.83 -13.25 -72.64
C THR O 264 -29.76 -12.30 -71.92
N PRO O 265 -29.37 -11.01 -71.79
CA PRO O 265 -30.17 -10.03 -71.02
C PRO O 265 -31.47 -9.72 -71.73
#